data_3W6X
#
_entry.id   3W6X
#
_cell.length_a   80.345
_cell.length_b   229.340
_cell.length_c   84.755
_cell.angle_alpha   90.00
_cell.angle_beta   90.94
_cell.angle_gamma   90.00
#
_symmetry.space_group_name_H-M   'P 1 21 1'
#
loop_
_entity.id
_entity.type
_entity.pdbx_description
1 polymer 'MPR1 protein'
2 non-polymer (4S)-4-hydroxy-L-proline
3 non-polymer 'HEXAETHYLENE GLYCOL'
4 non-polymer 'CHLORIDE ION'
5 water water
#
_entity_poly.entity_id   1
_entity_poly.type   'polypeptide(L)'
_entity_poly.pdbx_seq_one_letter_code
;MDAESIEWKLTANLRNGPTFFQPLADSIEPLQFKLIGSDTVATAFPVFDTKYIPDSLINYLFKLFNLEIESGKTYPQLHS
LTKQGFLNYWFHSFAVVVLQTDEKFIQDNQDWNSVLLGTFYIKPNYAPRCSHNCNAGFLVNGAHRGQKVGYRLAQVYLNW
APLLGYKYSIFNLVFVTNQASWKIWDKLNFQRIGLVPHAGILNGFSEPVDAIIYGKDLTKIEPEFLSME
;
_entity_poly.pdbx_strand_id   A,B,C,D,E,F,G,H,I,J,K,L
#
# COMPACT_ATOMS: atom_id res chain seq x y z
N SER A 5 -6.80 -20.06 10.52
CA SER A 5 -6.16 -19.43 11.69
C SER A 5 -5.45 -18.13 11.40
N ILE A 6 -5.76 -17.14 12.22
CA ILE A 6 -5.19 -15.82 12.11
C ILE A 6 -4.42 -15.41 13.36
N GLU A 7 -3.98 -16.39 14.18
CA GLU A 7 -3.26 -16.08 15.40
C GLU A 7 -1.99 -15.29 15.07
N TRP A 8 -1.34 -15.66 13.95
CA TRP A 8 -0.10 -15.02 13.50
C TRP A 8 -0.27 -13.52 13.25
N LYS A 9 -1.49 -13.04 13.17
CA LYS A 9 -1.63 -11.62 12.89
C LYS A 9 -2.47 -10.92 13.93
N LEU A 10 -2.63 -11.57 15.08
CA LEU A 10 -3.39 -10.99 16.19
C LEU A 10 -2.50 -10.11 17.10
N THR A 11 -2.94 -8.88 17.33
CA THR A 11 -2.28 -7.95 18.25
C THR A 11 -2.35 -8.40 19.71
N ALA A 12 -3.30 -9.26 20.08
CA ALA A 12 -3.32 -9.80 21.43
C ALA A 12 -2.05 -10.61 21.71
N ASN A 13 -1.32 -11.01 20.67
CA ASN A 13 -0.07 -11.73 20.85
C ASN A 13 1.17 -10.84 20.70
N LEU A 14 0.97 -9.53 20.80
CA LEU A 14 2.06 -8.60 20.75
C LEU A 14 2.82 -8.81 22.06
N ARG A 15 4.10 -9.15 21.98
CA ARG A 15 4.93 -9.30 23.20
C ARG A 15 5.79 -8.05 23.44
N ASN A 16 6.04 -7.74 24.71
CA ASN A 16 6.96 -6.67 25.13
C ASN A 16 6.66 -5.30 24.49
N GLY A 17 5.37 -5.03 24.30
CA GLY A 17 4.91 -3.77 23.74
C GLY A 17 4.71 -2.66 24.75
N PRO A 18 4.11 -1.52 24.32
CA PRO A 18 3.85 -0.43 25.28
C PRO A 18 3.00 -0.87 26.46
N THR A 19 3.29 -0.30 27.62
CA THR A 19 2.66 -0.67 28.87
C THR A 19 1.32 0.08 29.11
N PHE A 20 1.21 1.33 28.64
CA PHE A 20 0.05 2.14 29.00
C PHE A 20 -1.03 2.17 27.92
N PHE A 21 -0.75 1.66 26.73
CA PHE A 21 -1.70 1.78 25.65
C PHE A 21 -1.88 0.44 24.99
N GLN A 22 -3.14 0.06 24.79
CA GLN A 22 -3.54 -1.16 24.06
C GLN A 22 -3.49 -0.94 22.54
N PRO A 23 -3.34 -2.01 21.77
CA PRO A 23 -3.42 -1.83 20.32
C PRO A 23 -4.75 -1.19 19.85
N LEU A 24 -4.72 -0.45 18.73
CA LEU A 24 -5.94 0.17 18.16
C LEU A 24 -6.67 -0.79 17.23
N ALA A 25 -6.00 -1.87 16.84
CA ALA A 25 -6.64 -2.93 16.03
C ALA A 25 -6.47 -4.30 16.68
N ASP A 26 -7.43 -5.21 16.46
CA ASP A 26 -7.38 -6.58 16.95
C ASP A 26 -6.46 -7.45 16.08
N SER A 27 -6.24 -7.03 14.84
CA SER A 27 -5.32 -7.73 13.98
C SER A 27 -4.70 -6.77 12.95
N ILE A 28 -3.62 -7.21 12.33
CA ILE A 28 -2.94 -6.42 11.31
C ILE A 28 -2.89 -7.26 10.03
N GLU A 29 -3.59 -6.80 8.98
CA GLU A 29 -3.68 -7.56 7.72
C GLU A 29 -2.52 -7.25 6.84
N PRO A 30 -2.08 -8.21 6.08
CA PRO A 30 -0.94 -7.94 5.21
C PRO A 30 -1.24 -6.73 4.36
N LEU A 31 -0.21 -6.03 3.93
CA LEU A 31 -0.38 -4.77 3.22
C LEU A 31 0.36 -4.89 1.90
N GLN A 32 -0.41 -4.90 0.81
CA GLN A 32 0.15 -5.08 -0.53
C GLN A 32 0.35 -3.74 -1.21
N PHE A 33 1.32 -3.67 -2.11
CA PHE A 33 1.57 -2.43 -2.78
C PHE A 33 2.52 -2.72 -3.91
N LYS A 34 2.80 -1.71 -4.73
CA LYS A 34 3.76 -1.85 -5.85
C LYS A 34 5.04 -1.11 -5.49
N LEU A 35 6.20 -1.67 -5.79
CA LEU A 35 7.43 -0.90 -5.61
C LEU A 35 7.29 0.38 -6.43
N ILE A 36 7.85 1.48 -5.92
CA ILE A 36 7.80 2.78 -6.57
C ILE A 36 8.36 2.70 -7.97
N GLY A 37 7.65 3.30 -8.93
CA GLY A 37 8.06 3.36 -10.32
C GLY A 37 8.15 1.99 -10.99
N SER A 38 7.29 1.07 -10.52
CA SER A 38 7.31 -0.33 -10.94
C SER A 38 5.96 -0.99 -10.83
N ASP A 39 5.84 -2.12 -11.53
CA ASP A 39 4.67 -3.00 -11.53
C ASP A 39 4.88 -4.17 -10.54
N THR A 40 6.05 -4.18 -9.91
CA THR A 40 6.42 -5.23 -8.98
C THR A 40 5.58 -5.15 -7.70
N VAL A 41 4.80 -6.19 -7.46
CA VAL A 41 3.95 -6.27 -6.28
C VAL A 41 4.78 -6.78 -5.09
N ALA A 42 4.60 -6.11 -3.96
CA ALA A 42 5.23 -6.50 -2.71
C ALA A 42 4.17 -6.55 -1.61
N THR A 43 4.39 -7.44 -0.63
CA THR A 43 3.49 -7.58 0.49
C THR A 43 4.27 -7.56 1.82
N ALA A 44 3.78 -6.75 2.74
CA ALA A 44 4.32 -6.67 4.09
C ALA A 44 3.49 -7.54 5.02
N PHE A 45 4.18 -8.35 5.82
CA PHE A 45 3.51 -9.21 6.78
C PHE A 45 3.97 -8.90 8.21
N PRO A 46 3.03 -8.87 9.14
CA PRO A 46 3.35 -8.78 10.58
C PRO A 46 4.05 -10.04 11.10
N VAL A 47 5.01 -9.87 12.00
CA VAL A 47 5.64 -10.96 12.74
C VAL A 47 5.50 -10.69 14.22
N PHE A 48 4.64 -11.45 14.88
CA PHE A 48 4.46 -11.30 16.34
C PHE A 48 5.24 -12.35 17.12
N ASP A 49 5.61 -13.45 16.46
CA ASP A 49 6.43 -14.49 17.07
C ASP A 49 7.20 -15.22 15.93
N THR A 50 8.43 -15.63 16.17
CA THR A 50 9.15 -16.25 15.07
C THR A 50 8.51 -17.58 14.63
N LYS A 51 7.80 -18.26 15.53
CA LYS A 51 7.23 -19.55 15.21
C LYS A 51 6.26 -19.48 14.01
N TYR A 52 5.74 -18.30 13.70
CA TYR A 52 4.84 -18.17 12.55
C TYR A 52 5.55 -17.94 11.23
N ILE A 53 6.86 -17.86 11.24
CA ILE A 53 7.55 -17.68 9.96
C ILE A 53 8.57 -18.79 9.68
N PRO A 54 8.81 -19.09 8.39
CA PRO A 54 9.73 -20.18 8.01
C PRO A 54 11.10 -20.05 8.64
N ASP A 55 11.60 -21.12 9.23
CA ASP A 55 12.98 -21.15 9.75
C ASP A 55 14.00 -20.63 8.75
N SER A 56 13.86 -21.02 7.49
CA SER A 56 14.84 -20.63 6.49
C SER A 56 14.82 -19.12 6.29
N LEU A 57 13.66 -18.50 6.48
CA LEU A 57 13.59 -17.02 6.39
C LEU A 57 14.32 -16.38 7.59
N ILE A 58 14.11 -16.95 8.77
CA ILE A 58 14.76 -16.47 9.95
C ILE A 58 16.26 -16.55 9.74
N ASN A 59 16.75 -17.67 9.23
CA ASN A 59 18.19 -17.86 9.10
C ASN A 59 18.74 -16.96 7.99
N TYR A 60 17.93 -16.69 6.99
CA TYR A 60 18.40 -15.77 5.97
C TYR A 60 18.48 -14.33 6.59
N LEU A 61 17.49 -13.91 7.40
CA LEU A 61 17.53 -12.59 8.04
C LEU A 61 18.72 -12.44 9.00
N PHE A 62 18.99 -13.51 9.75
CA PHE A 62 20.19 -13.60 10.57
C PHE A 62 21.46 -13.26 9.79
N LYS A 63 21.65 -13.89 8.64
CA LYS A 63 22.82 -13.59 7.84
C LYS A 63 22.75 -12.17 7.28
N LEU A 64 21.57 -11.76 6.87
CA LEU A 64 21.41 -10.45 6.26
C LEU A 64 21.87 -9.38 7.25
N PHE A 65 21.51 -9.55 8.52
CA PHE A 65 21.79 -8.53 9.52
C PHE A 65 23.27 -8.50 9.81
N ASN A 66 23.88 -9.68 9.90
CA ASN A 66 25.34 -9.74 10.12
C ASN A 66 26.16 -9.07 9.03
N LEU A 67 25.71 -9.16 7.77
CA LEU A 67 26.38 -8.46 6.67
C LEU A 67 26.29 -6.97 6.86
N GLU A 68 25.11 -6.51 7.22
CA GLU A 68 24.90 -5.09 7.52
C GLU A 68 25.80 -4.61 8.67
N ILE A 69 25.88 -5.39 9.74
CA ILE A 69 26.77 -5.07 10.85
C ILE A 69 28.23 -5.04 10.41
N GLU A 70 28.66 -6.01 9.60
CA GLU A 70 30.04 -6.06 9.10
C GLU A 70 30.43 -4.85 8.22
N SER A 71 29.49 -4.31 7.45
CA SER A 71 29.83 -3.09 6.68
C SER A 71 30.19 -1.92 7.61
N GLY A 72 29.70 -1.95 8.85
CA GLY A 72 30.15 -0.99 9.83
C GLY A 72 29.78 0.45 9.53
N LYS A 73 28.67 0.69 8.83
CA LYS A 73 28.33 2.05 8.46
C LYS A 73 26.97 2.50 8.96
N THR A 74 26.20 1.58 9.49
CA THR A 74 24.80 1.92 9.69
C THR A 74 24.32 1.63 11.10
N TYR A 75 24.75 0.50 11.66
CA TYR A 75 24.40 0.10 13.03
C TYR A 75 25.58 0.22 13.97
N PRO A 76 25.31 0.48 15.24
CA PRO A 76 26.36 0.75 16.23
C PRO A 76 27.05 -0.52 16.67
N GLN A 77 26.45 -1.66 16.34
CA GLN A 77 27.13 -2.96 16.57
C GLN A 77 28.52 -3.03 15.89
N LEU A 78 29.47 -3.71 16.53
CA LEU A 78 30.78 -3.94 15.92
C LEU A 78 30.88 -5.36 15.46
N HIS A 79 30.43 -6.28 16.32
CA HIS A 79 30.61 -7.70 16.07
C HIS A 79 29.32 -8.36 15.64
N SER A 80 29.48 -9.50 14.96
CA SER A 80 28.33 -10.23 14.46
C SER A 80 27.59 -10.86 15.60
N LEU A 81 26.30 -11.06 15.43
CA LEU A 81 25.52 -11.68 16.46
C LEU A 81 25.45 -13.19 16.26
N THR A 82 25.24 -13.89 17.36
CA THR A 82 24.88 -15.29 17.33
C THR A 82 23.43 -15.39 16.91
N LYS A 83 22.99 -16.60 16.57
CA LYS A 83 21.59 -16.84 16.22
C LYS A 83 20.65 -16.40 17.35
N GLN A 84 20.97 -16.75 18.58
CA GLN A 84 20.04 -16.43 19.65
C GLN A 84 20.06 -14.92 19.95
N GLY A 85 21.24 -14.32 19.82
CA GLY A 85 21.37 -12.88 19.97
C GLY A 85 20.53 -12.12 18.95
N PHE A 86 20.54 -12.60 17.72
CA PHE A 86 19.73 -12.00 16.67
C PHE A 86 18.23 -12.19 16.96
N LEU A 87 17.84 -13.39 17.32
CA LEU A 87 16.44 -13.64 17.70
C LEU A 87 15.98 -12.70 18.84
N ASN A 88 16.80 -12.61 19.89
CA ASN A 88 16.50 -11.70 20.99
C ASN A 88 16.45 -10.23 20.57
N TYR A 89 17.33 -9.82 19.65
CA TYR A 89 17.41 -8.43 19.19
C TYR A 89 16.30 -8.08 18.20
N TRP A 90 16.21 -8.81 17.09
CA TRP A 90 15.29 -8.40 16.03
C TRP A 90 13.84 -8.62 16.40
N PHE A 91 13.58 -9.67 17.17
CA PHE A 91 12.22 -10.08 17.40
C PHE A 91 11.87 -9.93 18.88
N HIS A 92 12.49 -8.96 19.54
CA HIS A 92 12.21 -8.75 20.96
C HIS A 92 10.74 -8.39 21.19
N SER A 93 10.16 -7.66 20.24
CA SER A 93 8.76 -7.31 20.27
C SER A 93 8.11 -7.62 18.92
N PHE A 94 7.93 -6.61 18.08
CA PHE A 94 7.27 -6.78 16.78
C PHE A 94 8.31 -6.67 15.64
N ALA A 95 8.02 -7.29 14.51
CA ALA A 95 8.84 -7.16 13.31
C ALA A 95 7.95 -7.31 12.07
N VAL A 96 8.54 -6.96 10.94
CA VAL A 96 7.85 -7.01 9.70
C VAL A 96 8.77 -7.61 8.63
N VAL A 97 8.21 -8.45 7.77
CA VAL A 97 8.93 -8.89 6.61
C VAL A 97 8.19 -8.41 5.36
N VAL A 98 8.95 -7.95 4.37
CA VAL A 98 8.37 -7.49 3.12
C VAL A 98 8.95 -8.33 2.00
N LEU A 99 8.07 -9.02 1.31
CA LEU A 99 8.43 -9.98 0.30
C LEU A 99 7.84 -9.57 -1.04
N GLN A 100 8.55 -9.94 -2.09
CA GLN A 100 8.05 -9.80 -3.46
C GLN A 100 7.09 -10.96 -3.79
N THR A 101 5.83 -10.74 -3.55
CA THR A 101 4.81 -11.71 -3.83
C THR A 101 3.47 -11.03 -3.76
N ASP A 102 2.45 -11.66 -4.32
CA ASP A 102 1.11 -11.15 -4.15
C ASP A 102 0.31 -12.05 -3.19
N GLU A 103 0.95 -13.04 -2.58
CA GLU A 103 0.25 -13.90 -1.60
C GLU A 103 -0.05 -13.14 -0.29
N LYS A 104 -1.16 -13.48 0.35
CA LYS A 104 -1.54 -12.88 1.63
C LYS A 104 -1.00 -13.70 2.81
N PHE A 105 -0.13 -14.65 2.53
CA PHE A 105 0.52 -15.40 3.58
C PHE A 105 1.97 -15.73 3.14
N ILE A 106 2.79 -16.26 4.04
CA ILE A 106 4.17 -16.51 3.72
C ILE A 106 4.43 -17.98 3.45
N GLN A 107 4.91 -18.27 2.25
CA GLN A 107 5.10 -19.64 1.79
C GLN A 107 6.46 -20.09 2.27
N ASP A 108 6.54 -21.32 2.74
CA ASP A 108 7.81 -21.90 3.18
C ASP A 108 8.77 -22.05 2.03
N ASN A 109 10.05 -22.20 2.38
CA ASN A 109 11.08 -22.61 1.42
C ASN A 109 11.15 -21.76 0.14
N GLN A 110 11.01 -20.44 0.25
CA GLN A 110 11.15 -19.52 -0.92
C GLN A 110 12.60 -19.13 -1.12
N ASP A 111 12.92 -18.50 -2.25
CA ASP A 111 14.29 -18.03 -2.53
C ASP A 111 14.47 -16.63 -1.97
N TRP A 112 14.94 -16.57 -0.73
CA TRP A 112 14.82 -15.34 0.03
C TRP A 112 15.75 -14.31 -0.53
N ASN A 113 16.83 -14.80 -1.09
CA ASN A 113 17.81 -13.92 -1.70
C ASN A 113 17.21 -13.02 -2.79
N SER A 114 16.10 -13.47 -3.37
CA SER A 114 15.40 -12.70 -4.39
C SER A 114 14.01 -12.25 -3.92
N VAL A 115 13.42 -12.96 -2.99
CA VAL A 115 12.03 -12.69 -2.60
C VAL A 115 11.90 -11.72 -1.41
N LEU A 116 12.90 -11.69 -0.52
CA LEU A 116 12.93 -10.77 0.60
C LEU A 116 13.34 -9.37 0.15
N LEU A 117 12.44 -8.40 0.26
CA LEU A 117 12.82 -7.05 -0.06
C LEU A 117 13.50 -6.38 1.14
N GLY A 118 12.88 -6.52 2.32
CA GLY A 118 13.36 -5.92 3.55
C GLY A 118 12.61 -6.31 4.83
N THR A 119 13.16 -5.89 5.97
CA THR A 119 12.57 -6.20 7.24
C THR A 119 12.78 -5.02 8.18
N PHE A 120 11.92 -4.92 9.18
CA PHE A 120 12.20 -3.98 10.25
C PHE A 120 11.58 -4.44 11.53
N TYR A 121 12.15 -4.03 12.66
CA TYR A 121 11.54 -4.30 13.95
C TYR A 121 10.88 -3.04 14.47
N ILE A 122 9.91 -3.22 15.37
CA ILE A 122 9.37 -2.15 16.16
C ILE A 122 9.32 -2.57 17.63
N LYS A 123 9.91 -1.76 18.50
CA LYS A 123 9.85 -2.00 19.94
C LYS A 123 9.80 -0.68 20.74
N PRO A 124 9.49 -0.79 22.03
CA PRO A 124 9.61 0.35 22.91
C PRO A 124 11.03 0.84 22.94
N ASN A 125 11.20 2.14 22.77
CA ASN A 125 12.54 2.75 22.80
C ASN A 125 13.05 2.97 24.22
N TYR A 126 12.17 2.84 25.20
CA TYR A 126 12.50 3.10 26.59
C TYR A 126 11.70 2.18 27.48
N ALA A 127 12.08 2.14 28.75
CA ALA A 127 11.30 1.40 29.79
C ALA A 127 9.85 1.98 29.96
N PRO A 128 8.97 1.27 30.69
CA PRO A 128 7.48 1.45 30.64
C PRO A 128 6.85 2.85 30.64
N ARG A 129 7.33 3.80 31.43
CA ARG A 129 6.69 5.13 31.46
C ARG A 129 6.89 5.93 30.18
N CYS A 130 7.88 5.54 29.40
CA CYS A 130 8.13 6.19 28.11
C CYS A 130 7.93 5.19 26.94
N SER A 131 7.22 4.09 27.23
CA SER A 131 7.14 2.99 26.28
C SER A 131 6.13 3.27 25.17
N HIS A 132 5.42 4.40 25.22
CA HIS A 132 4.63 4.82 24.04
C HIS A 132 5.51 5.41 22.91
N ASN A 133 6.82 5.52 23.13
CA ASN A 133 7.76 5.91 22.08
C ASN A 133 8.38 4.67 21.44
N CYS A 134 8.11 4.37 20.17
CA CYS A 134 8.75 3.20 19.60
C CYS A 134 10.00 3.58 18.85
N ASN A 135 10.86 2.57 18.75
CA ASN A 135 12.04 2.54 17.95
C ASN A 135 11.85 1.53 16.82
N ALA A 136 12.60 1.72 15.72
CA ALA A 136 12.60 0.81 14.59
C ALA A 136 13.97 0.82 13.92
N GLY A 137 14.36 -0.35 13.44
CA GLY A 137 15.57 -0.53 12.66
C GLY A 137 15.19 -1.30 11.43
N PHE A 138 15.81 -0.93 10.33
CA PHE A 138 15.47 -1.41 9.01
C PHE A 138 16.65 -2.04 8.34
N LEU A 139 16.32 -2.87 7.35
CA LEU A 139 17.27 -3.56 6.48
C LEU A 139 16.63 -3.77 5.12
N VAL A 140 17.46 -3.59 4.11
CA VAL A 140 17.07 -3.84 2.76
C VAL A 140 18.03 -4.90 2.23
N ASN A 141 17.47 -5.91 1.59
CA ASN A 141 18.25 -6.93 0.89
C ASN A 141 19.10 -6.25 -0.20
N GLY A 142 20.42 -6.38 -0.15
CA GLY A 142 21.31 -5.69 -1.10
C GLY A 142 21.05 -6.01 -2.58
N ALA A 143 20.40 -7.14 -2.82
CA ALA A 143 20.06 -7.55 -4.17
C ALA A 143 18.94 -6.69 -4.74
N HIS A 144 18.25 -5.98 -3.87
CA HIS A 144 17.13 -5.16 -4.28
C HIS A 144 17.42 -3.71 -4.02
N ARG A 145 18.70 -3.38 -3.90
CA ARG A 145 19.12 -1.99 -3.73
C ARG A 145 18.67 -1.18 -4.94
N GLY A 146 18.46 0.12 -4.74
CA GLY A 146 18.13 1.02 -5.83
C GLY A 146 16.68 0.97 -6.29
N GLN A 147 15.82 0.31 -5.54
CA GLN A 147 14.41 0.28 -5.91
C GLN A 147 13.54 1.06 -4.93
N LYS A 148 14.18 1.82 -4.05
CA LYS A 148 13.44 2.66 -3.11
C LYS A 148 12.57 1.79 -2.18
N VAL A 149 13.13 0.64 -1.80
CA VAL A 149 12.46 -0.26 -0.90
C VAL A 149 12.37 0.37 0.50
N GLY A 150 13.43 1.09 0.92
CA GLY A 150 13.46 1.74 2.21
C GLY A 150 12.26 2.65 2.42
N TYR A 151 11.98 3.47 1.40
CA TYR A 151 10.87 4.39 1.47
C TYR A 151 9.58 3.61 1.76
N ARG A 152 9.40 2.50 1.04
CA ARG A 152 8.24 1.65 1.29
C ARG A 152 8.26 1.11 2.75
N LEU A 153 9.42 0.68 3.22
CA LEU A 153 9.48 0.13 4.55
C LEU A 153 8.98 1.20 5.57
N ALA A 154 9.38 2.44 5.34
CA ALA A 154 9.06 3.53 6.26
C ALA A 154 7.57 3.75 6.28
N GLN A 155 6.96 3.61 5.10
CA GLN A 155 5.50 3.78 4.98
C GLN A 155 4.70 2.69 5.74
N VAL A 156 5.08 1.42 5.57
CA VAL A 156 4.40 0.35 6.27
C VAL A 156 4.48 0.67 7.76
N TYR A 157 5.67 1.12 8.16
CA TYR A 157 5.95 1.47 9.55
C TYR A 157 4.98 2.53 10.04
N LEU A 158 4.80 3.59 9.26
CA LEU A 158 3.83 4.63 9.68
C LEU A 158 2.39 4.11 9.75
N ASN A 159 2.06 3.12 8.94
CA ASN A 159 0.71 2.54 8.97
C ASN A 159 0.46 1.63 10.18
N TRP A 160 1.51 0.94 10.59
CA TRP A 160 1.40 -0.11 11.61
C TRP A 160 1.84 0.30 13.00
N ALA A 161 2.85 1.14 13.14
CA ALA A 161 3.30 1.48 14.49
C ALA A 161 2.16 1.99 15.36
N PRO A 162 1.33 2.93 14.86
CA PRO A 162 0.19 3.41 15.67
C PRO A 162 -0.79 2.29 16.04
N LEU A 163 -0.95 1.28 15.17
CA LEU A 163 -1.88 0.19 15.49
C LEU A 163 -1.47 -0.66 16.72
N LEU A 164 -0.17 -0.72 16.99
CA LEU A 164 0.38 -1.41 18.17
C LEU A 164 0.22 -0.61 19.48
N GLY A 165 -0.13 0.67 19.37
CA GLY A 165 -0.45 1.50 20.54
C GLY A 165 0.54 2.63 20.75
N TYR A 166 1.56 2.72 19.92
CA TYR A 166 2.60 3.75 20.09
C TYR A 166 2.09 5.12 19.69
N LYS A 167 2.59 6.16 20.35
CA LYS A 167 2.16 7.52 20.08
C LYS A 167 3.22 8.37 19.40
N TYR A 168 4.48 7.92 19.49
CA TYR A 168 5.60 8.69 19.01
C TYR A 168 6.72 7.77 18.55
N SER A 169 7.44 8.20 17.51
CA SER A 169 8.53 7.42 16.93
C SER A 169 9.87 8.09 17.21
N ILE A 170 10.89 7.31 17.58
CA ILE A 170 12.23 7.81 17.82
C ILE A 170 13.28 6.91 17.18
N PHE A 171 14.14 7.49 16.37
CA PHE A 171 15.34 6.81 15.89
C PHE A 171 16.50 7.49 16.59
N ASN A 172 17.35 6.71 17.24
CA ASN A 172 18.36 7.24 18.17
C ASN A 172 19.65 7.66 17.43
N LEU A 173 19.91 7.03 16.30
CA LEU A 173 21.20 7.14 15.70
C LEU A 173 21.12 7.04 14.18
N VAL A 174 20.73 8.12 13.52
CA VAL A 174 20.83 8.08 12.07
C VAL A 174 22.08 8.86 11.66
N PHE A 175 23.11 8.12 11.26
CA PHE A 175 24.37 8.77 10.93
C PHE A 175 24.21 9.67 9.73
N VAL A 176 24.78 10.86 9.81
CA VAL A 176 24.69 11.86 8.74
C VAL A 176 25.31 11.35 7.41
N THR A 177 26.21 10.38 7.48
CA THR A 177 26.75 9.75 6.28
C THR A 177 25.80 8.75 5.67
N ASN A 178 24.74 8.41 6.41
CA ASN A 178 23.76 7.41 5.98
C ASN A 178 22.67 8.15 5.22
N GLN A 179 23.03 8.70 4.07
CA GLN A 179 22.12 9.58 3.29
C GLN A 179 20.87 8.85 2.83
N ALA A 180 21.03 7.60 2.45
CA ALA A 180 19.88 6.80 2.10
C ALA A 180 18.79 7.00 3.19
N SER A 181 19.20 6.98 4.45
CA SER A 181 18.22 6.96 5.52
C SER A 181 17.65 8.37 5.78
N TRP A 182 18.50 9.34 6.10
CA TRP A 182 17.94 10.62 6.60
C TRP A 182 17.09 11.38 5.57
N LYS A 183 17.41 11.24 4.28
CA LYS A 183 16.54 11.80 3.23
C LYS A 183 15.12 11.20 3.24
N ILE A 184 15.02 9.88 3.48
CA ILE A 184 13.71 9.29 3.66
C ILE A 184 13.02 9.93 4.86
N TRP A 185 13.71 9.97 6.00
CA TRP A 185 13.03 10.48 7.20
C TRP A 185 12.62 11.95 6.96
N ASP A 186 13.49 12.73 6.30
CA ASP A 186 13.21 14.15 6.00
C ASP A 186 11.97 14.29 5.12
N LYS A 187 11.91 13.45 4.08
CA LYS A 187 10.82 13.46 3.09
C LYS A 187 9.49 13.06 3.72
N LEU A 188 9.54 12.21 4.75
CA LEU A 188 8.30 11.76 5.44
C LEU A 188 7.92 12.61 6.68
N ASN A 189 8.56 13.77 6.81
CA ASN A 189 8.29 14.72 7.89
C ASN A 189 8.50 14.15 9.27
N PHE A 190 9.58 13.39 9.38
CA PHE A 190 10.19 13.12 10.67
C PHE A 190 11.05 14.32 11.08
N GLN A 191 10.80 14.87 12.26
CA GLN A 191 11.58 16.00 12.76
C GLN A 191 12.96 15.59 13.25
N ARG A 192 13.93 16.43 13.00
CA ARG A 192 15.21 16.21 13.57
C ARG A 192 15.13 16.78 14.97
N ILE A 193 15.00 15.94 15.98
CA ILE A 193 14.80 16.48 17.31
C ILE A 193 16.09 16.48 18.08
N GLY A 194 17.17 15.99 17.48
CA GLY A 194 18.41 16.01 18.20
C GLY A 194 19.59 15.72 17.32
N LEU A 195 20.78 16.02 17.82
CA LEU A 195 22.00 15.80 17.05
C LEU A 195 23.12 15.35 17.98
N VAL A 196 23.61 14.13 17.84
CA VAL A 196 24.74 13.69 18.68
C VAL A 196 26.07 13.84 17.92
N PRO A 197 26.95 14.74 18.40
CA PRO A 197 28.18 15.01 17.63
C PRO A 197 29.18 13.90 17.83
N HIS A 198 29.86 13.50 16.76
CA HIS A 198 30.94 12.52 16.88
C HIS A 198 30.48 11.17 17.47
N ALA A 199 29.19 10.86 17.28
CA ALA A 199 28.54 9.67 17.88
C ALA A 199 29.16 8.31 17.51
N GLY A 200 29.33 8.06 16.23
CA GLY A 200 29.77 6.75 15.74
C GLY A 200 31.18 6.66 15.16
N ILE A 201 31.91 5.65 15.59
CA ILE A 201 33.11 5.22 14.88
C ILE A 201 32.72 4.19 13.78
N LEU A 202 32.68 4.68 12.54
CA LEU A 202 32.15 3.93 11.41
C LEU A 202 33.26 3.43 10.48
N ASN A 203 33.11 2.22 9.98
CA ASN A 203 34.04 1.67 9.01
C ASN A 203 34.14 2.55 7.76
N GLY A 204 35.35 2.91 7.35
CA GLY A 204 35.52 3.72 6.15
C GLY A 204 35.53 5.22 6.37
N PHE A 205 35.43 5.65 7.62
CA PHE A 205 35.59 7.07 7.94
C PHE A 205 36.65 7.18 9.00
N SER A 206 37.52 8.16 8.86
CA SER A 206 38.66 8.25 9.75
C SER A 206 38.26 9.06 10.97
N GLU A 207 37.28 9.93 10.81
CA GLU A 207 36.74 10.72 11.93
C GLU A 207 35.38 10.20 12.44
N PRO A 208 35.11 10.44 13.71
CA PRO A 208 33.83 9.95 14.24
C PRO A 208 32.73 10.70 13.52
N VAL A 209 31.57 10.07 13.34
CA VAL A 209 30.49 10.66 12.55
C VAL A 209 29.26 11.01 13.41
N ASP A 210 28.67 12.18 13.15
CA ASP A 210 27.50 12.68 13.86
C ASP A 210 26.28 11.81 13.61
N ALA A 211 25.39 11.70 14.61
CA ALA A 211 24.11 11.02 14.41
C ALA A 211 22.96 11.96 14.67
N ILE A 212 21.94 11.85 13.83
CA ILE A 212 20.73 12.62 13.98
C ILE A 212 19.70 11.82 14.76
N ILE A 213 18.98 12.50 15.66
CA ILE A 213 17.87 11.90 16.37
C ILE A 213 16.55 12.30 15.71
N TYR A 214 15.80 11.33 15.22
CA TYR A 214 14.52 11.59 14.58
C TYR A 214 13.33 11.29 15.47
N GLY A 215 12.31 12.15 15.39
CA GLY A 215 11.09 11.94 16.12
C GLY A 215 9.93 12.18 15.17
N LYS A 216 8.81 11.54 15.46
CA LYS A 216 7.58 11.82 14.73
C LYS A 216 6.37 11.40 15.52
N ASP A 217 5.39 12.30 15.51
CA ASP A 217 4.09 12.10 16.17
C ASP A 217 3.35 11.03 15.38
N LEU A 218 2.95 9.94 16.00
CA LEU A 218 2.31 8.86 15.26
C LEU A 218 0.80 9.02 15.24
N THR A 219 0.28 9.90 16.08
CA THR A 219 -1.17 10.18 16.17
C THR A 219 -1.68 11.19 15.14
N LYS A 220 -0.77 11.86 14.42
CA LYS A 220 -1.14 12.83 13.37
C LYS A 220 -0.25 12.68 12.13
N ILE A 221 -0.39 11.55 11.45
CA ILE A 221 0.40 11.27 10.27
C ILE A 221 -0.33 11.72 9.02
N GLU A 222 0.44 12.36 8.14
CA GLU A 222 -0.07 12.88 6.89
C GLU A 222 -0.61 11.73 6.06
N PRO A 223 -1.89 11.80 5.66
CA PRO A 223 -2.54 10.76 4.86
C PRO A 223 -1.81 10.37 3.58
N GLU A 224 -1.09 11.31 2.96
CA GLU A 224 -0.42 11.01 1.69
C GLU A 224 0.78 10.06 1.87
N PHE A 225 1.35 10.06 3.08
CA PHE A 225 2.48 9.17 3.40
C PHE A 225 1.99 7.78 3.77
N LEU A 226 0.76 7.68 4.23
CA LEU A 226 0.21 6.38 4.58
C LEU A 226 -0.19 5.63 3.32
N SER A 227 -0.58 6.38 2.29
CA SER A 227 -0.97 5.79 1.02
C SER A 227 0.23 5.34 0.20
N MET A 228 0.18 4.07 -0.24
CA MET A 228 1.27 3.49 -1.05
C MET A 228 0.83 3.13 -2.49
N GLU A 229 -0.32 3.70 -2.89
CA GLU A 229 -0.91 3.51 -4.22
C GLU A 229 -0.47 4.60 -5.19
N SER B 5 46.00 -3.05 49.76
CA SER B 5 45.52 -3.37 48.40
C SER B 5 44.72 -2.25 47.70
N ILE B 6 44.95 -2.10 46.40
CA ILE B 6 44.24 -1.08 45.65
C ILE B 6 43.44 -1.62 44.47
N GLU B 7 43.17 -2.92 44.43
CA GLU B 7 42.43 -3.49 43.31
C GLU B 7 41.13 -2.70 43.15
N TRP B 8 40.55 -2.29 44.27
CA TRP B 8 39.22 -1.70 44.24
C TRP B 8 39.23 -0.40 43.46
N LYS B 9 40.40 0.17 43.15
CA LYS B 9 40.39 1.40 42.38
C LYS B 9 41.17 1.40 41.08
N LEU B 10 41.47 0.21 40.59
CA LEU B 10 42.18 0.05 39.33
C LEU B 10 41.21 0.09 38.16
N THR B 11 41.54 0.90 37.17
CA THR B 11 40.73 0.99 35.98
C THR B 11 40.87 -0.27 35.16
N ALA B 12 41.90 -1.08 35.43
CA ALA B 12 42.05 -2.36 34.73
C ALA B 12 40.91 -3.31 35.09
N ASN B 13 40.23 -3.04 36.20
CA ASN B 13 39.10 -3.87 36.58
C ASN B 13 37.76 -3.36 36.06
N LEU B 14 37.79 -2.35 35.21
CA LEU B 14 36.60 -1.76 34.67
C LEU B 14 35.90 -2.77 33.78
N ARG B 15 34.70 -3.19 34.18
CA ARG B 15 33.86 -4.04 33.36
C ARG B 15 32.95 -3.23 32.42
N ASN B 16 32.78 -3.76 31.21
CA ASN B 16 31.75 -3.31 30.26
C ASN B 16 31.82 -1.83 29.86
N GLY B 17 33.03 -1.31 29.69
CA GLY B 17 33.25 0.08 29.34
C GLY B 17 33.36 0.29 27.85
N PRO B 18 33.94 1.42 27.45
CA PRO B 18 33.98 1.72 26.01
C PRO B 18 34.94 0.75 25.32
N THR B 19 34.68 0.49 24.05
CA THR B 19 35.34 -0.58 23.32
C THR B 19 36.61 -0.07 22.58
N PHE B 20 36.57 1.18 22.13
CA PHE B 20 37.65 1.75 21.36
C PHE B 20 38.60 2.59 22.17
N PHE B 21 38.30 2.90 23.41
CA PHE B 21 39.20 3.76 24.15
C PHE B 21 39.58 3.20 25.47
N GLN B 22 40.85 3.36 25.79
CA GLN B 22 41.36 2.90 27.06
C GLN B 22 41.22 4.02 28.06
N PRO B 23 41.23 3.67 29.34
CA PRO B 23 41.19 4.64 30.43
C PRO B 23 42.43 5.53 30.37
N LEU B 24 42.34 6.75 30.89
CA LEU B 24 43.45 7.70 30.88
C LEU B 24 44.26 7.61 32.17
N ALA B 25 43.82 6.76 33.09
CA ALA B 25 44.61 6.54 34.30
C ALA B 25 44.52 5.10 34.77
N ASP B 26 45.52 4.69 35.55
CA ASP B 26 45.62 3.33 36.06
C ASP B 26 44.73 3.17 37.26
N SER B 27 44.48 4.27 37.95
CA SER B 27 43.69 4.21 39.14
C SER B 27 42.73 5.42 39.24
N ILE B 28 41.68 5.26 40.06
CA ILE B 28 40.81 6.38 40.42
C ILE B 28 40.80 6.52 41.95
N GLU B 29 41.30 7.66 42.40
CA GLU B 29 41.47 7.94 43.81
C GLU B 29 40.25 8.68 44.33
N PRO B 30 39.85 8.36 45.54
CA PRO B 30 38.78 9.08 46.19
C PRO B 30 38.96 10.59 46.05
N LEU B 31 37.86 11.26 45.75
CA LEU B 31 37.81 12.70 45.58
C LEU B 31 37.11 13.32 46.79
N GLN B 32 37.80 14.17 47.54
CA GLN B 32 37.23 14.76 48.75
C GLN B 32 36.89 16.21 48.47
N PHE B 33 35.81 16.69 49.08
CA PHE B 33 35.36 18.05 48.85
C PHE B 33 34.39 18.40 49.93
N LYS B 34 34.01 19.67 49.96
CA LYS B 34 33.03 20.10 50.91
C LYS B 34 31.71 20.31 50.19
N LEU B 35 30.60 20.05 50.89
CA LEU B 35 29.30 20.44 50.34
C LEU B 35 29.26 21.96 50.16
N ILE B 36 28.60 22.37 49.09
CA ILE B 36 28.53 23.77 48.76
C ILE B 36 27.98 24.59 49.93
N GLY B 37 28.68 25.68 50.26
CA GLY B 37 28.25 26.59 51.31
C GLY B 37 28.38 26.00 52.69
N SER B 38 29.23 25.01 52.86
CA SER B 38 29.29 24.29 54.12
C SER B 38 30.71 23.80 54.40
N ASP B 39 30.96 23.37 55.63
CA ASP B 39 32.28 22.83 55.95
C ASP B 39 32.16 21.32 56.10
N THR B 40 31.04 20.77 55.67
CA THR B 40 30.86 19.34 55.72
C THR B 40 31.71 18.63 54.63
N VAL B 41 32.51 17.68 55.05
CA VAL B 41 33.39 17.04 54.10
C VAL B 41 32.72 15.82 53.49
N ALA B 42 32.78 15.73 52.16
CA ALA B 42 32.25 14.54 51.43
C ALA B 42 33.35 13.86 50.62
N THR B 43 33.24 12.53 50.54
CA THR B 43 34.18 11.75 49.74
C THR B 43 33.44 10.90 48.69
N ALA B 44 33.88 11.05 47.46
CA ALA B 44 33.42 10.24 46.35
C ALA B 44 34.35 9.02 46.21
N PHE B 45 33.77 7.83 46.10
CA PHE B 45 34.51 6.60 45.87
C PHE B 45 34.08 5.90 44.57
N PRO B 46 35.05 5.35 43.82
CA PRO B 46 34.79 4.58 42.62
C PRO B 46 34.27 3.21 43.01
N VAL B 47 33.40 2.63 42.19
CA VAL B 47 32.96 1.25 42.38
C VAL B 47 33.08 0.52 41.05
N PHE B 48 34.06 -0.38 40.97
CA PHE B 48 34.28 -1.17 39.77
C PHE B 48 33.58 -2.50 39.89
N ASP B 49 33.33 -2.91 41.11
CA ASP B 49 32.68 -4.18 41.38
C ASP B 49 32.08 -4.11 42.80
N THR B 50 30.89 -4.69 42.97
CA THR B 50 30.18 -4.58 44.23
C THR B 50 30.86 -5.30 45.35
N LYS B 51 31.71 -6.26 44.99
CA LYS B 51 32.41 -7.08 45.97
C LYS B 51 33.31 -6.17 46.80
N TYR B 52 33.65 -5.01 46.26
CA TYR B 52 34.50 -4.12 47.01
C TYR B 52 33.73 -3.20 47.97
N ILE B 53 32.41 -3.28 48.01
CA ILE B 53 31.68 -2.41 48.93
C ILE B 53 30.80 -3.23 49.82
N PRO B 54 30.44 -2.68 50.97
CA PRO B 54 29.67 -3.43 51.97
C PRO B 54 28.27 -3.83 51.50
N ASP B 55 27.89 -5.06 51.82
CA ASP B 55 26.59 -5.60 51.50
C ASP B 55 25.47 -4.67 51.95
N SER B 56 25.60 -4.10 53.15
CA SER B 56 24.55 -3.24 53.72
C SER B 56 24.48 -1.95 52.90
N LEU B 57 25.60 -1.52 52.31
CA LEU B 57 25.51 -0.31 51.49
C LEU B 57 24.74 -0.61 50.20
N ILE B 58 24.98 -1.80 49.65
CA ILE B 58 24.32 -2.21 48.43
C ILE B 58 22.82 -2.34 48.67
N ASN B 59 22.47 -2.89 49.81
CA ASN B 59 21.05 -3.09 50.18
C ASN B 59 20.33 -1.78 50.44
N TYR B 60 21.06 -0.82 50.99
CA TYR B 60 20.50 0.48 51.17
C TYR B 60 20.27 1.16 49.80
N LEU B 61 21.20 1.02 48.87
CA LEU B 61 21.09 1.68 47.55
C LEU B 61 19.96 1.04 46.73
N PHE B 62 19.82 -0.27 46.85
CA PHE B 62 18.72 -1.01 46.24
C PHE B 62 17.36 -0.40 46.66
N LYS B 63 17.15 -0.22 47.96
CA LYS B 63 15.89 0.34 48.45
C LYS B 63 15.75 1.83 48.08
N LEU B 64 16.87 2.54 48.01
CA LEU B 64 16.83 3.94 47.65
C LEU B 64 16.39 4.11 46.19
N PHE B 65 16.91 3.27 45.32
CA PHE B 65 16.53 3.38 43.93
C PHE B 65 15.05 3.00 43.78
N ASN B 66 14.62 1.98 44.51
CA ASN B 66 13.19 1.60 44.43
C ASN B 66 12.24 2.70 44.93
N LEU B 67 12.68 3.52 45.87
CA LEU B 67 11.87 4.63 46.36
C LEU B 67 11.75 5.62 45.24
N GLU B 68 12.85 5.86 44.53
CA GLU B 68 12.84 6.88 43.47
C GLU B 68 11.92 6.43 42.30
N ILE B 69 12.00 5.17 41.95
CA ILE B 69 11.14 4.63 40.93
C ILE B 69 9.68 4.74 41.37
N GLU B 70 9.39 4.44 42.64
CA GLU B 70 8.00 4.47 43.12
C GLU B 70 7.40 5.88 43.07
N SER B 71 8.19 6.91 43.40
CA SER B 71 7.76 8.29 43.18
C SER B 71 7.26 8.52 41.80
N GLY B 72 7.90 7.88 40.82
CA GLY B 72 7.45 7.90 39.44
C GLY B 72 7.55 9.24 38.75
N LYS B 73 8.58 10.01 39.09
CA LYS B 73 8.73 11.35 38.53
C LYS B 73 10.02 11.60 37.77
N THR B 74 10.99 10.68 37.90
CA THR B 74 12.33 10.95 37.38
C THR B 74 12.96 9.89 36.49
N TYR B 75 12.66 8.61 36.73
CA TYR B 75 13.12 7.52 35.89
C TYR B 75 11.98 6.88 35.11
N PRO B 76 12.31 6.26 33.97
CA PRO B 76 11.31 5.66 33.06
C PRO B 76 10.72 4.35 33.61
N GLN B 77 11.35 3.77 34.62
CA GLN B 77 10.89 2.54 35.21
C GLN B 77 9.54 2.71 35.92
N LEU B 78 8.68 1.71 35.78
CA LEU B 78 7.38 1.77 36.40
C LEU B 78 7.37 0.95 37.70
N HIS B 79 7.92 -0.26 37.64
CA HIS B 79 7.94 -1.20 38.77
C HIS B 79 9.31 -1.23 39.47
N SER B 80 9.28 -1.56 40.75
CA SER B 80 10.46 -1.68 41.58
C SER B 80 11.30 -2.81 41.00
N LEU B 81 12.60 -2.77 41.25
CA LEU B 81 13.49 -3.80 40.71
C LEU B 81 13.65 -4.90 41.76
N THR B 82 13.85 -6.14 41.32
CA THR B 82 14.37 -7.16 42.22
C THR B 82 15.82 -6.85 42.57
N LYS B 83 16.33 -7.52 43.59
CA LYS B 83 17.68 -7.28 44.05
C LYS B 83 18.66 -7.49 42.89
N GLN B 84 18.53 -8.61 42.18
CA GLN B 84 19.47 -8.94 41.11
C GLN B 84 19.33 -7.97 39.94
N GLY B 85 18.11 -7.54 39.66
CA GLY B 85 17.86 -6.58 38.59
C GLY B 85 18.50 -5.24 38.92
N PHE B 86 18.49 -4.91 40.21
CA PHE B 86 19.18 -3.71 40.64
C PHE B 86 20.71 -3.87 40.37
N LEU B 87 21.30 -4.97 40.84
CA LEU B 87 22.73 -5.20 40.64
C LEU B 87 23.09 -5.07 39.16
N ASN B 88 22.32 -5.71 38.31
CA ASN B 88 22.55 -5.66 36.87
C ASN B 88 22.38 -4.27 36.28
N TYR B 89 21.52 -3.49 36.88
CA TYR B 89 21.18 -2.19 36.32
C TYR B 89 22.25 -1.19 36.78
N TRP B 90 22.45 -1.08 38.08
CA TRP B 90 23.24 0.02 38.60
C TRP B 90 24.77 -0.23 38.44
N PHE B 91 25.17 -1.49 38.49
CA PHE B 91 26.57 -1.86 38.49
C PHE B 91 26.97 -2.65 37.24
N HIS B 92 26.23 -2.46 36.16
CA HIS B 92 26.57 -3.07 34.88
C HIS B 92 28.00 -2.69 34.45
N SER B 93 28.39 -1.43 34.67
CA SER B 93 29.73 -0.97 34.37
C SER B 93 30.37 -0.33 35.60
N PHE B 94 30.33 1.01 35.68
CA PHE B 94 31.01 1.76 36.75
C PHE B 94 29.98 2.44 37.62
N ALA B 95 30.29 2.63 38.88
CA ALA B 95 29.42 3.41 39.74
C ALA B 95 30.21 4.20 40.77
N VAL B 96 29.53 5.12 41.46
CA VAL B 96 30.15 5.98 42.42
C VAL B 96 29.24 6.08 43.62
N VAL B 97 29.82 6.02 44.81
CA VAL B 97 29.08 6.34 46.01
C VAL B 97 29.79 7.52 46.68
N VAL B 98 29.00 8.49 47.07
CA VAL B 98 29.51 9.67 47.73
C VAL B 98 28.98 9.69 49.17
N LEU B 99 29.92 9.63 50.12
CA LEU B 99 29.66 9.50 51.54
C LEU B 99 30.06 10.73 52.35
N GLN B 100 29.38 10.94 53.48
CA GLN B 100 29.72 12.07 54.34
C GLN B 100 30.80 11.60 55.28
N THR B 101 32.05 11.70 54.85
CA THR B 101 33.17 11.19 55.64
C THR B 101 34.42 11.84 55.13
N ASP B 102 35.45 11.84 55.97
CA ASP B 102 36.78 12.26 55.51
C ASP B 102 37.69 11.03 55.40
N GLU B 103 37.19 9.82 55.67
CA GLU B 103 37.97 8.61 55.38
C GLU B 103 38.22 8.50 53.87
N LYS B 104 39.31 7.87 53.45
CA LYS B 104 39.61 7.65 52.03
C LYS B 104 39.39 6.20 51.67
N PHE B 105 38.64 5.52 52.50
CA PHE B 105 38.15 4.20 52.21
C PHE B 105 36.75 4.05 52.89
N ILE B 106 36.00 3.06 52.46
CA ILE B 106 34.63 2.85 52.90
C ILE B 106 34.52 1.89 54.07
N GLN B 107 34.18 2.39 55.25
CA GLN B 107 34.07 1.53 56.42
C GLN B 107 32.76 0.72 56.31
N ASP B 108 32.77 -0.52 56.83
CA ASP B 108 31.59 -1.36 56.86
C ASP B 108 30.54 -0.87 57.90
N ASN B 109 29.30 -1.32 57.74
CA ASN B 109 28.25 -1.15 58.74
C ASN B 109 28.08 0.28 59.27
N GLN B 110 28.06 1.26 58.37
CA GLN B 110 27.76 2.62 58.76
C GLN B 110 26.27 2.88 58.63
N ASP B 111 25.84 4.00 59.20
CA ASP B 111 24.43 4.40 59.15
C ASP B 111 24.18 5.08 57.81
N TRP B 112 23.86 4.28 56.80
CA TRP B 112 23.83 4.81 55.43
C TRP B 112 22.77 5.88 55.29
N ASN B 113 21.71 5.73 56.09
CA ASN B 113 20.64 6.68 56.03
C ASN B 113 21.10 8.12 56.32
N SER B 114 22.20 8.30 57.05
CA SER B 114 22.75 9.65 57.20
C SER B 114 24.06 9.84 56.40
N VAL B 115 24.86 8.79 56.25
CA VAL B 115 26.20 8.93 55.63
C VAL B 115 26.19 8.90 54.11
N LEU B 116 25.20 8.23 53.53
CA LEU B 116 25.17 8.15 52.05
C LEU B 116 24.54 9.42 51.51
N LEU B 117 25.31 10.17 50.74
CA LEU B 117 24.76 11.38 50.16
C LEU B 117 24.12 11.10 48.79
N GLY B 118 24.84 10.41 47.92
CA GLY B 118 24.38 10.23 46.57
C GLY B 118 25.16 9.09 45.89
N THR B 119 24.68 8.65 44.73
CA THR B 119 25.35 7.63 43.98
C THR B 119 24.98 7.89 42.52
N PHE B 120 25.85 7.49 41.60
CA PHE B 120 25.47 7.48 40.20
C PHE B 120 26.20 6.36 39.47
N TYR B 121 25.64 5.92 38.35
CA TYR B 121 26.31 4.93 37.52
C TYR B 121 26.88 5.66 36.34
N ILE B 122 27.87 5.03 35.73
CA ILE B 122 28.41 5.44 34.45
C ILE B 122 28.61 4.17 33.57
N LYS B 123 28.05 4.22 32.38
CA LYS B 123 28.09 3.06 31.47
C LYS B 123 28.00 3.55 30.03
N PRO B 124 28.35 2.70 29.07
CA PRO B 124 28.17 3.16 27.69
C PRO B 124 26.68 3.38 27.41
N ASN B 125 26.36 4.45 26.71
CA ASN B 125 24.99 4.72 26.30
C ASN B 125 24.49 3.89 25.11
N TYR B 126 25.45 3.33 24.34
CA TYR B 126 25.17 2.61 23.11
C TYR B 126 26.09 1.41 22.96
N ALA B 127 25.77 0.60 21.97
CA ALA B 127 26.63 -0.51 21.55
C ALA B 127 28.00 0.03 21.02
N PRO B 128 29.04 -0.84 20.95
CA PRO B 128 30.48 -0.57 20.73
C PRO B 128 30.92 0.57 19.80
N ARG B 129 30.33 0.75 18.61
CA ARG B 129 30.87 1.80 17.73
C ARG B 129 30.61 3.18 18.25
N CYS B 130 29.63 3.28 19.14
CA CYS B 130 29.27 4.56 19.72
C CYS B 130 29.44 4.50 21.24
N SER B 131 30.24 3.57 21.76
CA SER B 131 30.34 3.38 23.20
C SER B 131 31.27 4.38 23.89
N HIS B 132 31.85 5.31 23.13
CA HIS B 132 32.60 6.40 23.76
C HIS B 132 31.66 7.50 24.29
N ASN B 133 30.36 7.34 24.03
CA ASN B 133 29.34 8.14 24.72
C ASN B 133 28.86 7.42 25.98
N CYS B 134 29.00 8.04 27.15
CA CYS B 134 28.56 7.39 28.36
C CYS B 134 27.24 8.02 28.80
N ASN B 135 26.50 7.19 29.53
CA ASN B 135 25.25 7.58 30.18
C ASN B 135 25.49 7.51 31.67
N ALA B 136 24.71 8.29 32.40
CA ALA B 136 24.73 8.33 33.83
C ALA B 136 23.31 8.58 34.41
N GLY B 137 23.03 7.95 35.53
CA GLY B 137 21.87 8.23 36.31
C GLY B 137 22.30 8.47 37.76
N PHE B 138 21.63 9.45 38.37
CA PHE B 138 21.98 9.93 39.70
C PHE B 138 20.90 9.69 40.70
N LEU B 139 21.29 9.61 41.97
CA LEU B 139 20.35 9.46 43.09
C LEU B 139 20.89 10.25 44.24
N VAL B 140 20.02 11.07 44.84
CA VAL B 140 20.35 11.79 46.05
C VAL B 140 19.53 11.17 47.21
N ASN B 141 20.19 10.82 48.31
CA ASN B 141 19.46 10.45 49.47
C ASN B 141 18.46 11.58 49.91
N GLY B 142 17.18 11.25 50.04
CA GLY B 142 16.16 12.24 50.33
C GLY B 142 16.43 13.09 51.57
N ALA B 143 17.07 12.49 52.56
CA ALA B 143 17.45 13.16 53.78
C ALA B 143 18.47 14.28 53.52
N HIS B 144 19.16 14.22 52.38
CA HIS B 144 20.12 15.26 52.05
C HIS B 144 19.66 16.10 50.88
N ARG B 145 18.35 16.20 50.72
CA ARG B 145 17.87 17.19 49.77
C ARG B 145 18.15 18.61 50.28
N GLY B 146 18.27 19.56 49.36
CA GLY B 146 18.38 20.97 49.73
C GLY B 146 19.79 21.36 50.10
N GLN B 147 20.78 20.49 49.83
CA GLN B 147 22.21 20.75 50.12
C GLN B 147 23.05 20.76 48.87
N LYS B 148 22.41 20.83 47.72
CA LYS B 148 23.10 20.88 46.44
C LYS B 148 24.03 19.67 46.21
N VAL B 149 23.61 18.50 46.69
CA VAL B 149 24.38 17.29 46.51
C VAL B 149 24.47 16.90 45.03
N GLY B 150 23.37 17.02 44.27
CA GLY B 150 23.35 16.72 42.85
C GLY B 150 24.44 17.44 42.06
N TYR B 151 24.59 18.73 42.34
CA TYR B 151 25.61 19.54 41.67
C TYR B 151 26.98 18.95 41.93
N ARG B 152 27.21 18.55 43.17
CA ARG B 152 28.50 17.93 43.46
C ARG B 152 28.70 16.60 42.76
N LEU B 153 27.68 15.75 42.77
CA LEU B 153 27.75 14.49 42.05
C LEU B 153 28.11 14.74 40.60
N ALA B 154 27.44 15.71 39.99
CA ALA B 154 27.72 16.06 38.62
C ALA B 154 29.19 16.45 38.44
N GLN B 155 29.79 17.10 39.44
CA GLN B 155 31.22 17.49 39.32
C GLN B 155 32.13 16.26 39.44
N VAL B 156 31.80 15.35 40.35
CA VAL B 156 32.52 14.12 40.38
C VAL B 156 32.45 13.42 39.01
N TYR B 157 31.29 13.42 38.37
CA TYR B 157 31.11 12.80 37.06
C TYR B 157 32.00 13.44 35.99
N LEU B 158 32.02 14.75 35.96
CA LEU B 158 32.91 15.40 34.97
C LEU B 158 34.37 15.03 35.24
N ASN B 159 34.75 14.88 36.50
CA ASN B 159 36.14 14.51 36.76
C ASN B 159 36.47 13.09 36.34
N TRP B 160 35.51 12.15 36.44
CA TRP B 160 35.87 10.74 36.40
C TRP B 160 35.47 10.05 35.11
N ALA B 161 34.44 10.53 34.44
CA ALA B 161 34.00 9.79 33.25
C ALA B 161 35.10 9.69 32.16
N PRO B 162 35.81 10.81 31.89
CA PRO B 162 36.85 10.79 30.85
C PRO B 162 37.99 9.85 31.24
N LEU B 163 38.23 9.67 32.54
CA LEU B 163 39.31 8.80 33.02
C LEU B 163 39.06 7.36 32.63
N LEU B 164 37.79 7.02 32.38
CA LEU B 164 37.40 5.66 32.01
C LEU B 164 37.49 5.49 30.53
N GLY B 165 37.66 6.62 29.85
CA GLY B 165 37.88 6.64 28.43
C GLY B 165 36.76 7.26 27.59
N TYR B 166 35.66 7.71 28.22
CA TYR B 166 34.52 8.28 27.49
C TYR B 166 34.89 9.64 26.98
N LYS B 167 34.30 10.04 25.86
CA LYS B 167 34.61 11.32 25.25
C LYS B 167 33.41 12.26 25.19
N TYR B 168 32.22 11.71 25.38
CA TYR B 168 31.00 12.52 25.30
C TYR B 168 29.95 11.89 26.20
N SER B 169 29.15 12.74 26.86
CA SER B 169 28.13 12.35 27.83
C SER B 169 26.74 12.53 27.24
N ILE B 170 25.83 11.58 27.47
CA ILE B 170 24.46 11.69 26.98
C ILE B 170 23.47 11.33 28.07
N PHE B 171 22.54 12.24 28.37
CA PHE B 171 21.39 11.85 29.18
C PHE B 171 20.17 11.77 28.27
N ASN B 172 19.53 10.62 28.25
CA ASN B 172 18.49 10.39 27.27
C ASN B 172 17.17 11.06 27.59
N LEU B 173 16.84 11.10 28.88
CA LEU B 173 15.57 11.57 29.36
C LEU B 173 15.69 12.38 30.66
N VAL B 174 15.89 13.69 30.57
CA VAL B 174 15.72 14.56 31.75
C VAL B 174 14.41 15.29 31.61
N PHE B 175 13.38 14.82 32.35
CA PHE B 175 12.05 15.35 32.17
C PHE B 175 12.08 16.83 32.53
N VAL B 176 11.34 17.65 31.75
CA VAL B 176 11.35 19.09 31.92
C VAL B 176 10.88 19.49 33.32
N THR B 177 10.18 18.60 34.01
CA THR B 177 9.72 18.80 35.37
C THR B 177 10.75 18.46 36.43
N ASN B 178 11.90 17.94 36.01
CA ASN B 178 12.97 17.62 36.95
C ASN B 178 13.92 18.85 37.09
N GLN B 179 14.01 19.41 38.30
CA GLN B 179 14.78 20.63 38.60
C GLN B 179 16.27 20.48 38.37
N ALA B 180 16.73 19.25 38.26
CA ALA B 180 18.10 18.95 37.92
C ALA B 180 18.44 19.63 36.59
N SER B 181 17.45 19.74 35.70
CA SER B 181 17.69 20.37 34.40
C SER B 181 18.35 21.76 34.52
N TRP B 182 17.78 22.59 35.37
CA TRP B 182 18.20 23.99 35.46
C TRP B 182 19.09 24.27 36.67
N LYS B 183 18.97 23.45 37.70
CA LYS B 183 19.84 23.58 38.88
C LYS B 183 21.23 22.99 38.63
N ILE B 184 21.33 22.12 37.62
CA ILE B 184 22.59 21.41 37.43
C ILE B 184 23.08 21.45 36.01
N TRP B 185 22.41 20.76 35.10
CA TRP B 185 22.98 20.51 33.77
C TRP B 185 23.16 21.79 32.95
N ASP B 186 22.16 22.66 32.97
CA ASP B 186 22.26 23.94 32.31
C ASP B 186 23.45 24.73 32.88
N LYS B 187 23.66 24.65 34.20
CA LYS B 187 24.72 25.41 34.87
C LYS B 187 26.13 24.89 34.64
N LEU B 188 26.24 23.67 34.12
CA LEU B 188 27.55 23.05 33.91
C LEU B 188 27.77 22.87 32.40
N ASN B 189 27.05 23.70 31.66
CA ASN B 189 27.14 23.73 30.22
C ASN B 189 27.06 22.37 29.61
N PHE B 190 26.12 21.59 30.10
CA PHE B 190 25.58 20.51 29.28
C PHE B 190 24.64 21.18 28.26
N GLN B 191 24.91 20.98 26.97
CA GLN B 191 24.00 21.46 25.92
C GLN B 191 22.72 20.62 25.91
N ARG B 192 21.63 21.28 25.61
CA ARG B 192 20.40 20.59 25.29
C ARG B 192 20.48 20.24 23.83
N ILE B 193 20.85 19.02 23.52
CA ILE B 193 21.01 18.63 22.13
C ILE B 193 19.77 18.02 21.51
N GLY B 194 18.69 17.86 22.29
CA GLY B 194 17.45 17.35 21.76
C GLY B 194 16.28 17.52 22.69
N LEU B 195 15.07 17.34 22.18
CA LEU B 195 13.91 17.37 23.04
C LEU B 195 12.92 16.31 22.57
N VAL B 196 12.52 15.43 23.46
CA VAL B 196 11.48 14.47 23.16
C VAL B 196 10.13 14.92 23.69
N PRO B 197 9.23 15.30 22.78
CA PRO B 197 7.92 15.80 23.22
C PRO B 197 7.03 14.69 23.80
N HIS B 198 6.39 14.97 24.92
CA HIS B 198 5.46 14.03 25.59
C HIS B 198 6.11 12.70 25.94
N ALA B 199 7.41 12.73 26.17
CA ALA B 199 8.23 11.55 26.42
C ALA B 199 7.68 10.62 27.50
N GLY B 200 7.22 11.16 28.63
CA GLY B 200 6.99 10.31 29.76
C GLY B 200 5.63 10.47 30.42
N ILE B 201 5.13 9.37 30.92
CA ILE B 201 3.95 9.38 31.75
C ILE B 201 4.43 9.30 33.20
N LEU B 202 4.35 10.44 33.88
CA LEU B 202 4.90 10.60 35.21
C LEU B 202 3.80 10.76 36.26
N ASN B 203 4.07 10.21 37.42
CA ASN B 203 3.17 10.28 38.55
C ASN B 203 2.83 11.72 38.97
N GLY B 204 1.56 12.03 39.16
CA GLY B 204 1.15 13.38 39.53
C GLY B 204 1.06 14.39 38.39
N PHE B 205 1.30 13.96 37.14
CA PHE B 205 1.06 14.83 35.99
C PHE B 205 0.07 14.16 35.07
N SER B 206 -0.97 14.89 34.68
CA SER B 206 -2.02 14.36 33.80
C SER B 206 -1.50 14.26 32.37
N GLU B 207 -0.86 15.32 31.90
CA GLU B 207 -0.32 15.31 30.55
C GLU B 207 1.06 14.62 30.54
N PRO B 208 1.36 13.92 29.45
CA PRO B 208 2.73 13.40 29.30
C PRO B 208 3.72 14.53 29.35
N VAL B 209 4.90 14.26 29.87
CA VAL B 209 5.93 15.26 30.11
C VAL B 209 7.09 15.18 29.12
N ASP B 210 7.51 16.33 28.60
CA ASP B 210 8.61 16.43 27.65
C ASP B 210 9.91 16.07 28.36
N ALA B 211 10.86 15.53 27.59
CA ALA B 211 12.15 15.17 28.11
C ALA B 211 13.31 15.76 27.28
N ILE B 212 14.26 16.37 27.99
CA ILE B 212 15.44 16.94 27.40
C ILE B 212 16.50 15.86 27.24
N ILE B 213 17.16 15.88 26.09
CA ILE B 213 18.34 15.10 25.84
C ILE B 213 19.53 16.01 26.01
N TYR B 214 20.36 15.67 27.00
CA TYR B 214 21.55 16.44 27.31
C TYR B 214 22.84 15.78 26.84
N GLY B 215 23.73 16.57 26.25
CA GLY B 215 25.02 16.10 25.81
C GLY B 215 26.13 17.05 26.25
N LYS B 216 27.31 16.48 26.44
CA LYS B 216 28.43 17.35 26.79
C LYS B 216 29.76 16.73 26.42
N ASP B 217 30.62 17.53 25.81
CA ASP B 217 31.95 17.08 25.39
C ASP B 217 32.85 16.85 26.62
N LEU B 218 33.28 15.61 26.84
CA LEU B 218 34.07 15.29 28.02
C LEU B 218 35.59 15.48 27.85
N THR B 219 36.03 15.82 26.65
CA THR B 219 37.45 16.09 26.43
C THR B 219 37.77 17.58 26.59
N LYS B 220 36.75 18.43 26.71
CA LYS B 220 36.97 19.89 26.76
C LYS B 220 36.05 20.53 27.81
N ILE B 221 36.34 20.32 29.08
CA ILE B 221 35.45 20.69 30.15
C ILE B 221 36.06 21.89 30.86
N GLU B 222 35.23 22.92 31.01
CA GLU B 222 35.54 24.12 31.78
C GLU B 222 36.14 23.75 33.12
N PRO B 223 37.38 24.20 33.36
CA PRO B 223 38.11 23.82 34.58
C PRO B 223 37.47 24.35 35.87
N GLU B 224 36.68 25.42 35.79
CA GLU B 224 36.03 25.89 37.02
C GLU B 224 34.98 24.88 37.50
N PHE B 225 34.50 24.03 36.56
CA PHE B 225 33.48 23.02 36.84
C PHE B 225 34.14 21.75 37.36
N LEU B 226 35.39 21.55 36.97
CA LEU B 226 36.14 20.41 37.45
C LEU B 226 36.57 20.65 38.87
N SER B 227 36.81 21.90 39.22
CA SER B 227 37.31 22.23 40.55
C SER B 227 36.25 22.12 41.61
N MET B 228 36.54 21.37 42.67
CA MET B 228 35.58 21.15 43.72
C MET B 228 35.73 22.20 44.83
N GLU B 229 36.61 23.17 44.60
CA GLU B 229 36.74 24.33 45.46
C GLU B 229 35.54 25.29 45.20
N SER C 5 -37.03 15.67 -27.71
CA SER C 5 -36.10 15.74 -26.57
C SER C 5 -36.24 14.57 -25.57
N ILE C 6 -35.12 14.07 -25.07
CA ILE C 6 -35.19 13.02 -24.04
C ILE C 6 -34.42 13.38 -22.76
N GLU C 7 -34.17 14.67 -22.56
CA GLU C 7 -33.49 15.09 -21.37
C GLU C 7 -34.22 14.54 -20.13
N TRP C 8 -35.54 14.52 -20.13
CA TRP C 8 -36.31 14.13 -18.94
C TRP C 8 -36.12 12.68 -18.52
N LYS C 9 -35.51 11.86 -19.37
CA LYS C 9 -35.26 10.48 -18.95
C LYS C 9 -33.80 10.06 -18.94
N LEU C 10 -32.89 11.04 -19.00
CA LEU C 10 -31.44 10.77 -19.04
C LEU C 10 -30.89 10.56 -17.61
N THR C 11 -30.29 9.39 -17.38
CA THR C 11 -29.70 9.09 -16.09
C THR C 11 -28.55 10.08 -15.82
N ALA C 12 -28.02 10.67 -16.89
CA ALA C 12 -27.01 11.70 -16.78
C ALA C 12 -27.51 12.86 -15.88
N ASN C 13 -28.81 13.10 -15.85
CA ASN C 13 -29.36 14.21 -15.06
C ASN C 13 -29.81 13.76 -13.64
N LEU C 14 -29.31 12.60 -13.20
CA LEU C 14 -29.69 12.12 -11.90
C LEU C 14 -29.02 13.00 -10.84
N ARG C 15 -29.82 13.53 -9.93
CA ARG C 15 -29.35 14.37 -8.83
C ARG C 15 -29.23 13.57 -7.54
N ASN C 16 -28.22 13.91 -6.74
CA ASN C 16 -28.05 13.35 -5.41
C ASN C 16 -28.14 11.83 -5.34
N GLY C 17 -27.64 11.14 -6.36
CA GLY C 17 -27.61 9.68 -6.32
C GLY C 17 -26.29 9.17 -5.75
N PRO C 18 -25.94 7.92 -6.06
CA PRO C 18 -24.78 7.25 -5.47
C PRO C 18 -23.49 7.91 -5.90
N THR C 19 -22.50 7.96 -5.01
CA THR C 19 -21.25 8.67 -5.28
C THR C 19 -20.22 7.81 -5.98
N PHE C 20 -20.20 6.53 -5.67
CA PHE C 20 -19.10 5.68 -6.16
C PHE C 20 -19.50 4.82 -7.34
N PHE C 21 -20.77 4.83 -7.70
CA PHE C 21 -21.21 3.99 -8.79
C PHE C 21 -22.04 4.76 -9.82
N GLN C 22 -21.76 4.49 -11.09
CA GLN C 22 -22.41 5.14 -12.25
C GLN C 22 -23.68 4.39 -12.62
N PRO C 23 -24.62 5.07 -13.32
CA PRO C 23 -25.84 4.37 -13.75
C PRO C 23 -25.48 3.34 -14.84
N LEU C 24 -26.24 2.24 -14.90
CA LEU C 24 -25.96 1.15 -15.82
C LEU C 24 -26.57 1.37 -17.21
N ALA C 25 -27.35 2.45 -17.34
CA ALA C 25 -28.02 2.79 -18.58
C ALA C 25 -28.03 4.29 -18.74
N ASP C 26 -28.16 4.72 -19.98
CA ASP C 26 -28.08 6.12 -20.34
C ASP C 26 -29.42 6.77 -20.18
N SER C 27 -30.46 5.96 -20.21
CA SER C 27 -31.80 6.47 -20.08
C SER C 27 -32.66 5.46 -19.38
N ILE C 28 -33.81 5.94 -18.94
CA ILE C 28 -34.82 5.07 -18.39
C ILE C 28 -36.08 5.29 -19.22
N GLU C 29 -36.46 4.25 -19.97
CA GLU C 29 -37.66 4.32 -20.80
C GLU C 29 -38.90 3.93 -19.98
N PRO C 30 -40.03 4.61 -20.24
CA PRO C 30 -41.28 4.35 -19.50
C PRO C 30 -41.65 2.89 -19.64
N LEU C 31 -42.16 2.32 -18.56
CA LEU C 31 -42.42 0.90 -18.50
C LEU C 31 -43.93 0.72 -18.47
N GLN C 32 -44.44 -0.04 -19.44
CA GLN C 32 -45.87 -0.24 -19.61
C GLN C 32 -46.24 -1.64 -19.20
N PHE C 33 -47.36 -1.79 -18.51
CA PHE C 33 -47.81 -3.10 -18.11
C PHE C 33 -49.27 -3.04 -17.75
N LYS C 34 -49.81 -4.19 -17.38
CA LYS C 34 -51.21 -4.22 -16.97
C LYS C 34 -51.33 -4.42 -15.47
N LEU C 35 -52.36 -3.82 -14.87
CA LEU C 35 -52.68 -4.08 -13.48
C LEU C 35 -52.85 -5.58 -13.36
N ILE C 36 -52.56 -6.12 -12.18
CA ILE C 36 -52.66 -7.56 -12.01
C ILE C 36 -54.14 -7.96 -12.12
N GLY C 37 -54.36 -9.11 -12.75
CA GLY C 37 -55.68 -9.69 -12.96
C GLY C 37 -56.56 -8.80 -13.79
N SER C 38 -56.01 -8.20 -14.82
CA SER C 38 -56.73 -7.15 -15.53
C SER C 38 -56.07 -6.74 -16.83
N ASP C 39 -56.86 -6.04 -17.64
CA ASP C 39 -56.43 -5.57 -18.94
C ASP C 39 -56.26 -4.05 -18.94
N THR C 40 -56.46 -3.43 -17.77
CA THR C 40 -56.14 -2.01 -17.59
C THR C 40 -54.63 -1.75 -17.76
N VAL C 41 -54.28 -0.86 -18.69
CA VAL C 41 -52.87 -0.52 -18.93
C VAL C 41 -52.41 0.63 -18.05
N ALA C 42 -51.20 0.46 -17.54
CA ALA C 42 -50.50 1.48 -16.74
C ALA C 42 -49.08 1.70 -17.23
N THR C 43 -48.59 2.91 -16.99
CA THR C 43 -47.26 3.29 -17.41
C THR C 43 -46.47 3.99 -16.28
N ALA C 44 -45.29 3.44 -16.00
CA ALA C 44 -44.38 4.02 -15.02
C ALA C 44 -43.48 5.04 -15.74
N PHE C 45 -43.35 6.23 -15.16
CA PHE C 45 -42.51 7.29 -15.69
C PHE C 45 -41.40 7.72 -14.74
N PRO C 46 -40.18 7.83 -15.26
CA PRO C 46 -39.06 8.34 -14.45
C PRO C 46 -39.19 9.85 -14.22
N VAL C 47 -38.78 10.35 -13.06
CA VAL C 47 -38.79 11.80 -12.77
C VAL C 47 -37.41 12.16 -12.20
N PHE C 48 -36.58 12.78 -13.03
CA PHE C 48 -35.28 13.20 -12.59
C PHE C 48 -35.36 14.62 -12.03
N ASP C 49 -36.40 15.35 -12.44
CA ASP C 49 -36.57 16.75 -12.06
C ASP C 49 -38.04 17.07 -12.21
N THR C 50 -38.62 17.81 -11.26
CA THR C 50 -40.03 18.17 -11.27
C THR C 50 -40.40 19.10 -12.40
N LYS C 51 -39.40 19.78 -12.96
CA LYS C 51 -39.67 20.67 -14.05
C LYS C 51 -40.17 19.90 -15.28
N TYR C 52 -39.97 18.59 -15.27
CA TYR C 52 -40.40 17.79 -16.42
C TYR C 52 -41.79 17.19 -16.23
N ILE C 53 -42.48 17.54 -15.15
CA ILE C 53 -43.86 17.05 -14.96
C ILE C 53 -44.82 18.19 -14.62
N PRO C 54 -46.09 18.01 -14.99
CA PRO C 54 -47.16 19.01 -14.82
C PRO C 54 -47.22 19.52 -13.39
N ASP C 55 -47.36 20.82 -13.18
CA ASP C 55 -47.53 21.37 -11.83
C ASP C 55 -48.69 20.70 -11.06
N SER C 56 -49.79 20.44 -11.76
CA SER C 56 -51.00 19.90 -11.12
C SER C 56 -50.79 18.47 -10.61
N LEU C 57 -49.85 17.76 -11.22
CA LEU C 57 -49.54 16.41 -10.73
C LEU C 57 -48.71 16.57 -9.44
N ILE C 58 -47.68 17.43 -9.51
CA ILE C 58 -46.92 17.76 -8.30
C ILE C 58 -47.87 18.18 -7.18
N ASN C 59 -48.80 19.09 -7.48
CA ASN C 59 -49.76 19.56 -6.45
C ASN C 59 -50.74 18.48 -5.95
N TYR C 60 -51.14 17.58 -6.83
CA TYR C 60 -51.89 16.43 -6.35
C TYR C 60 -51.06 15.53 -5.40
N LEU C 61 -49.83 15.23 -5.80
CA LEU C 61 -48.94 14.39 -4.98
C LEU C 61 -48.68 14.99 -3.62
N PHE C 62 -48.50 16.30 -3.56
CA PHE C 62 -48.27 16.97 -2.28
C PHE C 62 -49.43 16.69 -1.33
N LYS C 63 -50.66 16.80 -1.83
CA LYS C 63 -51.80 16.55 -0.96
C LYS C 63 -51.91 15.06 -0.64
N LEU C 64 -51.65 14.21 -1.63
CA LEU C 64 -51.70 12.76 -1.40
C LEU C 64 -50.80 12.32 -0.24
N PHE C 65 -49.55 12.71 -0.29
CA PHE C 65 -48.62 12.36 0.78
C PHE C 65 -49.05 12.92 2.14
N ASN C 66 -49.50 14.17 2.18
CA ASN C 66 -50.03 14.72 3.41
C ASN C 66 -51.24 13.97 3.95
N LEU C 67 -52.07 13.38 3.10
CA LEU C 67 -53.13 12.51 3.60
C LEU C 67 -52.52 11.27 4.26
N GLU C 68 -51.47 10.70 3.66
CA GLU C 68 -50.80 9.54 4.23
C GLU C 68 -50.20 9.88 5.62
N ILE C 69 -49.65 11.09 5.76
CA ILE C 69 -49.04 11.47 7.03
C ILE C 69 -50.09 11.65 8.12
N GLU C 70 -51.22 12.25 7.77
CA GLU C 70 -52.28 12.47 8.76
C GLU C 70 -52.89 11.15 9.22
N SER C 71 -52.90 10.14 8.35
CA SER C 71 -53.43 8.85 8.76
C SER C 71 -52.57 8.27 9.92
N GLY C 72 -51.31 8.72 10.00
CA GLY C 72 -50.45 8.45 11.15
C GLY C 72 -50.08 7.00 11.36
N LYS C 73 -50.14 6.18 10.29
CA LYS C 73 -49.99 4.72 10.39
C LYS C 73 -48.81 4.09 9.61
N THR C 74 -48.21 4.84 8.70
CA THR C 74 -47.23 4.21 7.81
C THR C 74 -45.92 4.96 7.77
N TYR C 75 -45.98 6.28 7.92
CA TYR C 75 -44.79 7.12 7.86
C TYR C 75 -44.45 7.71 9.23
N PRO C 76 -43.17 7.99 9.45
CA PRO C 76 -42.79 8.43 10.78
C PRO C 76 -43.10 9.90 11.00
N GLN C 77 -43.44 10.63 9.95
CA GLN C 77 -43.72 12.06 10.09
C GLN C 77 -44.98 12.23 10.89
N LEU C 78 -45.10 13.36 11.59
CA LEU C 78 -46.28 13.58 12.40
C LEU C 78 -47.09 14.69 11.79
N HIS C 79 -46.41 15.71 11.30
CA HIS C 79 -47.06 16.90 10.73
C HIS C 79 -47.04 16.91 9.21
N SER C 80 -47.98 17.62 8.63
CA SER C 80 -48.06 17.75 7.19
C SER C 80 -46.88 18.58 6.69
N LEU C 81 -46.44 18.36 5.45
CA LEU C 81 -45.32 19.12 4.93
C LEU C 81 -45.81 20.38 4.27
N THR C 82 -44.98 21.39 4.21
CA THR C 82 -45.22 22.52 3.29
C THR C 82 -44.88 22.09 1.87
N LYS C 83 -45.34 22.87 0.92
CA LYS C 83 -45.10 22.54 -0.45
C LYS C 83 -43.59 22.36 -0.63
N GLN C 84 -42.79 23.29 -0.12
CA GLN C 84 -41.34 23.21 -0.37
C GLN C 84 -40.71 22.04 0.38
N GLY C 85 -41.22 21.74 1.58
CA GLY C 85 -40.79 20.52 2.29
C GLY C 85 -41.03 19.26 1.48
N PHE C 86 -42.20 19.18 0.86
CA PHE C 86 -42.58 17.99 0.13
C PHE C 86 -41.68 17.84 -1.11
N LEU C 87 -41.32 18.96 -1.69
CA LEU C 87 -40.49 18.93 -2.89
C LEU C 87 -39.10 18.45 -2.58
N ASN C 88 -38.54 18.96 -1.50
CA ASN C 88 -37.24 18.54 -1.03
C ASN C 88 -37.23 17.12 -0.53
N TYR C 89 -38.36 16.64 -0.04
CA TYR C 89 -38.44 15.30 0.52
C TYR C 89 -38.63 14.25 -0.62
N TRP C 90 -39.73 14.41 -1.38
CA TRP C 90 -40.13 13.40 -2.34
C TRP C 90 -39.15 13.41 -3.52
N PHE C 91 -38.65 14.59 -3.90
CA PHE C 91 -37.82 14.72 -5.12
C PHE C 91 -36.37 15.04 -4.87
N HIS C 92 -35.87 14.61 -3.72
CA HIS C 92 -34.50 14.89 -3.39
C HIS C 92 -33.56 14.30 -4.47
N SER C 93 -33.85 13.09 -4.92
CA SER C 93 -32.98 12.46 -5.91
C SER C 93 -33.86 12.06 -7.09
N PHE C 94 -34.46 10.89 -6.99
CA PHE C 94 -35.20 10.34 -8.11
C PHE C 94 -36.59 10.02 -7.63
N ALA C 95 -37.55 10.07 -8.54
CA ALA C 95 -38.87 9.54 -8.23
C ALA C 95 -39.57 8.93 -9.45
N VAL C 96 -40.70 8.27 -9.19
CA VAL C 96 -41.47 7.58 -10.21
C VAL C 96 -42.94 7.88 -10.04
N VAL C 97 -43.60 8.15 -11.16
CA VAL C 97 -45.08 8.23 -11.18
C VAL C 97 -45.65 7.13 -12.10
N VAL C 98 -46.69 6.49 -11.60
CA VAL C 98 -47.37 5.46 -12.34
C VAL C 98 -48.78 5.92 -12.65
N LEU C 99 -49.03 6.06 -13.95
CA LEU C 99 -50.32 6.52 -14.43
C LEU C 99 -51.13 5.43 -15.13
N GLN C 100 -52.45 5.62 -15.10
CA GLN C 100 -53.40 4.78 -15.84
C GLN C 100 -53.50 5.33 -17.25
N THR C 101 -52.62 4.87 -18.13
CA THR C 101 -52.58 5.34 -19.50
C THR C 101 -51.67 4.44 -20.34
N ASP C 102 -51.82 4.54 -21.64
CA ASP C 102 -50.94 3.87 -22.58
C ASP C 102 -50.09 4.90 -23.34
N GLU C 103 -50.20 6.19 -22.99
CA GLU C 103 -49.32 7.16 -23.61
C GLU C 103 -47.90 7.01 -23.04
N LYS C 104 -46.89 7.29 -23.86
CA LYS C 104 -45.49 7.14 -23.43
C LYS C 104 -44.91 8.50 -23.03
N PHE C 105 -45.79 9.45 -22.74
CA PHE C 105 -45.37 10.75 -22.25
C PHE C 105 -46.42 11.16 -21.25
N ILE C 106 -46.09 12.13 -20.41
CA ILE C 106 -47.04 12.57 -19.41
C ILE C 106 -47.86 13.73 -19.93
N GLN C 107 -49.15 13.48 -20.16
CA GLN C 107 -50.06 14.48 -20.67
C GLN C 107 -50.38 15.45 -19.54
N ASP C 108 -50.41 16.75 -19.83
CA ASP C 108 -50.81 17.81 -18.87
C ASP C 108 -52.28 17.74 -18.42
N ASN C 109 -52.60 18.43 -17.33
CA ASN C 109 -53.95 18.48 -16.73
C ASN C 109 -54.93 17.27 -16.88
N GLN C 110 -54.60 16.14 -16.27
CA GLN C 110 -55.48 14.98 -16.34
C GLN C 110 -56.25 15.02 -15.07
N ASP C 111 -57.19 14.10 -14.91
CA ASP C 111 -57.89 13.97 -13.65
C ASP C 111 -56.99 13.13 -12.77
N TRP C 112 -56.07 13.75 -12.06
CA TRP C 112 -55.07 12.96 -11.31
C TRP C 112 -55.75 11.98 -10.34
N ASN C 113 -56.90 12.37 -9.83
CA ASN C 113 -57.55 11.57 -8.83
C ASN C 113 -58.00 10.20 -9.34
N SER C 114 -58.07 10.04 -10.65
CA SER C 114 -58.34 8.73 -11.21
C SER C 114 -57.10 8.21 -12.00
N VAL C 115 -56.35 9.11 -12.63
CA VAL C 115 -55.25 8.65 -13.48
C VAL C 115 -54.02 8.19 -12.68
N LEU C 116 -53.73 8.88 -11.58
CA LEU C 116 -52.55 8.61 -10.76
C LEU C 116 -52.79 7.37 -9.92
N LEU C 117 -52.00 6.34 -10.17
CA LEU C 117 -52.13 5.08 -9.43
C LEU C 117 -51.22 5.11 -8.21
N GLY C 118 -49.95 5.46 -8.45
CA GLY C 118 -48.99 5.54 -7.37
C GLY C 118 -47.71 6.28 -7.73
N THR C 119 -46.87 6.46 -6.74
CA THR C 119 -45.62 7.20 -6.86
C THR C 119 -44.64 6.63 -5.81
N PHE C 120 -43.35 6.73 -6.11
CA PHE C 120 -42.34 6.38 -5.11
C PHE C 120 -41.09 7.20 -5.33
N TYR C 121 -40.31 7.39 -4.26
CA TYR C 121 -38.99 7.98 -4.41
C TYR C 121 -37.90 6.90 -4.30
N ILE C 122 -36.76 7.17 -4.91
CA ILE C 122 -35.55 6.41 -4.67
C ILE C 122 -34.41 7.39 -4.35
N LYS C 123 -33.73 7.19 -3.24
CA LYS C 123 -32.59 8.01 -2.90
C LYS C 123 -31.60 7.19 -2.09
N PRO C 124 -30.36 7.70 -1.96
CA PRO C 124 -29.39 7.04 -1.08
C PRO C 124 -29.93 6.96 0.33
N ASN C 125 -29.83 5.79 0.95
CA ASN C 125 -30.27 5.67 2.31
C ASN C 125 -29.28 6.28 3.33
N TYR C 126 -28.05 6.49 2.88
CA TYR C 126 -26.97 7.01 3.73
C TYR C 126 -26.07 7.96 3.01
N ALA C 127 -25.20 8.58 3.81
CA ALA C 127 -24.13 9.43 3.28
C ALA C 127 -23.16 8.59 2.40
N PRO C 128 -22.39 9.26 1.47
CA PRO C 128 -21.61 8.75 0.32
C PRO C 128 -20.89 7.38 0.37
N ARG C 129 -20.20 7.05 1.44
CA ARG C 129 -19.51 5.76 1.46
C ARG C 129 -20.50 4.61 1.46
N CYS C 130 -21.74 4.87 1.90
CA CYS C 130 -22.77 3.84 1.88
C CYS C 130 -23.88 4.22 0.90
N SER C 131 -23.57 5.08 -0.05
CA SER C 131 -24.66 5.58 -0.89
C SER C 131 -25.13 4.58 -1.94
N HIS C 132 -24.44 3.44 -2.08
CA HIS C 132 -24.92 2.42 -3.01
C HIS C 132 -26.15 1.70 -2.46
N ASN C 133 -26.52 2.03 -1.23
CA ASN C 133 -27.78 1.53 -0.62
C ASN C 133 -28.91 2.54 -0.82
N CYS C 134 -30.00 2.16 -1.51
CA CYS C 134 -31.09 3.13 -1.71
C CYS C 134 -32.23 2.84 -0.78
N ASN C 135 -32.94 3.91 -0.44
CA ASN C 135 -34.16 3.82 0.29
C ASN C 135 -35.27 4.22 -0.66
N ALA C 136 -36.47 3.73 -0.43
CA ALA C 136 -37.61 4.17 -1.22
C ALA C 136 -38.84 4.20 -0.36
N GLY C 137 -39.74 5.11 -0.73
CA GLY C 137 -41.01 5.26 -0.06
C GLY C 137 -42.11 5.25 -1.11
N PHE C 138 -43.25 4.65 -0.74
CA PHE C 138 -44.35 4.40 -1.67
C PHE C 138 -45.65 5.05 -1.24
N LEU C 139 -46.41 5.50 -2.23
CA LEU C 139 -47.75 6.01 -2.06
C LEU C 139 -48.68 5.44 -3.13
N VAL C 140 -49.74 4.79 -2.68
CA VAL C 140 -50.79 4.34 -3.60
C VAL C 140 -52.01 5.26 -3.47
N ASN C 141 -52.60 5.64 -4.60
CA ASN C 141 -53.79 6.51 -4.55
C ASN C 141 -54.95 5.72 -3.94
N GLY C 142 -55.66 6.31 -2.97
CA GLY C 142 -56.72 5.59 -2.26
C GLY C 142 -57.88 5.15 -3.16
N ALA C 143 -58.05 5.84 -4.30
CA ALA C 143 -59.10 5.48 -5.26
C ALA C 143 -58.70 4.26 -6.11
N HIS C 144 -57.57 3.65 -5.77
CA HIS C 144 -57.13 2.46 -6.45
C HIS C 144 -56.56 1.49 -5.41
N ARG C 145 -57.17 1.52 -4.23
CA ARG C 145 -56.90 0.54 -3.21
C ARG C 145 -57.42 -0.79 -3.76
N GLY C 146 -56.81 -1.89 -3.33
CA GLY C 146 -57.31 -3.23 -3.65
C GLY C 146 -57.02 -3.71 -5.03
N GLN C 147 -56.25 -2.94 -5.80
CA GLN C 147 -55.94 -3.30 -7.19
C GLN C 147 -54.50 -3.79 -7.38
N LYS C 148 -53.86 -4.16 -6.27
CA LYS C 148 -52.46 -4.59 -6.26
C LYS C 148 -51.52 -3.60 -6.95
N VAL C 149 -51.78 -2.30 -6.75
CA VAL C 149 -50.89 -1.31 -7.32
C VAL C 149 -49.53 -1.31 -6.57
N GLY C 150 -49.56 -1.49 -5.25
CA GLY C 150 -48.32 -1.45 -4.49
C GLY C 150 -47.31 -2.44 -5.05
N TYR C 151 -47.79 -3.61 -5.48
CA TYR C 151 -46.90 -4.70 -5.89
C TYR C 151 -46.19 -4.38 -7.21
N ARG C 152 -46.94 -3.72 -8.11
CA ARG C 152 -46.35 -3.27 -9.38
C ARG C 152 -45.33 -2.17 -9.09
N LEU C 153 -45.66 -1.24 -8.21
CA LEU C 153 -44.72 -0.16 -7.86
C LEU C 153 -43.36 -0.77 -7.53
N ALA C 154 -43.42 -1.76 -6.64
CA ALA C 154 -42.27 -2.52 -6.20
C ALA C 154 -41.54 -3.15 -7.35
N GLN C 155 -42.25 -3.78 -8.26
CA GLN C 155 -41.61 -4.40 -9.42
C GLN C 155 -40.89 -3.36 -10.28
N VAL C 156 -41.50 -2.19 -10.38
CA VAL C 156 -40.87 -1.12 -11.13
C VAL C 156 -39.58 -0.69 -10.43
N TYR C 157 -39.65 -0.63 -9.10
CA TYR C 157 -38.52 -0.29 -8.25
C TYR C 157 -37.35 -1.26 -8.50
N LEU C 158 -37.68 -2.55 -8.61
CA LEU C 158 -36.64 -3.58 -8.84
C LEU C 158 -36.03 -3.47 -10.22
N ASN C 159 -36.79 -3.02 -11.18
CA ASN C 159 -36.26 -2.76 -12.54
C ASN C 159 -35.34 -1.53 -12.62
N TRP C 160 -35.68 -0.48 -11.89
CA TRP C 160 -35.04 0.82 -12.09
C TRP C 160 -33.93 1.17 -11.09
N ALA C 161 -34.13 0.84 -9.82
CA ALA C 161 -33.15 1.17 -8.80
C ALA C 161 -31.74 0.78 -9.23
N PRO C 162 -31.53 -0.49 -9.65
CA PRO C 162 -30.21 -0.92 -10.18
C PRO C 162 -29.72 -0.10 -11.35
N LEU C 163 -30.58 0.41 -12.22
CA LEU C 163 -30.07 1.20 -13.36
C LEU C 163 -29.44 2.50 -12.89
N LEU C 164 -29.94 3.05 -11.78
CA LEU C 164 -29.38 4.29 -11.20
C LEU C 164 -28.03 4.07 -10.56
N GLY C 165 -27.67 2.80 -10.39
CA GLY C 165 -26.38 2.43 -9.86
C GLY C 165 -26.40 1.84 -8.47
N TYR C 166 -27.57 1.63 -7.89
CA TYR C 166 -27.62 1.11 -6.56
C TYR C 166 -27.38 -0.40 -6.60
N LYS C 167 -26.82 -0.94 -5.52
CA LYS C 167 -26.48 -2.37 -5.40
C LYS C 167 -27.32 -3.07 -4.33
N TYR C 168 -27.92 -2.27 -3.47
CA TYR C 168 -28.69 -2.84 -2.36
C TYR C 168 -29.79 -1.87 -1.93
N SER C 169 -30.92 -2.45 -1.52
CA SER C 169 -32.10 -1.74 -1.08
C SER C 169 -32.37 -1.92 0.40
N ILE C 170 -32.73 -0.82 1.07
CA ILE C 170 -33.02 -0.81 2.51
C ILE C 170 -34.28 0.00 2.76
N PHE C 171 -35.28 -0.63 3.40
CA PHE C 171 -36.40 0.13 4.00
C PHE C 171 -36.21 0.05 5.51
N ASN C 172 -36.09 1.23 6.13
CA ASN C 172 -35.69 1.35 7.52
C ASN C 172 -36.82 1.06 8.52
N LEU C 173 -38.05 1.32 8.09
CA LEU C 173 -39.22 1.34 8.98
C LEU C 173 -40.48 0.83 8.28
N VAL C 174 -40.58 -0.49 8.17
CA VAL C 174 -41.83 -1.07 7.75
C VAL C 174 -42.57 -1.58 8.99
N PHE C 175 -43.49 -0.77 9.50
CA PHE C 175 -44.25 -1.21 10.66
C PHE C 175 -44.94 -2.55 10.43
N VAL C 176 -44.90 -3.39 11.46
CA VAL C 176 -45.54 -4.72 11.41
C VAL C 176 -47.03 -4.65 11.07
N THR C 177 -47.65 -3.52 11.35
CA THR C 177 -49.09 -3.32 11.10
C THR C 177 -49.42 -2.91 9.69
N ASN C 178 -48.40 -2.67 8.87
CA ASN C 178 -48.57 -2.27 7.49
C ASN C 178 -48.58 -3.49 6.56
N GLN C 179 -49.73 -3.76 5.92
CA GLN C 179 -49.96 -4.93 5.06
C GLN C 179 -48.86 -5.12 4.04
N ALA C 180 -48.30 -4.00 3.58
CA ALA C 180 -47.21 -3.97 2.59
C ALA C 180 -46.04 -4.92 2.92
N SER C 181 -45.81 -5.15 4.21
CA SER C 181 -44.76 -6.06 4.66
C SER C 181 -44.94 -7.44 4.02
N TRP C 182 -46.15 -7.99 4.13
CA TRP C 182 -46.40 -9.39 3.74
C TRP C 182 -47.06 -9.49 2.38
N LYS C 183 -47.97 -8.54 2.09
CA LYS C 183 -48.59 -8.42 0.75
C LYS C 183 -47.52 -8.24 -0.35
N ILE C 184 -46.36 -7.66 -0.01
CA ILE C 184 -45.40 -7.27 -1.06
C ILE C 184 -43.95 -7.63 -0.79
N TRP C 185 -43.34 -7.06 0.25
CA TRP C 185 -41.89 -7.20 0.43
C TRP C 185 -41.47 -8.66 0.70
N ASP C 186 -42.23 -9.38 1.54
CA ASP C 186 -42.01 -10.82 1.73
C ASP C 186 -42.15 -11.57 0.41
N LYS C 187 -43.27 -11.35 -0.28
CA LYS C 187 -43.55 -12.01 -1.58
C LYS C 187 -42.45 -11.84 -2.64
N LEU C 188 -41.84 -10.67 -2.65
CA LEU C 188 -40.78 -10.36 -3.60
C LEU C 188 -39.39 -10.65 -3.03
N ASN C 189 -39.34 -11.42 -1.95
CA ASN C 189 -38.06 -11.88 -1.40
C ASN C 189 -37.16 -10.74 -0.92
N PHE C 190 -37.76 -9.76 -0.26
CA PHE C 190 -36.99 -8.79 0.52
C PHE C 190 -36.67 -9.46 1.87
N GLN C 191 -35.39 -9.49 2.23
CA GLN C 191 -34.99 -10.08 3.50
C GLN C 191 -35.34 -9.17 4.68
N ARG C 192 -35.88 -9.77 5.74
CA ARG C 192 -36.05 -9.05 7.00
C ARG C 192 -34.71 -9.04 7.67
N ILE C 193 -33.97 -7.96 7.52
CA ILE C 193 -32.58 -7.99 7.97
C ILE C 193 -32.45 -7.43 9.35
N GLY C 194 -33.54 -6.97 9.92
CA GLY C 194 -33.47 -6.50 11.28
C GLY C 194 -34.83 -6.22 11.76
N LEU C 195 -34.97 -6.04 13.06
CA LEU C 195 -36.24 -5.66 13.66
C LEU C 195 -35.99 -4.61 14.75
N VAL C 196 -36.66 -3.46 14.64
CA VAL C 196 -36.65 -2.45 15.68
C VAL C 196 -37.91 -2.52 16.56
N PRO C 197 -37.73 -2.94 17.85
CA PRO C 197 -38.88 -3.10 18.74
C PRO C 197 -39.50 -1.77 19.13
N HIS C 198 -40.82 -1.71 19.11
CA HIS C 198 -41.55 -0.53 19.63
C HIS C 198 -41.14 0.73 18.89
N ALA C 199 -40.84 0.58 17.61
CA ALA C 199 -40.25 1.65 16.80
C ALA C 199 -41.06 2.91 16.81
N GLY C 200 -42.36 2.79 16.56
CA GLY C 200 -43.21 3.93 16.31
C GLY C 200 -44.50 4.04 17.14
N ILE C 201 -44.89 5.29 17.32
CA ILE C 201 -46.16 5.69 17.87
C ILE C 201 -47.05 6.11 16.73
N LEU C 202 -48.01 5.24 16.45
CA LEU C 202 -48.92 5.40 15.35
C LEU C 202 -50.33 5.73 15.84
N ASN C 203 -50.98 6.58 15.08
CA ASN C 203 -52.39 6.90 15.20
C ASN C 203 -53.23 5.62 15.23
N GLY C 204 -53.99 5.46 16.32
CA GLY C 204 -54.92 4.33 16.44
C GLY C 204 -54.39 3.12 17.18
N PHE C 205 -53.20 3.24 17.74
CA PHE C 205 -52.59 2.14 18.50
C PHE C 205 -52.05 2.66 19.81
N SER C 206 -52.43 2.02 20.90
CA SER C 206 -52.06 2.55 22.23
C SER C 206 -50.63 2.16 22.51
N GLU C 207 -50.23 0.99 22.07
CA GLU C 207 -48.88 0.51 22.29
C GLU C 207 -47.99 0.83 21.08
N PRO C 208 -46.70 1.11 21.34
CA PRO C 208 -45.75 1.28 20.25
C PRO C 208 -45.69 0.05 19.34
N VAL C 209 -45.42 0.30 18.06
CA VAL C 209 -45.44 -0.72 17.01
C VAL C 209 -44.03 -1.03 16.49
N ASP C 210 -43.71 -2.31 16.41
CA ASP C 210 -42.42 -2.76 15.88
C ASP C 210 -42.26 -2.37 14.42
N ALA C 211 -41.00 -2.17 14.03
CA ALA C 211 -40.61 -1.89 12.65
C ALA C 211 -39.63 -2.95 12.13
N ILE C 212 -39.91 -3.45 10.94
CA ILE C 212 -39.05 -4.38 10.25
C ILE C 212 -38.11 -3.54 9.36
N ILE C 213 -36.85 -3.97 9.33
CA ILE C 213 -35.86 -3.44 8.43
C ILE C 213 -35.72 -4.43 7.30
N TYR C 214 -35.99 -3.99 6.10
CA TYR C 214 -35.97 -4.84 4.93
C TYR C 214 -34.73 -4.57 4.08
N GLY C 215 -34.14 -5.62 3.53
CA GLY C 215 -32.98 -5.50 2.66
C GLY C 215 -33.09 -6.41 1.45
N LYS C 216 -32.43 -6.04 0.36
CA LYS C 216 -32.45 -6.85 -0.83
C LYS C 216 -31.34 -6.46 -1.79
N ASP C 217 -30.61 -7.48 -2.24
CA ASP C 217 -29.52 -7.28 -3.19
C ASP C 217 -30.10 -6.95 -4.57
N LEU C 218 -29.70 -5.81 -5.11
CA LEU C 218 -30.26 -5.35 -6.37
C LEU C 218 -29.50 -5.86 -7.59
N THR C 219 -28.34 -6.48 -7.37
CA THR C 219 -27.53 -7.12 -8.42
C THR C 219 -27.85 -8.61 -8.64
N LYS C 220 -28.73 -9.19 -7.82
CA LYS C 220 -29.13 -10.61 -7.94
C LYS C 220 -30.63 -10.74 -7.64
N ILE C 221 -31.42 -10.27 -8.60
CA ILE C 221 -32.86 -10.18 -8.46
C ILE C 221 -33.47 -11.28 -9.32
N GLU C 222 -34.44 -11.98 -8.73
CA GLU C 222 -35.15 -13.07 -9.36
C GLU C 222 -35.87 -12.55 -10.60
N PRO C 223 -35.49 -13.06 -11.80
CA PRO C 223 -36.05 -12.59 -13.08
C PRO C 223 -37.57 -12.78 -13.21
N GLU C 224 -38.17 -13.64 -12.40
CA GLU C 224 -39.63 -13.78 -12.35
C GLU C 224 -40.33 -12.50 -11.83
N PHE C 225 -39.61 -11.74 -11.00
CA PHE C 225 -40.18 -10.58 -10.32
C PHE C 225 -40.01 -9.33 -11.17
N LEU C 226 -38.97 -9.30 -11.99
CA LEU C 226 -38.75 -8.17 -12.85
C LEU C 226 -39.79 -8.14 -13.96
N SER C 227 -40.22 -9.34 -14.40
CA SER C 227 -41.21 -9.44 -15.47
C SER C 227 -42.58 -8.96 -15.02
N MET C 228 -43.20 -8.11 -15.83
CA MET C 228 -44.48 -7.50 -15.48
C MET C 228 -45.68 -8.12 -16.24
N GLU C 229 -45.51 -9.31 -16.83
CA GLU C 229 -46.65 -9.98 -17.49
C GLU C 229 -47.68 -10.37 -16.43
N SER D 5 -24.89 30.25 37.57
CA SER D 5 -25.97 29.87 36.64
C SER D 5 -25.86 28.46 36.15
N ILE D 6 -27.01 27.82 36.02
CA ILE D 6 -27.09 26.46 35.54
C ILE D 6 -27.93 26.31 34.25
N GLU D 7 -28.15 27.41 33.53
CA GLU D 7 -28.85 27.30 32.23
C GLU D 7 -28.16 26.25 31.35
N TRP D 8 -26.82 26.26 31.35
CA TRP D 8 -26.03 25.35 30.51
C TRP D 8 -26.29 23.87 30.80
N LYS D 9 -27.02 23.54 31.87
CA LYS D 9 -27.25 22.12 32.13
C LYS D 9 -28.72 21.72 32.34
N LEU D 10 -29.64 22.62 31.95
CA LEU D 10 -31.10 22.40 32.03
C LEU D 10 -31.64 21.66 30.81
N THR D 11 -32.41 20.60 31.06
CA THR D 11 -33.09 19.83 30.02
C THR D 11 -34.25 20.62 29.42
N ALA D 12 -34.63 21.71 30.07
CA ALA D 12 -35.61 22.60 29.49
C ALA D 12 -34.97 23.33 28.27
N ASN D 13 -33.68 23.14 28.07
CA ASN D 13 -33.06 23.78 26.92
C ASN D 13 -32.69 22.74 25.86
N LEU D 14 -33.24 21.53 26.00
CA LEU D 14 -32.99 20.51 25.03
C LEU D 14 -33.62 20.94 23.70
N ARG D 15 -32.81 21.01 22.64
CA ARG D 15 -33.25 21.31 21.28
C ARG D 15 -33.44 20.05 20.47
N ASN D 16 -34.46 20.04 19.62
CA ASN D 16 -34.65 18.94 18.66
C ASN D 16 -34.58 17.57 19.25
N GLY D 17 -35.15 17.39 20.42
CA GLY D 17 -35.18 16.08 21.09
C GLY D 17 -36.48 15.38 20.71
N PRO D 18 -36.84 14.31 21.45
CA PRO D 18 -37.98 13.47 21.06
C PRO D 18 -39.27 14.27 21.21
N THR D 19 -40.25 13.96 20.35
CA THR D 19 -41.46 14.77 20.30
C THR D 19 -42.47 14.34 21.39
N PHE D 20 -42.46 13.07 21.76
CA PHE D 20 -43.57 12.50 22.54
C PHE D 20 -43.21 12.24 23.99
N PHE D 21 -41.93 12.34 24.34
CA PHE D 21 -41.51 12.16 25.72
C PHE D 21 -40.70 13.30 26.25
N GLN D 22 -41.08 13.74 27.44
CA GLN D 22 -40.34 14.76 28.15
C GLN D 22 -39.12 14.13 28.86
N PRO D 23 -38.12 14.97 29.24
CA PRO D 23 -36.94 14.53 30.02
C PRO D 23 -37.35 13.94 31.37
N LEU D 24 -36.47 13.14 31.98
CA LEU D 24 -36.73 12.54 33.29
C LEU D 24 -36.05 13.32 34.40
N ALA D 25 -35.34 14.39 34.05
CA ALA D 25 -34.71 15.22 35.06
C ALA D 25 -34.68 16.66 34.61
N ASP D 26 -34.62 17.57 35.57
CA ASP D 26 -34.64 19.01 35.33
C ASP D 26 -33.30 19.47 34.78
N SER D 27 -32.27 18.72 35.16
CA SER D 27 -30.94 19.06 34.74
C SER D 27 -30.11 17.77 34.62
N ILE D 28 -28.93 17.94 34.03
CA ILE D 28 -27.97 16.85 33.92
C ILE D 28 -26.67 17.38 34.54
N GLU D 29 -26.17 16.66 35.53
CA GLU D 29 -24.95 17.06 36.25
C GLU D 29 -23.72 16.35 35.72
N PRO D 30 -22.60 17.04 35.70
CA PRO D 30 -21.33 16.48 35.27
C PRO D 30 -21.04 15.20 35.99
N LEU D 31 -20.64 14.19 35.24
CA LEU D 31 -20.45 12.86 35.75
C LEU D 31 -18.93 12.60 35.74
N GLN D 32 -18.37 12.33 36.92
CA GLN D 32 -16.92 12.09 37.09
C GLN D 32 -16.66 10.64 37.40
N PHE D 33 -15.52 10.17 36.94
CA PHE D 33 -15.17 8.78 37.06
C PHE D 33 -13.69 8.68 36.73
N LYS D 34 -13.13 7.48 36.80
CA LYS D 34 -11.75 7.28 36.42
C LYS D 34 -11.66 6.47 35.14
N LEU D 35 -10.63 6.75 34.36
CA LEU D 35 -10.37 5.97 33.17
C LEU D 35 -10.11 4.56 33.65
N ILE D 36 -10.45 3.58 32.84
CA ILE D 36 -10.27 2.18 33.19
C ILE D 36 -8.81 1.74 33.46
N GLY D 37 -8.64 0.96 34.52
CA GLY D 37 -7.32 0.59 35.03
C GLY D 37 -6.40 1.76 35.37
N SER D 38 -6.98 2.91 35.64
CA SER D 38 -6.16 4.10 35.87
C SER D 38 -6.69 4.88 37.08
N ASP D 39 -5.89 5.84 37.52
CA ASP D 39 -6.27 6.75 38.58
C ASP D 39 -6.55 8.10 37.95
N THR D 40 -6.45 8.18 36.63
CA THR D 40 -6.83 9.40 35.92
C THR D 40 -8.33 9.72 36.02
N VAL D 41 -8.62 10.96 36.35
CA VAL D 41 -9.99 11.42 36.52
C VAL D 41 -10.49 12.15 35.27
N ALA D 42 -11.65 11.72 34.81
CA ALA D 42 -12.30 12.30 33.65
C ALA D 42 -13.65 12.86 34.06
N THR D 43 -14.07 13.92 33.38
CA THR D 43 -15.40 14.45 33.59
C THR D 43 -16.18 14.62 32.26
N ALA D 44 -17.43 14.18 32.33
CA ALA D 44 -18.37 14.27 31.24
C ALA D 44 -19.23 15.48 31.50
N PHE D 45 -19.34 16.35 30.49
CA PHE D 45 -20.21 17.55 30.56
C PHE D 45 -21.27 17.51 29.48
N PRO D 46 -22.49 17.94 29.83
CA PRO D 46 -23.58 18.03 28.86
C PRO D 46 -23.40 19.28 28.01
N VAL D 47 -23.86 19.22 26.78
CA VAL D 47 -23.86 20.38 25.89
C VAL D 47 -25.25 20.50 25.26
N PHE D 48 -25.98 21.51 25.71
CA PHE D 48 -27.30 21.78 25.21
C PHE D 48 -27.22 22.81 24.11
N ASP D 49 -26.23 23.68 24.20
CA ASP D 49 -26.01 24.73 23.18
C ASP D 49 -24.54 25.08 23.12
N THR D 50 -23.99 25.26 21.92
CA THR D 50 -22.57 25.58 21.80
C THR D 50 -22.17 26.91 22.47
N LYS D 51 -23.14 27.81 22.68
CA LYS D 51 -22.85 29.10 23.33
C LYS D 51 -22.23 28.90 24.72
N TYR D 52 -22.41 27.70 25.29
CA TYR D 52 -21.95 27.37 26.64
C TYR D 52 -20.58 26.69 26.65
N ILE D 53 -20.07 26.27 25.49
CA ILE D 53 -18.70 25.77 25.47
C ILE D 53 -17.76 26.74 24.79
N PRO D 54 -16.50 26.75 25.22
CA PRO D 54 -15.46 27.64 24.66
C PRO D 54 -15.30 27.41 23.16
N ASP D 55 -15.19 28.50 22.39
CA ASP D 55 -14.98 28.46 20.95
C ASP D 55 -13.81 27.58 20.55
N SER D 56 -12.74 27.64 21.33
CA SER D 56 -11.54 26.88 20.98
C SER D 56 -11.82 25.38 21.13
N LEU D 57 -12.79 24.99 21.98
CA LEU D 57 -13.07 23.55 22.07
C LEU D 57 -13.90 23.14 20.83
N ILE D 58 -14.82 24.02 20.46
CA ILE D 58 -15.70 23.72 19.33
C ILE D 58 -14.79 23.62 18.12
N ASN D 59 -13.81 24.51 18.04
CA ASN D 59 -12.94 24.49 16.85
C ASN D 59 -12.06 23.32 16.88
N TYR D 60 -11.75 22.84 18.08
CA TYR D 60 -10.92 21.65 18.14
C TYR D 60 -11.73 20.45 17.64
N LEU D 61 -13.01 20.40 17.99
CA LEU D 61 -13.84 19.23 17.72
C LEU D 61 -14.16 19.12 16.22
N PHE D 62 -14.41 20.27 15.59
CA PHE D 62 -14.58 20.42 14.14
C PHE D 62 -13.39 19.75 13.44
N LYS D 63 -12.18 20.20 13.76
CA LYS D 63 -11.00 19.58 13.17
C LYS D 63 -10.95 18.11 13.50
N LEU D 64 -11.37 17.77 14.72
CA LEU D 64 -11.21 16.38 15.17
C LEU D 64 -12.09 15.44 14.34
N PHE D 65 -13.29 15.90 14.06
CA PHE D 65 -14.26 15.08 13.35
C PHE D 65 -13.83 14.98 11.89
N ASN D 66 -13.37 16.08 11.31
CA ASN D 66 -12.86 16.02 9.95
C ASN D 66 -11.70 15.03 9.78
N LEU D 67 -10.87 14.85 10.82
CA LEU D 67 -9.76 13.89 10.74
C LEU D 67 -10.29 12.46 10.69
N GLU D 68 -11.36 12.24 11.42
CA GLU D 68 -11.94 10.90 11.50
C GLU D 68 -12.70 10.57 10.20
N ILE D 69 -13.23 11.60 9.55
CA ILE D 69 -13.85 11.40 8.24
C ILE D 69 -12.77 11.14 7.22
N GLU D 70 -11.65 11.85 7.29
CA GLU D 70 -10.59 11.59 6.31
C GLU D 70 -9.98 10.18 6.41
N SER D 71 -9.85 9.63 7.63
CA SER D 71 -9.46 8.23 7.77
C SER D 71 -10.38 7.24 7.05
N GLY D 72 -11.68 7.55 6.97
CA GLY D 72 -12.59 6.83 6.09
C GLY D 72 -12.90 5.41 6.48
N LYS D 73 -12.91 5.11 7.78
CA LYS D 73 -13.13 3.75 8.25
C LYS D 73 -14.26 3.62 9.25
N THR D 74 -14.88 4.75 9.63
CA THR D 74 -15.85 4.72 10.74
C THR D 74 -17.18 5.39 10.44
N TYR D 75 -17.14 6.55 9.81
CA TYR D 75 -18.35 7.28 9.48
C TYR D 75 -18.67 7.13 7.99
N PRO D 76 -19.89 7.44 7.58
CA PRO D 76 -20.25 7.21 6.18
C PRO D 76 -19.91 8.41 5.30
N GLN D 77 -19.57 9.53 5.94
CA GLN D 77 -19.16 10.73 5.22
C GLN D 77 -17.87 10.49 4.41
N LEU D 78 -17.80 11.10 3.23
CA LEU D 78 -16.60 11.07 2.43
C LEU D 78 -15.80 12.34 2.61
N HIS D 79 -16.47 13.49 2.51
CA HIS D 79 -15.81 14.79 2.56
C HIS D 79 -15.87 15.45 3.92
N SER D 80 -14.89 16.30 4.19
CA SER D 80 -14.83 17.08 5.40
C SER D 80 -16.02 18.01 5.40
N LEU D 81 -16.46 18.43 6.58
CA LEU D 81 -17.56 19.35 6.69
C LEU D 81 -17.01 20.75 6.81
N THR D 82 -17.74 21.74 6.35
CA THR D 82 -17.49 23.10 6.74
C THR D 82 -17.81 23.33 8.24
N LYS D 83 -17.34 24.44 8.78
CA LYS D 83 -17.64 24.80 10.16
C LYS D 83 -19.15 24.80 10.39
N GLN D 84 -19.90 25.53 9.58
CA GLN D 84 -21.33 25.56 9.78
C GLN D 84 -21.96 24.12 9.67
N GLY D 85 -21.50 23.34 8.70
CA GLY D 85 -22.01 21.98 8.54
C GLY D 85 -21.72 21.12 9.76
N PHE D 86 -20.58 21.39 10.39
CA PHE D 86 -20.21 20.61 11.59
C PHE D 86 -21.11 20.99 12.76
N LEU D 87 -21.27 22.28 12.98
CA LEU D 87 -22.19 22.74 13.97
C LEU D 87 -23.55 22.07 13.79
N ASN D 88 -24.07 22.15 12.57
CA ASN D 88 -25.38 21.59 12.32
C ASN D 88 -25.43 20.08 12.57
N TYR D 89 -24.32 19.39 12.32
CA TYR D 89 -24.31 17.95 12.43
C TYR D 89 -24.18 17.54 13.93
N TRP D 90 -23.16 18.07 14.59
CA TRP D 90 -22.75 17.55 15.87
C TRP D 90 -23.68 18.10 16.96
N PHE D 91 -24.06 19.37 16.85
CA PHE D 91 -24.88 19.95 17.88
C PHE D 91 -26.30 20.18 17.44
N HIS D 92 -26.77 19.31 16.55
CA HIS D 92 -28.16 19.34 16.12
C HIS D 92 -29.17 19.23 17.32
N SER D 93 -28.97 18.23 18.19
CA SER D 93 -29.72 18.17 19.45
C SER D 93 -28.75 18.31 20.62
N PHE D 94 -28.25 17.18 21.10
CA PHE D 94 -27.48 17.10 22.34
C PHE D 94 -26.10 16.51 22.07
N ALA D 95 -25.10 17.00 22.80
CA ALA D 95 -23.77 16.45 22.72
C ALA D 95 -23.08 16.41 24.09
N VAL D 96 -21.98 15.66 24.15
CA VAL D 96 -21.22 15.51 25.37
C VAL D 96 -19.72 15.67 25.07
N VAL D 97 -19.02 16.37 25.95
CA VAL D 97 -17.57 16.34 25.91
C VAL D 97 -17.04 15.76 27.22
N VAL D 98 -16.05 14.88 27.08
CA VAL D 98 -15.40 14.26 28.22
C VAL D 98 -13.95 14.78 28.28
N LEU D 99 -13.59 15.41 29.38
CA LEU D 99 -12.30 16.06 29.56
C LEU D 99 -11.51 15.38 30.66
N GLN D 100 -10.19 15.42 30.57
CA GLN D 100 -9.31 14.98 31.65
C GLN D 100 -9.22 16.14 32.67
N THR D 101 -10.10 16.11 33.65
CA THR D 101 -10.14 17.14 34.65
C THR D 101 -11.02 16.59 35.76
N ASP D 102 -10.85 17.17 36.94
CA ASP D 102 -11.69 16.87 38.09
C ASP D 102 -12.57 18.07 38.42
N GLU D 103 -12.45 19.15 37.64
CA GLU D 103 -13.34 20.31 37.79
C GLU D 103 -14.77 19.99 37.29
N LYS D 104 -15.77 20.64 37.89
CA LYS D 104 -17.19 20.40 37.55
C LYS D 104 -17.74 21.52 36.65
N PHE D 105 -16.84 22.21 35.98
CA PHE D 105 -17.20 23.20 34.98
C PHE D 105 -16.05 23.13 33.95
N ILE D 106 -16.28 23.72 32.77
CA ILE D 106 -15.32 23.68 31.66
C ILE D 106 -14.54 24.97 31.62
N GLN D 107 -13.26 24.94 32.01
CA GLN D 107 -12.45 26.15 31.91
C GLN D 107 -12.13 26.48 30.43
N ASP D 108 -12.09 27.76 30.12
CA ASP D 108 -11.73 28.23 28.79
C ASP D 108 -10.27 28.01 28.47
N ASN D 109 -9.92 28.22 27.19
CA ASN D 109 -8.55 28.18 26.70
C ASN D 109 -7.66 27.11 27.30
N GLN D 110 -8.07 25.85 27.20
CA GLN D 110 -7.25 24.73 27.66
C GLN D 110 -6.56 24.11 26.50
N ASP D 111 -5.58 23.27 26.77
CA ASP D 111 -4.92 22.55 25.71
C ASP D 111 -5.75 21.29 25.39
N TRP D 112 -6.69 21.42 24.47
CA TRP D 112 -7.64 20.35 24.16
C TRP D 112 -6.92 19.16 23.60
N ASN D 113 -5.77 19.41 23.00
CA ASN D 113 -5.03 18.31 22.45
C ASN D 113 -4.61 17.26 23.52
N SER D 114 -4.55 17.65 24.80
CA SER D 114 -4.31 16.66 25.86
C SER D 114 -5.53 16.56 26.79
N VAL D 115 -6.29 17.63 26.95
CA VAL D 115 -7.44 17.60 27.86
C VAL D 115 -8.70 16.90 27.30
N LEU D 116 -8.93 16.96 25.99
CA LEU D 116 -10.12 16.37 25.40
C LEU D 116 -9.87 14.90 25.23
N LEU D 117 -10.74 14.07 25.82
CA LEU D 117 -10.61 12.62 25.73
C LEU D 117 -11.49 12.09 24.62
N GLY D 118 -12.71 12.63 24.55
CA GLY D 118 -13.74 12.17 23.64
C GLY D 118 -14.99 13.03 23.59
N THR D 119 -15.88 12.74 22.64
CA THR D 119 -17.12 13.52 22.51
C THR D 119 -18.11 12.60 21.84
N PHE D 120 -19.40 12.85 22.08
CA PHE D 120 -20.42 12.22 21.28
C PHE D 120 -21.66 13.03 21.19
N TYR D 121 -22.46 12.72 20.17
CA TYR D 121 -23.75 13.39 20.06
C TYR D 121 -24.89 12.43 20.41
N ILE D 122 -25.99 12.99 20.84
CA ILE D 122 -27.26 12.29 20.94
C ILE D 122 -28.37 13.09 20.28
N LYS D 123 -29.10 12.41 19.39
CA LYS D 123 -30.24 13.01 18.68
C LYS D 123 -31.22 11.91 18.29
N PRO D 124 -32.44 12.29 17.92
CA PRO D 124 -33.43 11.33 17.43
C PRO D 124 -32.92 10.67 16.15
N ASN D 125 -33.11 9.37 16.04
CA ASN D 125 -32.63 8.66 14.91
C ASN D 125 -33.62 8.76 13.76
N TYR D 126 -34.86 9.13 14.09
CA TYR D 126 -35.90 9.21 13.06
C TYR D 126 -36.78 10.40 13.22
N ALA D 127 -37.70 10.57 12.29
CA ALA D 127 -38.77 11.59 12.45
C ALA D 127 -39.76 11.25 13.63
N PRO D 128 -40.47 12.27 14.17
CA PRO D 128 -41.23 12.38 15.43
C PRO D 128 -42.01 11.14 15.99
N ARG D 129 -42.73 10.40 15.15
CA ARG D 129 -43.46 9.26 15.66
C ARG D 129 -42.46 8.21 16.15
N CYS D 130 -41.24 8.26 15.61
CA CYS D 130 -40.19 7.34 16.03
C CYS D 130 -39.01 8.04 16.74
N SER D 131 -39.25 9.19 17.31
CA SER D 131 -38.16 10.00 17.80
C SER D 131 -37.74 9.66 19.21
N HIS D 132 -38.39 8.66 19.83
CA HIS D 132 -37.94 8.18 21.12
C HIS D 132 -36.78 7.20 20.92
N ASN D 133 -36.47 6.87 19.67
CA ASN D 133 -35.25 6.14 19.35
C ASN D 133 -34.06 7.09 19.13
N CYS D 134 -33.03 7.03 19.96
CA CYS D 134 -31.93 7.97 19.77
C CYS D 134 -30.75 7.35 19.01
N ASN D 135 -29.96 8.25 18.44
CA ASN D 135 -28.74 7.86 17.76
C ASN D 135 -27.55 8.56 18.42
N ALA D 136 -26.38 7.98 18.35
CA ALA D 136 -25.21 8.70 18.81
C ALA D 136 -24.01 8.28 17.95
N GLY D 137 -23.02 9.15 17.85
CA GLY D 137 -21.77 8.83 17.18
C GLY D 137 -20.70 9.38 18.09
N PHE D 138 -19.58 8.68 18.13
CA PHE D 138 -18.51 8.98 19.10
C PHE D 138 -17.17 9.30 18.42
N LEU D 139 -16.34 10.06 19.12
CA LEU D 139 -15.00 10.41 18.66
C LEU D 139 -14.09 10.35 19.85
N VAL D 140 -12.93 9.73 19.70
CA VAL D 140 -11.94 9.74 20.75
C VAL D 140 -10.77 10.52 20.20
N ASN D 141 -10.25 11.45 20.98
CA ASN D 141 -9.01 12.15 20.61
C ASN D 141 -7.84 11.18 20.31
N GLY D 142 -7.13 11.42 19.20
CA GLY D 142 -6.04 10.53 18.80
C GLY D 142 -4.94 10.32 19.85
N ALA D 143 -4.66 11.38 20.60
CA ALA D 143 -3.72 11.33 21.75
C ALA D 143 -4.06 10.27 22.78
N HIS D 144 -5.35 9.93 22.90
CA HIS D 144 -5.84 9.07 23.97
C HIS D 144 -6.53 7.82 23.43
N ARG D 145 -6.15 7.38 22.24
CA ARG D 145 -6.58 6.05 21.82
C ARG D 145 -5.77 5.00 22.63
N GLY D 146 -6.29 3.78 22.76
CA GLY D 146 -5.60 2.73 23.49
C GLY D 146 -5.79 2.80 25.00
N GLN D 147 -6.72 3.64 25.47
CA GLN D 147 -6.96 3.81 26.88
C GLN D 147 -8.38 3.46 27.28
N LYS D 148 -9.07 2.66 26.47
CA LYS D 148 -10.47 2.28 26.71
C LYS D 148 -11.43 3.44 26.94
N VAL D 149 -11.13 4.61 26.36
CA VAL D 149 -12.02 5.76 26.48
C VAL D 149 -13.44 5.49 25.91
N GLY D 150 -13.50 4.82 24.76
CA GLY D 150 -14.78 4.53 24.11
C GLY D 150 -15.77 3.85 25.04
N TYR D 151 -15.29 2.89 25.83
CA TYR D 151 -16.14 2.13 26.72
C TYR D 151 -16.74 3.05 27.73
N ARG D 152 -15.91 3.96 28.24
CA ARG D 152 -16.40 4.93 29.20
C ARG D 152 -17.43 5.88 28.59
N LEU D 153 -17.20 6.32 27.35
CA LEU D 153 -18.14 7.21 26.67
C LEU D 153 -19.50 6.51 26.53
N ALA D 154 -19.46 5.25 26.12
CA ALA D 154 -20.68 4.54 25.93
C ALA D 154 -21.43 4.48 27.27
N GLN D 155 -20.70 4.34 28.39
CA GLN D 155 -21.36 4.25 29.70
C GLN D 155 -22.03 5.55 30.05
N VAL D 156 -21.33 6.66 29.80
CA VAL D 156 -21.98 7.95 29.91
C VAL D 156 -23.27 7.98 29.06
N TYR D 157 -23.18 7.54 27.82
CA TYR D 157 -24.37 7.47 26.98
C TYR D 157 -25.51 6.75 27.69
N LEU D 158 -25.21 5.57 28.20
CA LEU D 158 -26.24 4.82 28.92
C LEU D 158 -26.86 5.59 30.08
N ASN D 159 -26.09 6.43 30.77
CA ASN D 159 -26.61 7.13 31.91
C ASN D 159 -27.46 8.33 31.51
N TRP D 160 -27.10 8.97 30.40
CA TRP D 160 -27.71 10.22 30.02
C TRP D 160 -28.78 10.13 28.94
N ALA D 161 -28.69 9.19 28.01
CA ALA D 161 -29.68 9.19 26.94
C ALA D 161 -31.12 9.10 27.50
N PRO D 162 -31.34 8.27 28.53
CA PRO D 162 -32.69 8.10 29.05
C PRO D 162 -33.23 9.36 29.71
N LEU D 163 -32.35 10.12 30.34
CA LEU D 163 -32.73 11.33 31.01
C LEU D 163 -33.25 12.40 30.02
N LEU D 164 -32.83 12.30 28.75
CA LEU D 164 -33.28 13.22 27.72
C LEU D 164 -34.67 12.85 27.25
N GLY D 165 -35.13 11.64 27.61
CA GLY D 165 -36.45 11.18 27.25
C GLY D 165 -36.44 10.01 26.29
N TYR D 166 -35.28 9.62 25.78
CA TYR D 166 -35.22 8.49 24.85
C TYR D 166 -35.50 7.18 25.55
N LYS D 167 -36.08 6.24 24.81
CA LYS D 167 -36.40 4.92 25.35
C LYS D 167 -35.53 3.82 24.73
N TYR D 168 -34.97 4.04 23.56
CA TYR D 168 -34.31 2.93 22.91
C TYR D 168 -33.16 3.52 22.08
N SER D 169 -32.10 2.75 21.88
CA SER D 169 -30.93 3.25 21.19
C SER D 169 -30.69 2.51 19.91
N ILE D 170 -30.41 3.24 18.85
CA ILE D 170 -30.06 2.61 17.56
C ILE D 170 -28.75 3.15 16.98
N PHE D 171 -27.85 2.24 16.61
CA PHE D 171 -26.71 2.62 15.78
C PHE D 171 -26.88 1.94 14.42
N ASN D 172 -26.83 2.76 13.38
CA ASN D 172 -27.25 2.37 12.05
C ASN D 172 -26.18 1.62 11.27
N LEU D 173 -24.93 1.90 11.56
CA LEU D 173 -23.86 1.42 10.73
C LEU D 173 -22.58 1.18 11.53
N VAL D 174 -22.54 0.13 12.34
CA VAL D 174 -21.29 -0.22 12.97
C VAL D 174 -20.53 -1.19 12.06
N PHE D 175 -19.57 -0.64 11.31
CA PHE D 175 -18.76 -1.42 10.38
C PHE D 175 -17.94 -2.49 11.10
N VAL D 176 -18.05 -3.73 10.64
CA VAL D 176 -17.21 -4.81 11.20
C VAL D 176 -15.74 -4.49 10.97
N THR D 177 -15.22 -4.65 9.78
CA THR D 177 -13.79 -4.43 9.65
C THR D 177 -13.49 -3.08 10.28
N ASN D 178 -12.74 -3.04 11.39
CA ASN D 178 -11.81 -4.13 11.87
C ASN D 178 -10.88 -3.64 13.03
N GLN D 179 -10.99 -2.35 13.32
CA GLN D 179 -10.44 -1.74 14.53
C GLN D 179 -11.09 -2.34 15.78
N ALA D 180 -10.49 -2.03 16.94
CA ALA D 180 -10.90 -2.55 18.24
C ALA D 180 -12.20 -1.93 18.84
N SER D 181 -12.59 -0.72 18.42
CA SER D 181 -13.76 -0.03 19.01
C SER D 181 -15.17 -0.54 18.54
N TRP D 182 -15.68 -1.64 19.07
CA TRP D 182 -17.09 -2.05 18.83
C TRP D 182 -17.38 -3.49 19.26
N LYS D 183 -16.35 -4.16 19.79
CA LYS D 183 -16.59 -5.28 20.69
C LYS D 183 -17.18 -4.69 21.99
N ILE D 184 -17.19 -3.36 22.05
CA ILE D 184 -17.81 -2.61 23.15
C ILE D 184 -19.32 -2.81 23.20
N TRP D 185 -19.98 -2.70 22.05
CA TRP D 185 -21.43 -2.78 22.04
C TRP D 185 -21.87 -4.15 22.52
N ASP D 186 -21.27 -5.20 21.97
CA ASP D 186 -21.58 -6.56 22.45
C ASP D 186 -21.35 -6.61 23.97
N LYS D 187 -20.14 -6.23 24.44
CA LYS D 187 -19.82 -6.25 25.91
C LYS D 187 -20.87 -5.58 26.83
N LEU D 188 -21.45 -4.47 26.36
CA LEU D 188 -22.53 -3.75 27.07
C LEU D 188 -23.95 -4.21 26.68
N ASN D 189 -24.04 -5.41 26.10
CA ASN D 189 -25.34 -6.04 25.82
C ASN D 189 -26.28 -5.18 24.99
N PHE D 190 -25.70 -4.54 23.97
CA PHE D 190 -26.47 -3.94 22.90
C PHE D 190 -26.74 -5.11 21.99
N GLN D 191 -27.98 -5.26 21.53
CA GLN D 191 -28.32 -6.37 20.64
C GLN D 191 -27.95 -6.08 19.18
N ARG D 192 -27.48 -7.13 18.50
CA ARG D 192 -27.36 -7.08 17.05
C ARG D 192 -28.72 -7.28 16.37
N ILE D 193 -29.48 -6.20 16.27
CA ILE D 193 -30.84 -6.32 15.74
C ILE D 193 -30.88 -6.43 14.22
N GLY D 194 -29.74 -6.25 13.56
CA GLY D 194 -29.72 -6.23 12.09
C GLY D 194 -28.35 -6.22 11.45
N LEU D 195 -28.27 -6.51 10.16
CA LEU D 195 -26.98 -6.54 9.49
C LEU D 195 -27.14 -6.03 8.05
N VAL D 196 -26.35 -5.04 7.68
CA VAL D 196 -26.40 -4.53 6.34
C VAL D 196 -25.18 -5.04 5.62
N PRO D 197 -25.38 -6.01 4.74
CA PRO D 197 -24.22 -6.57 4.05
C PRO D 197 -23.58 -5.60 3.05
N HIS D 198 -22.24 -5.62 2.93
CA HIS D 198 -21.49 -4.79 2.00
C HIS D 198 -21.86 -3.31 2.12
N ALA D 199 -22.25 -2.91 3.33
CA ALA D 199 -22.76 -1.57 3.63
C ALA D 199 -21.94 -0.41 3.13
N GLY D 200 -20.63 -0.42 3.41
CA GLY D 200 -19.82 0.74 3.21
C GLY D 200 -18.61 0.47 2.34
N ILE D 201 -18.22 1.47 1.57
CA ILE D 201 -16.93 1.47 0.93
C ILE D 201 -15.95 2.24 1.80
N LEU D 202 -14.98 1.54 2.38
CA LEU D 202 -14.11 2.13 3.38
C LEU D 202 -12.67 2.20 2.92
N ASN D 203 -12.01 3.29 3.28
CA ASN D 203 -10.58 3.45 3.07
C ASN D 203 -9.79 2.26 3.57
N GLY D 204 -8.94 1.70 2.74
CA GLY D 204 -8.09 0.60 3.18
C GLY D 204 -8.74 -0.77 3.04
N PHE D 205 -9.93 -0.83 2.45
CA PHE D 205 -10.55 -2.14 2.15
C PHE D 205 -10.96 -2.21 0.70
N SER D 206 -10.47 -3.24 0.01
CA SER D 206 -10.70 -3.35 -1.41
C SER D 206 -12.14 -3.78 -1.62
N GLU D 207 -12.68 -4.51 -0.65
CA GLU D 207 -14.08 -4.93 -0.72
C GLU D 207 -14.96 -4.08 0.24
N PRO D 208 -16.25 -3.86 -0.12
CA PRO D 208 -17.26 -3.24 0.73
C PRO D 208 -17.41 -4.03 2.03
N VAL D 209 -17.71 -3.33 3.12
CA VAL D 209 -17.69 -3.94 4.44
C VAL D 209 -19.09 -3.96 5.08
N ASP D 210 -19.45 -5.07 5.71
CA ASP D 210 -20.71 -5.22 6.43
C ASP D 210 -20.83 -4.24 7.58
N ALA D 211 -22.07 -3.84 7.86
CA ALA D 211 -22.34 -2.95 9.00
C ALA D 211 -23.42 -3.58 9.87
N ILE D 212 -23.22 -3.52 11.18
CA ILE D 212 -24.20 -4.07 12.10
C ILE D 212 -25.10 -2.94 12.53
N ILE D 213 -26.37 -3.27 12.71
CA ILE D 213 -27.30 -2.37 13.36
C ILE D 213 -27.46 -2.79 14.83
N TYR D 214 -27.16 -1.89 15.75
CA TYR D 214 -27.20 -2.22 17.16
C TYR D 214 -28.37 -1.52 17.88
N GLY D 215 -29.11 -2.27 18.69
CA GLY D 215 -30.20 -1.66 19.43
C GLY D 215 -30.03 -1.91 20.92
N LYS D 216 -30.59 -1.04 21.74
CA LYS D 216 -30.63 -1.37 23.15
C LYS D 216 -31.78 -0.65 23.82
N ASP D 217 -32.49 -1.37 24.69
CA ASP D 217 -33.53 -0.75 25.55
C ASP D 217 -32.92 0.15 26.60
N LEU D 218 -33.30 1.41 26.62
CA LEU D 218 -32.71 2.39 27.55
C LEU D 218 -33.53 2.53 28.81
N THR D 219 -34.69 1.87 28.87
CA THR D 219 -35.52 1.88 30.08
C THR D 219 -35.08 0.80 31.09
N LYS D 220 -34.38 -0.24 30.62
CA LYS D 220 -34.02 -1.40 31.45
C LYS D 220 -32.56 -1.77 31.28
N ILE D 221 -31.69 -0.93 31.83
CA ILE D 221 -30.25 -1.08 31.65
C ILE D 221 -29.58 -1.66 32.88
N GLU D 222 -28.66 -2.59 32.65
CA GLU D 222 -27.85 -3.23 33.68
C GLU D 222 -27.10 -2.23 34.58
N PRO D 223 -27.23 -2.39 35.90
CA PRO D 223 -26.59 -1.47 36.86
C PRO D 223 -25.07 -1.51 36.88
N GLU D 224 -24.47 -2.60 36.46
CA GLU D 224 -23.01 -2.65 36.40
C GLU D 224 -22.46 -1.86 35.18
N PHE D 225 -23.28 -1.72 34.14
CA PHE D 225 -22.93 -0.88 32.99
C PHE D 225 -23.15 0.59 33.27
N LEU D 226 -24.01 0.92 34.24
CA LEU D 226 -24.20 2.32 34.66
C LEU D 226 -23.18 2.74 35.70
N SER D 227 -22.77 1.82 36.59
CA SER D 227 -21.74 2.16 37.58
C SER D 227 -20.41 2.38 36.85
N MET D 228 -19.82 3.54 37.12
CA MET D 228 -18.57 3.92 36.51
C MET D 228 -17.41 3.60 37.44
N SER E 5 -38.95 31.61 -30.50
CA SER E 5 -38.58 32.42 -29.33
C SER E 5 -37.09 32.71 -29.25
N ILE E 6 -36.77 33.95 -28.90
CA ILE E 6 -35.40 34.39 -28.83
C ILE E 6 -35.07 34.96 -27.43
N GLU E 7 -35.93 34.68 -26.46
CA GLU E 7 -35.67 35.07 -25.06
C GLU E 7 -34.24 34.63 -24.64
N TRP E 8 -33.84 33.42 -25.08
CA TRP E 8 -32.59 32.85 -24.65
C TRP E 8 -31.42 33.70 -25.12
N LYS E 9 -31.65 34.68 -26.00
CA LYS E 9 -30.51 35.49 -26.42
C LYS E 9 -30.68 37.00 -26.25
N LEU E 10 -31.68 37.41 -25.48
CA LEU E 10 -31.94 38.84 -25.19
C LEU E 10 -31.07 39.34 -24.04
N THR E 11 -30.44 40.50 -24.27
CA THR E 11 -29.59 41.13 -23.29
C THR E 11 -30.42 41.75 -22.18
N ALA E 12 -31.70 41.95 -22.45
CA ALA E 12 -32.64 42.37 -21.36
C ALA E 12 -32.70 41.35 -20.23
N ASN E 13 -32.30 40.11 -20.49
CA ASN E 13 -32.32 39.06 -19.48
C ASN E 13 -30.95 38.89 -18.80
N LEU E 14 -30.07 39.87 -18.99
CA LEU E 14 -28.78 39.74 -18.38
C LEU E 14 -28.95 39.89 -16.88
N ARG E 15 -28.53 38.87 -16.13
CA ARG E 15 -28.59 38.91 -14.66
C ARG E 15 -27.29 39.35 -14.04
N ASN E 16 -27.34 40.23 -13.06
CA ASN E 16 -26.13 40.59 -12.28
C ASN E 16 -24.99 41.21 -13.08
N GLY E 17 -25.33 42.06 -14.03
CA GLY E 17 -24.34 42.67 -14.89
C GLY E 17 -23.82 43.96 -14.28
N PRO E 18 -23.11 44.77 -15.09
CA PRO E 18 -22.59 46.07 -14.66
C PRO E 18 -23.74 46.96 -14.21
N THR E 19 -23.49 47.73 -13.16
CA THR E 19 -24.54 48.58 -12.60
C THR E 19 -24.83 49.85 -13.41
N PHE E 20 -23.83 50.44 -14.05
CA PHE E 20 -24.01 51.78 -14.63
C PHE E 20 -24.04 51.82 -16.13
N PHE E 21 -23.86 50.68 -16.78
CA PHE E 21 -23.81 50.64 -18.22
C PHE E 21 -24.78 49.58 -18.69
N GLN E 22 -25.57 49.94 -19.70
CA GLN E 22 -26.52 49.06 -20.36
C GLN E 22 -25.87 48.27 -21.49
N PRO E 23 -26.44 47.11 -21.84
CA PRO E 23 -25.90 46.34 -22.96
C PRO E 23 -25.88 47.23 -24.21
N LEU E 24 -25.01 46.93 -25.18
CA LEU E 24 -24.88 47.77 -26.36
C LEU E 24 -25.71 47.23 -27.52
N ALA E 25 -26.30 46.06 -27.36
CA ALA E 25 -27.15 45.51 -28.41
C ALA E 25 -28.33 44.81 -27.75
N ASP E 26 -29.45 44.69 -28.47
CA ASP E 26 -30.66 44.14 -27.86
C ASP E 26 -30.56 42.63 -27.67
N SER E 27 -29.71 41.99 -28.48
CA SER E 27 -29.58 40.54 -28.45
C SER E 27 -28.16 40.08 -28.85
N ILE E 28 -27.82 38.83 -28.50
CA ILE E 28 -26.53 38.27 -28.81
C ILE E 28 -26.76 37.05 -29.69
N GLU E 29 -26.32 37.16 -30.95
CA GLU E 29 -26.55 36.11 -31.90
C GLU E 29 -25.39 35.16 -31.84
N PRO E 30 -25.66 33.85 -32.01
CA PRO E 30 -24.65 32.79 -32.11
C PRO E 30 -23.59 33.10 -33.17
N LEU E 31 -22.36 32.73 -32.85
CA LEU E 31 -21.25 33.19 -33.62
C LEU E 31 -20.58 31.95 -34.21
N GLN E 32 -20.61 31.81 -35.55
CA GLN E 32 -20.04 30.66 -36.21
C GLN E 32 -18.66 30.98 -36.78
N PHE E 33 -17.75 30.03 -36.64
CA PHE E 33 -16.41 30.16 -37.17
C PHE E 33 -15.80 28.78 -37.41
N LYS E 34 -14.57 28.75 -37.87
CA LYS E 34 -13.86 27.49 -38.00
C LYS E 34 -12.77 27.45 -36.95
N LEU E 35 -12.39 26.25 -36.52
CA LEU E 35 -11.24 26.12 -35.66
C LEU E 35 -10.03 26.52 -36.50
N ILE E 36 -9.03 27.08 -35.83
CA ILE E 36 -7.85 27.63 -36.51
C ILE E 36 -7.12 26.53 -37.27
N GLY E 37 -6.85 26.78 -38.54
CA GLY E 37 -6.15 25.81 -39.38
C GLY E 37 -6.99 24.59 -39.73
N SER E 38 -8.31 24.74 -39.79
CA SER E 38 -9.18 23.60 -40.11
C SER E 38 -10.49 24.02 -40.72
N ASP E 39 -11.26 23.04 -41.15
CA ASP E 39 -12.56 23.29 -41.74
C ASP E 39 -13.63 22.83 -40.76
N THR E 40 -13.24 22.47 -39.54
CA THR E 40 -14.26 22.13 -38.53
C THR E 40 -15.02 23.38 -38.05
N VAL E 41 -16.32 23.37 -38.25
CA VAL E 41 -17.15 24.49 -37.88
C VAL E 41 -17.53 24.43 -36.38
N ALA E 42 -17.45 25.60 -35.72
CA ALA E 42 -17.81 25.77 -34.33
C ALA E 42 -18.78 26.91 -34.17
N THR E 43 -19.68 26.75 -33.21
CA THR E 43 -20.66 27.78 -32.88
C THR E 43 -20.66 28.15 -31.38
N ALA E 44 -20.49 29.43 -31.10
CA ALA E 44 -20.55 29.97 -29.77
C ALA E 44 -21.99 30.41 -29.44
N PHE E 45 -22.48 30.05 -28.26
CA PHE E 45 -23.86 30.39 -27.84
C PHE E 45 -23.85 31.14 -26.56
N PRO E 46 -24.70 32.17 -26.46
CA PRO E 46 -24.77 32.96 -25.25
C PRO E 46 -25.63 32.20 -24.27
N VAL E 47 -25.31 32.31 -22.98
CA VAL E 47 -26.14 31.67 -21.95
C VAL E 47 -26.52 32.68 -20.87
N PHE E 48 -27.76 33.16 -20.92
CA PHE E 48 -28.27 34.15 -19.98
C PHE E 48 -28.93 33.47 -18.78
N ASP E 49 -29.38 32.25 -18.93
CA ASP E 49 -29.99 31.53 -17.81
C ASP E 49 -29.88 30.06 -18.12
N THR E 50 -29.54 29.25 -17.13
CA THR E 50 -29.34 27.83 -17.33
C THR E 50 -30.56 27.11 -17.89
N LYS E 51 -31.75 27.67 -17.66
CA LYS E 51 -32.97 27.02 -18.14
C LYS E 51 -33.11 27.01 -19.65
N TYR E 52 -32.27 27.75 -20.38
CA TYR E 52 -32.26 27.71 -21.84
C TYR E 52 -31.25 26.69 -22.40
N ILE E 53 -30.52 26.01 -21.52
CA ILE E 53 -29.64 24.96 -22.01
C ILE E 53 -30.01 23.62 -21.43
N PRO E 54 -29.66 22.57 -22.12
CA PRO E 54 -30.05 21.23 -21.69
C PRO E 54 -29.41 20.82 -20.39
N ASP E 55 -30.17 20.21 -19.49
CA ASP E 55 -29.60 19.71 -18.24
C ASP E 55 -28.34 18.88 -18.46
N SER E 56 -28.34 17.99 -19.45
CA SER E 56 -27.24 17.05 -19.57
C SER E 56 -25.97 17.87 -19.85
N LEU E 57 -26.11 18.99 -20.56
CA LEU E 57 -24.94 19.86 -20.83
C LEU E 57 -24.45 20.58 -19.55
N ILE E 58 -25.41 21.01 -18.73
CA ILE E 58 -25.08 21.62 -17.45
C ILE E 58 -24.29 20.63 -16.59
N ASN E 59 -24.79 19.39 -16.51
CA ASN E 59 -24.13 18.33 -15.72
C ASN E 59 -22.74 17.96 -16.26
N TYR E 60 -22.60 18.02 -17.58
CA TYR E 60 -21.30 17.81 -18.18
C TYR E 60 -20.29 18.94 -17.80
N LEU E 61 -20.73 20.20 -17.82
CA LEU E 61 -19.84 21.33 -17.49
C LEU E 61 -19.45 21.30 -16.03
N PHE E 62 -20.41 20.89 -15.20
CA PHE E 62 -20.19 20.70 -13.79
C PHE E 62 -19.01 19.74 -13.58
N LYS E 63 -19.11 18.56 -14.18
CA LYS E 63 -18.03 17.60 -14.09
C LYS E 63 -16.74 18.15 -14.72
N LEU E 64 -16.87 18.88 -15.82
CA LEU E 64 -15.68 19.43 -16.45
C LEU E 64 -14.93 20.40 -15.53
N PHE E 65 -15.64 21.23 -14.77
CA PHE E 65 -14.99 22.27 -13.99
C PHE E 65 -14.33 21.58 -12.80
N ASN E 66 -14.99 20.55 -12.31
CA ASN E 66 -14.42 19.83 -11.17
C ASN E 66 -13.15 19.09 -11.58
N LEU E 67 -13.07 18.60 -12.81
CA LEU E 67 -11.81 18.04 -13.29
C LEU E 67 -10.69 19.07 -13.31
N GLU E 68 -11.00 20.26 -13.79
CA GLU E 68 -10.01 21.31 -13.85
C GLU E 68 -9.56 21.72 -12.42
N ILE E 69 -10.51 21.80 -11.48
CA ILE E 69 -10.18 22.11 -10.10
C ILE E 69 -9.31 21.03 -9.47
N GLU E 70 -9.62 19.76 -9.73
CA GLU E 70 -8.79 18.67 -9.22
C GLU E 70 -7.36 18.62 -9.84
N SER E 71 -7.17 18.98 -11.10
CA SER E 71 -5.82 19.06 -11.65
C SER E 71 -5.00 20.07 -10.83
N GLY E 72 -5.66 21.12 -10.34
CA GLY E 72 -5.08 21.99 -9.32
C GLY E 72 -3.95 22.89 -9.74
N LYS E 73 -3.97 23.31 -11.03
CA LYS E 73 -2.90 24.11 -11.57
C LYS E 73 -3.36 25.40 -12.22
N THR E 74 -4.67 25.59 -12.38
CA THR E 74 -5.10 26.76 -13.14
C THR E 74 -6.08 27.67 -12.41
N TYR E 75 -6.90 27.09 -11.54
CA TYR E 75 -7.84 27.83 -10.70
C TYR E 75 -7.44 27.80 -9.24
N PRO E 76 -7.91 28.80 -8.47
CA PRO E 76 -7.53 28.95 -7.05
C PRO E 76 -8.33 28.02 -6.12
N GLN E 77 -9.45 27.49 -6.59
CA GLN E 77 -10.23 26.53 -5.78
C GLN E 77 -9.39 25.34 -5.45
N LEU E 78 -9.62 24.78 -4.26
CA LEU E 78 -8.90 23.59 -3.83
C LEU E 78 -9.79 22.34 -4.02
N HIS E 79 -11.04 22.46 -3.55
CA HIS E 79 -12.05 21.37 -3.57
C HIS E 79 -13.05 21.47 -4.72
N SER E 80 -13.54 20.32 -5.13
CA SER E 80 -14.69 20.23 -5.99
C SER E 80 -15.87 21.07 -5.51
N LEU E 81 -16.66 21.58 -6.44
CA LEU E 81 -17.88 22.32 -6.10
C LEU E 81 -19.04 21.32 -6.05
N THR E 82 -20.00 21.57 -5.17
CA THR E 82 -21.26 20.87 -5.23
C THR E 82 -21.98 21.41 -6.48
N LYS E 83 -22.99 20.69 -6.93
CA LYS E 83 -23.80 21.10 -8.05
C LYS E 83 -24.32 22.54 -7.82
N GLN E 84 -24.93 22.79 -6.67
CA GLN E 84 -25.49 24.14 -6.46
C GLN E 84 -24.37 25.17 -6.47
N GLY E 85 -23.24 24.85 -5.88
CA GLY E 85 -22.11 25.77 -5.88
C GLY E 85 -21.56 26.08 -7.29
N PHE E 86 -21.62 25.11 -8.18
CA PHE E 86 -21.18 25.33 -9.55
C PHE E 86 -22.13 26.27 -10.26
N LEU E 87 -23.42 26.06 -10.09
CA LEU E 87 -24.43 26.90 -10.75
C LEU E 87 -24.29 28.36 -10.36
N ASN E 88 -24.09 28.59 -9.06
CA ASN E 88 -23.93 29.92 -8.50
C ASN E 88 -22.64 30.59 -8.94
N TYR E 89 -21.60 29.78 -9.16
CA TYR E 89 -20.32 30.26 -9.64
C TYR E 89 -20.30 30.55 -11.17
N TRP E 90 -20.60 29.53 -11.96
CA TRP E 90 -20.38 29.62 -13.39
C TRP E 90 -21.46 30.45 -14.05
N PHE E 91 -22.65 30.48 -13.43
CA PHE E 91 -23.76 31.14 -14.05
C PHE E 91 -24.28 32.30 -13.21
N HIS E 92 -23.40 32.80 -12.36
CA HIS E 92 -23.77 33.94 -11.51
C HIS E 92 -24.29 35.06 -12.40
N SER E 93 -23.66 35.24 -13.55
CA SER E 93 -24.08 36.29 -14.45
C SER E 93 -24.29 35.73 -15.87
N PHE E 94 -23.29 35.93 -16.74
CA PHE E 94 -23.39 35.47 -18.11
C PHE E 94 -22.43 34.27 -18.36
N ALA E 95 -22.72 33.44 -19.34
CA ALA E 95 -21.78 32.40 -19.76
C ALA E 95 -21.91 32.05 -21.22
N VAL E 96 -20.93 31.29 -21.73
CA VAL E 96 -20.92 30.95 -23.10
C VAL E 96 -20.52 29.51 -23.23
N VAL E 97 -21.16 28.80 -24.17
CA VAL E 97 -20.73 27.47 -24.53
C VAL E 97 -20.42 27.48 -26.00
N VAL E 98 -19.29 26.88 -26.34
CA VAL E 98 -18.90 26.77 -27.73
C VAL E 98 -19.00 25.29 -28.14
N LEU E 99 -19.86 25.02 -29.11
CA LEU E 99 -20.13 23.67 -29.59
C LEU E 99 -19.53 23.41 -30.97
N GLN E 100 -19.09 22.17 -31.19
CA GLN E 100 -18.68 21.73 -32.51
C GLN E 100 -19.92 21.38 -33.34
N THR E 101 -20.46 22.39 -34.00
CA THR E 101 -21.70 22.27 -34.74
C THR E 101 -21.86 23.48 -35.65
N ASP E 102 -22.73 23.33 -36.63
CA ASP E 102 -23.09 24.43 -37.51
C ASP E 102 -24.55 24.81 -37.29
N GLU E 103 -25.20 24.19 -36.32
CA GLU E 103 -26.54 24.62 -35.96
C GLU E 103 -26.48 25.98 -35.27
N LYS E 104 -27.59 26.71 -35.32
CA LYS E 104 -27.68 28.06 -34.76
C LYS E 104 -28.51 27.98 -33.47
N PHE E 105 -28.72 26.77 -32.96
CA PHE E 105 -29.35 26.57 -31.66
C PHE E 105 -28.78 25.31 -31.00
N ILE E 106 -29.15 25.07 -29.73
CA ILE E 106 -28.54 24.00 -28.98
C ILE E 106 -29.52 22.87 -28.85
N GLN E 107 -29.17 21.75 -29.47
CA GLN E 107 -29.96 20.51 -29.46
C GLN E 107 -29.70 19.81 -28.15
N ASP E 108 -30.77 19.20 -27.63
CA ASP E 108 -30.74 18.38 -26.43
C ASP E 108 -30.00 17.06 -26.60
N ASN E 109 -29.53 16.51 -25.49
CA ASN E 109 -28.97 15.15 -25.46
C ASN E 109 -27.96 14.86 -26.55
N GLN E 110 -26.94 15.71 -26.64
CA GLN E 110 -25.83 15.49 -27.55
C GLN E 110 -24.69 14.84 -26.77
N ASP E 111 -23.72 14.31 -27.50
CA ASP E 111 -22.54 13.74 -26.89
C ASP E 111 -21.54 14.83 -26.53
N TRP E 112 -21.84 15.48 -25.41
CA TRP E 112 -21.06 16.62 -24.96
C TRP E 112 -19.56 16.33 -24.95
N ASN E 113 -19.21 15.11 -24.56
CA ASN E 113 -17.79 14.71 -24.48
C ASN E 113 -17.03 14.96 -25.79
N SER E 114 -17.72 14.91 -26.91
CA SER E 114 -17.10 15.25 -28.19
C SER E 114 -17.56 16.62 -28.73
N VAL E 115 -18.82 17.01 -28.50
CA VAL E 115 -19.35 18.23 -29.14
C VAL E 115 -19.01 19.51 -28.38
N LEU E 116 -18.86 19.41 -27.05
CA LEU E 116 -18.54 20.57 -26.22
C LEU E 116 -17.04 20.90 -26.39
N LEU E 117 -16.73 22.09 -26.90
CA LEU E 117 -15.34 22.47 -27.16
C LEU E 117 -14.77 23.25 -25.97
N GLY E 118 -15.53 24.26 -25.51
CA GLY E 118 -15.16 25.07 -24.37
C GLY E 118 -16.30 25.89 -23.81
N THR E 119 -16.09 26.47 -22.63
CA THR E 119 -17.07 27.34 -22.06
C THR E 119 -16.35 28.44 -21.31
N PHE E 120 -17.03 29.57 -21.10
CA PHE E 120 -16.51 30.58 -20.21
C PHE E 120 -17.64 31.41 -19.60
N TYR E 121 -17.33 32.04 -18.47
CA TYR E 121 -18.29 32.92 -17.81
C TYR E 121 -17.76 34.35 -17.95
N ILE E 122 -18.69 35.28 -17.80
CA ILE E 122 -18.38 36.69 -17.74
C ILE E 122 -19.22 37.32 -16.66
N LYS E 123 -18.57 38.02 -15.73
CA LYS E 123 -19.28 38.66 -14.65
C LYS E 123 -18.49 39.89 -14.24
N PRO E 124 -19.13 40.76 -13.45
CA PRO E 124 -18.40 41.92 -12.96
C PRO E 124 -17.30 41.47 -12.01
N ASN E 125 -16.12 42.07 -12.15
CA ASN E 125 -15.01 41.67 -11.34
C ASN E 125 -15.00 42.25 -9.94
N TYR E 126 -15.77 43.32 -9.75
CA TYR E 126 -15.83 44.09 -8.50
C TYR E 126 -17.26 44.54 -8.19
N ALA E 127 -17.45 45.11 -7.00
CA ALA E 127 -18.68 45.82 -6.62
C ALA E 127 -18.98 47.04 -7.54
N PRO E 128 -20.27 47.50 -7.59
CA PRO E 128 -20.92 48.41 -8.55
C PRO E 128 -20.17 49.65 -9.09
N ARG E 129 -19.43 50.40 -8.28
CA ARG E 129 -18.72 51.55 -8.87
C ARG E 129 -17.54 51.13 -9.78
N CYS E 130 -17.21 49.84 -9.75
CA CYS E 130 -16.10 49.30 -10.55
C CYS E 130 -16.61 48.15 -11.39
N SER E 131 -17.94 48.04 -11.46
CA SER E 131 -18.54 46.86 -12.10
C SER E 131 -18.48 46.89 -13.62
N HIS E 132 -18.00 48.00 -14.20
CA HIS E 132 -17.77 48.06 -15.65
C HIS E 132 -16.55 47.22 -16.09
N ASN E 133 -15.77 46.73 -15.11
CA ASN E 133 -14.69 45.78 -15.30
C ASN E 133 -15.20 44.35 -15.21
N CYS E 134 -15.02 43.54 -16.24
CA CYS E 134 -15.55 42.19 -16.15
C CYS E 134 -14.41 41.22 -15.95
N ASN E 135 -14.77 40.09 -15.39
CA ASN E 135 -13.90 38.96 -15.17
C ASN E 135 -14.43 37.82 -16.03
N ALA E 136 -13.52 36.94 -16.45
CA ALA E 136 -13.87 35.75 -17.22
C ALA E 136 -12.99 34.60 -16.80
N GLY E 137 -13.51 33.39 -16.87
CA GLY E 137 -12.74 32.20 -16.57
C GLY E 137 -13.08 31.21 -17.68
N PHE E 138 -12.09 30.50 -18.19
CA PHE E 138 -12.25 29.67 -19.37
C PHE E 138 -11.93 28.25 -19.04
N LEU E 139 -12.63 27.34 -19.72
CA LEU E 139 -12.41 25.90 -19.65
C LEU E 139 -12.46 25.38 -21.07
N VAL E 140 -11.52 24.51 -21.40
CA VAL E 140 -11.50 23.81 -22.68
C VAL E 140 -11.66 22.33 -22.45
N ASN E 141 -12.52 21.68 -23.21
CA ASN E 141 -12.68 20.26 -23.08
C ASN E 141 -11.36 19.53 -23.42
N GLY E 142 -10.86 18.69 -22.52
CA GLY E 142 -9.55 18.11 -22.64
C GLY E 142 -9.41 17.28 -23.91
N ALA E 143 -10.51 16.67 -24.33
CA ALA E 143 -10.55 15.92 -25.60
C ALA E 143 -10.18 16.81 -26.82
N HIS E 144 -10.19 18.13 -26.63
CA HIS E 144 -9.96 19.06 -27.73
C HIS E 144 -8.78 19.97 -27.48
N ARG E 145 -7.80 19.46 -26.73
CA ARG E 145 -6.48 20.07 -26.61
C ARG E 145 -5.79 20.10 -27.97
N GLY E 146 -4.90 21.07 -28.15
CA GLY E 146 -4.05 21.11 -29.33
C GLY E 146 -4.72 21.77 -30.53
N GLN E 147 -5.99 22.18 -30.40
CA GLN E 147 -6.76 22.74 -31.51
C GLN E 147 -6.95 24.27 -31.44
N LYS E 148 -6.27 24.92 -30.53
CA LYS E 148 -6.37 26.38 -30.41
C LYS E 148 -7.81 26.84 -30.08
N VAL E 149 -8.54 25.99 -29.37
CA VAL E 149 -9.87 26.31 -28.90
C VAL E 149 -9.81 27.50 -27.93
N GLY E 150 -8.78 27.55 -27.08
CA GLY E 150 -8.72 28.58 -26.03
C GLY E 150 -8.66 29.96 -26.67
N TYR E 151 -7.88 30.08 -27.75
CA TYR E 151 -7.75 31.33 -28.48
C TYR E 151 -9.06 31.78 -29.08
N ARG E 152 -9.76 30.84 -29.68
CA ARG E 152 -11.09 31.15 -30.25
C ARG E 152 -12.04 31.65 -29.15
N LEU E 153 -12.01 31.03 -27.96
CA LEU E 153 -12.90 31.45 -26.86
C LEU E 153 -12.59 32.88 -26.46
N ALA E 154 -11.30 33.21 -26.45
CA ALA E 154 -10.88 34.53 -26.09
C ALA E 154 -11.47 35.50 -27.09
N GLN E 155 -11.52 35.09 -28.36
CA GLN E 155 -12.02 35.96 -29.42
C GLN E 155 -13.57 36.17 -29.33
N VAL E 156 -14.28 35.12 -28.98
CA VAL E 156 -15.71 35.25 -28.69
C VAL E 156 -15.91 36.24 -27.52
N TYR E 157 -15.03 36.15 -26.54
CA TYR E 157 -15.02 37.07 -25.38
C TYR E 157 -14.84 38.55 -25.78
N LEU E 158 -13.91 38.82 -26.69
CA LEU E 158 -13.69 40.19 -27.17
C LEU E 158 -14.86 40.74 -27.97
N ASN E 159 -15.56 39.87 -28.67
CA ASN E 159 -16.74 40.24 -29.43
C ASN E 159 -17.95 40.55 -28.54
N TRP E 160 -18.16 39.71 -27.52
CA TRP E 160 -19.41 39.73 -26.74
C TRP E 160 -19.37 40.51 -25.42
N ALA E 161 -18.20 40.59 -24.79
CA ALA E 161 -18.11 41.19 -23.48
C ALA E 161 -18.51 42.69 -23.52
N PRO E 162 -17.94 43.47 -24.46
CA PRO E 162 -18.40 44.85 -24.64
C PRO E 162 -19.87 44.92 -24.92
N LEU E 163 -20.46 43.91 -25.57
CA LEU E 163 -21.89 43.95 -25.83
C LEU E 163 -22.77 43.94 -24.58
N LEU E 164 -22.24 43.42 -23.48
CA LEU E 164 -23.03 43.32 -22.24
C LEU E 164 -22.89 44.61 -21.43
N GLY E 165 -21.95 45.45 -21.85
CA GLY E 165 -21.78 46.75 -21.19
C GLY E 165 -20.42 47.03 -20.60
N TYR E 166 -19.59 46.01 -20.52
CA TYR E 166 -18.30 46.15 -19.87
C TYR E 166 -17.34 46.96 -20.71
N LYS E 167 -16.41 47.66 -20.05
CA LYS E 167 -15.48 48.57 -20.74
C LYS E 167 -14.05 48.11 -20.63
N TYR E 168 -13.80 47.25 -19.66
CA TYR E 168 -12.46 46.78 -19.39
C TYR E 168 -12.56 45.37 -18.82
N SER E 169 -11.56 44.54 -19.17
CA SER E 169 -11.44 43.15 -18.78
C SER E 169 -10.33 42.96 -17.76
N ILE E 170 -10.54 42.11 -16.76
CA ILE E 170 -9.54 41.82 -15.73
C ILE E 170 -9.52 40.31 -15.40
N PHE E 171 -8.36 39.69 -15.49
CA PHE E 171 -8.16 38.35 -14.98
C PHE E 171 -7.22 38.55 -13.79
N ASN E 172 -7.63 38.10 -12.61
CA ASN E 172 -6.89 38.36 -11.40
C ASN E 172 -5.76 37.37 -11.18
N LEU E 173 -5.85 36.18 -11.78
CA LEU E 173 -4.87 35.16 -11.45
C LEU E 173 -4.57 34.27 -12.63
N VAL E 174 -3.70 34.71 -13.52
CA VAL E 174 -3.23 33.77 -14.55
C VAL E 174 -1.83 33.36 -14.15
N PHE E 175 -1.70 32.14 -13.68
CA PHE E 175 -0.41 31.72 -13.14
C PHE E 175 0.63 31.61 -14.25
N VAL E 176 1.86 31.98 -13.93
CA VAL E 176 2.94 31.99 -14.89
C VAL E 176 3.20 30.60 -15.51
N THR E 177 2.74 29.53 -14.84
CA THR E 177 2.85 28.15 -15.33
C THR E 177 1.75 27.83 -16.31
N ASN E 178 0.75 28.71 -16.41
CA ASN E 178 -0.34 28.51 -17.36
C ASN E 178 -0.01 29.05 -18.75
N GLN E 179 0.02 28.14 -19.72
CA GLN E 179 0.51 28.46 -21.07
C GLN E 179 -0.41 29.42 -21.78
N ALA E 180 -1.67 29.50 -21.32
CA ALA E 180 -2.63 30.45 -21.85
C ALA E 180 -2.02 31.82 -21.86
N SER E 181 -1.24 32.16 -20.84
CA SER E 181 -0.57 33.47 -20.79
C SER E 181 0.08 33.88 -22.13
N TRP E 182 1.07 33.11 -22.59
CA TRP E 182 1.82 33.50 -23.79
C TRP E 182 1.16 32.98 -25.08
N LYS E 183 0.37 31.90 -25.00
CA LYS E 183 -0.34 31.43 -26.19
C LYS E 183 -1.56 32.25 -26.58
N ILE E 184 -2.19 32.91 -25.61
CA ILE E 184 -3.49 33.52 -25.84
C ILE E 184 -3.48 34.99 -25.48
N TRP E 185 -3.35 35.32 -24.17
CA TRP E 185 -3.51 36.69 -23.70
C TRP E 185 -2.48 37.67 -24.25
N ASP E 186 -1.22 37.34 -24.10
CA ASP E 186 -0.15 38.14 -24.73
C ASP E 186 -0.40 38.43 -26.24
N LYS E 187 -0.91 37.43 -26.98
CA LYS E 187 -1.12 37.55 -28.44
C LYS E 187 -2.35 38.34 -28.82
N LEU E 188 -3.30 38.41 -27.89
CA LEU E 188 -4.49 39.21 -28.15
C LEU E 188 -4.33 40.58 -27.48
N ASN E 189 -3.08 40.96 -27.22
CA ASN E 189 -2.75 42.26 -26.63
C ASN E 189 -3.60 42.61 -25.41
N PHE E 190 -3.63 41.65 -24.48
CA PHE E 190 -4.01 41.90 -23.11
C PHE E 190 -2.73 42.35 -22.41
N GLN E 191 -2.78 43.52 -21.79
CA GLN E 191 -1.62 44.00 -21.08
C GLN E 191 -1.47 43.28 -19.76
N ARG E 192 -0.24 43.00 -19.42
CA ARG E 192 0.06 42.53 -18.11
C ARG E 192 0.05 43.73 -17.14
N ILE E 193 -1.09 44.04 -16.51
CA ILE E 193 -1.15 45.24 -15.69
C ILE E 193 -0.67 45.04 -14.26
N GLY E 194 -0.27 43.82 -13.91
CA GLY E 194 0.21 43.55 -12.57
C GLY E 194 0.74 42.16 -12.41
N LEU E 195 1.42 41.92 -11.27
CA LEU E 195 2.00 40.63 -10.96
C LEU E 195 2.00 40.38 -9.43
N VAL E 196 1.45 39.23 -9.02
CA VAL E 196 1.44 38.81 -7.63
C VAL E 196 2.43 37.68 -7.48
N PRO E 197 3.50 37.91 -6.72
CA PRO E 197 4.52 36.86 -6.61
C PRO E 197 4.13 35.75 -5.61
N HIS E 198 4.48 34.50 -5.91
CA HIS E 198 4.21 33.39 -5.00
C HIS E 198 2.71 33.30 -4.74
N ALA E 199 1.90 33.65 -5.73
CA ALA E 199 0.47 33.80 -5.51
C ALA E 199 -0.21 32.50 -5.11
N GLY E 200 0.08 31.43 -5.84
CA GLY E 200 -0.62 30.19 -5.66
C GLY E 200 0.20 28.98 -5.26
N ILE E 201 -0.39 28.17 -4.40
CA ILE E 201 0.18 26.89 -4.11
C ILE E 201 -0.58 25.91 -4.98
N LEU E 202 0.14 25.38 -5.95
CA LEU E 202 -0.41 24.55 -7.01
C LEU E 202 0.00 23.10 -6.93
N ASN E 203 -0.90 22.23 -7.34
CA ASN E 203 -0.63 20.79 -7.34
C ASN E 203 0.53 20.41 -8.27
N GLY E 204 1.57 19.75 -7.74
CA GLY E 204 2.67 19.26 -8.59
C GLY E 204 3.81 20.26 -8.71
N PHE E 205 3.69 21.41 -8.05
CA PHE E 205 4.72 22.45 -8.10
C PHE E 205 5.25 22.68 -6.69
N SER E 206 6.58 22.70 -6.55
CA SER E 206 7.25 22.69 -5.22
C SER E 206 7.48 24.06 -4.63
N GLU E 207 7.31 25.09 -5.43
CA GLU E 207 7.35 26.45 -4.96
C GLU E 207 5.96 27.00 -5.26
N PRO E 208 5.54 28.03 -4.52
CA PRO E 208 4.42 28.92 -4.83
C PRO E 208 4.67 29.56 -6.19
N VAL E 209 3.63 29.70 -6.99
CA VAL E 209 3.74 30.18 -8.34
C VAL E 209 3.14 31.55 -8.48
N ASP E 210 3.86 32.42 -9.16
CA ASP E 210 3.44 33.78 -9.43
C ASP E 210 2.20 33.81 -10.32
N ALA E 211 1.39 34.87 -10.18
CA ALA E 211 0.21 35.08 -11.00
C ALA E 211 0.25 36.43 -11.69
N ILE E 212 -0.13 36.40 -12.97
CA ILE E 212 -0.21 37.61 -13.77
C ILE E 212 -1.64 38.15 -13.69
N ILE E 213 -1.73 39.47 -13.56
CA ILE E 213 -2.98 40.15 -13.69
C ILE E 213 -3.13 40.75 -15.07
N TYR E 214 -4.16 40.35 -15.80
CA TYR E 214 -4.29 40.83 -17.17
C TYR E 214 -5.42 41.87 -17.32
N GLY E 215 -5.13 42.89 -18.12
CA GLY E 215 -6.11 43.92 -18.40
C GLY E 215 -6.25 44.22 -19.86
N LYS E 216 -7.46 44.58 -20.29
CA LYS E 216 -7.70 45.05 -21.66
C LYS E 216 -8.86 46.06 -21.76
N ASP E 217 -8.61 47.12 -22.53
CA ASP E 217 -9.67 48.05 -22.89
C ASP E 217 -10.61 47.38 -23.87
N LEU E 218 -11.83 47.08 -23.42
CA LEU E 218 -12.84 46.44 -24.28
C LEU E 218 -13.53 47.42 -25.26
N THR E 219 -13.32 48.71 -25.08
CA THR E 219 -13.99 49.69 -25.96
C THR E 219 -13.15 50.02 -27.23
N LYS E 220 -11.86 49.65 -27.21
CA LYS E 220 -10.94 49.87 -28.34
C LYS E 220 -10.15 48.59 -28.69
N ILE E 221 -10.78 47.67 -29.41
CA ILE E 221 -10.18 46.39 -29.66
C ILE E 221 -9.80 46.28 -31.11
N GLU E 222 -8.59 45.79 -31.32
CA GLU E 222 -8.01 45.57 -32.64
C GLU E 222 -8.96 44.72 -33.46
N PRO E 223 -9.27 45.15 -34.69
CA PRO E 223 -10.27 44.45 -35.51
C PRO E 223 -9.81 43.06 -35.98
N GLU E 224 -8.51 42.91 -36.20
CA GLU E 224 -7.93 41.61 -36.60
C GLU E 224 -8.16 40.55 -35.51
N PHE E 225 -8.29 41.00 -34.26
CA PHE E 225 -8.54 40.09 -33.15
C PHE E 225 -10.00 39.74 -33.07
N LEU E 226 -10.87 40.66 -33.46
CA LEU E 226 -12.32 40.43 -33.35
C LEU E 226 -12.85 39.54 -34.46
N SER E 227 -12.16 39.53 -35.62
CA SER E 227 -12.61 38.73 -36.77
C SER E 227 -12.23 37.26 -36.62
N MET E 228 -13.21 36.37 -36.82
CA MET E 228 -12.99 34.95 -36.58
C MET E 228 -12.77 34.20 -37.88
N GLU E 229 -12.90 34.91 -39.01
CA GLU E 229 -12.51 34.38 -40.30
C GLU E 229 -11.00 34.20 -40.19
N SER F 5 -10.45 34.87 31.29
CA SER F 5 -10.61 34.16 30.01
C SER F 5 -10.06 34.88 28.77
N ILE F 6 -9.40 34.11 27.91
CA ILE F 6 -8.72 34.69 26.77
C ILE F 6 -9.22 34.18 25.40
N GLU F 7 -10.40 33.56 25.35
CA GLU F 7 -10.89 33.01 24.09
C GLU F 7 -10.95 34.11 23.04
N TRP F 8 -11.26 35.34 23.47
CA TRP F 8 -11.41 36.43 22.54
C TRP F 8 -10.12 36.82 21.78
N LYS F 9 -8.97 36.28 22.20
CA LYS F 9 -7.75 36.62 21.51
C LYS F 9 -6.92 35.41 21.02
N LEU F 10 -7.51 34.21 21.07
CA LEU F 10 -6.90 32.97 20.57
C LEU F 10 -7.05 32.83 19.05
N THR F 11 -5.90 32.62 18.39
CA THR F 11 -5.84 32.46 16.94
C THR F 11 -6.50 31.15 16.53
N ALA F 12 -6.69 30.25 17.49
CA ALA F 12 -7.41 29.01 17.23
C ALA F 12 -8.87 29.27 16.89
N ASN F 13 -9.37 30.45 17.25
CA ASN F 13 -10.72 30.80 16.94
C ASN F 13 -10.83 31.61 15.65
N LEU F 14 -9.75 31.60 14.85
CA LEU F 14 -9.78 32.31 13.60
C LEU F 14 -10.72 31.60 12.62
N ARG F 15 -11.69 32.37 12.13
CA ARG F 15 -12.65 31.90 11.11
C ARG F 15 -12.26 32.33 9.66
N ASN F 16 -12.36 31.38 8.74
CA ASN F 16 -12.25 31.63 7.30
C ASN F 16 -10.88 32.20 6.96
N GLY F 17 -9.88 31.76 7.69
CA GLY F 17 -8.53 32.20 7.43
C GLY F 17 -7.82 31.39 6.37
N PRO F 18 -6.49 31.51 6.32
CA PRO F 18 -5.74 30.83 5.26
C PRO F 18 -5.88 29.31 5.43
N THR F 19 -5.95 28.59 4.30
CA THR F 19 -6.14 27.14 4.31
C THR F 19 -4.84 26.34 4.51
N PHE F 20 -3.72 26.78 3.93
CA PHE F 20 -2.46 26.02 4.01
C PHE F 20 -1.43 26.48 5.07
N PHE F 21 -1.68 27.62 5.73
CA PHE F 21 -0.74 28.08 6.75
C PHE F 21 -1.37 28.30 8.10
N GLN F 22 -0.73 27.77 9.13
CA GLN F 22 -1.18 27.96 10.51
C GLN F 22 -0.77 29.32 11.09
N PRO F 23 -1.48 29.75 12.14
CA PRO F 23 -1.06 30.98 12.79
C PRO F 23 0.32 30.81 13.40
N LEU F 24 1.08 31.88 13.58
CA LEU F 24 2.43 31.76 14.11
C LEU F 24 2.46 31.99 15.62
N ALA F 25 1.31 32.30 16.21
CA ALA F 25 1.22 32.55 17.65
C ALA F 25 -0.12 32.07 18.15
N ASP F 26 -0.16 31.56 19.38
CA ASP F 26 -1.38 31.05 19.98
C ASP F 26 -2.38 32.15 20.29
N SER F 27 -1.91 33.39 20.44
CA SER F 27 -2.82 34.48 20.86
C SER F 27 -2.38 35.81 20.26
N ILE F 28 -3.29 36.77 20.18
CA ILE F 28 -2.93 38.12 19.83
C ILE F 28 -3.23 39.09 20.98
N GLU F 29 -2.17 39.65 21.57
CA GLU F 29 -2.34 40.56 22.69
C GLU F 29 -2.56 41.97 22.19
N PRO F 30 -3.39 42.74 22.89
CA PRO F 30 -3.65 44.12 22.46
C PRO F 30 -2.33 44.88 22.38
N LEU F 31 -2.25 45.80 21.43
CA LEU F 31 -1.06 46.53 21.11
C LEU F 31 -1.31 47.99 21.52
N GLN F 32 -0.53 48.49 22.48
CA GLN F 32 -0.67 49.86 22.98
C GLN F 32 0.43 50.70 22.43
N PHE F 33 0.09 51.91 22.03
CA PHE F 33 1.06 52.81 21.48
C PHE F 33 0.45 54.17 21.59
N LYS F 34 1.23 55.17 21.22
CA LYS F 34 0.76 56.54 21.21
C LYS F 34 0.46 56.99 19.80
N LEU F 35 -0.54 57.86 19.66
CA LEU F 35 -0.74 58.57 18.40
C LEU F 35 0.54 59.39 18.05
N ILE F 36 0.91 59.38 16.78
CA ILE F 36 2.17 59.98 16.34
C ILE F 36 2.24 61.49 16.68
N GLY F 37 3.35 61.88 17.32
CA GLY F 37 3.58 63.26 17.72
C GLY F 37 2.67 63.69 18.84
N SER F 38 2.23 62.72 19.63
CA SER F 38 1.27 62.93 20.71
C SER F 38 1.64 62.04 21.88
N ASP F 39 1.00 62.29 23.02
CA ASP F 39 1.14 61.44 24.20
C ASP F 39 -0.16 60.65 24.42
N THR F 40 -1.15 60.94 23.58
CA THR F 40 -2.43 60.24 23.57
C THR F 40 -2.26 58.74 23.31
N VAL F 41 -2.73 57.94 24.24
CA VAL F 41 -2.55 56.50 24.13
C VAL F 41 -3.71 55.81 23.37
N ALA F 42 -3.35 54.89 22.49
CA ALA F 42 -4.35 54.11 21.77
C ALA F 42 -4.01 52.64 21.96
N THR F 43 -5.06 51.83 21.92
CA THR F 43 -4.93 50.40 22.02
C THR F 43 -5.73 49.69 20.91
N ALA F 44 -5.03 48.77 20.23
CA ALA F 44 -5.60 47.94 19.18
C ALA F 44 -6.01 46.57 19.74
N PHE F 45 -7.24 46.14 19.43
CA PHE F 45 -7.77 44.86 19.93
C PHE F 45 -8.16 44.01 18.76
N PRO F 46 -7.84 42.73 18.87
CA PRO F 46 -8.20 41.76 17.84
C PRO F 46 -9.69 41.43 17.97
N VAL F 47 -10.33 41.03 16.88
CA VAL F 47 -11.71 40.62 16.93
C VAL F 47 -11.83 39.34 16.13
N PHE F 48 -11.95 38.21 16.82
CA PHE F 48 -12.12 36.95 16.14
C PHE F 48 -13.59 36.59 15.93
N ASP F 49 -14.44 37.28 16.68
CA ASP F 49 -15.88 37.07 16.60
C ASP F 49 -16.60 38.27 17.26
N THR F 50 -17.73 38.69 16.70
CA THR F 50 -18.37 39.92 17.09
C THR F 50 -18.98 39.81 18.49
N LYS F 51 -19.26 38.59 18.89
CA LYS F 51 -19.81 38.35 20.20
C LYS F 51 -18.87 38.75 21.37
N TYR F 52 -17.60 38.99 21.07
CA TYR F 52 -16.66 39.39 22.10
C TYR F 52 -16.59 40.91 22.20
N ILE F 53 -17.25 41.62 21.30
CA ILE F 53 -17.19 43.07 21.39
C ILE F 53 -18.58 43.62 21.63
N PRO F 54 -18.63 44.81 22.24
CA PRO F 54 -19.93 45.41 22.59
C PRO F 54 -20.82 45.64 21.36
N ASP F 55 -22.10 45.33 21.51
CA ASP F 55 -23.05 45.61 20.45
C ASP F 55 -23.09 47.07 20.02
N SER F 56 -22.93 48.00 20.97
CA SER F 56 -23.08 49.41 20.61
C SER F 56 -21.92 49.81 19.72
N LEU F 57 -20.77 49.16 19.89
CA LEU F 57 -19.64 49.45 19.01
C LEU F 57 -19.89 48.89 17.58
N ILE F 58 -20.49 47.71 17.49
CA ILE F 58 -20.76 47.08 16.22
C ILE F 58 -21.66 48.03 15.44
N ASN F 59 -22.71 48.46 16.08
CA ASN F 59 -23.67 49.35 15.44
C ASN F 59 -23.06 50.70 15.09
N TYR F 60 -22.13 51.17 15.90
CA TYR F 60 -21.41 52.35 15.52
C TYR F 60 -20.55 52.09 14.25
N LEU F 61 -19.85 50.96 14.18
CA LEU F 61 -19.05 50.61 12.99
C LEU F 61 -19.89 50.48 11.73
N PHE F 62 -21.02 49.78 11.88
CA PHE F 62 -22.01 49.69 10.84
C PHE F 62 -22.27 51.05 10.20
N LYS F 63 -22.54 52.06 11.03
CA LYS F 63 -22.93 53.36 10.54
C LYS F 63 -21.76 54.09 9.89
N LEU F 64 -20.59 53.86 10.46
CA LEU F 64 -19.37 54.50 10.01
C LEU F 64 -18.98 54.01 8.62
N PHE F 65 -19.18 52.72 8.38
CA PHE F 65 -18.84 52.16 7.09
C PHE F 65 -19.82 52.69 6.06
N ASN F 66 -21.09 52.76 6.42
CA ASN F 66 -22.09 53.32 5.50
C ASN F 66 -21.83 54.81 5.14
N LEU F 67 -21.28 55.59 6.07
CA LEU F 67 -20.89 56.97 5.79
C LEU F 67 -19.75 56.99 4.79
N GLU F 68 -18.81 56.04 4.93
CA GLU F 68 -17.70 55.96 4.01
C GLU F 68 -18.21 55.52 2.60
N ILE F 69 -19.17 54.61 2.56
CA ILE F 69 -19.80 54.23 1.29
C ILE F 69 -20.54 55.39 0.63
N GLU F 70 -21.32 56.14 1.39
CA GLU F 70 -22.09 57.24 0.79
C GLU F 70 -21.18 58.37 0.32
N SER F 71 -20.03 58.53 0.94
CA SER F 71 -19.04 59.47 0.42
C SER F 71 -18.65 59.14 -1.04
N GLY F 72 -18.60 57.86 -1.37
CA GLY F 72 -18.46 57.39 -2.75
C GLY F 72 -17.12 57.62 -3.43
N LYS F 73 -16.06 57.68 -2.66
CA LYS F 73 -14.75 58.00 -3.21
C LYS F 73 -13.68 56.97 -2.86
N THR F 74 -13.93 56.09 -1.90
CA THR F 74 -12.87 55.24 -1.42
C THR F 74 -13.12 53.71 -1.62
N TYR F 75 -14.38 53.29 -1.41
CA TYR F 75 -14.82 51.91 -1.60
C TYR F 75 -15.63 51.72 -2.91
N PRO F 76 -15.69 50.48 -3.40
CA PRO F 76 -16.45 50.16 -4.63
C PRO F 76 -17.97 49.97 -4.43
N GLN F 77 -18.43 49.84 -3.19
CA GLN F 77 -19.86 49.74 -2.93
C GLN F 77 -20.54 51.03 -3.33
N LEU F 78 -21.71 50.89 -3.94
CA LEU F 78 -22.55 52.02 -4.30
C LEU F 78 -23.58 52.32 -3.17
N HIS F 79 -24.26 51.29 -2.68
CA HIS F 79 -25.30 51.47 -1.67
C HIS F 79 -24.87 51.05 -0.27
N SER F 80 -25.51 51.64 0.73
CA SER F 80 -25.31 51.28 2.11
C SER F 80 -25.62 49.81 2.27
N LEU F 81 -24.98 49.19 3.26
CA LEU F 81 -25.24 47.79 3.57
C LEU F 81 -26.33 47.68 4.59
N THR F 82 -27.09 46.59 4.53
CA THR F 82 -27.92 46.21 5.70
C THR F 82 -27.02 45.84 6.89
N LYS F 83 -27.62 45.63 8.03
CA LYS F 83 -26.86 45.33 9.23
C LYS F 83 -26.18 43.95 9.10
N GLN F 84 -26.92 42.97 8.59
CA GLN F 84 -26.34 41.64 8.36
C GLN F 84 -25.30 41.66 7.24
N GLY F 85 -25.53 42.49 6.24
CA GLY F 85 -24.60 42.69 5.13
C GLY F 85 -23.28 43.21 5.67
N PHE F 86 -23.34 44.12 6.65
CA PHE F 86 -22.15 44.66 7.26
C PHE F 86 -21.41 43.63 8.08
N LEU F 87 -22.14 42.87 8.91
CA LEU F 87 -21.53 41.81 9.71
C LEU F 87 -20.78 40.79 8.85
N ASN F 88 -21.44 40.31 7.80
CA ASN F 88 -20.88 39.27 6.95
C ASN F 88 -19.67 39.77 6.17
N TYR F 89 -19.55 41.08 5.99
CA TYR F 89 -18.49 41.71 5.20
C TYR F 89 -17.29 42.07 6.08
N TRP F 90 -17.50 42.89 7.09
CA TRP F 90 -16.38 43.35 7.94
C TRP F 90 -15.83 42.24 8.80
N PHE F 91 -16.68 41.34 9.24
CA PHE F 91 -16.31 40.28 10.18
C PHE F 91 -16.34 38.86 9.58
N HIS F 92 -16.23 38.79 8.26
CA HIS F 92 -16.17 37.50 7.58
C HIS F 92 -15.06 36.61 8.18
N SER F 93 -13.93 37.25 8.51
CA SER F 93 -12.79 36.54 9.05
C SER F 93 -12.25 37.25 10.30
N PHE F 94 -11.26 38.12 10.16
CA PHE F 94 -10.65 38.79 11.32
C PHE F 94 -10.89 40.29 11.24
N ALA F 95 -10.93 40.93 12.41
CA ALA F 95 -11.00 42.37 12.41
C ALA F 95 -10.29 42.97 13.59
N VAL F 96 -10.15 44.28 13.53
CA VAL F 96 -9.39 44.96 14.54
C VAL F 96 -10.08 46.26 14.90
N VAL F 97 -10.15 46.56 16.18
CA VAL F 97 -10.59 47.88 16.56
C VAL F 97 -9.50 48.59 17.37
N VAL F 98 -9.39 49.87 17.07
CA VAL F 98 -8.42 50.72 17.71
C VAL F 98 -9.15 51.84 18.47
N LEU F 99 -8.99 51.78 19.79
CA LEU F 99 -9.64 52.68 20.71
C LEU F 99 -8.65 53.56 21.44
N GLN F 100 -9.09 54.78 21.72
CA GLN F 100 -8.31 55.75 22.48
C GLN F 100 -8.53 55.40 23.95
N THR F 101 -7.68 54.54 24.48
CA THR F 101 -7.81 54.07 25.84
C THR F 101 -6.46 53.42 26.20
N ASP F 102 -6.20 53.29 27.50
CA ASP F 102 -5.02 52.60 28.04
C ASP F 102 -5.43 51.25 28.66
N GLU F 103 -6.70 50.87 28.56
CA GLU F 103 -7.14 49.58 29.11
C GLU F 103 -6.77 48.46 28.13
N LYS F 104 -6.62 47.24 28.62
CA LYS F 104 -6.25 46.08 27.81
C LYS F 104 -7.49 45.23 27.47
N PHE F 105 -8.66 45.81 27.64
CA PHE F 105 -9.90 45.14 27.30
C PHE F 105 -10.85 46.24 26.86
N ILE F 106 -11.92 45.84 26.19
CA ILE F 106 -12.89 46.82 25.69
C ILE F 106 -14.05 46.89 26.66
N GLN F 107 -14.33 48.09 27.20
CA GLN F 107 -15.48 48.35 28.09
C GLN F 107 -16.75 48.64 27.29
N ASP F 108 -17.89 48.16 27.81
CA ASP F 108 -19.20 48.35 27.17
C ASP F 108 -19.63 49.80 27.20
N ASN F 109 -20.61 50.19 26.38
CA ASN F 109 -21.15 51.58 26.31
C ASN F 109 -20.15 52.73 26.45
N GLN F 110 -19.10 52.76 25.61
CA GLN F 110 -18.29 53.96 25.59
C GLN F 110 -18.91 54.93 24.57
N ASP F 111 -18.45 56.16 24.58
CA ASP F 111 -18.85 57.11 23.57
C ASP F 111 -17.93 56.85 22.35
N TRP F 112 -18.44 56.08 21.40
CA TRP F 112 -17.60 55.56 20.35
C TRP F 112 -17.21 56.71 19.44
N ASN F 113 -18.04 57.72 19.34
CA ASN F 113 -17.76 58.81 18.43
C ASN F 113 -16.49 59.55 18.81
N SER F 114 -15.99 59.33 20.03
CA SER F 114 -14.67 59.88 20.36
C SER F 114 -13.65 58.80 20.71
N VAL F 115 -14.10 57.66 21.20
CA VAL F 115 -13.16 56.62 21.59
C VAL F 115 -12.64 55.76 20.40
N LEU F 116 -13.46 55.64 19.35
CA LEU F 116 -13.12 54.78 18.21
C LEU F 116 -12.25 55.57 17.27
N LEU F 117 -11.00 55.15 17.15
CA LEU F 117 -10.06 55.78 16.22
C LEU F 117 -10.23 55.21 14.81
N GLY F 118 -10.22 53.89 14.72
CA GLY F 118 -10.37 53.25 13.44
C GLY F 118 -10.46 51.75 13.52
N THR F 119 -10.79 51.13 12.40
CA THR F 119 -10.98 49.69 12.33
C THR F 119 -10.49 49.17 10.97
N PHE F 120 -10.12 47.91 10.90
CA PHE F 120 -9.89 47.31 9.59
C PHE F 120 -10.21 45.83 9.71
N TYR F 121 -10.48 45.18 8.58
CA TYR F 121 -10.70 43.75 8.55
C TYR F 121 -9.50 43.09 7.89
N ILE F 122 -9.25 41.82 8.20
CA ILE F 122 -8.26 41.05 7.45
C ILE F 122 -8.85 39.69 7.08
N LYS F 123 -8.77 39.36 5.79
CA LYS F 123 -9.34 38.12 5.31
C LYS F 123 -8.58 37.63 4.09
N PRO F 124 -8.83 36.39 3.69
CA PRO F 124 -8.10 35.94 2.50
C PRO F 124 -8.51 36.71 1.26
N ASN F 125 -7.58 37.07 0.37
CA ASN F 125 -7.97 37.85 -0.81
C ASN F 125 -8.58 37.00 -1.93
N TYR F 126 -8.31 35.70 -1.89
CA TYR F 126 -8.74 34.76 -2.91
C TYR F 126 -9.13 33.44 -2.28
N ALA F 127 -9.67 32.57 -3.14
CA ALA F 127 -9.95 31.16 -2.84
C ALA F 127 -8.67 30.41 -2.36
N PRO F 128 -8.84 29.23 -1.68
CA PRO F 128 -7.84 28.51 -0.84
C PRO F 128 -6.37 28.29 -1.33
N ARG F 129 -6.11 27.95 -2.60
CA ARG F 129 -4.70 27.76 -3.04
C ARG F 129 -3.92 29.07 -3.02
N CYS F 130 -4.66 30.18 -3.00
CA CYS F 130 -4.07 31.50 -2.92
C CYS F 130 -4.46 32.23 -1.64
N SER F 131 -4.87 31.49 -0.61
CA SER F 131 -5.47 32.15 0.58
C SER F 131 -4.41 32.69 1.56
N HIS F 132 -3.13 32.45 1.27
CA HIS F 132 -2.03 33.00 2.10
C HIS F 132 -1.82 34.44 1.73
N ASN F 133 -2.54 34.90 0.70
CA ASN F 133 -2.59 36.34 0.39
C ASN F 133 -3.79 36.99 1.07
N CYS F 134 -3.56 37.97 1.95
CA CYS F 134 -4.66 38.56 2.68
C CYS F 134 -5.00 39.92 2.13
N ASN F 135 -6.25 40.33 2.34
CA ASN F 135 -6.73 41.63 1.98
C ASN F 135 -7.19 42.35 3.25
N ALA F 136 -7.18 43.67 3.23
CA ALA F 136 -7.59 44.46 4.38
C ALA F 136 -8.21 45.74 3.85
N GLY F 137 -9.19 46.21 4.60
CA GLY F 137 -9.84 47.47 4.33
C GLY F 137 -9.81 48.25 5.62
N PHE F 138 -9.69 49.56 5.51
CA PHE F 138 -9.45 50.40 6.68
C PHE F 138 -10.54 51.46 6.85
N LEU F 139 -10.78 51.83 8.10
CA LEU F 139 -11.70 52.95 8.40
C LEU F 139 -11.14 53.76 9.54
N VAL F 140 -11.16 55.07 9.31
CA VAL F 140 -10.75 56.03 10.29
C VAL F 140 -11.96 56.87 10.74
N ASN F 141 -12.12 57.03 12.05
CA ASN F 141 -13.22 57.87 12.54
C ASN F 141 -13.00 59.30 12.06
N GLY F 142 -13.93 59.89 11.30
CA GLY F 142 -13.76 61.25 10.79
C GLY F 142 -13.62 62.41 11.83
N ALA F 143 -13.95 62.11 13.08
CA ALA F 143 -13.68 63.00 14.20
C ALA F 143 -12.23 62.96 14.56
N HIS F 144 -11.49 62.01 14.00
CA HIS F 144 -10.08 61.85 14.33
C HIS F 144 -9.22 61.87 13.11
N ARG F 145 -9.63 62.67 12.12
CA ARG F 145 -8.77 63.00 11.01
C ARG F 145 -7.59 63.83 11.53
N GLY F 146 -6.48 63.80 10.80
CA GLY F 146 -5.37 64.70 11.07
C GLY F 146 -4.43 64.23 12.15
N GLN F 147 -4.58 62.97 12.58
CA GLN F 147 -3.80 62.46 13.69
C GLN F 147 -3.03 61.22 13.25
N LYS F 148 -3.00 60.97 11.95
CA LYS F 148 -2.18 59.85 11.44
C LYS F 148 -2.60 58.50 12.02
N VAL F 149 -3.88 58.41 12.28
CA VAL F 149 -4.47 57.17 12.71
C VAL F 149 -4.29 56.11 11.64
N GLY F 150 -4.61 56.47 10.38
CA GLY F 150 -4.45 55.54 9.26
C GLY F 150 -3.08 54.87 9.22
N TYR F 151 -2.02 55.61 9.52
CA TYR F 151 -0.68 55.05 9.45
C TYR F 151 -0.48 54.02 10.58
N ARG F 152 -1.01 54.38 11.75
CA ARG F 152 -0.95 53.49 12.90
C ARG F 152 -1.74 52.23 12.65
N LEU F 153 -2.88 52.35 11.98
CA LEU F 153 -3.66 51.15 11.61
C LEU F 153 -2.80 50.29 10.69
N ALA F 154 -2.12 50.92 9.75
CA ALA F 154 -1.29 50.18 8.82
C ALA F 154 -0.17 49.44 9.55
N GLN F 155 0.38 50.03 10.62
CA GLN F 155 1.42 49.32 11.39
C GLN F 155 0.89 48.12 12.19
N VAL F 156 -0.27 48.30 12.83
CA VAL F 156 -0.92 47.19 13.51
C VAL F 156 -1.13 46.02 12.56
N TYR F 157 -1.61 46.32 11.35
CA TYR F 157 -1.81 45.31 10.32
C TYR F 157 -0.52 44.53 10.04
N LEU F 158 0.60 45.25 9.92
CA LEU F 158 1.91 44.63 9.64
C LEU F 158 2.34 43.73 10.79
N ASN F 159 1.99 44.11 12.02
CA ASN F 159 2.30 43.22 13.15
C ASN F 159 1.45 41.94 13.21
N TRP F 160 0.17 42.05 12.84
CA TRP F 160 -0.80 40.95 13.12
C TRP F 160 -1.12 40.07 11.92
N ALA F 161 -1.19 40.64 10.73
CA ALA F 161 -1.56 39.83 9.58
C ALA F 161 -0.65 38.57 9.46
N PRO F 162 0.69 38.72 9.60
CA PRO F 162 1.58 37.54 9.57
C PRO F 162 1.31 36.57 10.72
N LEU F 163 0.89 37.07 11.87
CA LEU F 163 0.59 36.15 12.97
C LEU F 163 -0.60 35.24 12.68
N LEU F 164 -1.49 35.65 11.79
CA LEU F 164 -2.66 34.82 11.45
C LEU F 164 -2.31 33.76 10.42
N GLY F 165 -1.11 33.83 9.87
CA GLY F 165 -0.68 32.83 8.90
C GLY F 165 -0.43 33.36 7.51
N TYR F 166 -0.80 34.62 7.25
CA TYR F 166 -0.64 35.18 5.94
C TYR F 166 0.85 35.38 5.59
N LYS F 167 1.15 35.34 4.29
CA LYS F 167 2.56 35.52 3.83
C LYS F 167 2.75 36.76 3.01
N TYR F 168 1.65 37.28 2.48
CA TYR F 168 1.64 38.38 1.52
C TYR F 168 0.34 39.20 1.63
N SER F 169 0.46 40.52 1.43
CA SER F 169 -0.68 41.44 1.53
C SER F 169 -1.06 41.96 0.14
N ILE F 170 -2.34 42.05 -0.13
CA ILE F 170 -2.89 42.57 -1.40
C ILE F 170 -4.05 43.56 -1.16
N PHE F 171 -3.93 44.74 -1.72
CA PHE F 171 -5.05 45.65 -1.82
C PHE F 171 -5.37 45.75 -3.31
N ASN F 172 -6.62 45.44 -3.62
CA ASN F 172 -7.12 45.42 -4.99
C ASN F 172 -7.46 46.77 -5.62
N LEU F 173 -7.93 47.70 -4.79
CA LEU F 173 -8.42 48.96 -5.30
C LEU F 173 -8.04 50.15 -4.42
N VAL F 174 -6.82 50.67 -4.59
CA VAL F 174 -6.51 51.93 -3.98
C VAL F 174 -6.52 53.01 -5.05
N PHE F 175 -7.62 53.76 -5.09
CA PHE F 175 -7.82 54.80 -6.06
C PHE F 175 -6.72 55.86 -5.92
N VAL F 176 -6.24 56.36 -7.07
CA VAL F 176 -5.14 57.29 -7.10
C VAL F 176 -5.51 58.58 -6.34
N THR F 177 -6.82 58.85 -6.22
CA THR F 177 -7.31 60.02 -5.49
C THR F 177 -7.30 59.92 -3.95
N ASN F 178 -6.83 58.80 -3.45
CA ASN F 178 -6.87 58.49 -2.04
C ASN F 178 -5.49 58.61 -1.47
N GLN F 179 -5.22 59.72 -0.78
CA GLN F 179 -3.90 60.09 -0.28
C GLN F 179 -3.27 59.07 0.65
N ALA F 180 -4.03 58.07 1.10
CA ALA F 180 -3.42 56.99 1.87
C ALA F 180 -2.33 56.27 1.02
N SER F 181 -2.53 56.26 -0.29
CA SER F 181 -1.52 55.73 -1.23
C SER F 181 -0.14 56.25 -0.88
N TRP F 182 0.00 57.55 -0.72
CA TRP F 182 1.35 58.11 -0.62
C TRP F 182 1.66 58.45 0.84
N LYS F 183 0.65 58.86 1.59
CA LYS F 183 0.84 59.15 3.03
C LYS F 183 1.10 57.88 3.82
N ILE F 184 0.63 56.73 3.31
CA ILE F 184 0.73 55.48 4.08
C ILE F 184 1.36 54.30 3.36
N TRP F 185 0.77 53.84 2.25
CA TRP F 185 1.26 52.57 1.67
C TRP F 185 2.65 52.70 1.06
N ASP F 186 2.89 53.80 0.35
CA ASP F 186 4.23 54.03 -0.26
C ASP F 186 5.22 54.21 0.87
N LYS F 187 4.84 54.91 1.94
CA LYS F 187 5.78 55.16 3.05
C LYS F 187 6.11 53.90 3.82
N LEU F 188 5.20 52.93 3.80
CA LEU F 188 5.46 51.66 4.49
C LEU F 188 6.08 50.59 3.60
N ASN F 189 6.58 51.04 2.45
CA ASN F 189 7.14 50.18 1.43
C ASN F 189 6.18 49.06 1.03
N PHE F 190 4.97 49.47 0.70
CA PHE F 190 4.06 48.62 -0.05
C PHE F 190 4.35 48.87 -1.53
N GLN F 191 4.64 47.81 -2.29
CA GLN F 191 4.93 47.95 -3.73
C GLN F 191 3.66 48.13 -4.53
N ARG F 192 3.71 49.01 -5.52
CA ARG F 192 2.66 49.13 -6.48
C ARG F 192 2.85 48.02 -7.51
N ILE F 193 2.19 46.90 -7.29
CA ILE F 193 2.38 45.73 -8.15
C ILE F 193 1.47 45.75 -9.33
N GLY F 194 0.63 46.79 -9.44
CA GLY F 194 -0.33 46.86 -10.52
C GLY F 194 -1.09 48.17 -10.54
N LEU F 195 -1.80 48.40 -11.65
CA LEU F 195 -2.59 49.59 -11.87
C LEU F 195 -3.77 49.17 -12.73
N VAL F 196 -4.99 49.42 -12.28
CA VAL F 196 -6.17 49.15 -13.08
C VAL F 196 -6.63 50.46 -13.65
N PRO F 197 -6.53 50.64 -14.99
CA PRO F 197 -6.92 51.98 -15.48
C PRO F 197 -8.43 52.22 -15.47
N HIS F 198 -8.83 53.45 -15.14
CA HIS F 198 -10.24 53.80 -15.17
C HIS F 198 -11.10 52.88 -14.28
N ALA F 199 -10.56 52.54 -13.12
CA ALA F 199 -11.11 51.49 -12.28
C ALA F 199 -12.48 51.82 -11.69
N GLY F 200 -12.64 53.06 -11.20
CA GLY F 200 -13.78 53.45 -10.41
C GLY F 200 -14.48 54.71 -10.86
N ILE F 201 -15.82 54.62 -10.90
CA ILE F 201 -16.70 55.73 -11.21
C ILE F 201 -17.09 56.35 -9.86
N LEU F 202 -16.33 57.35 -9.45
CA LEU F 202 -16.44 57.85 -8.11
C LEU F 202 -17.27 59.12 -8.03
N ASN F 203 -17.94 59.24 -6.90
CA ASN F 203 -18.77 60.39 -6.56
C ASN F 203 -17.96 61.68 -6.64
N GLY F 204 -18.42 62.65 -7.44
CA GLY F 204 -17.70 63.93 -7.50
C GLY F 204 -16.46 63.98 -8.41
N PHE F 205 -16.24 62.95 -9.20
CA PHE F 205 -15.21 62.98 -10.23
C PHE F 205 -15.91 62.79 -11.56
N SER F 206 -15.31 63.29 -12.62
CA SER F 206 -15.89 63.07 -13.94
C SER F 206 -15.23 61.86 -14.60
N GLU F 207 -13.92 61.86 -14.70
CA GLU F 207 -13.24 60.75 -15.38
C GLU F 207 -13.15 59.60 -14.40
N PRO F 208 -13.37 58.38 -14.89
CA PRO F 208 -13.16 57.16 -14.10
C PRO F 208 -11.75 57.14 -13.58
N VAL F 209 -11.58 56.87 -12.29
CA VAL F 209 -10.31 57.00 -11.61
C VAL F 209 -9.51 55.70 -11.54
N ASP F 210 -8.21 55.77 -11.83
CA ASP F 210 -7.35 54.61 -11.78
C ASP F 210 -7.28 54.05 -10.34
N ALA F 211 -6.95 52.76 -10.23
CA ALA F 211 -6.69 52.13 -8.95
C ALA F 211 -5.36 51.37 -8.91
N ILE F 212 -4.63 51.58 -7.83
CA ILE F 212 -3.38 50.94 -7.59
C ILE F 212 -3.65 49.62 -6.92
N ILE F 213 -2.95 48.59 -7.39
CA ILE F 213 -2.91 47.34 -6.70
C ILE F 213 -1.61 47.36 -5.91
N TYR F 214 -1.74 47.19 -4.59
CA TYR F 214 -0.61 47.15 -3.66
C TYR F 214 -0.33 45.75 -3.12
N GLY F 215 0.95 45.35 -3.13
CA GLY F 215 1.40 44.12 -2.49
C GLY F 215 2.51 44.34 -1.50
N LYS F 216 2.70 43.36 -0.64
CA LYS F 216 3.77 43.46 0.34
C LYS F 216 4.03 42.10 0.91
N ASP F 217 5.31 41.75 0.94
CA ASP F 217 5.78 40.53 1.57
C ASP F 217 5.68 40.67 3.07
N LEU F 218 4.99 39.74 3.74
CA LEU F 218 4.73 39.86 5.15
C LEU F 218 5.64 39.00 5.96
N THR F 219 6.51 38.27 5.29
CA THR F 219 7.47 37.42 5.97
C THR F 219 8.75 38.22 6.28
N LYS F 220 9.01 39.27 5.51
CA LYS F 220 10.24 40.07 5.64
C LYS F 220 9.86 41.54 5.73
N ILE F 221 9.59 42.01 6.94
CA ILE F 221 9.11 43.36 7.12
C ILE F 221 10.18 44.16 7.82
N GLU F 222 10.47 45.32 7.28
CA GLU F 222 11.38 46.26 7.89
C GLU F 222 10.95 46.54 9.36
N PRO F 223 11.83 46.21 10.32
CA PRO F 223 11.54 46.37 11.76
C PRO F 223 11.20 47.80 12.26
N GLU F 224 11.70 48.83 11.58
CA GLU F 224 11.34 50.19 11.94
C GLU F 224 9.85 50.44 11.69
N PHE F 225 9.26 49.73 10.73
CA PHE F 225 7.83 49.89 10.46
C PHE F 225 6.97 49.09 11.45
N LEU F 226 7.54 48.08 12.07
CA LEU F 226 6.85 47.29 13.06
C LEU F 226 6.77 47.95 14.43
N SER F 227 7.82 48.69 14.78
CA SER F 227 7.92 49.39 16.05
C SER F 227 6.95 50.57 16.15
N MET F 228 6.08 50.55 17.17
CA MET F 228 5.18 51.65 17.40
C MET F 228 5.77 52.57 18.48
N SER G 5 50.07 29.03 -6.82
CA SER G 5 49.87 29.36 -8.24
C SER G 5 48.43 29.71 -8.57
N ILE G 6 48.29 30.71 -9.43
CA ILE G 6 46.98 31.13 -9.83
C ILE G 6 46.67 30.92 -11.30
N GLU G 7 47.48 30.16 -12.04
CA GLU G 7 47.24 29.98 -13.50
C GLU G 7 45.81 29.47 -13.70
N TRP G 8 45.35 28.62 -12.78
CA TRP G 8 44.03 28.01 -12.89
C TRP G 8 42.85 28.98 -12.92
N LYS G 9 43.03 30.23 -12.53
CA LYS G 9 41.92 31.15 -12.59
C LYS G 9 42.14 32.41 -13.41
N LEU G 10 43.14 32.39 -14.31
CA LEU G 10 43.46 33.54 -15.13
C LEU G 10 42.65 33.55 -16.40
N THR G 11 42.08 34.70 -16.70
CA THR G 11 41.23 34.81 -17.85
C THR G 11 42.12 34.85 -19.07
N ALA G 12 43.40 35.07 -18.86
CA ALA G 12 44.36 35.01 -19.96
C ALA G 12 44.33 33.62 -20.62
N ASN G 13 43.89 32.61 -19.88
CA ASN G 13 43.94 31.26 -20.39
C ASN G 13 42.59 30.79 -20.89
N LEU G 14 41.73 31.72 -21.27
CA LEU G 14 40.41 31.35 -21.71
C LEU G 14 40.49 30.78 -23.11
N ARG G 15 40.03 29.55 -23.31
CA ARG G 15 40.02 28.96 -24.66
C ARG G 15 38.69 29.21 -25.38
N ASN G 16 38.78 29.51 -26.67
CA ASN G 16 37.60 29.52 -27.51
C ASN G 16 36.51 30.45 -27.04
N GLY G 17 36.92 31.63 -26.58
CA GLY G 17 35.99 32.64 -26.14
C GLY G 17 35.63 33.59 -27.26
N PRO G 18 35.03 34.74 -26.91
CA PRO G 18 34.61 35.76 -27.89
C PRO G 18 35.80 36.35 -28.65
N THR G 19 35.54 36.74 -29.88
CA THR G 19 36.59 37.15 -30.78
C THR G 19 36.85 38.64 -30.69
N PHE G 20 35.82 39.42 -30.38
CA PHE G 20 35.94 40.88 -30.42
C PHE G 20 36.04 41.57 -29.07
N PHE G 21 35.90 40.84 -27.98
CA PHE G 21 35.88 41.46 -26.67
C PHE G 21 36.76 40.72 -25.69
N GLN G 22 37.53 41.47 -24.93
CA GLN G 22 38.43 40.86 -23.96
C GLN G 22 37.74 40.72 -22.62
N PRO G 23 38.25 39.81 -21.77
CA PRO G 23 37.74 39.65 -20.42
C PRO G 23 37.87 40.99 -19.67
N LEU G 24 37.01 41.23 -18.68
CA LEU G 24 36.97 42.50 -17.92
C LEU G 24 37.74 42.39 -16.61
N ALA G 25 38.32 41.23 -16.36
CA ALA G 25 39.20 41.11 -15.22
C ALA G 25 40.30 40.10 -15.52
N ASP G 26 41.40 40.15 -14.78
CA ASP G 26 42.55 39.29 -15.00
C ASP G 26 42.33 37.88 -14.43
N SER G 27 41.42 37.74 -13.48
CA SER G 27 41.23 36.46 -12.83
C SER G 27 39.78 36.33 -12.36
N ILE G 28 39.37 35.09 -12.16
CA ILE G 28 38.07 34.83 -11.61
C ILE G 28 38.30 34.13 -10.29
N GLU G 29 37.92 34.83 -9.22
CA GLU G 29 38.09 34.34 -7.86
C GLU G 29 36.92 33.47 -7.50
N PRO G 30 37.18 32.39 -6.75
CA PRO G 30 36.15 31.55 -6.17
C PRO G 30 35.15 32.38 -5.37
N LEU G 31 33.89 32.19 -5.67
CA LEU G 31 32.78 32.98 -5.18
C LEU G 31 32.05 32.13 -4.15
N GLN G 32 32.12 32.53 -2.89
CA GLN G 32 31.48 31.78 -1.79
C GLN G 32 30.12 32.33 -1.40
N PHE G 33 29.22 31.43 -1.09
CA PHE G 33 27.88 31.80 -0.69
C PHE G 33 27.21 30.64 0.07
N LYS G 34 26.03 30.91 0.61
CA LYS G 34 25.27 29.89 1.31
C LYS G 34 24.14 29.46 0.40
N LEU G 35 23.75 28.20 0.48
CA LEU G 35 22.52 27.78 -0.17
C LEU G 35 21.31 28.55 0.41
N ILE G 36 20.35 28.83 -0.44
CA ILE G 36 19.24 29.67 -0.06
C ILE G 36 18.46 29.08 1.13
N GLY G 37 18.12 29.95 2.08
CA GLY G 37 17.44 29.52 3.29
C GLY G 37 18.24 28.49 4.07
N SER G 38 19.55 28.68 4.14
CA SER G 38 20.43 27.70 4.78
C SER G 38 21.66 28.37 5.35
N ASP G 39 22.46 27.61 6.07
CA ASP G 39 23.74 28.08 6.56
C ASP G 39 24.85 27.25 5.90
N THR G 40 24.44 26.40 4.95
CA THR G 40 25.37 25.56 4.21
C THR G 40 26.16 26.36 3.16
N VAL G 41 27.48 26.32 3.33
CA VAL G 41 28.38 27.10 2.49
C VAL G 41 28.80 26.33 1.23
N ALA G 42 28.65 27.00 0.08
CA ALA G 42 29.02 26.48 -1.24
C ALA G 42 30.07 27.37 -1.89
N THR G 43 30.91 26.78 -2.74
CA THR G 43 31.90 27.54 -3.49
C THR G 43 31.91 27.12 -4.96
N ALA G 44 31.84 28.14 -5.80
CA ALA G 44 31.90 28.02 -7.24
C ALA G 44 33.37 28.24 -7.67
N PHE G 45 33.85 27.35 -8.52
CA PHE G 45 35.21 27.43 -9.06
C PHE G 45 35.19 27.57 -10.57
N PRO G 46 35.97 28.52 -11.09
CA PRO G 46 36.11 28.63 -12.55
C PRO G 46 36.96 27.45 -13.05
N VAL G 47 36.63 26.95 -14.23
CA VAL G 47 37.43 25.91 -14.89
C VAL G 47 37.83 26.37 -16.29
N PHE G 48 39.09 26.72 -16.44
CA PHE G 48 39.61 27.21 -17.72
C PHE G 48 40.17 26.08 -18.53
N ASP G 49 40.52 25.01 -17.83
CA ASP G 49 41.10 23.85 -18.46
C ASP G 49 40.93 22.66 -17.53
N THR G 50 40.59 21.50 -18.05
CA THR G 50 40.30 20.38 -17.19
C THR G 50 41.50 19.85 -16.40
N LYS G 51 42.71 20.23 -16.80
CA LYS G 51 43.88 19.71 -16.11
C LYS G 51 44.02 20.25 -14.67
N TYR G 52 43.27 21.29 -14.38
CA TYR G 52 43.24 21.93 -13.07
C TYR G 52 42.16 21.35 -12.11
N ILE G 53 41.37 20.40 -12.59
CA ILE G 53 40.47 19.71 -11.70
C ILE G 53 40.78 18.20 -11.67
N PRO G 54 40.49 17.57 -10.53
CA PRO G 54 40.72 16.13 -10.34
C PRO G 54 39.97 15.27 -11.36
N ASP G 55 40.65 14.22 -11.85
CA ASP G 55 40.03 13.27 -12.77
C ASP G 55 38.75 12.64 -12.18
N SER G 56 38.73 12.33 -10.89
CA SER G 56 37.53 11.69 -10.32
C SER G 56 36.35 12.63 -10.48
N LEU G 57 36.54 13.94 -10.35
CA LEU G 57 35.44 14.86 -10.57
C LEU G 57 34.97 14.94 -12.04
N ILE G 58 35.91 14.87 -12.95
CA ILE G 58 35.57 14.89 -14.36
C ILE G 58 34.80 13.63 -14.69
N ASN G 59 35.25 12.49 -14.18
CA ASN G 59 34.54 11.25 -14.46
C ASN G 59 33.14 11.26 -13.85
N TYR G 60 32.99 11.88 -12.69
CA TYR G 60 31.66 12.02 -12.07
C TYR G 60 30.74 12.92 -12.92
N LEU G 61 31.27 14.04 -13.38
CA LEU G 61 30.47 14.99 -14.14
C LEU G 61 30.01 14.32 -15.44
N PHE G 62 30.93 13.54 -16.01
CA PHE G 62 30.72 12.83 -17.27
C PHE G 62 29.49 11.95 -17.11
N LYS G 63 29.46 11.19 -16.02
CA LYS G 63 28.34 10.26 -15.68
C LYS G 63 27.08 11.05 -15.41
N LEU G 64 27.24 12.15 -14.70
CA LEU G 64 26.11 13.01 -14.36
C LEU G 64 25.39 13.48 -15.61
N PHE G 65 26.16 13.94 -16.61
CA PHE G 65 25.57 14.56 -17.80
C PHE G 65 24.84 13.46 -18.59
N ASN G 66 25.46 12.30 -18.65
CA ASN G 66 24.82 11.20 -19.34
C ASN G 66 23.52 10.72 -18.64
N LEU G 67 23.35 10.98 -17.35
CA LEU G 67 22.07 10.64 -16.69
C LEU G 67 20.98 11.60 -17.16
N GLU G 68 21.34 12.87 -17.21
CA GLU G 68 20.42 13.91 -17.69
C GLU G 68 19.98 13.64 -19.13
N ILE G 69 20.88 13.14 -19.97
CA ILE G 69 20.51 12.90 -21.34
C ILE G 69 19.58 11.69 -21.44
N GLU G 70 19.87 10.67 -20.63
CA GLU G 70 19.09 9.43 -20.65
C GLU G 70 17.69 9.69 -20.08
N SER G 71 17.54 10.68 -19.19
CA SER G 71 16.18 11.11 -18.78
C SER G 71 15.35 11.63 -19.94
N GLY G 72 16.01 12.42 -20.81
CA GLY G 72 15.46 12.70 -22.12
C GLY G 72 14.42 13.79 -22.10
N LYS G 73 14.53 14.71 -21.11
CA LYS G 73 13.57 15.80 -20.89
C LYS G 73 14.15 17.23 -20.94
N THR G 74 15.48 17.36 -20.93
CA THR G 74 16.05 18.70 -20.74
C THR G 74 16.99 19.12 -21.85
N TYR G 75 17.76 18.17 -22.39
CA TYR G 75 18.73 18.45 -23.43
C TYR G 75 18.32 17.74 -24.73
N PRO G 76 18.71 18.33 -25.88
CA PRO G 76 18.32 17.79 -27.19
C PRO G 76 19.08 16.51 -27.59
N GLN G 77 20.12 16.13 -26.85
CA GLN G 77 20.83 14.88 -27.15
C GLN G 77 19.90 13.69 -26.92
N LEU G 78 20.17 12.62 -27.67
CA LEU G 78 19.43 11.39 -27.55
C LEU G 78 20.33 10.34 -26.87
N HIS G 79 21.53 10.18 -27.41
CA HIS G 79 22.49 9.17 -26.94
C HIS G 79 23.54 9.67 -25.94
N SER G 80 23.94 8.79 -25.04
CA SER G 80 25.03 9.10 -24.13
C SER G 80 26.27 9.51 -24.93
N LEU G 81 27.11 10.36 -24.34
CA LEU G 81 28.36 10.75 -24.95
C LEU G 81 29.50 9.83 -24.54
N THR G 82 30.48 9.64 -25.41
CA THR G 82 31.77 9.03 -25.01
C THR G 82 32.42 10.03 -24.12
N LYS G 83 33.42 9.57 -23.38
CA LYS G 83 34.15 10.48 -22.49
C LYS G 83 34.82 11.63 -23.29
N GLN G 84 35.44 11.30 -24.42
CA GLN G 84 36.08 12.37 -25.19
C GLN G 84 35.03 13.37 -25.69
N GLY G 85 33.89 12.85 -26.12
CA GLY G 85 32.75 13.66 -26.54
C GLY G 85 32.26 14.58 -25.44
N PHE G 86 32.28 14.11 -24.21
CA PHE G 86 31.80 14.90 -23.09
C PHE G 86 32.77 16.03 -22.86
N LEU G 87 34.06 15.68 -22.80
CA LEU G 87 35.15 16.65 -22.62
C LEU G 87 35.09 17.76 -23.62
N ASN G 88 34.92 17.38 -24.89
CA ASN G 88 34.85 18.38 -25.95
C ASN G 88 33.62 19.23 -25.88
N TYR G 89 32.52 18.68 -25.39
CA TYR G 89 31.24 19.40 -25.27
C TYR G 89 31.25 20.32 -24.06
N TRP G 90 31.52 19.78 -22.89
CA TRP G 90 31.39 20.57 -21.66
C TRP G 90 32.53 21.54 -21.42
N PHE G 91 33.71 21.25 -21.94
CA PHE G 91 34.89 22.06 -21.64
C PHE G 91 35.48 22.67 -22.92
N HIS G 92 34.61 22.86 -23.91
CA HIS G 92 35.02 23.44 -25.17
C HIS G 92 35.61 24.81 -24.91
N SER G 93 34.95 25.59 -24.04
CA SER G 93 35.47 26.88 -23.62
C SER G 93 35.65 26.97 -22.10
N PHE G 94 34.67 27.55 -21.41
CA PHE G 94 34.73 27.79 -19.98
C PHE G 94 33.67 26.91 -19.23
N ALA G 95 33.99 26.52 -18.02
CA ALA G 95 33.05 25.77 -17.21
C ALA G 95 33.20 26.11 -15.72
N VAL G 96 32.17 25.80 -14.92
CA VAL G 96 32.20 26.11 -13.50
C VAL G 96 31.79 24.90 -12.74
N VAL G 97 32.46 24.60 -11.64
CA VAL G 97 31.92 23.60 -10.71
C VAL G 97 31.60 24.23 -9.37
N VAL G 98 30.42 23.90 -8.82
CA VAL G 98 29.98 24.41 -7.53
C VAL G 98 29.97 23.29 -6.52
N LEU G 99 30.81 23.44 -5.50
CA LEU G 99 31.01 22.41 -4.50
C LEU G 99 30.47 22.85 -3.14
N GLN G 100 29.90 21.91 -2.38
CA GLN G 100 29.53 22.12 -0.98
C GLN G 100 30.81 22.02 -0.14
N THR G 101 31.50 23.15 0.04
CA THR G 101 32.80 23.24 0.73
C THR G 101 32.99 24.70 1.09
N ASP G 102 33.91 24.97 2.00
CA ASP G 102 34.25 26.34 2.35
C ASP G 102 35.70 26.61 2.01
N GLU G 103 36.35 25.63 1.39
CA GLU G 103 37.69 25.81 0.83
C GLU G 103 37.69 26.75 -0.40
N LYS G 104 38.83 27.40 -0.66
CA LYS G 104 38.94 28.30 -1.82
C LYS G 104 39.68 27.62 -2.99
N PHE G 105 39.97 26.33 -2.80
CA PHE G 105 40.54 25.45 -3.83
C PHE G 105 39.77 24.10 -3.82
N ILE G 106 39.95 23.30 -4.88
CA ILE G 106 39.30 22.00 -5.02
C ILE G 106 40.22 20.88 -4.56
N GLN G 107 39.87 20.25 -3.44
CA GLN G 107 40.64 19.12 -2.94
C GLN G 107 40.44 17.85 -3.83
N ASP G 108 41.33 16.87 -3.75
CA ASP G 108 41.22 15.62 -4.51
C ASP G 108 40.38 14.51 -3.85
N ASN G 109 39.92 13.55 -4.65
N ASN G 109 39.92 13.55 -4.65
CA ASN G 109 39.14 12.38 -4.20
CA ASN G 109 39.20 12.39 -4.14
C ASN G 109 38.10 12.66 -3.13
C ASN G 109 38.14 12.69 -3.09
N GLN G 110 37.20 13.58 -3.41
CA GLN G 110 36.08 13.83 -2.53
C GLN G 110 34.90 12.94 -2.94
N ASP G 111 33.90 12.85 -2.07
CA ASP G 111 32.69 12.13 -2.39
C ASP G 111 31.80 13.07 -3.19
N TRP G 112 32.00 13.04 -4.51
CA TRP G 112 31.40 13.99 -5.45
C TRP G 112 29.89 13.87 -5.45
N ASN G 113 29.41 12.68 -5.17
CA ASN G 113 28.01 12.46 -5.09
C ASN G 113 27.36 13.32 -4.01
N SER G 114 28.07 13.65 -2.94
CA SER G 114 27.48 14.58 -2.02
C SER G 114 28.03 16.01 -2.15
N VAL G 115 29.31 16.14 -2.57
CA VAL G 115 30.02 17.43 -2.55
C VAL G 115 29.75 18.29 -3.78
N LEU G 116 29.56 17.65 -4.91
CA LEU G 116 29.25 18.35 -6.16
C LEU G 116 27.77 18.72 -6.14
N LEU G 117 27.48 20.02 -6.15
CA LEU G 117 26.14 20.55 -6.22
C LEU G 117 25.65 20.73 -7.67
N GLY G 118 26.52 21.29 -8.51
CA GLY G 118 26.19 21.58 -9.90
C GLY G 118 27.33 22.12 -10.77
N THR G 119 27.06 22.25 -12.05
CA THR G 119 28.07 22.64 -12.96
C THR G 119 27.39 23.27 -14.13
N PHE G 120 28.15 24.11 -14.83
CA PHE G 120 27.64 24.64 -16.07
C PHE G 120 28.77 25.08 -17.02
N TYR G 121 28.48 25.19 -18.31
CA TYR G 121 29.47 25.72 -19.22
C TYR G 121 29.05 27.10 -19.72
N ILE G 122 30.05 27.82 -20.23
CA ILE G 122 29.86 29.08 -20.93
C ILE G 122 30.70 29.05 -22.18
N LYS G 123 30.06 29.24 -23.32
CA LYS G 123 30.77 29.24 -24.57
C LYS G 123 30.08 30.19 -25.54
N PRO G 124 30.76 30.60 -26.61
CA PRO G 124 30.03 31.42 -27.58
C PRO G 124 28.91 30.62 -28.24
N ASN G 125 27.76 31.27 -28.42
CA ASN G 125 26.60 30.62 -29.00
C ASN G 125 26.65 30.57 -30.53
N TYR G 126 27.56 31.33 -31.10
CA TYR G 126 27.63 31.47 -32.55
C TYR G 126 29.06 31.68 -32.98
N ALA G 127 29.23 31.73 -34.30
CA ALA G 127 30.51 32.10 -34.93
C ALA G 127 30.91 33.59 -34.69
N PRO G 128 32.21 33.93 -34.89
CA PRO G 128 32.92 35.09 -34.31
C PRO G 128 32.23 36.46 -34.35
N ARG G 129 31.63 36.83 -35.46
CA ARG G 129 30.89 38.10 -35.52
C ARG G 129 29.74 38.22 -34.47
N CYS G 130 29.27 37.08 -33.98
CA CYS G 130 28.16 37.06 -33.01
C CYS G 130 28.60 36.37 -31.76
N SER G 131 29.92 36.37 -31.56
CA SER G 131 30.49 35.58 -30.49
C SER G 131 30.40 36.23 -29.12
N HIS G 132 29.94 37.47 -29.03
CA HIS G 132 29.73 38.10 -27.71
C HIS G 132 28.42 37.57 -27.02
N ASN G 133 27.64 36.77 -27.74
CA ASN G 133 26.47 36.07 -27.22
C ASN G 133 26.93 34.73 -26.69
N CYS G 134 26.82 34.49 -25.38
CA CYS G 134 27.26 33.23 -24.88
C CYS G 134 26.08 32.31 -24.66
N ASN G 135 26.40 31.01 -24.61
CA ASN G 135 25.43 29.97 -24.31
C ASN G 135 25.87 29.31 -23.01
N ALA G 136 24.90 28.81 -22.27
CA ALA G 136 25.24 28.05 -21.07
C ALA G 136 24.26 26.90 -20.90
N GLY G 137 24.75 25.83 -20.31
CA GLY G 137 23.96 24.67 -19.99
C GLY G 137 24.30 24.30 -18.57
N PHE G 138 23.28 23.91 -17.80
CA PHE G 138 23.37 23.70 -16.35
C PHE G 138 23.01 22.25 -16.01
N LEU G 139 23.63 21.77 -14.94
CA LEU G 139 23.36 20.48 -14.40
C LEU G 139 23.32 20.60 -12.89
N VAL G 140 22.28 20.05 -12.31
CA VAL G 140 22.21 19.98 -10.85
C VAL G 140 22.34 18.54 -10.47
N ASN G 141 23.14 18.28 -9.46
CA ASN G 141 23.24 16.91 -8.98
C ASN G 141 21.90 16.44 -8.38
N GLY G 142 21.47 15.23 -8.72
CA GLY G 142 20.18 14.75 -8.28
C GLY G 142 20.04 14.76 -6.77
N ALA G 143 21.13 14.39 -6.09
CA ALA G 143 21.14 14.30 -4.62
C ALA G 143 20.94 15.66 -3.97
N HIS G 144 20.80 16.73 -4.76
CA HIS G 144 20.66 18.07 -4.23
C HIS G 144 19.51 18.82 -4.90
N ARG G 145 18.51 18.07 -5.37
CA ARG G 145 17.28 18.68 -5.82
C ARG G 145 16.62 19.31 -4.60
N GLY G 146 15.82 20.35 -4.81
CA GLY G 146 15.07 21.01 -3.75
C GLY G 146 15.78 22.10 -2.96
N GLN G 147 17.06 22.31 -3.26
CA GLN G 147 17.88 23.25 -2.52
C GLN G 147 18.10 24.53 -3.29
N LYS G 148 17.32 24.74 -4.34
CA LYS G 148 17.46 25.97 -5.13
C LYS G 148 18.91 26.17 -5.69
N VAL G 149 19.63 25.07 -5.85
CA VAL G 149 20.96 25.11 -6.39
C VAL G 149 20.94 25.73 -7.78
N GLY G 150 19.96 25.35 -8.59
CA GLY G 150 19.86 25.84 -9.95
C GLY G 150 19.91 27.35 -9.95
N TYR G 151 19.18 27.92 -9.00
CA TYR G 151 19.05 29.37 -8.95
C TYR G 151 20.40 30.00 -8.65
N ARG G 152 21.14 29.40 -7.71
CA ARG G 152 22.44 29.94 -7.33
C ARG G 152 23.46 29.78 -8.50
N LEU G 153 23.29 28.75 -9.35
CA LEU G 153 24.16 28.56 -10.50
C LEU G 153 23.95 29.72 -11.45
N ALA G 154 22.70 30.16 -11.54
CA ALA G 154 22.33 31.18 -12.49
C ALA G 154 22.93 32.49 -12.04
N GLN G 155 23.10 32.64 -10.74
CA GLN G 155 23.68 33.88 -10.20
C GLN G 155 25.18 33.88 -10.42
N VAL G 156 25.81 32.71 -10.35
CA VAL G 156 27.26 32.63 -10.62
C VAL G 156 27.48 32.98 -12.07
N TYR G 157 26.63 32.44 -12.91
CA TYR G 157 26.61 32.79 -14.31
C TYR G 157 26.54 34.29 -14.60
N LEU G 158 25.54 34.98 -14.03
CA LEU G 158 25.38 36.42 -14.20
C LEU G 158 26.60 37.16 -13.68
N ASN G 159 27.20 36.67 -12.61
CA ASN G 159 28.40 37.31 -12.09
C ASN G 159 29.61 37.13 -13.01
N TRP G 160 29.71 36.00 -13.71
CA TRP G 160 30.98 35.60 -14.37
C TRP G 160 31.01 35.75 -15.89
N ALA G 161 29.89 35.42 -16.55
CA ALA G 161 29.84 35.49 -18.01
C ALA G 161 30.32 36.85 -18.52
N PRO G 162 29.98 37.94 -17.83
CA PRO G 162 30.41 39.25 -18.32
C PRO G 162 31.91 39.45 -18.18
N LEU G 163 32.50 38.90 -17.12
CA LEU G 163 33.94 39.00 -16.90
C LEU G 163 34.78 38.39 -18.03
N LEU G 164 34.23 37.41 -18.74
CA LEU G 164 34.96 36.72 -19.79
C LEU G 164 34.78 37.51 -21.07
N GLY G 165 33.96 38.54 -21.02
CA GLY G 165 33.87 39.46 -22.14
C GLY G 165 32.52 39.41 -22.82
N TYR G 166 31.67 38.45 -22.46
CA TYR G 166 30.39 38.36 -23.16
C TYR G 166 29.47 39.54 -22.86
N LYS G 167 28.59 39.87 -23.82
CA LYS G 167 27.69 41.03 -23.69
C LYS G 167 26.20 40.66 -23.57
N TYR G 168 25.90 39.39 -23.85
CA TYR G 168 24.52 38.96 -23.96
C TYR G 168 24.45 37.47 -23.89
N SER G 169 23.35 36.98 -23.30
CA SER G 169 23.17 35.56 -23.00
C SER G 169 22.02 34.99 -23.83
N ILE G 170 22.24 33.82 -24.40
CA ILE G 170 21.22 33.11 -25.20
C ILE G 170 21.16 31.65 -24.79
N PHE G 171 19.97 31.19 -24.42
CA PHE G 171 19.66 29.76 -24.26
C PHE G 171 18.74 29.42 -25.41
N ASN G 172 19.18 28.48 -26.22
CA ASN G 172 18.47 28.18 -27.44
C ASN G 172 17.22 27.33 -27.30
N LEU G 173 17.17 26.51 -26.25
CA LEU G 173 16.13 25.52 -26.07
C LEU G 173 15.83 25.31 -24.58
N VAL G 174 14.95 26.09 -23.99
CA VAL G 174 14.51 25.76 -22.64
C VAL G 174 13.10 25.25 -22.84
N PHE G 175 12.91 23.94 -22.69
CA PHE G 175 11.60 23.36 -23.03
C PHE G 175 10.58 23.91 -22.01
N VAL G 176 9.34 24.12 -22.43
CA VAL G 176 8.29 24.69 -21.55
C VAL G 176 7.98 23.84 -20.29
N THR G 177 8.19 22.53 -20.38
CA THR G 177 8.06 21.56 -19.29
C THR G 177 9.28 21.55 -18.36
N ASN G 178 10.27 22.41 -18.63
CA ASN G 178 11.42 22.55 -17.76
C ASN G 178 11.15 23.70 -16.83
N GLN G 179 11.07 23.38 -15.55
CA GLN G 179 10.45 24.27 -14.56
C GLN G 179 11.42 25.40 -14.28
N ALA G 180 12.66 25.16 -14.66
CA ALA G 180 13.68 26.18 -14.55
C ALA G 180 13.23 27.48 -15.22
N SER G 181 12.42 27.39 -16.28
CA SER G 181 11.87 28.55 -16.97
C SER G 181 11.23 29.59 -16.02
N TRP G 182 10.38 29.12 -15.12
CA TRP G 182 9.66 30.06 -14.24
C TRP G 182 10.24 30.05 -12.84
N LYS G 183 10.93 28.99 -12.45
CA LYS G 183 11.61 28.95 -11.15
C LYS G 183 12.91 29.78 -11.10
N ILE G 184 13.52 30.04 -12.27
CA ILE G 184 14.84 30.66 -12.33
C ILE G 184 14.95 31.79 -13.37
N TRP G 185 14.77 31.45 -14.64
CA TRP G 185 15.04 32.37 -15.74
C TRP G 185 14.10 33.57 -15.74
N ASP G 186 12.78 33.31 -15.74
CA ASP G 186 11.81 34.40 -15.65
C ASP G 186 12.10 35.20 -14.36
N LYS G 187 12.55 34.52 -13.31
CA LYS G 187 12.84 35.21 -12.06
C LYS G 187 14.08 36.10 -12.03
N LEU G 188 15.03 35.86 -12.94
CA LEU G 188 16.20 36.71 -13.03
C LEU G 188 16.13 37.64 -14.24
N ASN G 189 14.90 37.86 -14.70
CA ASN G 189 14.63 38.75 -15.79
C ASN G 189 15.46 38.37 -17.04
N PHE G 190 15.34 37.10 -17.40
CA PHE G 190 15.73 36.68 -18.71
C PHE G 190 14.49 36.82 -19.59
N GLN G 191 14.58 37.61 -20.64
CA GLN G 191 13.46 37.75 -21.53
C GLN G 191 13.28 36.46 -22.35
N ARG G 192 12.02 36.13 -22.60
CA ARG G 192 11.70 35.15 -23.57
C ARG G 192 11.69 35.87 -24.89
N ILE G 193 12.75 35.65 -25.70
CA ILE G 193 12.92 36.45 -26.89
C ILE G 193 12.39 35.69 -28.03
N GLY G 194 11.96 34.46 -27.77
CA GLY G 194 11.39 33.69 -28.84
C GLY G 194 10.88 32.36 -28.37
N LEU G 195 10.13 31.69 -29.24
CA LEU G 195 9.57 30.41 -28.87
C LEU G 195 9.49 29.54 -30.08
N VAL G 196 10.00 28.31 -29.95
CA VAL G 196 9.98 27.37 -31.04
C VAL G 196 8.89 26.40 -30.74
N PRO G 197 7.86 26.39 -31.56
CA PRO G 197 6.72 25.49 -31.35
C PRO G 197 7.05 24.02 -31.68
N HIS G 198 6.66 23.07 -30.82
CA HIS G 198 6.78 21.66 -31.13
C HIS G 198 8.24 21.29 -31.32
N ALA G 199 9.12 21.95 -30.58
CA ALA G 199 10.58 21.87 -30.79
C ALA G 199 11.20 20.47 -30.59
N GLY G 200 10.81 19.83 -29.50
CA GLY G 200 11.46 18.60 -29.08
C GLY G 200 10.57 17.41 -28.80
N ILE G 201 11.09 16.25 -29.20
CA ILE G 201 10.47 15.01 -28.84
C ILE G 201 11.18 14.56 -27.58
N LEU G 202 10.45 14.62 -26.48
CA LEU G 202 10.96 14.26 -25.17
C LEU G 202 10.34 12.96 -24.60
N ASN G 203 11.14 12.28 -23.81
CA ASN G 203 10.73 11.08 -23.12
C ASN G 203 9.56 11.31 -22.14
N GLY G 204 8.47 10.55 -22.31
CA GLY G 204 7.32 10.63 -21.42
C GLY G 204 6.29 11.69 -21.80
N PHE G 205 6.46 12.25 -23.00
CA PHE G 205 5.51 13.20 -23.57
C PHE G 205 5.19 12.70 -24.95
N SER G 206 3.91 12.42 -25.20
CA SER G 206 3.48 11.83 -26.47
C SER G 206 3.45 12.86 -27.59
N GLU G 207 3.44 14.14 -27.22
CA GLU G 207 3.41 15.24 -28.18
C GLU G 207 4.67 16.04 -28.08
N PRO G 208 5.10 16.62 -29.20
CA PRO G 208 6.27 17.49 -29.26
C PRO G 208 6.14 18.66 -28.28
N VAL G 209 7.25 19.08 -27.69
CA VAL G 209 7.20 20.13 -26.68
C VAL G 209 7.86 21.43 -27.16
N ASP G 210 7.17 22.54 -26.90
CA ASP G 210 7.61 23.89 -27.25
C ASP G 210 8.91 24.24 -26.54
N ALA G 211 9.78 24.97 -27.24
CA ALA G 211 10.99 25.47 -26.60
C ALA G 211 11.07 27.01 -26.52
N ILE G 212 11.49 27.49 -25.38
CA ILE G 212 11.68 28.91 -25.15
C ILE G 212 13.13 29.33 -25.48
N ILE G 213 13.26 30.43 -26.20
CA ILE G 213 14.55 31.04 -26.38
C ILE G 213 14.64 32.22 -25.43
N TYR G 214 15.61 32.15 -24.51
CA TYR G 214 15.93 33.18 -23.55
C TYR G 214 17.12 34.07 -23.93
N GLY G 215 16.96 35.36 -23.66
CA GLY G 215 18.03 36.32 -23.83
C GLY G 215 18.24 37.17 -22.59
N LYS G 216 19.44 37.69 -22.42
CA LYS G 216 19.62 38.68 -21.37
C LYS G 216 20.81 39.56 -21.64
N ASP G 217 20.61 40.85 -21.48
CA ASP G 217 21.70 41.80 -21.56
C ASP G 217 22.67 41.58 -20.38
N LEU G 218 23.93 41.29 -20.66
CA LEU G 218 24.86 41.04 -19.56
C LEU G 218 25.66 42.30 -19.17
N THR G 219 25.41 43.41 -19.86
CA THR G 219 26.07 44.68 -19.49
C THR G 219 25.25 45.53 -18.50
N LYS G 220 23.94 45.23 -18.40
CA LYS G 220 23.01 45.95 -17.52
C LYS G 220 22.18 44.96 -16.68
N ILE G 221 22.81 44.43 -15.63
CA ILE G 221 22.20 43.40 -14.80
C ILE G 221 21.81 43.96 -13.45
N GLU G 222 20.61 43.59 -13.02
CA GLU G 222 20.07 44.06 -11.74
C GLU G 222 20.98 43.58 -10.62
N PRO G 223 21.53 44.52 -9.83
CA PRO G 223 22.51 44.23 -8.77
C PRO G 223 22.02 43.26 -7.70
N GLU G 224 20.70 43.16 -7.55
CA GLU G 224 20.09 42.32 -6.52
C GLU G 224 20.12 40.86 -6.96
N PHE G 225 20.31 40.65 -8.26
CA PHE G 225 20.47 39.31 -8.79
C PHE G 225 21.93 38.88 -8.69
N LEU G 226 22.83 39.85 -8.75
CA LEU G 226 24.26 39.60 -8.61
C LEU G 226 24.68 39.19 -7.20
N SER G 227 23.96 39.71 -6.19
CA SER G 227 24.32 39.49 -4.79
C SER G 227 23.90 38.11 -4.38
N MET G 228 24.78 37.38 -3.71
CA MET G 228 24.46 36.03 -3.25
C MET G 228 24.25 36.00 -1.71
N GLU G 229 23.97 37.18 -1.12
CA GLU G 229 23.68 37.32 0.30
C GLU G 229 22.21 37.01 0.60
N SER H 5 21.35 6.15 -64.04
CA SER H 5 21.27 5.89 -62.59
C SER H 5 20.72 7.07 -61.81
N ILE H 6 19.98 6.77 -60.75
CA ILE H 6 19.35 7.82 -59.98
C ILE H 6 19.81 7.83 -58.52
N GLU H 7 20.95 7.20 -58.21
CA GLU H 7 21.42 7.21 -56.82
C GLU H 7 21.57 8.64 -56.34
N TRP H 8 21.96 9.54 -57.24
CA TRP H 8 22.23 10.90 -56.87
C TRP H 8 20.97 11.63 -56.44
N LYS H 9 19.81 11.00 -56.55
CA LYS H 9 18.63 11.72 -56.08
C LYS H 9 17.77 10.91 -55.11
N LEU H 10 18.33 9.82 -54.59
CA LEU H 10 17.60 9.00 -53.63
C LEU H 10 17.68 9.59 -52.22
N THR H 11 16.57 9.58 -51.51
CA THR H 11 16.54 10.14 -50.19
C THR H 11 17.05 9.08 -49.24
N ALA H 12 17.11 7.85 -49.71
CA ALA H 12 17.72 6.80 -48.88
C ALA H 12 19.23 7.13 -48.62
N ASN H 13 19.75 8.13 -49.34
CA ASN H 13 21.13 8.51 -49.26
C ASN H 13 21.35 9.81 -48.54
N LEU H 14 20.33 10.21 -47.81
CA LEU H 14 20.42 11.43 -47.03
C LEU H 14 21.34 11.20 -45.82
N ARG H 15 22.42 11.98 -45.72
CA ARG H 15 23.31 11.92 -44.55
C ARG H 15 22.94 12.99 -43.50
N ASN H 16 22.94 12.63 -42.23
CA ASN H 16 22.88 13.56 -41.11
C ASN H 16 21.53 14.29 -41.03
N GLY H 17 20.48 13.56 -41.40
CA GLY H 17 19.17 14.14 -41.52
C GLY H 17 18.46 13.91 -40.22
N PRO H 18 17.16 14.22 -40.17
CA PRO H 18 16.41 14.08 -38.92
C PRO H 18 16.42 12.65 -38.38
N THR H 19 16.38 12.53 -37.07
CA THR H 19 16.52 11.25 -36.45
C THR H 19 15.20 10.49 -36.33
N PHE H 20 14.10 11.19 -36.06
CA PHE H 20 12.80 10.56 -35.80
C PHE H 20 11.85 10.48 -37.00
N PHE H 21 12.18 11.17 -38.09
CA PHE H 21 11.26 11.21 -39.21
C PHE H 21 11.94 10.79 -40.49
N GLN H 22 11.27 9.91 -41.21
CA GLN H 22 11.74 9.46 -42.51
C GLN H 22 11.36 10.47 -43.59
N PRO H 23 12.04 10.38 -44.72
CA PRO H 23 11.67 11.15 -45.89
C PRO H 23 10.26 10.77 -46.33
N LEU H 24 9.59 11.72 -46.98
CA LEU H 24 8.23 11.53 -47.51
C LEU H 24 8.16 11.04 -48.97
N ALA H 25 9.31 10.87 -49.59
CA ALA H 25 9.38 10.33 -50.95
C ALA H 25 10.71 9.62 -51.15
N ASP H 26 10.74 8.66 -52.06
CA ASP H 26 11.94 7.87 -52.32
C ASP H 26 12.96 8.68 -53.13
N SER H 27 12.49 9.68 -53.85
CA SER H 27 13.42 10.47 -54.64
C SER H 27 13.07 11.95 -54.57
N ILE H 28 13.97 12.75 -55.14
CA ILE H 28 13.78 14.18 -55.25
C ILE H 28 14.11 14.56 -56.68
N GLU H 29 13.07 14.86 -57.46
CA GLU H 29 13.28 15.11 -58.89
C GLU H 29 13.58 16.55 -59.06
N PRO H 30 14.51 16.87 -59.97
CA PRO H 30 14.84 18.24 -60.40
C PRO H 30 13.61 19.03 -60.70
N LEU H 31 13.58 20.26 -60.20
CA LEU H 31 12.45 21.15 -60.31
C LEU H 31 12.73 22.28 -61.32
N GLN H 32 11.99 22.34 -62.43
CA GLN H 32 12.20 23.41 -63.43
C GLN H 32 11.18 24.52 -63.25
N PHE H 33 11.57 25.75 -63.54
CA PHE H 33 10.69 26.89 -63.41
C PHE H 33 11.32 28.06 -64.12
N LYS H 34 10.56 29.13 -64.24
CA LYS H 34 11.07 30.33 -64.84
C LYS H 34 11.51 31.26 -63.72
N LEU H 35 12.46 32.13 -64.01
CA LEU H 35 12.80 33.18 -63.08
C LEU H 35 11.68 34.21 -63.18
N ILE H 36 11.38 34.87 -62.06
CA ILE H 36 10.26 35.81 -61.99
C ILE H 36 10.35 36.95 -62.98
N GLY H 37 9.30 37.14 -63.78
CA GLY H 37 9.25 38.22 -64.76
C GLY H 37 10.12 37.93 -65.98
N SER H 38 10.18 36.66 -66.37
CA SER H 38 11.16 36.25 -67.36
C SER H 38 10.73 34.94 -67.97
N ASP H 39 11.31 34.61 -69.13
CA ASP H 39 11.13 33.28 -69.71
C ASP H 39 12.39 32.41 -69.48
N THR H 40 13.27 32.90 -68.60
CA THR H 40 14.55 32.25 -68.40
C THR H 40 14.39 31.05 -67.48
N VAL H 41 14.72 29.89 -68.04
CA VAL H 41 14.52 28.62 -67.36
C VAL H 41 15.65 28.29 -66.39
N ALA H 42 15.24 27.80 -65.24
CA ALA H 42 16.15 27.38 -64.18
C ALA H 42 15.69 26.03 -63.66
N THR H 43 16.68 25.23 -63.27
CA THR H 43 16.42 23.91 -62.73
C THR H 43 17.16 23.74 -61.38
N ALA H 44 16.43 23.30 -60.36
CA ALA H 44 16.99 23.02 -59.03
C ALA H 44 17.39 21.54 -58.86
N PHE H 45 18.58 21.30 -58.31
CA PHE H 45 19.10 19.94 -58.22
C PHE H 45 19.42 19.63 -56.78
N PRO H 46 18.98 18.47 -56.29
CA PRO H 46 19.32 18.02 -54.96
C PRO H 46 20.76 17.49 -55.00
N VAL H 47 21.48 17.68 -53.90
CA VAL H 47 22.82 17.19 -53.72
C VAL H 47 22.86 16.43 -52.41
N PHE H 48 22.92 15.11 -52.53
CA PHE H 48 23.00 14.23 -51.37
C PHE H 48 24.45 13.94 -50.93
N ASP H 49 25.37 14.15 -51.87
CA ASP H 49 26.82 13.88 -51.67
C ASP H 49 27.62 14.60 -52.75
N THR H 50 28.73 15.21 -52.39
CA THR H 50 29.48 15.99 -53.37
C THR H 50 29.99 15.17 -54.51
N LYS H 51 30.12 13.87 -54.34
CA LYS H 51 30.69 13.10 -55.42
C LYS H 51 29.78 13.11 -56.64
N TYR H 52 28.51 13.48 -56.43
CA TYR H 52 27.54 13.57 -57.51
C TYR H 52 27.54 14.89 -58.25
N ILE H 53 28.40 15.84 -57.87
CA ILE H 53 28.51 17.05 -58.67
C ILE H 53 29.94 17.31 -59.08
N PRO H 54 30.10 18.06 -60.16
CA PRO H 54 31.42 18.28 -60.70
C PRO H 54 32.31 19.06 -59.75
N ASP H 55 33.60 18.71 -59.71
CA ASP H 55 34.56 19.44 -58.89
C ASP H 55 34.61 20.93 -59.19
N SER H 56 34.54 21.30 -60.46
CA SER H 56 34.71 22.71 -60.80
C SER H 56 33.58 23.54 -60.14
N LEU H 57 32.39 22.98 -60.06
CA LEU H 57 31.28 23.65 -59.36
C LEU H 57 31.50 23.73 -57.84
N ILE H 58 31.95 22.65 -57.22
CA ILE H 58 32.26 22.68 -55.80
C ILE H 58 33.28 23.76 -55.50
N ASN H 59 34.35 23.76 -56.28
CA ASN H 59 35.36 24.77 -56.10
C ASN H 59 34.81 26.17 -56.37
N TYR H 60 33.89 26.30 -57.32
CA TYR H 60 33.22 27.58 -57.55
C TYR H 60 32.39 28.05 -56.33
N LEU H 61 31.64 27.14 -55.72
CA LEU H 61 30.83 27.46 -54.51
C LEU H 61 31.66 27.81 -53.26
N PHE H 62 32.78 27.15 -53.14
CA PHE H 62 33.73 27.42 -52.08
C PHE H 62 34.18 28.90 -52.12
N LYS H 63 34.48 29.40 -53.32
CA LYS H 63 34.99 30.78 -53.43
C LYS H 63 33.85 31.76 -53.28
N LEU H 64 32.69 31.35 -53.73
CA LEU H 64 31.52 32.21 -53.68
C LEU H 64 31.11 32.39 -52.23
N PHE H 65 31.19 31.33 -51.43
CA PHE H 65 30.83 31.43 -50.02
C PHE H 65 31.83 32.24 -49.23
N ASN H 66 33.11 32.00 -49.52
CA ASN H 66 34.14 32.88 -48.96
C ASN H 66 33.97 34.39 -49.32
N LEU H 67 33.53 34.68 -50.54
CA LEU H 67 33.26 36.07 -50.93
C LEU H 67 32.12 36.66 -50.09
N GLU H 68 31.04 35.91 -49.95
CA GLU H 68 29.95 36.27 -49.06
C GLU H 68 30.45 36.49 -47.62
N ILE H 69 31.43 35.72 -47.16
CA ILE H 69 31.93 35.92 -45.80
C ILE H 69 32.77 37.18 -45.70
N GLU H 70 33.53 37.44 -46.76
CA GLU H 70 34.36 38.67 -46.89
C GLU H 70 33.51 39.94 -46.76
N SER H 71 32.42 40.01 -47.53
CA SER H 71 31.46 41.10 -47.44
C SER H 71 31.08 41.40 -45.96
N GLY H 72 30.97 40.36 -45.15
CA GLY H 72 30.84 40.53 -43.71
C GLY H 72 29.53 41.11 -43.21
N LYS H 73 28.45 40.90 -43.96
CA LYS H 73 27.17 41.51 -43.64
C LYS H 73 26.03 40.53 -43.38
N THR H 74 26.21 39.26 -43.73
CA THR H 74 25.09 38.33 -43.80
C THR H 74 25.28 37.08 -42.93
N TYR H 75 26.49 36.56 -42.90
CA TYR H 75 26.82 35.36 -42.17
C TYR H 75 27.70 35.72 -40.98
N PRO H 76 27.63 34.93 -39.90
CA PRO H 76 28.41 35.23 -38.68
C PRO H 76 29.91 34.84 -38.74
N GLN H 77 30.31 34.12 -39.77
CA GLN H 77 31.74 33.83 -39.93
C GLN H 77 32.52 35.12 -40.19
N LEU H 78 33.71 35.16 -39.61
CA LEU H 78 34.62 36.26 -39.78
C LEU H 78 35.65 35.93 -40.87
N HIS H 79 36.30 34.78 -40.77
CA HIS H 79 37.37 34.36 -41.68
C HIS H 79 36.91 33.45 -42.81
N SER H 80 37.67 33.42 -43.90
CA SER H 80 37.46 32.46 -44.97
C SER H 80 37.47 31.01 -44.46
N LEU H 81 36.75 30.11 -45.12
CA LEU H 81 36.86 28.71 -44.76
C LEU H 81 37.94 28.00 -45.60
N THR H 82 38.49 26.92 -45.07
CA THR H 82 39.36 26.07 -45.89
C THR H 82 38.42 25.27 -46.74
N LYS H 83 38.92 24.75 -47.85
CA LYS H 83 38.12 23.90 -48.73
C LYS H 83 37.42 22.83 -47.93
N GLN H 84 38.15 22.16 -47.05
CA GLN H 84 37.61 21.06 -46.31
C GLN H 84 36.57 21.55 -45.31
N GLY H 85 36.76 22.76 -44.81
CA GLY H 85 35.80 23.28 -43.85
C GLY H 85 34.52 23.65 -44.59
N PHE H 86 34.64 24.05 -45.84
CA PHE H 86 33.49 24.41 -46.65
C PHE H 86 32.67 23.16 -46.99
N LEU H 87 33.34 22.08 -47.36
CA LEU H 87 32.69 20.78 -47.58
C LEU H 87 31.93 20.34 -46.33
N ASN H 88 32.52 20.52 -45.15
CA ASN H 88 31.92 20.04 -43.92
C ASN H 88 30.76 20.89 -43.46
N TYR H 89 30.78 22.16 -43.87
CA TYR H 89 29.74 23.12 -43.50
C TYR H 89 28.59 23.05 -44.50
N TRP H 90 28.85 23.38 -45.77
CA TRP H 90 27.77 23.41 -46.77
C TRP H 90 27.11 22.06 -47.05
N PHE H 91 27.86 20.99 -46.95
CA PHE H 91 27.39 19.70 -47.44
C PHE H 91 27.35 18.72 -46.29
N HIS H 92 27.18 19.24 -45.08
CA HIS H 92 27.06 18.39 -43.92
C HIS H 92 25.91 17.41 -44.02
N SER H 93 24.80 17.83 -44.62
CA SER H 93 23.63 16.94 -44.82
C SER H 93 23.12 17.02 -46.27
N PHE H 94 22.17 17.91 -46.52
CA PHE H 94 21.60 18.13 -47.88
C PHE H 94 22.02 19.49 -48.42
N ALA H 95 22.06 19.62 -49.75
CA ALA H 95 22.25 20.91 -50.35
C ALA H 95 21.58 20.87 -51.69
N VAL H 96 21.45 22.04 -52.30
CA VAL H 96 20.75 22.23 -53.57
C VAL H 96 21.48 23.22 -54.44
N VAL H 97 21.61 22.92 -55.71
CA VAL H 97 22.15 23.92 -56.62
C VAL H 97 21.10 24.24 -57.68
N VAL H 98 21.00 25.51 -58.05
CA VAL H 98 20.04 25.96 -59.03
C VAL H 98 20.80 26.54 -60.19
N LEU H 99 20.55 25.98 -61.36
CA LEU H 99 21.31 26.33 -62.56
C LEU H 99 20.37 26.92 -63.60
N GLN H 100 20.94 27.77 -64.44
CA GLN H 100 20.18 28.34 -65.53
C GLN H 100 20.32 27.37 -66.65
N THR H 101 19.54 26.30 -66.59
CA THR H 101 19.54 25.24 -67.61
C THR H 101 18.14 24.63 -67.70
N ASP H 102 17.88 23.94 -68.80
CA ASP H 102 16.69 23.11 -68.98
C ASP H 102 17.09 21.64 -68.94
N GLU H 103 18.39 21.38 -68.84
CA GLU H 103 18.87 20.03 -68.64
C GLU H 103 18.29 19.53 -67.31
N LYS H 104 17.99 18.23 -67.26
CA LYS H 104 17.48 17.58 -66.07
C LYS H 104 18.62 16.84 -65.33
N PHE H 105 19.86 17.18 -65.65
CA PHE H 105 21.03 16.64 -64.97
C PHE H 105 22.12 17.68 -64.98
N ILE H 106 23.12 17.52 -64.13
CA ILE H 106 24.22 18.50 -64.04
C ILE H 106 25.41 18.14 -64.88
N GLN H 107 25.63 18.92 -65.95
CA GLN H 107 26.73 18.70 -66.90
C GLN H 107 28.03 19.18 -66.30
N ASP H 108 29.09 18.45 -66.55
CA ASP H 108 30.42 18.86 -66.11
C ASP H 108 30.92 20.14 -66.84
N ASN H 109 31.92 20.79 -66.25
CA ASN H 109 32.67 21.91 -66.88
C ASN H 109 31.86 23.01 -67.56
N GLN H 110 30.93 23.60 -66.82
CA GLN H 110 30.14 24.71 -67.35
C GLN H 110 30.72 26.03 -66.87
N ASP H 111 30.30 27.12 -67.51
CA ASP H 111 30.70 28.45 -67.13
C ASP H 111 29.77 28.85 -65.95
N TRP H 112 30.18 28.43 -64.75
CA TRP H 112 29.36 28.60 -63.55
C TRP H 112 29.05 30.05 -63.29
N ASN H 113 29.92 30.91 -63.79
CA ASN H 113 29.74 32.33 -63.56
C ASN H 113 28.42 32.84 -64.12
N SER H 114 27.93 32.21 -65.18
CA SER H 114 26.65 32.60 -65.75
C SER H 114 25.62 31.52 -65.48
N VAL H 115 26.03 30.28 -65.30
CA VAL H 115 25.07 29.20 -65.18
C VAL H 115 24.57 28.97 -63.75
N LEU H 116 25.41 29.24 -62.77
CA LEU H 116 25.00 28.97 -61.39
C LEU H 116 24.19 30.16 -60.87
N LEU H 117 22.93 29.92 -60.47
CA LEU H 117 22.09 31.01 -59.97
C LEU H 117 22.22 31.12 -58.45
N GLY H 118 22.12 29.99 -57.77
CA GLY H 118 22.19 30.03 -56.32
C GLY H 118 22.35 28.65 -55.74
N THR H 119 22.44 28.59 -54.42
CA THR H 119 22.59 27.33 -53.74
C THR H 119 22.16 27.49 -52.28
N PHE H 120 21.82 26.37 -51.62
CA PHE H 120 21.57 26.43 -50.18
C PHE H 120 21.76 25.05 -49.61
N TYR H 121 21.92 25.02 -48.29
CA TYR H 121 21.97 23.76 -47.60
C TYR H 121 20.73 23.58 -46.73
N ILE H 122 20.48 22.34 -46.31
CA ILE H 122 19.43 22.03 -45.33
C ILE H 122 19.98 20.97 -44.42
N LYS H 123 19.96 21.26 -43.12
CA LYS H 123 20.44 20.30 -42.13
C LYS H 123 19.61 20.48 -40.88
N PRO H 124 19.71 19.54 -39.94
CA PRO H 124 19.05 19.73 -38.65
C PRO H 124 19.63 20.92 -37.93
N ASN H 125 18.80 21.74 -37.30
CA ASN H 125 19.29 22.94 -36.63
C ASN H 125 19.78 22.61 -35.24
N TYR H 126 19.46 21.40 -34.78
CA TYR H 126 19.71 20.98 -33.41
C TYR H 126 20.08 19.51 -33.33
N ALA H 127 20.55 19.07 -32.15
CA ALA H 127 20.71 17.64 -31.84
C ALA H 127 19.37 16.88 -32.00
N PRO H 128 19.41 15.53 -32.11
CA PRO H 128 18.35 14.58 -32.51
C PRO H 128 16.91 14.77 -31.96
N ARG H 129 16.72 15.05 -30.68
CA ARG H 129 15.35 15.25 -30.17
C ARG H 129 14.65 16.41 -30.86
N CYS H 130 15.42 17.30 -31.47
CA CYS H 130 14.88 18.47 -32.12
C CYS H 130 15.34 18.56 -33.56
N SER H 131 15.79 17.43 -34.10
CA SER H 131 16.34 17.39 -35.44
C SER H 131 15.26 17.41 -36.53
N HIS H 132 13.98 17.41 -36.15
CA HIS H 132 12.95 17.64 -37.15
C HIS H 132 12.88 19.13 -37.51
N ASN H 133 13.58 20.00 -36.77
CA ASN H 133 13.67 21.41 -37.17
C ASN H 133 14.86 21.58 -38.08
N CYS H 134 14.70 22.09 -39.29
CA CYS H 134 15.86 22.20 -40.17
C CYS H 134 16.32 23.65 -40.27
N ASN H 135 17.62 23.83 -40.47
CA ASN H 135 18.17 25.15 -40.75
C ASN H 135 18.61 25.18 -42.20
N ALA H 136 18.67 26.38 -42.78
CA ALA H 136 19.18 26.54 -44.13
C ALA H 136 19.94 27.84 -44.28
N GLY H 137 20.98 27.84 -45.14
CA GLY H 137 21.64 29.08 -45.47
C GLY H 137 21.57 29.18 -46.97
N PHE H 138 21.55 30.38 -47.50
CA PHE H 138 21.31 30.62 -48.93
C PHE H 138 22.43 31.46 -49.52
N LEU H 139 22.76 31.21 -50.78
CA LEU H 139 23.72 32.04 -51.51
C LEU H 139 23.23 32.28 -52.92
N VAL H 140 23.19 33.55 -53.31
CA VAL H 140 22.92 33.93 -54.70
C VAL H 140 24.25 34.28 -55.39
N ASN H 141 24.42 33.81 -56.61
CA ASN H 141 25.61 34.17 -57.40
C ASN H 141 25.63 35.67 -57.73
N GLY H 142 26.77 36.32 -57.47
CA GLY H 142 26.94 37.76 -57.64
C GLY H 142 26.58 38.27 -59.02
N ALA H 143 26.72 37.40 -60.01
CA ALA H 143 26.40 37.69 -61.42
C ALA H 143 24.91 37.80 -61.66
N HIS H 144 24.14 37.38 -60.65
CA HIS H 144 22.72 37.24 -60.79
C HIS H 144 21.97 37.85 -59.64
N ARG H 145 22.49 38.93 -59.09
CA ARG H 145 21.69 39.69 -58.12
C ARG H 145 20.52 40.40 -58.83
N GLY H 146 19.41 40.60 -58.09
CA GLY H 146 18.31 41.41 -58.57
C GLY H 146 17.45 40.72 -59.62
N GLN H 147 17.48 39.39 -59.67
CA GLN H 147 16.58 38.64 -60.55
C GLN H 147 15.62 37.78 -59.70
N LYS H 148 15.52 38.15 -58.41
CA LYS H 148 14.67 37.46 -57.46
C LYS H 148 14.99 35.97 -57.42
N VAL H 149 16.29 35.69 -57.45
CA VAL H 149 16.75 34.32 -57.39
C VAL H 149 16.48 33.77 -55.99
N GLY H 150 16.64 34.63 -54.99
CA GLY H 150 16.45 34.25 -53.59
C GLY H 150 15.04 33.79 -53.24
N TYR H 151 14.06 34.42 -53.86
CA TYR H 151 12.66 34.08 -53.58
C TYR H 151 12.42 32.70 -54.14
N ARG H 152 13.00 32.45 -55.31
CA ARG H 152 12.93 31.15 -55.97
C ARG H 152 13.66 30.05 -55.18
N LEU H 153 14.85 30.33 -54.66
CA LEU H 153 15.53 29.37 -53.78
C LEU H 153 14.60 29.01 -52.64
N ALA H 154 13.96 30.04 -52.08
CA ALA H 154 13.14 29.83 -50.89
C ALA H 154 11.94 28.92 -51.18
N GLN H 155 11.42 29.01 -52.40
CA GLN H 155 10.28 28.19 -52.82
C GLN H 155 10.72 26.75 -52.98
N VAL H 156 11.92 26.56 -53.57
CA VAL H 156 12.49 25.25 -53.71
C VAL H 156 12.65 24.61 -52.33
N TYR H 157 13.16 25.37 -51.38
CA TYR H 157 13.28 24.91 -50.01
C TYR H 157 11.93 24.49 -49.35
N LEU H 158 10.86 25.24 -49.63
CA LEU H 158 9.52 24.93 -49.11
C LEU H 158 8.99 23.62 -49.72
N ASN H 159 9.34 23.40 -50.99
CA ASN H 159 8.99 22.17 -51.64
C ASN H 159 9.81 21.01 -51.08
N TRP H 160 11.11 21.21 -50.88
CA TRP H 160 11.98 20.05 -50.66
C TRP H 160 12.21 19.72 -49.19
N ALA H 161 12.23 20.72 -48.33
CA ALA H 161 12.60 20.44 -46.96
C ALA H 161 11.67 19.40 -46.26
N PRO H 162 10.34 19.49 -46.46
CA PRO H 162 9.45 18.45 -45.90
C PRO H 162 9.70 17.07 -46.50
N LEU H 163 10.11 16.97 -47.75
CA LEU H 163 10.34 15.65 -48.32
C LEU H 163 11.46 14.86 -47.61
N LEU H 164 12.38 15.58 -46.97
CA LEU H 164 13.50 14.96 -46.28
C LEU H 164 13.09 14.58 -44.87
N GLY H 165 11.91 15.01 -44.47
CA GLY H 165 11.33 14.56 -43.21
C GLY H 165 11.17 15.63 -42.14
N TYR H 166 11.58 16.86 -42.41
CA TYR H 166 11.51 17.93 -41.42
C TYR H 166 10.10 18.52 -41.27
N LYS H 167 9.79 19.00 -40.07
CA LYS H 167 8.45 19.51 -39.75
C LYS H 167 8.40 21.01 -39.57
N TYR H 168 9.54 21.61 -39.29
CA TYR H 168 9.59 23.03 -38.98
C TYR H 168 10.94 23.63 -39.48
N SER H 169 10.89 24.90 -39.90
CA SER H 169 12.07 25.61 -40.40
C SER H 169 12.48 26.67 -39.41
N ILE H 170 13.78 26.78 -39.22
CA ILE H 170 14.37 27.78 -38.32
C ILE H 170 15.61 28.42 -38.94
N PHE H 171 15.56 29.74 -39.14
CA PHE H 171 16.75 30.53 -39.37
C PHE H 171 17.07 31.22 -38.05
N ASN H 172 18.32 31.09 -37.62
CA ASN H 172 18.77 31.55 -36.32
C ASN H 172 19.20 33.00 -36.28
N LEU H 173 19.71 33.49 -37.40
CA LEU H 173 20.35 34.78 -37.44
C LEU H 173 20.15 35.43 -38.77
N VAL H 174 18.98 36.04 -38.94
CA VAL H 174 18.79 36.91 -40.11
C VAL H 174 18.84 38.38 -39.68
N PHE H 175 19.89 39.08 -40.10
CA PHE H 175 20.12 40.43 -39.61
C PHE H 175 19.14 41.39 -40.23
N VAL H 176 18.66 42.32 -39.42
CA VAL H 176 17.57 43.19 -39.83
C VAL H 176 18.02 44.04 -41.01
N THR H 177 19.33 44.19 -41.19
CA THR H 177 19.88 44.91 -42.34
C THR H 177 19.89 44.06 -43.61
N ASN H 178 19.49 42.80 -43.49
CA ASN H 178 19.57 41.87 -44.61
C ASN H 178 18.24 41.78 -45.35
N GLN H 179 18.25 42.26 -46.59
CA GLN H 179 17.03 42.49 -47.37
C GLN H 179 16.23 41.24 -47.65
N ALA H 180 16.87 40.07 -47.46
CA ALA H 180 16.18 38.79 -47.58
C ALA H 180 15.02 38.73 -46.59
N SER H 181 15.16 39.41 -45.45
CA SER H 181 14.10 39.44 -44.44
C SER H 181 12.77 39.92 -45.06
N TRP H 182 12.79 41.07 -45.74
CA TRP H 182 11.53 41.68 -46.17
C TRP H 182 11.19 41.31 -47.61
N LYS H 183 12.21 40.94 -48.39
CA LYS H 183 12.00 40.59 -49.79
C LYS H 183 11.59 39.15 -49.94
N ILE H 184 11.84 38.36 -48.90
CA ILE H 184 11.65 36.91 -49.02
C ILE H 184 10.93 36.26 -47.85
N TRP H 185 11.52 36.29 -46.67
CA TRP H 185 10.94 35.52 -45.57
C TRP H 185 9.57 36.10 -45.12
N ASP H 186 9.46 37.43 -44.96
CA ASP H 186 8.17 38.05 -44.67
C ASP H 186 7.14 37.74 -45.78
N LYS H 187 7.55 37.82 -47.05
CA LYS H 187 6.62 37.57 -48.16
C LYS H 187 6.13 36.12 -48.28
N LEU H 188 6.83 35.18 -47.63
CA LEU H 188 6.48 33.75 -47.72
C LEU H 188 5.87 33.25 -46.42
N ASN H 189 5.56 34.18 -45.52
CA ASN H 189 4.92 33.91 -44.25
C ASN H 189 5.75 33.04 -43.35
N PHE H 190 7.04 33.35 -43.30
CA PHE H 190 7.88 32.88 -42.21
C PHE H 190 7.54 33.80 -41.05
N GLN H 191 7.22 33.23 -39.89
CA GLN H 191 7.00 34.00 -38.66
C GLN H 191 8.32 34.50 -38.06
N ARG H 192 8.32 35.78 -37.65
CA ARG H 192 9.38 36.35 -36.83
C ARG H 192 9.19 35.88 -35.43
N ILE H 193 9.74 34.68 -35.13
CA ILE H 193 9.51 34.06 -33.83
C ILE H 193 10.43 34.53 -32.73
N GLY H 194 11.46 35.29 -33.08
CA GLY H 194 12.32 35.82 -32.04
C GLY H 194 13.13 36.97 -32.56
N LEU H 195 13.79 37.67 -31.64
CA LEU H 195 14.66 38.78 -32.00
C LEU H 195 15.86 38.73 -31.07
N VAL H 196 17.05 38.74 -31.65
CA VAL H 196 18.27 38.76 -30.85
C VAL H 196 18.86 40.13 -30.98
N PRO H 197 18.83 40.89 -29.90
CA PRO H 197 19.32 42.26 -30.00
C PRO H 197 20.84 42.37 -30.09
N HIS H 198 21.32 43.22 -30.98
CA HIS H 198 22.74 43.56 -31.07
C HIS H 198 23.54 42.31 -31.35
N ALA H 199 22.96 41.46 -32.18
CA ALA H 199 23.44 40.11 -32.32
C ALA H 199 24.84 40.10 -32.98
N GLY H 200 25.01 40.91 -34.02
CA GLY H 200 26.17 40.80 -34.87
C GLY H 200 26.98 42.06 -35.06
N ILE H 201 28.27 41.94 -34.82
CA ILE H 201 29.19 42.92 -35.37
C ILE H 201 29.45 42.67 -36.87
N LEU H 202 28.97 43.62 -37.66
CA LEU H 202 29.01 43.51 -39.10
C LEU H 202 29.85 44.63 -39.76
N ASN H 203 30.47 44.25 -40.88
CA ASN H 203 31.20 45.15 -41.75
C ASN H 203 30.33 46.28 -42.28
N GLY H 204 30.76 47.52 -42.02
CA GLY H 204 30.06 48.68 -42.53
C GLY H 204 29.09 49.32 -41.53
N PHE H 205 28.99 48.75 -40.33
CA PHE H 205 28.07 49.26 -39.31
C PHE H 205 28.85 49.47 -38.02
N SER H 206 28.83 50.68 -37.50
CA SER H 206 29.58 50.99 -36.27
C SER H 206 28.93 50.35 -35.06
N GLU H 207 27.61 50.20 -35.12
CA GLU H 207 26.87 49.60 -34.02
C GLU H 207 26.45 48.14 -34.34
N PRO H 208 26.38 47.30 -33.30
CA PRO H 208 25.92 45.91 -33.48
C PRO H 208 24.53 45.89 -34.08
N VAL H 209 24.21 44.82 -34.79
CA VAL H 209 23.00 44.72 -35.59
C VAL H 209 22.11 43.60 -35.11
N ASP H 210 20.82 43.89 -35.01
CA ASP H 210 19.84 42.94 -34.50
C ASP H 210 19.67 41.82 -35.50
N ALA H 211 19.32 40.67 -34.93
CA ALA H 211 19.04 39.46 -35.69
C ALA H 211 17.64 38.91 -35.40
N ILE H 212 16.91 38.68 -36.47
CA ILE H 212 15.61 38.08 -36.45
C ILE H 212 15.76 36.58 -36.52
N ILE H 213 14.96 35.89 -35.70
CA ILE H 213 14.87 34.45 -35.76
C ILE H 213 13.56 34.12 -36.44
N TYR H 214 13.64 33.42 -37.56
CA TYR H 214 12.47 33.10 -38.39
C TYR H 214 12.05 31.66 -38.21
N GLY H 215 10.74 31.42 -38.13
CA GLY H 215 10.21 30.09 -38.06
C GLY H 215 9.11 29.84 -39.09
N LYS H 216 8.89 28.58 -39.44
CA LYS H 216 7.79 28.26 -40.31
C LYS H 216 7.51 26.77 -40.32
N ASP H 217 6.23 26.44 -40.14
CA ASP H 217 5.72 25.08 -40.15
C ASP H 217 5.74 24.54 -41.57
N LEU H 218 6.42 23.42 -41.75
CA LEU H 218 6.67 22.91 -43.09
C LEU H 218 5.66 21.85 -43.52
N THR H 219 4.74 21.51 -42.61
CA THR H 219 3.64 20.56 -42.89
C THR H 219 2.35 21.27 -43.39
N LYS H 220 2.20 22.56 -43.08
CA LYS H 220 1.04 23.33 -43.56
C LYS H 220 1.57 24.54 -44.34
N ILE H 221 1.85 24.35 -45.61
CA ILE H 221 2.40 25.42 -46.40
C ILE H 221 1.39 25.86 -47.45
N GLU H 222 1.29 27.18 -47.59
CA GLU H 222 0.39 27.80 -48.55
C GLU H 222 0.71 27.36 -49.98
N PRO H 223 -0.27 26.73 -50.65
CA PRO H 223 -0.09 26.13 -51.99
C PRO H 223 0.43 27.11 -53.06
N GLU H 224 0.13 28.40 -52.88
CA GLU H 224 0.57 29.44 -53.80
C GLU H 224 2.10 29.60 -53.75
N PHE H 225 2.65 29.54 -52.54
CA PHE H 225 4.08 29.66 -52.28
C PHE H 225 4.86 28.46 -52.84
N LEU H 226 4.22 27.28 -52.91
CA LEU H 226 4.86 26.06 -53.41
C LEU H 226 4.91 26.03 -54.93
N SER H 227 3.98 26.76 -55.56
CA SER H 227 3.91 26.80 -57.02
C SER H 227 4.96 27.72 -57.62
N MET H 228 5.74 27.21 -58.57
CA MET H 228 6.81 27.99 -59.13
C MET H 228 6.33 28.70 -60.41
N GLU H 229 5.00 28.79 -60.60
CA GLU H 229 4.40 29.54 -61.71
C GLU H 229 4.49 31.05 -61.49
N SER I 5 -5.10 -23.95 -6.06
CA SER I 5 -6.33 -23.88 -6.85
C SER I 5 -7.43 -24.84 -6.39
N ILE I 6 -8.66 -24.32 -6.41
CA ILE I 6 -9.82 -25.10 -5.97
C ILE I 6 -10.88 -25.34 -7.07
N GLU I 7 -10.50 -25.13 -8.34
CA GLU I 7 -11.45 -25.29 -9.46
C GLU I 7 -12.08 -26.65 -9.46
N TRP I 8 -11.28 -27.67 -9.12
CA TRP I 8 -11.68 -29.08 -9.14
C TRP I 8 -12.78 -29.38 -8.13
N LYS I 9 -13.06 -28.44 -7.24
CA LYS I 9 -14.15 -28.71 -6.27
C LYS I 9 -15.27 -27.62 -6.26
N LEU I 10 -15.27 -26.76 -7.29
CA LEU I 10 -16.35 -25.76 -7.47
C LEU I 10 -17.61 -26.30 -8.14
N THR I 11 -18.74 -25.97 -7.51
CA THR I 11 -20.02 -26.38 -7.99
C THR I 11 -20.40 -25.59 -9.23
N ALA I 12 -19.79 -24.43 -9.45
CA ALA I 12 -19.99 -23.67 -10.69
C ALA I 12 -19.48 -24.44 -11.95
N ASN I 13 -18.64 -25.47 -11.73
CA ASN I 13 -18.16 -26.32 -12.81
C ASN I 13 -18.98 -27.60 -12.99
N LEU I 14 -20.17 -27.64 -12.39
CA LEU I 14 -20.99 -28.83 -12.52
C LEU I 14 -21.54 -28.88 -13.95
N ARG I 15 -21.36 -30.00 -14.63
CA ARG I 15 -21.86 -30.20 -16.00
C ARG I 15 -23.16 -31.01 -16.03
N ASN I 16 -24.09 -30.64 -16.90
CA ASN I 16 -25.30 -31.42 -17.12
C ASN I 16 -26.08 -31.76 -15.83
N GLY I 17 -26.01 -30.84 -14.86
CA GLY I 17 -26.79 -30.91 -13.63
C GLY I 17 -28.24 -30.49 -13.79
N PRO I 18 -28.92 -30.25 -12.66
CA PRO I 18 -30.34 -29.94 -12.77
C PRO I 18 -30.54 -28.61 -13.43
N THR I 19 -31.64 -28.46 -14.15
CA THR I 19 -31.92 -27.23 -14.86
C THR I 19 -32.55 -26.14 -13.99
N PHE I 20 -33.40 -26.51 -13.04
CA PHE I 20 -34.24 -25.52 -12.38
C PHE I 20 -33.72 -25.09 -11.01
N PHE I 21 -32.68 -25.74 -10.53
CA PHE I 21 -32.17 -25.49 -9.19
C PHE I 21 -30.65 -25.36 -9.18
N GLN I 22 -30.21 -24.33 -8.48
CA GLN I 22 -28.79 -24.05 -8.32
C GLN I 22 -28.18 -24.90 -7.20
N PRO I 23 -26.84 -25.04 -7.20
CA PRO I 23 -26.17 -25.69 -6.07
C PRO I 23 -26.35 -24.91 -4.75
N LEU I 24 -26.37 -25.67 -3.67
CA LEU I 24 -26.55 -25.08 -2.37
C LEU I 24 -25.24 -24.64 -1.76
N ALA I 25 -24.13 -24.89 -2.46
CA ALA I 25 -22.84 -24.43 -1.94
C ALA I 25 -21.82 -24.18 -3.07
N ASP I 26 -20.83 -23.31 -2.81
CA ASP I 26 -19.85 -22.86 -3.79
C ASP I 26 -18.84 -23.96 -4.16
N SER I 27 -18.65 -24.87 -3.21
CA SER I 27 -17.71 -25.95 -3.35
C SER I 27 -18.17 -27.19 -2.56
N ILE I 28 -17.49 -28.28 -2.79
CA ILE I 28 -17.73 -29.53 -2.10
C ILE I 28 -16.35 -29.95 -1.60
N GLU I 29 -16.21 -29.91 -0.28
CA GLU I 29 -14.97 -30.22 0.38
C GLU I 29 -14.83 -31.72 0.56
N PRO I 30 -13.64 -32.25 0.32
CA PRO I 30 -13.41 -33.65 0.62
C PRO I 30 -13.88 -33.98 2.02
N LEU I 31 -14.45 -35.17 2.11
CA LEU I 31 -15.15 -35.57 3.29
C LEU I 31 -14.46 -36.77 3.85
N GLN I 32 -13.78 -36.59 4.98
CA GLN I 32 -13.08 -37.68 5.65
C GLN I 32 -13.95 -38.37 6.69
N PHE I 33 -13.76 -39.68 6.82
CA PHE I 33 -14.48 -40.43 7.80
C PHE I 33 -13.73 -41.74 7.99
N LYS I 34 -14.21 -42.57 8.90
CA LYS I 34 -13.58 -43.85 9.09
C LYS I 34 -14.51 -44.91 8.58
N LEU I 35 -13.96 -45.99 8.05
CA LEU I 35 -14.78 -47.15 7.73
C LEU I 35 -15.38 -47.63 9.04
N ILE I 36 -16.54 -48.24 8.93
CA ILE I 36 -17.27 -48.67 10.10
C ILE I 36 -16.58 -49.86 10.78
N GLY I 37 -16.31 -49.68 12.06
CA GLY I 37 -15.73 -50.73 12.86
C GLY I 37 -14.24 -50.74 12.67
N SER I 38 -13.67 -49.58 12.39
CA SER I 38 -12.26 -49.51 12.04
C SER I 38 -11.72 -48.16 12.36
N ASP I 39 -10.40 -48.05 12.45
CA ASP I 39 -9.72 -46.77 12.50
C ASP I 39 -9.05 -46.52 11.12
N THR I 40 -9.50 -47.25 10.11
CA THR I 40 -9.13 -46.99 8.72
C THR I 40 -9.79 -45.72 8.13
N VAL I 41 -8.97 -44.72 7.85
CA VAL I 41 -9.47 -43.47 7.33
C VAL I 41 -9.79 -43.55 5.85
N ALA I 42 -10.91 -42.96 5.44
CA ALA I 42 -11.29 -42.87 4.01
C ALA I 42 -11.64 -41.44 3.65
N THR I 43 -11.29 -41.04 2.44
CA THR I 43 -11.63 -39.68 2.00
C THR I 43 -12.41 -39.69 0.69
N ALA I 44 -13.61 -39.11 0.71
CA ALA I 44 -14.45 -38.93 -0.47
C ALA I 44 -14.02 -37.69 -1.25
N PHE I 45 -13.91 -37.82 -2.58
CA PHE I 45 -13.57 -36.65 -3.43
C PHE I 45 -14.61 -36.42 -4.50
N PRO I 46 -14.94 -35.14 -4.73
CA PRO I 46 -15.84 -34.76 -5.82
C PRO I 46 -15.13 -34.86 -7.15
N VAL I 47 -15.84 -35.26 -8.21
CA VAL I 47 -15.34 -35.14 -9.56
C VAL I 47 -16.28 -34.37 -10.51
N PHE I 48 -15.87 -33.16 -10.84
CA PHE I 48 -16.61 -32.30 -11.73
C PHE I 48 -16.17 -32.42 -13.19
N ASP I 49 -14.93 -32.87 -13.41
CA ASP I 49 -14.40 -33.09 -14.76
C ASP I 49 -13.26 -34.09 -14.61
N THR I 50 -13.23 -35.13 -15.44
CA THR I 50 -12.13 -36.10 -15.39
C THR I 50 -10.71 -35.53 -15.48
N LYS I 51 -10.54 -34.33 -16.00
CA LYS I 51 -9.18 -33.77 -16.10
C LYS I 51 -8.55 -33.45 -14.74
N TYR I 52 -9.33 -33.47 -13.66
CA TYR I 52 -8.81 -33.14 -12.33
C TYR I 52 -8.33 -34.42 -11.61
N ILE I 53 -8.58 -35.56 -12.21
CA ILE I 53 -8.12 -36.79 -11.61
C ILE I 53 -7.11 -37.53 -12.53
N PRO I 54 -6.26 -38.37 -11.94
CA PRO I 54 -5.22 -39.08 -12.66
C PRO I 54 -5.78 -40.04 -13.68
N ASP I 55 -5.11 -40.08 -14.81
CA ASP I 55 -5.42 -41.02 -15.88
C ASP I 55 -5.40 -42.46 -15.39
N SER I 56 -4.45 -42.84 -14.54
CA SER I 56 -4.47 -44.25 -14.06
C SER I 56 -5.72 -44.53 -13.23
N LEU I 57 -6.21 -43.55 -12.48
CA LEU I 57 -7.42 -43.77 -11.69
C LEU I 57 -8.61 -44.05 -12.61
N ILE I 58 -8.69 -43.27 -13.68
CA ILE I 58 -9.77 -43.44 -14.64
C ILE I 58 -9.73 -44.78 -15.31
N ASN I 59 -8.53 -45.16 -15.75
CA ASN I 59 -8.35 -46.45 -16.42
C ASN I 59 -8.61 -47.62 -15.47
N TYR I 60 -8.24 -47.48 -14.21
CA TYR I 60 -8.66 -48.50 -13.25
C TYR I 60 -10.20 -48.59 -13.16
N LEU I 61 -10.86 -47.45 -12.98
CA LEU I 61 -12.32 -47.43 -12.79
C LEU I 61 -13.06 -48.03 -13.99
N PHE I 62 -12.53 -47.74 -15.18
CA PHE I 62 -13.06 -48.24 -16.41
C PHE I 62 -13.10 -49.75 -16.39
N LYS I 63 -12.01 -50.35 -15.96
CA LYS I 63 -11.89 -51.82 -15.92
C LYS I 63 -12.77 -52.34 -14.81
N LEU I 64 -12.76 -51.63 -13.69
CA LEU I 64 -13.58 -51.99 -12.51
C LEU I 64 -15.07 -52.04 -12.87
N PHE I 65 -15.55 -51.08 -13.67
CA PHE I 65 -16.94 -51.09 -14.09
C PHE I 65 -17.18 -52.18 -15.09
N ASN I 66 -16.19 -52.44 -15.94
CA ASN I 66 -16.37 -53.58 -16.84
C ASN I 66 -16.46 -54.94 -16.12
N LEU I 67 -15.76 -55.11 -15.02
CA LEU I 67 -15.87 -56.36 -14.27
C LEU I 67 -17.28 -56.55 -13.76
N GLU I 68 -17.85 -55.47 -13.24
CA GLU I 68 -19.20 -55.47 -12.65
C GLU I 68 -20.24 -55.83 -13.72
N ILE I 69 -20.06 -55.28 -14.92
CA ILE I 69 -20.97 -55.55 -16.02
C ILE I 69 -20.90 -57.00 -16.45
N GLU I 70 -19.69 -57.54 -16.50
CA GLU I 70 -19.50 -58.94 -16.93
C GLU I 70 -20.14 -59.91 -15.94
N SER I 71 -20.04 -59.61 -14.63
CA SER I 71 -20.75 -60.37 -13.59
C SER I 71 -22.23 -60.41 -13.92
N GLY I 72 -22.71 -59.37 -14.59
CA GLY I 72 -24.07 -59.36 -15.10
C GLY I 72 -25.15 -59.55 -14.05
N LYS I 73 -24.92 -59.12 -12.80
CA LYS I 73 -25.96 -59.28 -11.78
C LYS I 73 -26.51 -57.98 -11.21
N THR I 74 -25.94 -56.85 -11.61
CA THR I 74 -26.26 -55.65 -10.89
C THR I 74 -26.66 -54.49 -11.81
N TYR I 75 -26.01 -54.39 -12.97
CA TYR I 75 -26.44 -53.42 -13.93
C TYR I 75 -27.16 -54.06 -15.12
N PRO I 76 -28.01 -53.29 -15.82
CA PRO I 76 -28.75 -53.71 -17.02
C PRO I 76 -27.90 -53.79 -18.30
N GLN I 77 -26.66 -53.27 -18.26
CA GLN I 77 -25.75 -53.43 -19.43
C GLN I 77 -25.33 -54.90 -19.62
N LEU I 78 -25.18 -55.27 -20.88
CA LEU I 78 -24.77 -56.63 -21.22
C LEU I 78 -23.29 -56.65 -21.58
N HIS I 79 -22.88 -55.74 -22.44
CA HIS I 79 -21.54 -55.81 -22.98
C HIS I 79 -20.65 -54.82 -22.30
N SER I 80 -19.36 -55.11 -22.24
CA SER I 80 -18.41 -54.14 -21.74
C SER I 80 -18.51 -52.84 -22.54
N LEU I 81 -18.03 -51.74 -21.96
CA LEU I 81 -18.04 -50.41 -22.59
C LEU I 81 -16.67 -50.06 -23.11
N THR I 82 -16.59 -49.31 -24.19
CA THR I 82 -15.30 -48.79 -24.64
C THR I 82 -14.84 -47.76 -23.64
N LYS I 83 -13.58 -47.38 -23.77
CA LYS I 83 -13.04 -46.38 -22.89
C LYS I 83 -13.86 -45.06 -22.92
N GLN I 84 -14.19 -44.61 -24.13
CA GLN I 84 -14.95 -43.37 -24.30
C GLN I 84 -16.43 -43.57 -23.87
N GLY I 85 -16.94 -44.80 -24.05
CA GLY I 85 -18.28 -45.14 -23.63
C GLY I 85 -18.41 -45.01 -22.11
N PHE I 86 -17.33 -45.37 -21.42
CA PHE I 86 -17.30 -45.33 -19.97
C PHE I 86 -17.19 -43.90 -19.46
N LEU I 87 -16.28 -43.14 -20.06
CA LEU I 87 -16.14 -41.71 -19.76
C LEU I 87 -17.48 -40.99 -19.90
N ASN I 88 -18.17 -41.24 -21.02
CA ASN I 88 -19.48 -40.62 -21.26
C ASN I 88 -20.56 -41.06 -20.29
N TYR I 89 -20.50 -42.32 -19.86
CA TYR I 89 -21.51 -42.88 -18.94
C TYR I 89 -21.27 -42.39 -17.49
N TRP I 90 -20.08 -42.67 -16.96
CA TRP I 90 -19.76 -42.46 -15.55
C TRP I 90 -19.57 -41.01 -15.18
N PHE I 91 -19.05 -40.22 -16.11
CA PHE I 91 -18.76 -38.84 -15.83
C PHE I 91 -19.64 -37.91 -16.66
N HIS I 92 -20.79 -38.39 -17.09
CA HIS I 92 -21.74 -37.52 -17.77
C HIS I 92 -22.00 -36.17 -17.02
N SER I 93 -22.06 -36.20 -15.69
CA SER I 93 -22.30 -35.00 -14.88
C SER I 93 -21.31 -34.93 -13.71
N PHE I 94 -21.65 -35.60 -12.61
CA PHE I 94 -20.87 -35.56 -11.38
C PHE I 94 -20.51 -36.97 -11.01
N ALA I 95 -19.35 -37.14 -10.38
CA ALA I 95 -18.98 -38.46 -9.83
C ALA I 95 -18.16 -38.30 -8.56
N VAL I 96 -17.99 -39.39 -7.84
CA VAL I 96 -17.29 -39.36 -6.56
C VAL I 96 -16.31 -40.51 -6.52
N VAL I 97 -15.08 -40.25 -6.08
CA VAL I 97 -14.14 -41.34 -5.78
C VAL I 97 -13.83 -41.32 -4.29
N VAL I 98 -13.85 -42.52 -3.71
CA VAL I 98 -13.56 -42.67 -2.27
C VAL I 98 -12.30 -43.52 -2.10
N LEU I 99 -11.28 -42.87 -1.54
CA LEU I 99 -9.95 -43.44 -1.43
C LEU I 99 -9.62 -43.72 0.04
N GLN I 100 -8.73 -44.67 0.26
CA GLN I 100 -8.22 -44.99 1.59
C GLN I 100 -7.01 -44.13 1.96
N THR I 101 -7.25 -42.92 2.46
CA THR I 101 -6.19 -41.97 2.73
C THR I 101 -6.69 -40.83 3.62
N ASP I 102 -5.75 -40.10 4.20
CA ASP I 102 -6.04 -38.97 5.06
C ASP I 102 -5.72 -37.70 4.29
N GLU I 103 -5.36 -37.82 3.02
CA GLU I 103 -5.04 -36.64 2.23
C GLU I 103 -6.29 -35.90 1.77
N LYS I 104 -6.15 -34.60 1.55
CA LYS I 104 -7.26 -33.74 1.15
C LYS I 104 -7.19 -33.52 -0.36
N PHE I 105 -6.39 -34.32 -1.05
CA PHE I 105 -6.29 -34.18 -2.51
C PHE I 105 -5.97 -35.53 -3.06
N ILE I 106 -6.03 -35.69 -4.39
CA ILE I 106 -5.69 -36.98 -4.98
C ILE I 106 -4.27 -37.00 -5.54
N GLN I 107 -3.50 -37.97 -5.07
CA GLN I 107 -2.12 -38.12 -5.54
C GLN I 107 -2.07 -38.94 -6.81
N ASP I 108 -1.15 -38.57 -7.69
CA ASP I 108 -0.88 -39.37 -8.87
C ASP I 108 -0.27 -40.75 -8.58
N ASN I 109 -0.41 -41.64 -9.56
N ASN I 109 -0.46 -41.66 -9.53
CA ASN I 109 0.10 -43.01 -9.51
CA ASN I 109 0.19 -42.97 -9.48
C ASN I 109 0.07 -43.70 -8.15
C ASN I 109 0.08 -43.73 -8.16
N GLN I 110 -1.09 -43.74 -7.53
CA GLN I 110 -1.28 -44.56 -6.34
C GLN I 110 -1.58 -45.97 -6.84
N ASP I 111 -1.52 -46.95 -5.95
CA ASP I 111 -1.92 -48.30 -6.31
C ASP I 111 -3.42 -48.41 -6.06
N TRP I 112 -4.19 -48.35 -7.14
CA TRP I 112 -5.65 -48.15 -7.03
C TRP I 112 -6.32 -49.44 -6.61
N ASN I 113 -5.68 -50.57 -6.94
CA ASN I 113 -6.20 -51.88 -6.57
C ASN I 113 -6.37 -51.96 -5.03
N SER I 114 -5.59 -51.18 -4.28
CA SER I 114 -5.80 -51.16 -2.82
C SER I 114 -6.35 -49.81 -2.28
N VAL I 115 -5.93 -48.67 -2.83
CA VAL I 115 -6.29 -47.37 -2.26
C VAL I 115 -7.74 -46.99 -2.61
N LEU I 116 -8.23 -47.45 -3.75
CA LEU I 116 -9.58 -47.14 -4.18
C LEU I 116 -10.62 -48.00 -3.49
N LEU I 117 -11.49 -47.37 -2.73
CA LEU I 117 -12.57 -48.09 -2.06
C LEU I 117 -13.83 -48.26 -2.94
N GLY I 118 -14.30 -47.12 -3.45
CA GLY I 118 -15.48 -47.11 -4.27
C GLY I 118 -15.69 -45.78 -4.98
N THR I 119 -16.69 -45.81 -5.85
CA THR I 119 -17.07 -44.67 -6.67
C THR I 119 -18.56 -44.71 -6.96
N PHE I 120 -19.13 -43.54 -7.17
CA PHE I 120 -20.48 -43.51 -7.70
C PHE I 120 -20.67 -42.28 -8.58
N TYR I 121 -21.65 -42.35 -9.47
CA TYR I 121 -22.02 -41.16 -10.24
C TYR I 121 -23.29 -40.53 -9.69
N ILE I 122 -23.47 -39.25 -9.96
CA ILE I 122 -24.75 -38.60 -9.70
C ILE I 122 -25.07 -37.79 -10.92
N LYS I 123 -26.18 -38.13 -11.57
CA LYS I 123 -26.64 -37.36 -12.71
C LYS I 123 -28.15 -37.20 -12.64
N PRO I 124 -28.71 -36.31 -13.47
CA PRO I 124 -30.19 -36.20 -13.52
C PRO I 124 -30.80 -37.46 -14.04
N ASN I 125 -31.82 -37.96 -13.33
CA ASN I 125 -32.50 -39.18 -13.74
C ASN I 125 -33.36 -39.02 -14.98
N TYR I 126 -33.80 -37.79 -15.26
CA TYR I 126 -34.71 -37.55 -16.36
C TYR I 126 -34.32 -36.28 -17.09
N ALA I 127 -34.99 -36.03 -18.22
CA ALA I 127 -34.92 -34.75 -18.93
C ALA I 127 -35.37 -33.55 -18.00
N PRO I 128 -35.05 -32.29 -18.39
CA PRO I 128 -35.00 -31.04 -17.58
C PRO I 128 -36.20 -30.64 -16.66
N ARG I 129 -37.44 -30.84 -17.06
CA ARG I 129 -38.55 -30.48 -16.20
C ARG I 129 -38.59 -31.39 -14.98
N CYS I 130 -37.81 -32.48 -15.03
CA CYS I 130 -37.77 -33.41 -13.94
C CYS I 130 -36.34 -33.67 -13.51
N SER I 131 -35.47 -32.70 -13.79
CA SER I 131 -34.04 -32.91 -13.60
C SER I 131 -33.65 -32.77 -12.15
N HIS I 132 -34.57 -32.37 -11.26
CA HIS I 132 -34.22 -32.28 -9.85
C HIS I 132 -34.26 -33.65 -9.16
N ASN I 133 -34.64 -34.70 -9.89
CA ASN I 133 -34.49 -36.06 -9.40
C ASN I 133 -33.16 -36.61 -9.92
N CYS I 134 -32.23 -36.93 -9.01
CA CYS I 134 -30.98 -37.53 -9.43
C CYS I 134 -31.00 -39.04 -9.38
N ASN I 135 -30.09 -39.61 -10.15
CA ASN I 135 -29.84 -41.03 -10.18
C ASN I 135 -28.39 -41.28 -9.81
N ALA I 136 -28.11 -42.44 -9.22
CA ALA I 136 -26.73 -42.80 -8.84
C ALA I 136 -26.48 -44.28 -9.04
N GLY I 137 -25.25 -44.60 -9.43
CA GLY I 137 -24.79 -45.95 -9.65
C GLY I 137 -23.54 -46.06 -8.81
N PHE I 138 -23.46 -47.13 -8.04
CA PHE I 138 -22.37 -47.31 -7.08
C PHE I 138 -21.48 -48.46 -7.53
N LEU I 139 -20.17 -48.31 -7.32
CA LEU I 139 -19.19 -49.43 -7.48
C LEU I 139 -18.30 -49.53 -6.26
N VAL I 140 -18.10 -50.76 -5.78
CA VAL I 140 -17.19 -51.00 -4.65
C VAL I 140 -16.01 -51.84 -5.14
N ASN I 141 -14.80 -51.45 -4.80
CA ASN I 141 -13.66 -52.25 -5.22
C ASN I 141 -13.69 -53.68 -4.62
N GLY I 142 -13.41 -54.70 -5.43
CA GLY I 142 -13.44 -56.11 -5.00
C GLY I 142 -12.51 -56.48 -3.84
N ALA I 143 -11.38 -55.80 -3.75
CA ALA I 143 -10.47 -55.90 -2.60
C ALA I 143 -11.08 -55.40 -1.29
N HIS I 144 -12.17 -54.64 -1.35
CA HIS I 144 -12.74 -54.04 -0.14
C HIS I 144 -14.22 -54.35 0.11
N ARG I 145 -14.65 -55.55 -0.21
CA ARG I 145 -15.99 -55.96 0.16
C ARG I 145 -16.03 -56.22 1.67
N GLY I 146 -17.23 -56.33 2.23
CA GLY I 146 -17.36 -56.69 3.63
C GLY I 146 -16.67 -55.70 4.55
N GLN I 147 -16.54 -54.44 4.13
CA GLN I 147 -16.10 -53.42 5.05
C GLN I 147 -17.14 -52.30 5.22
N LYS I 148 -18.37 -52.59 4.79
CA LYS I 148 -19.45 -51.62 4.80
C LYS I 148 -19.07 -50.36 4.00
N VAL I 149 -18.31 -50.55 2.91
CA VAL I 149 -17.97 -49.43 2.06
C VAL I 149 -19.19 -48.81 1.39
N GLY I 150 -20.09 -49.64 0.87
CA GLY I 150 -21.27 -49.14 0.18
C GLY I 150 -22.18 -48.23 1.03
N TYR I 151 -22.41 -48.66 2.27
CA TYR I 151 -23.24 -47.90 3.21
C TYR I 151 -22.63 -46.52 3.40
N ARG I 152 -21.28 -46.49 3.47
CA ARG I 152 -20.54 -45.23 3.52
C ARG I 152 -20.74 -44.42 2.23
N LEU I 153 -20.73 -45.09 1.08
CA LEU I 153 -20.88 -44.40 -0.20
C LEU I 153 -22.27 -43.75 -0.24
N ALA I 154 -23.26 -44.47 0.28
CA ALA I 154 -24.62 -43.97 0.36
C ALA I 154 -24.72 -42.72 1.21
N GLN I 155 -24.01 -42.69 2.34
CA GLN I 155 -24.03 -41.53 3.25
C GLN I 155 -23.40 -40.30 2.60
N VAL I 156 -22.32 -40.52 1.87
CA VAL I 156 -21.68 -39.43 1.14
C VAL I 156 -22.67 -38.87 0.11
N TYR I 157 -23.30 -39.75 -0.66
CA TYR I 157 -24.35 -39.38 -1.59
C TYR I 157 -25.44 -38.54 -0.88
N LEU I 158 -25.94 -39.02 0.26
CA LEU I 158 -26.99 -38.29 0.99
C LEU I 158 -26.50 -36.92 1.35
N ASN I 159 -25.23 -36.80 1.72
CA ASN I 159 -24.66 -35.50 2.03
C ASN I 159 -24.46 -34.58 0.81
N TRP I 160 -24.01 -35.18 -0.31
CA TRP I 160 -23.53 -34.41 -1.45
C TRP I 160 -24.58 -34.12 -2.56
N ALA I 161 -25.46 -35.06 -2.86
CA ALA I 161 -26.43 -34.85 -3.91
C ALA I 161 -27.28 -33.55 -3.77
N PRO I 162 -27.81 -33.28 -2.55
CA PRO I 162 -28.56 -32.03 -2.38
C PRO I 162 -27.70 -30.77 -2.59
N LEU I 163 -26.42 -30.81 -2.23
CA LEU I 163 -25.54 -29.67 -2.52
C LEU I 163 -25.47 -29.36 -4.03
N LEU I 164 -25.76 -30.34 -4.87
CA LEU I 164 -25.72 -30.12 -6.30
C LEU I 164 -27.01 -29.48 -6.83
N GLY I 165 -28.01 -29.34 -5.95
CA GLY I 165 -29.31 -28.79 -6.31
C GLY I 165 -30.44 -29.83 -6.38
N TYR I 166 -30.13 -31.11 -6.24
CA TYR I 166 -31.17 -32.14 -6.36
C TYR I 166 -32.10 -32.17 -5.11
N LYS I 167 -33.35 -32.56 -5.34
CA LYS I 167 -34.35 -32.56 -4.29
C LYS I 167 -34.84 -33.96 -4.05
N TYR I 168 -34.52 -34.86 -4.97
CA TYR I 168 -35.04 -36.22 -4.82
C TYR I 168 -34.12 -37.22 -5.51
N SER I 169 -34.04 -38.41 -4.93
CA SER I 169 -33.19 -39.48 -5.42
C SER I 169 -34.08 -40.58 -5.96
N ILE I 170 -33.74 -41.11 -7.14
CA ILE I 170 -34.43 -42.28 -7.71
C ILE I 170 -33.43 -43.32 -8.18
N PHE I 171 -33.55 -44.58 -7.75
CA PHE I 171 -32.81 -45.70 -8.35
C PHE I 171 -33.80 -46.49 -9.13
N ASN I 172 -33.52 -46.70 -10.40
CA ASN I 172 -34.52 -47.26 -11.28
C ASN I 172 -34.68 -48.75 -11.29
N LEU I 173 -33.60 -49.43 -10.95
CA LEU I 173 -33.52 -50.87 -11.04
C LEU I 173 -32.62 -51.44 -9.96
N VAL I 174 -33.14 -51.62 -8.74
CA VAL I 174 -32.43 -52.42 -7.73
C VAL I 174 -33.03 -53.84 -7.73
N PHE I 175 -32.33 -54.76 -8.40
CA PHE I 175 -32.80 -56.12 -8.49
C PHE I 175 -32.95 -56.72 -7.11
N VAL I 176 -34.01 -57.48 -6.92
CA VAL I 176 -34.31 -58.04 -5.61
C VAL I 176 -33.22 -59.01 -5.20
N THR I 177 -32.48 -59.55 -6.16
CA THR I 177 -31.35 -60.44 -5.87
C THR I 177 -30.13 -59.72 -5.28
N ASN I 178 -30.04 -58.41 -5.47
CA ASN I 178 -28.90 -57.61 -5.01
C ASN I 178 -29.08 -57.17 -3.54
N GLN I 179 -29.27 -58.14 -2.65
CA GLN I 179 -29.58 -57.88 -1.23
C GLN I 179 -28.48 -57.00 -0.60
N ALA I 180 -27.24 -57.20 -1.03
CA ALA I 180 -26.13 -56.38 -0.56
C ALA I 180 -26.37 -54.90 -0.88
N SER I 181 -27.46 -54.61 -1.59
CA SER I 181 -27.81 -53.26 -1.99
C SER I 181 -29.17 -52.84 -1.39
N TRP I 182 -30.22 -53.63 -1.58
CA TRP I 182 -31.52 -53.17 -1.08
C TRP I 182 -31.56 -53.20 0.44
N LYS I 183 -30.67 -53.94 1.07
CA LYS I 183 -30.61 -53.95 2.52
C LYS I 183 -30.02 -52.62 3.01
N ILE I 184 -29.19 -52.00 2.18
CA ILE I 184 -28.58 -50.71 2.48
C ILE I 184 -29.58 -49.53 2.34
N TRP I 185 -30.43 -49.61 1.31
CA TRP I 185 -31.40 -48.55 1.03
C TRP I 185 -32.54 -48.57 2.03
N ASP I 186 -33.00 -49.76 2.39
CA ASP I 186 -34.04 -49.89 3.40
C ASP I 186 -33.53 -49.35 4.76
N LYS I 187 -32.29 -49.69 5.10
CA LYS I 187 -31.70 -49.19 6.34
C LYS I 187 -31.64 -47.65 6.39
N LEU I 188 -31.38 -47.01 5.23
CA LEU I 188 -31.22 -45.55 5.19
C LEU I 188 -32.50 -44.78 4.86
N ASN I 189 -33.63 -45.49 4.96
CA ASN I 189 -34.98 -44.95 4.73
C ASN I 189 -35.22 -44.40 3.33
N PHE I 190 -34.75 -45.12 2.33
CA PHE I 190 -35.24 -44.93 0.98
C PHE I 190 -36.55 -45.68 0.92
N GLN I 191 -37.58 -45.05 0.39
CA GLN I 191 -38.87 -45.72 0.24
C GLN I 191 -38.82 -46.57 -1.00
N ARG I 192 -39.54 -47.66 -0.96
CA ARG I 192 -39.75 -48.49 -2.10
C ARG I 192 -40.92 -47.88 -2.85
N ILE I 193 -40.65 -47.03 -3.82
CA ILE I 193 -41.73 -46.25 -4.41
C ILE I 193 -42.33 -46.95 -5.60
N GLY I 194 -41.72 -48.08 -5.97
CA GLY I 194 -42.24 -48.93 -7.05
C GLY I 194 -41.56 -50.30 -7.18
N LEU I 195 -42.15 -51.17 -7.99
CA LEU I 195 -41.60 -52.48 -8.26
C LEU I 195 -41.82 -52.87 -9.72
N VAL I 196 -40.74 -53.26 -10.42
CA VAL I 196 -40.91 -53.72 -11.78
C VAL I 196 -40.75 -55.23 -11.86
N PRO I 197 -41.82 -55.90 -12.25
CA PRO I 197 -41.82 -57.36 -12.19
C PRO I 197 -41.02 -57.95 -13.33
N HIS I 198 -40.18 -58.95 -13.06
CA HIS I 198 -39.54 -59.72 -14.12
C HIS I 198 -38.66 -58.78 -14.95
N ALA I 199 -38.09 -57.80 -14.27
CA ALA I 199 -37.44 -56.67 -14.91
C ALA I 199 -36.19 -57.08 -15.72
N GLY I 200 -35.31 -57.85 -15.10
CA GLY I 200 -33.99 -58.10 -15.65
C GLY I 200 -33.70 -59.56 -15.94
N ILE I 201 -32.97 -59.77 -17.04
CA ILE I 201 -32.44 -61.07 -17.39
C ILE I 201 -31.00 -61.07 -16.89
N LEU I 202 -30.78 -61.74 -15.77
CA LEU I 202 -29.48 -61.70 -15.11
C LEU I 202 -28.73 -63.03 -15.26
N ASN I 203 -27.45 -62.95 -14.98
CA ASN I 203 -26.55 -64.06 -15.07
C ASN I 203 -26.71 -64.97 -13.86
N GLY I 204 -27.03 -66.24 -14.08
CA GLY I 204 -27.12 -67.19 -12.99
C GLY I 204 -28.52 -67.23 -12.43
N PHE I 205 -29.45 -66.80 -13.26
CA PHE I 205 -30.87 -66.85 -12.96
C PHE I 205 -31.58 -67.21 -14.26
N SER I 206 -32.44 -68.21 -14.17
CA SER I 206 -33.12 -68.79 -15.33
C SER I 206 -34.42 -68.05 -15.54
N GLU I 207 -34.92 -67.42 -14.49
CA GLU I 207 -36.13 -66.60 -14.60
C GLU I 207 -35.76 -65.12 -14.49
N PRO I 208 -36.58 -64.22 -15.08
CA PRO I 208 -36.31 -62.78 -15.00
C PRO I 208 -36.44 -62.33 -13.55
N VAL I 209 -35.68 -61.32 -13.16
CA VAL I 209 -35.64 -60.91 -11.77
C VAL I 209 -36.33 -59.56 -11.55
N ASP I 210 -37.13 -59.49 -10.48
CA ASP I 210 -37.87 -58.29 -10.14
C ASP I 210 -36.88 -57.20 -9.77
N ALA I 211 -37.27 -55.95 -9.97
CA ALA I 211 -36.45 -54.80 -9.57
C ALA I 211 -37.28 -53.77 -8.81
N ILE I 212 -36.70 -53.26 -7.74
CA ILE I 212 -37.35 -52.29 -6.90
C ILE I 212 -36.90 -50.92 -7.33
N ILE I 213 -37.86 -50.01 -7.44
CA ILE I 213 -37.57 -48.61 -7.61
C ILE I 213 -37.56 -47.89 -6.26
N TYR I 214 -36.45 -47.21 -5.99
CA TYR I 214 -36.21 -46.53 -4.72
C TYR I 214 -36.17 -45.00 -4.82
N GLY I 215 -36.83 -44.32 -3.87
CA GLY I 215 -36.83 -42.88 -3.82
C GLY I 215 -36.51 -42.41 -2.42
N LYS I 216 -35.97 -41.22 -2.35
CA LYS I 216 -35.79 -40.60 -1.07
C LYS I 216 -35.80 -39.10 -1.21
N ASP I 217 -36.50 -38.44 -0.31
CA ASP I 217 -36.52 -36.99 -0.33
C ASP I 217 -35.21 -36.45 0.23
N LEU I 218 -34.50 -35.67 -0.60
CA LEU I 218 -33.17 -35.20 -0.29
C LEU I 218 -33.12 -33.85 0.41
N THR I 219 -34.29 -33.24 0.56
CA THR I 219 -34.42 -31.99 1.30
C THR I 219 -34.63 -32.23 2.82
N LYS I 220 -35.13 -33.41 3.18
CA LYS I 220 -35.42 -33.77 4.60
C LYS I 220 -34.80 -35.14 4.95
N ILE I 221 -33.54 -35.13 5.36
CA ILE I 221 -32.80 -36.37 5.59
C ILE I 221 -32.44 -36.51 7.05
N GLU I 222 -32.69 -37.71 7.58
CA GLU I 222 -32.46 -38.00 9.00
C GLU I 222 -31.00 -37.77 9.34
N PRO I 223 -30.73 -36.85 10.27
CA PRO I 223 -29.36 -36.43 10.61
C PRO I 223 -28.43 -37.58 11.03
N GLU I 224 -28.98 -38.67 11.57
CA GLU I 224 -28.16 -39.81 11.97
C GLU I 224 -27.56 -40.53 10.74
N PHE I 225 -28.17 -40.33 9.57
CA PHE I 225 -27.68 -40.95 8.34
C PHE I 225 -26.63 -40.07 7.66
N LEU I 226 -26.79 -38.75 7.84
CA LEU I 226 -25.86 -37.78 7.27
C LEU I 226 -24.51 -37.77 7.98
N SER I 227 -24.48 -38.27 9.22
CA SER I 227 -23.27 -38.20 10.05
C SER I 227 -22.33 -39.39 9.84
N MET I 228 -21.06 -39.08 9.56
CA MET I 228 -20.08 -40.08 9.19
C MET I 228 -19.30 -40.55 10.41
N GLU I 229 -19.39 -39.80 11.51
CA GLU I 229 -18.81 -40.24 12.78
C GLU I 229 -19.68 -41.34 13.43
N SER J 5 -43.85 -53.85 -53.00
CA SER J 5 -42.96 -54.10 -51.87
C SER J 5 -43.64 -54.02 -50.50
N ILE J 6 -43.13 -54.84 -49.60
CA ILE J 6 -43.57 -54.85 -48.24
C ILE J 6 -42.41 -54.71 -47.22
N GLU J 7 -41.26 -54.22 -47.69
CA GLU J 7 -40.10 -54.00 -46.82
C GLU J 7 -40.47 -53.06 -45.66
N TRP J 8 -41.35 -52.09 -45.92
CA TRP J 8 -41.73 -51.10 -44.91
C TRP J 8 -42.48 -51.65 -43.70
N LYS J 9 -42.96 -52.88 -43.79
CA LYS J 9 -43.71 -53.41 -42.67
C LYS J 9 -43.10 -54.73 -42.19
N LEU J 10 -41.83 -54.95 -42.54
CA LEU J 10 -41.15 -56.17 -42.15
C LEU J 10 -40.45 -56.01 -40.82
N THR J 11 -40.70 -56.93 -39.91
CA THR J 11 -40.05 -56.89 -38.60
C THR J 11 -38.58 -57.25 -38.70
N ALA J 12 -38.13 -57.80 -39.82
CA ALA J 12 -36.71 -58.03 -39.97
C ALA J 12 -35.99 -56.70 -39.97
N ASN J 13 -36.69 -55.62 -40.31
CA ASN J 13 -36.05 -54.32 -40.36
C ASN J 13 -36.13 -53.46 -39.09
N LEU J 14 -36.52 -54.06 -37.97
CA LEU J 14 -36.72 -53.32 -36.73
C LEU J 14 -35.37 -52.92 -36.22
N ARG J 15 -35.20 -51.65 -35.89
CA ARG J 15 -33.90 -51.18 -35.35
C ARG J 15 -33.93 -50.97 -33.83
N ASN J 16 -32.82 -51.27 -33.18
CA ASN J 16 -32.69 -50.95 -31.76
C ASN J 16 -33.83 -51.53 -30.91
N GLY J 17 -34.22 -52.77 -31.22
CA GLY J 17 -35.26 -53.44 -30.47
C GLY J 17 -34.73 -54.22 -29.30
N PRO J 18 -35.55 -55.09 -28.74
CA PRO J 18 -35.04 -55.76 -27.55
C PRO J 18 -33.95 -56.77 -27.94
N THR J 19 -33.00 -56.99 -27.04
CA THR J 19 -31.82 -57.76 -27.34
C THR J 19 -32.06 -59.26 -27.25
N PHE J 20 -32.88 -59.71 -26.28
CA PHE J 20 -33.03 -61.13 -25.99
C PHE J 20 -34.23 -61.84 -26.63
N PHE J 21 -35.12 -61.12 -27.28
CA PHE J 21 -36.34 -61.71 -27.80
C PHE J 21 -36.59 -61.24 -29.21
N GLN J 22 -37.06 -62.14 -30.07
CA GLN J 22 -37.27 -61.83 -31.48
C GLN J 22 -38.70 -61.43 -31.67
N PRO J 23 -39.03 -60.85 -32.82
CA PRO J 23 -40.42 -60.52 -33.11
C PRO J 23 -41.27 -61.78 -33.21
N LEU J 24 -42.58 -61.67 -33.03
CA LEU J 24 -43.46 -62.82 -33.01
C LEU J 24 -44.09 -62.97 -34.37
N ALA J 25 -43.75 -62.07 -35.29
CA ALA J 25 -44.32 -62.12 -36.62
C ALA J 25 -43.35 -61.51 -37.59
N ASP J 26 -43.54 -61.82 -38.86
CA ASP J 26 -42.63 -61.43 -39.91
C ASP J 26 -42.95 -60.04 -40.37
N SER J 27 -44.21 -59.66 -40.26
CA SER J 27 -44.65 -58.34 -40.67
C SER J 27 -45.71 -57.81 -39.70
N ILE J 28 -45.97 -56.52 -39.81
CA ILE J 28 -47.05 -55.85 -39.09
C ILE J 28 -47.90 -55.19 -40.13
N GLU J 29 -49.12 -55.67 -40.27
CA GLU J 29 -50.00 -55.18 -41.28
C GLU J 29 -50.75 -54.00 -40.73
N PRO J 30 -51.01 -52.99 -41.56
CA PRO J 30 -51.83 -51.87 -41.16
C PRO J 30 -53.11 -52.36 -40.47
N LEU J 31 -53.51 -51.65 -39.42
CA LEU J 31 -54.64 -52.07 -38.57
C LEU J 31 -55.73 -51.03 -38.77
N GLN J 32 -56.88 -51.44 -39.30
CA GLN J 32 -57.98 -50.53 -39.56
C GLN J 32 -59.00 -50.64 -38.44
N PHE J 33 -59.77 -49.57 -38.23
CA PHE J 33 -60.83 -49.59 -37.23
C PHE J 33 -61.64 -48.30 -37.38
N LYS J 34 -62.67 -48.17 -36.56
CA LYS J 34 -63.46 -46.93 -36.48
C LYS J 34 -63.10 -46.21 -35.21
N LEU J 35 -63.12 -44.88 -35.29
CA LEU J 35 -63.03 -44.05 -34.11
C LEU J 35 -64.26 -44.33 -33.24
N ILE J 36 -64.05 -44.26 -31.94
CA ILE J 36 -65.07 -44.68 -30.98
C ILE J 36 -66.32 -43.81 -31.05
N GLY J 37 -67.49 -44.48 -31.14
CA GLY J 37 -68.79 -43.80 -31.13
C GLY J 37 -69.01 -43.12 -32.46
N SER J 38 -68.38 -43.65 -33.50
CA SER J 38 -68.39 -42.98 -34.79
C SER J 38 -68.29 -44.00 -35.93
N ASP J 39 -68.45 -43.52 -37.16
CA ASP J 39 -68.27 -44.37 -38.32
C ASP J 39 -67.04 -43.94 -39.12
N THR J 40 -66.21 -43.10 -38.51
CA THR J 40 -65.05 -42.57 -39.18
C THR J 40 -63.96 -43.60 -39.15
N VAL J 41 -63.50 -43.98 -40.34
CA VAL J 41 -62.51 -45.02 -40.43
C VAL J 41 -61.11 -44.43 -40.31
N ALA J 42 -60.28 -45.11 -39.51
CA ALA J 42 -58.89 -44.78 -39.25
C ALA J 42 -57.97 -46.00 -39.45
N THR J 43 -56.75 -45.75 -39.92
CA THR J 43 -55.78 -46.83 -40.14
C THR J 43 -54.45 -46.55 -39.42
N ALA J 44 -53.93 -47.58 -38.76
CA ALA J 44 -52.65 -47.46 -38.08
C ALA J 44 -51.52 -48.15 -38.89
N PHE J 45 -50.41 -47.42 -39.05
CA PHE J 45 -49.28 -47.89 -39.86
C PHE J 45 -48.02 -48.00 -39.04
N PRO J 46 -47.32 -49.12 -39.19
CA PRO J 46 -46.04 -49.26 -38.52
C PRO J 46 -45.00 -48.40 -39.24
N VAL J 47 -44.04 -47.86 -38.51
CA VAL J 47 -42.93 -47.17 -39.12
C VAL J 47 -41.64 -47.76 -38.57
N PHE J 48 -40.95 -48.55 -39.40
CA PHE J 48 -39.69 -49.12 -39.01
C PHE J 48 -38.56 -48.18 -39.40
N ASP J 49 -38.79 -47.34 -40.41
CA ASP J 49 -37.77 -46.40 -40.83
C ASP J 49 -38.41 -45.19 -41.47
N THR J 50 -37.83 -44.03 -41.24
CA THR J 50 -38.46 -42.80 -41.71
C THR J 50 -38.51 -42.72 -43.20
N LYS J 51 -37.56 -43.34 -43.87
CA LYS J 51 -37.52 -43.25 -45.31
C LYS J 51 -38.76 -43.86 -45.98
N TYR J 52 -39.55 -44.64 -45.24
CA TYR J 52 -40.78 -45.24 -45.77
C TYR J 52 -41.99 -44.33 -45.63
N ILE J 53 -41.89 -43.24 -44.87
CA ILE J 53 -43.03 -42.32 -44.81
C ILE J 53 -42.64 -41.00 -45.47
N PRO J 54 -43.63 -40.26 -45.95
CA PRO J 54 -43.44 -38.99 -46.68
C PRO J 54 -42.81 -37.90 -45.81
N ASP J 55 -41.90 -37.13 -46.37
CA ASP J 55 -41.20 -36.09 -45.62
C ASP J 55 -42.18 -35.10 -45.00
N SER J 56 -43.27 -34.78 -45.67
CA SER J 56 -44.14 -33.75 -45.15
C SER J 56 -44.80 -34.25 -43.89
N LEU J 57 -45.02 -35.56 -43.78
CA LEU J 57 -45.62 -36.08 -42.57
C LEU J 57 -44.61 -35.99 -41.44
N ILE J 58 -43.36 -36.31 -41.74
CA ILE J 58 -42.31 -36.26 -40.73
C ILE J 58 -42.22 -34.83 -40.21
N ASN J 59 -42.28 -33.85 -41.10
CA ASN J 59 -42.14 -32.46 -40.71
C ASN J 59 -43.35 -31.96 -39.94
N TYR J 60 -44.53 -32.44 -40.30
CA TYR J 60 -45.69 -32.16 -39.50
C TYR J 60 -45.61 -32.70 -38.06
N LEU J 61 -45.05 -33.90 -37.90
CA LEU J 61 -44.93 -34.53 -36.57
C LEU J 61 -43.89 -33.82 -35.74
N PHE J 62 -42.85 -33.36 -36.43
CA PHE J 62 -41.81 -32.58 -35.81
C PHE J 62 -42.43 -31.37 -35.11
N LYS J 63 -43.30 -30.68 -35.82
CA LYS J 63 -43.93 -29.49 -35.24
C LYS J 63 -44.92 -29.91 -34.19
N LEU J 64 -45.62 -31.02 -34.43
CA LEU J 64 -46.62 -31.46 -33.47
C LEU J 64 -45.98 -31.73 -32.12
N PHE J 65 -44.80 -32.37 -32.14
CA PHE J 65 -44.13 -32.74 -30.90
C PHE J 65 -43.58 -31.50 -30.17
N ASN J 66 -43.04 -30.55 -30.95
CA ASN J 66 -42.57 -29.30 -30.36
C ASN J 66 -43.69 -28.47 -29.69
N LEU J 67 -44.89 -28.46 -30.29
CA LEU J 67 -46.04 -27.82 -29.69
C LEU J 67 -46.43 -28.45 -28.34
N GLU J 68 -46.26 -29.75 -28.21
CA GLU J 68 -46.61 -30.44 -26.97
C GLU J 68 -45.56 -30.18 -25.88
N ILE J 69 -44.30 -30.05 -26.28
CA ILE J 69 -43.23 -29.68 -25.40
C ILE J 69 -43.37 -28.23 -24.93
N GLU J 70 -43.85 -27.35 -25.81
CA GLU J 70 -44.04 -25.92 -25.45
C GLU J 70 -45.17 -25.73 -24.45
N SER J 71 -46.21 -26.56 -24.53
CA SER J 71 -47.25 -26.62 -23.47
C SER J 71 -46.72 -26.92 -22.06
N GLY J 72 -45.79 -27.88 -21.97
CA GLY J 72 -44.99 -28.06 -20.78
C GLY J 72 -45.75 -28.77 -19.70
N LYS J 73 -46.74 -29.57 -20.08
CA LYS J 73 -47.54 -30.23 -19.06
C LYS J 73 -47.50 -31.74 -19.21
N THR J 74 -46.87 -32.26 -20.27
CA THR J 74 -47.00 -33.71 -20.50
C THR J 74 -45.68 -34.47 -20.63
N TYR J 75 -44.70 -33.89 -21.33
CA TYR J 75 -43.38 -34.50 -21.41
C TYR J 75 -42.43 -33.76 -20.54
N PRO J 76 -41.26 -34.38 -20.25
CA PRO J 76 -40.23 -33.80 -19.39
C PRO J 76 -39.25 -32.83 -20.08
N GLN J 77 -39.35 -32.73 -21.39
CA GLN J 77 -38.50 -31.78 -22.12
C GLN J 77 -38.98 -30.35 -21.80
N LEU J 78 -38.00 -29.45 -21.81
CA LEU J 78 -38.19 -28.03 -21.64
C LEU J 78 -38.10 -27.37 -23.01
N HIS J 79 -37.01 -27.64 -23.71
CA HIS J 79 -36.73 -26.97 -24.98
C HIS J 79 -37.22 -27.79 -26.17
N SER J 80 -37.62 -27.08 -27.21
CA SER J 80 -37.92 -27.67 -28.51
C SER J 80 -36.71 -28.40 -29.12
N LEU J 81 -37.03 -29.49 -29.81
CA LEU J 81 -36.01 -30.33 -30.42
C LEU J 81 -35.69 -29.73 -31.76
N THR J 82 -34.45 -29.92 -32.18
CA THR J 82 -34.04 -29.68 -33.55
C THR J 82 -34.66 -30.79 -34.39
N LYS J 83 -34.64 -30.59 -35.68
CA LYS J 83 -35.18 -31.58 -36.60
C LYS J 83 -34.44 -32.94 -36.41
N GLN J 84 -33.12 -32.89 -36.31
CA GLN J 84 -32.34 -34.10 -36.17
C GLN J 84 -32.60 -34.71 -34.80
N GLY J 85 -32.79 -33.87 -33.78
CA GLY J 85 -33.03 -34.37 -32.44
C GLY J 85 -34.36 -35.10 -32.39
N PHE J 86 -35.36 -34.57 -33.10
CA PHE J 86 -36.67 -35.22 -33.17
C PHE J 86 -36.57 -36.62 -33.82
N LEU J 87 -35.95 -36.71 -34.98
CA LEU J 87 -35.77 -38.01 -35.62
C LEU J 87 -35.02 -39.01 -34.71
N ASN J 88 -33.95 -38.57 -34.06
CA ASN J 88 -33.27 -39.41 -33.10
C ASN J 88 -34.21 -39.87 -32.02
N TYR J 89 -35.01 -38.95 -31.50
CA TYR J 89 -35.90 -39.24 -30.38
C TYR J 89 -37.09 -40.14 -30.77
N TRP J 90 -37.85 -39.73 -31.78
CA TRP J 90 -39.13 -40.35 -32.08
C TRP J 90 -38.99 -41.65 -32.84
N PHE J 91 -37.93 -41.76 -33.65
CA PHE J 91 -37.75 -42.93 -34.48
C PHE J 91 -36.46 -43.66 -34.11
N HIS J 92 -36.04 -43.56 -32.86
CA HIS J 92 -34.87 -44.27 -32.42
C HIS J 92 -35.06 -45.78 -32.71
N SER J 93 -36.27 -46.29 -32.44
CA SER J 93 -36.58 -47.70 -32.72
C SER J 93 -37.79 -47.89 -33.65
N PHE J 94 -38.98 -48.02 -33.07
CA PHE J 94 -40.19 -48.24 -33.82
C PHE J 94 -41.16 -47.08 -33.57
N ALA J 95 -42.01 -46.80 -34.54
CA ALA J 95 -43.01 -45.80 -34.36
C ALA J 95 -44.24 -46.16 -35.15
N VAL J 96 -45.31 -45.44 -34.89
CA VAL J 96 -46.59 -45.68 -35.52
C VAL J 96 -47.31 -44.37 -35.83
N VAL J 97 -47.96 -44.34 -36.99
CA VAL J 97 -48.80 -43.21 -37.31
C VAL J 97 -50.23 -43.69 -37.55
N VAL J 98 -51.18 -42.93 -37.02
CA VAL J 98 -52.57 -43.28 -37.25
C VAL J 98 -53.21 -42.18 -38.07
N LEU J 99 -53.80 -42.58 -39.19
CA LEU J 99 -54.37 -41.63 -40.11
C LEU J 99 -55.86 -41.85 -40.33
N GLN J 100 -56.56 -40.80 -40.72
CA GLN J 100 -57.98 -40.90 -41.01
C GLN J 100 -58.15 -41.25 -42.49
N THR J 101 -58.12 -42.56 -42.78
CA THR J 101 -58.22 -43.08 -44.15
C THR J 101 -58.53 -44.56 -44.13
N ASP J 102 -58.99 -45.09 -45.25
CA ASP J 102 -59.23 -46.54 -45.38
C ASP J 102 -58.13 -47.21 -46.23
N GLU J 103 -57.13 -46.45 -46.62
CA GLU J 103 -56.09 -47.04 -47.46
C GLU J 103 -55.18 -47.93 -46.62
N LYS J 104 -54.46 -48.82 -47.30
CA LYS J 104 -53.60 -49.79 -46.61
C LYS J 104 -52.17 -49.36 -46.74
N PHE J 105 -51.98 -48.18 -47.29
CA PHE J 105 -50.65 -47.56 -47.37
C PHE J 105 -50.77 -46.05 -47.17
N ILE J 106 -49.61 -45.41 -47.00
CA ILE J 106 -49.52 -43.97 -46.75
C ILE J 106 -49.31 -43.18 -48.02
N GLN J 107 -50.33 -42.42 -48.41
CA GLN J 107 -50.19 -41.56 -49.58
C GLN J 107 -49.32 -40.34 -49.27
N ASP J 108 -48.55 -39.93 -50.27
CA ASP J 108 -47.73 -38.75 -50.18
C ASP J 108 -48.59 -37.48 -50.08
N ASN J 109 -47.98 -36.44 -49.51
CA ASN J 109 -48.50 -35.08 -49.59
C ASN J 109 -49.98 -34.93 -49.31
N GLN J 110 -50.41 -35.51 -48.20
CA GLN J 110 -51.77 -35.31 -47.71
C GLN J 110 -51.86 -34.12 -46.74
N ASP J 111 -53.07 -33.65 -46.48
CA ASP J 111 -53.28 -32.57 -45.54
C ASP J 111 -53.27 -33.14 -44.14
N TRP J 112 -52.06 -33.23 -43.58
CA TRP J 112 -51.87 -33.89 -42.30
C TRP J 112 -52.60 -33.18 -41.18
N ASN J 113 -52.81 -31.88 -41.32
CA ASN J 113 -53.52 -31.18 -40.26
C ASN J 113 -54.89 -31.83 -40.01
N SER J 114 -55.53 -32.39 -41.04
CA SER J 114 -56.82 -33.07 -40.86
C SER J 114 -56.71 -34.61 -40.83
N VAL J 115 -55.71 -35.14 -41.52
CA VAL J 115 -55.60 -36.58 -41.79
C VAL J 115 -54.82 -37.36 -40.70
N LEU J 116 -53.91 -36.68 -40.00
CA LEU J 116 -53.11 -37.33 -38.97
C LEU J 116 -53.87 -37.24 -37.64
N LEU J 117 -54.26 -38.40 -37.08
CA LEU J 117 -54.94 -38.46 -35.75
C LEU J 117 -53.95 -38.56 -34.56
N GLY J 118 -52.89 -39.33 -34.75
CA GLY J 118 -51.96 -39.52 -33.66
C GLY J 118 -50.77 -40.35 -34.05
N THR J 119 -49.81 -40.39 -33.13
CA THR J 119 -48.59 -41.13 -33.37
C THR J 119 -48.01 -41.54 -32.05
N PHE J 120 -47.23 -42.61 -32.05
CA PHE J 120 -46.52 -42.99 -30.86
C PHE J 120 -45.24 -43.71 -31.23
N TYR J 121 -44.27 -43.68 -30.34
CA TYR J 121 -43.07 -44.46 -30.59
C TYR J 121 -43.09 -45.63 -29.61
N ILE J 122 -42.27 -46.64 -29.93
CA ILE J 122 -42.04 -47.78 -29.06
C ILE J 122 -40.56 -48.11 -29.08
N LYS J 123 -39.95 -48.16 -27.91
CA LYS J 123 -38.56 -48.52 -27.83
C LYS J 123 -38.34 -49.19 -26.50
N PRO J 124 -37.16 -49.78 -26.30
CA PRO J 124 -36.78 -50.35 -25.01
C PRO J 124 -36.62 -49.23 -24.00
N ASN J 125 -37.12 -49.46 -22.79
CA ASN J 125 -37.05 -48.50 -21.72
C ASN J 125 -35.75 -48.53 -21.02
N TYR J 126 -35.02 -49.63 -21.15
CA TYR J 126 -33.76 -49.74 -20.47
C TYR J 126 -32.71 -50.35 -21.39
N ALA J 127 -31.47 -50.36 -20.91
CA ALA J 127 -30.37 -51.11 -21.53
C ALA J 127 -30.71 -52.64 -21.56
N PRO J 128 -30.00 -53.44 -22.40
CA PRO J 128 -30.22 -54.81 -22.90
C PRO J 128 -30.75 -55.92 -21.93
N ARG J 129 -30.16 -56.12 -20.76
CA ARG J 129 -30.69 -57.15 -19.86
C ARG J 129 -32.14 -56.86 -19.42
N CYS J 130 -32.61 -55.63 -19.62
CA CYS J 130 -33.97 -55.27 -19.25
C CYS J 130 -34.72 -54.74 -20.45
N SER J 131 -34.21 -55.04 -21.64
CA SER J 131 -34.73 -54.44 -22.86
C SER J 131 -36.05 -55.04 -23.29
N HIS J 132 -36.44 -56.16 -22.69
CA HIS J 132 -37.77 -56.73 -22.96
C HIS J 132 -38.91 -55.82 -22.40
N ASN J 133 -38.55 -54.82 -21.60
CA ASN J 133 -39.50 -53.76 -21.19
C ASN J 133 -39.52 -52.63 -22.21
N CYS J 134 -40.66 -52.36 -22.81
CA CYS J 134 -40.73 -51.26 -23.75
C CYS J 134 -41.36 -50.02 -23.14
N ASN J 135 -40.96 -48.88 -23.68
CA ASN J 135 -41.49 -47.56 -23.34
C ASN J 135 -42.21 -47.03 -24.57
N ALA J 136 -43.17 -46.13 -24.35
CA ALA J 136 -43.90 -45.50 -25.43
C ALA J 136 -44.31 -44.11 -25.06
N GLY J 137 -44.38 -43.25 -26.06
CA GLY J 137 -44.82 -41.90 -25.88
C GLY J 137 -45.80 -41.59 -26.97
N PHE J 138 -46.87 -40.93 -26.57
CA PHE J 138 -48.03 -40.65 -27.43
C PHE J 138 -48.24 -39.17 -27.72
N LEU J 139 -48.93 -38.92 -28.82
CA LEU J 139 -49.26 -37.59 -29.27
C LEU J 139 -50.54 -37.70 -30.07
N VAL J 140 -51.49 -36.83 -29.74
CA VAL J 140 -52.69 -36.67 -30.51
C VAL J 140 -52.73 -35.30 -31.19
N ASN J 141 -53.25 -35.26 -32.41
CA ASN J 141 -53.38 -34.00 -33.13
C ASN J 141 -54.49 -33.15 -32.43
N GLY J 142 -54.19 -31.89 -32.03
CA GLY J 142 -55.18 -31.02 -31.40
C GLY J 142 -56.52 -30.91 -32.12
N ALA J 143 -56.46 -30.88 -33.45
CA ALA J 143 -57.69 -30.83 -34.29
C ALA J 143 -58.61 -32.05 -34.11
N HIS J 144 -58.15 -33.04 -33.34
CA HIS J 144 -58.95 -34.20 -33.07
C HIS J 144 -58.94 -34.48 -31.58
N ARG J 145 -58.94 -33.42 -30.77
CA ARG J 145 -59.18 -33.56 -29.33
C ARG J 145 -60.63 -34.01 -29.14
N GLY J 146 -60.88 -34.80 -28.10
CA GLY J 146 -62.24 -35.20 -27.78
C GLY J 146 -62.88 -36.28 -28.64
N GLN J 147 -62.06 -37.01 -29.40
CA GLN J 147 -62.57 -38.11 -30.24
C GLN J 147 -62.12 -39.47 -29.76
N LYS J 148 -61.47 -39.48 -28.60
CA LYS J 148 -60.92 -40.69 -27.98
C LYS J 148 -59.87 -41.35 -28.86
N VAL J 149 -59.02 -40.50 -29.46
CA VAL J 149 -57.92 -40.99 -30.29
C VAL J 149 -56.85 -41.65 -29.41
N GLY J 150 -56.55 -41.05 -28.26
CA GLY J 150 -55.56 -41.59 -27.33
C GLY J 150 -55.84 -43.04 -26.95
N TYR J 151 -57.12 -43.32 -26.72
CA TYR J 151 -57.56 -44.66 -26.30
C TYR J 151 -57.29 -45.63 -27.44
N ARG J 152 -57.68 -45.27 -28.65
CA ARG J 152 -57.34 -46.13 -29.80
C ARG J 152 -55.80 -46.34 -29.98
N LEU J 153 -55.01 -45.31 -29.80
CA LEU J 153 -53.55 -45.44 -29.92
C LEU J 153 -53.06 -46.46 -28.93
N ALA J 154 -53.53 -46.32 -27.70
CA ALA J 154 -53.18 -47.29 -26.63
C ALA J 154 -53.52 -48.72 -27.06
N GLN J 155 -54.59 -48.91 -27.83
CA GLN J 155 -55.01 -50.25 -28.22
C GLN J 155 -54.15 -50.81 -29.33
N VAL J 156 -53.81 -49.95 -30.30
CA VAL J 156 -52.77 -50.31 -31.28
C VAL J 156 -51.47 -50.72 -30.57
N TYR J 157 -50.97 -49.87 -29.70
CA TYR J 157 -49.83 -50.20 -28.88
C TYR J 157 -49.94 -51.59 -28.27
N LEU J 158 -51.12 -51.95 -27.75
CA LEU J 158 -51.28 -53.26 -27.11
C LEU J 158 -51.24 -54.39 -28.11
N ASN J 159 -51.74 -54.17 -29.31
CA ASN J 159 -51.66 -55.18 -30.33
C ASN J 159 -50.24 -55.35 -30.92
N TRP J 160 -49.49 -54.23 -31.03
CA TRP J 160 -48.21 -54.26 -31.78
C TRP J 160 -46.96 -54.48 -30.93
N ALA J 161 -46.94 -53.94 -29.71
CA ALA J 161 -45.73 -53.99 -28.94
C ALA J 161 -45.26 -55.42 -28.68
N PRO J 162 -46.19 -56.34 -28.39
CA PRO J 162 -45.73 -57.71 -28.19
C PRO J 162 -45.19 -58.30 -29.48
N LEU J 163 -45.70 -57.87 -30.63
CA LEU J 163 -45.21 -58.36 -31.93
C LEU J 163 -43.72 -58.09 -32.17
N LEU J 164 -43.19 -57.01 -31.58
CA LEU J 164 -41.78 -56.65 -31.75
C LEU J 164 -40.90 -57.39 -30.76
N GLY J 165 -41.53 -58.16 -29.88
CA GLY J 165 -40.81 -58.98 -28.93
C GLY J 165 -40.88 -58.57 -27.47
N TYR J 166 -41.48 -57.43 -27.14
CA TYR J 166 -41.52 -56.97 -25.72
C TYR J 166 -42.48 -57.81 -24.90
N LYS J 167 -42.16 -57.98 -23.62
CA LYS J 167 -43.01 -58.78 -22.72
C LYS J 167 -43.73 -57.93 -21.68
N TYR J 168 -43.39 -56.64 -21.63
CA TYR J 168 -43.85 -55.76 -20.55
C TYR J 168 -43.66 -54.29 -20.95
N SER J 169 -44.61 -53.46 -20.53
CA SER J 169 -44.68 -52.02 -20.83
C SER J 169 -44.44 -51.17 -19.57
N ILE J 170 -43.60 -50.15 -19.71
CA ILE J 170 -43.33 -49.20 -18.63
C ILE J 170 -43.47 -47.76 -19.18
N PHE J 171 -44.34 -46.97 -18.55
CA PHE J 171 -44.36 -45.50 -18.73
C PHE J 171 -43.78 -44.93 -17.49
N ASN J 172 -42.73 -44.14 -17.67
CA ASN J 172 -41.94 -43.65 -16.56
C ASN J 172 -42.54 -42.46 -15.83
N LEU J 173 -43.32 -41.65 -16.54
CA LEU J 173 -43.74 -40.38 -16.02
C LEU J 173 -45.09 -39.98 -16.54
N VAL J 174 -46.15 -40.56 -16.02
CA VAL J 174 -47.44 -40.03 -16.41
C VAL J 174 -47.82 -39.08 -15.28
N PHE J 175 -47.83 -37.78 -15.58
CA PHE J 175 -48.18 -36.80 -14.54
C PHE J 175 -49.61 -36.97 -14.06
N VAL J 176 -49.83 -36.75 -12.77
CA VAL J 176 -51.20 -36.87 -12.21
C VAL J 176 -52.20 -35.86 -12.81
N THR J 177 -51.66 -34.77 -13.34
CA THR J 177 -52.46 -33.75 -14.01
C THR J 177 -52.87 -34.18 -15.41
N ASN J 178 -52.33 -35.30 -15.85
CA ASN J 178 -52.57 -35.72 -17.20
C ASN J 178 -53.74 -36.65 -17.13
N GLN J 179 -54.85 -36.24 -17.73
CA GLN J 179 -56.09 -37.00 -17.68
C GLN J 179 -55.93 -38.42 -18.30
N ALA J 180 -54.94 -38.60 -19.19
CA ALA J 180 -54.78 -39.88 -19.85
C ALA J 180 -54.70 -40.98 -18.80
N SER J 181 -54.14 -40.64 -17.64
CA SER J 181 -53.99 -41.56 -16.52
C SER J 181 -55.30 -42.30 -16.22
N TRP J 182 -56.39 -41.54 -16.04
CA TRP J 182 -57.65 -42.15 -15.61
C TRP J 182 -58.62 -42.35 -16.80
N LYS J 183 -58.36 -41.70 -17.94
CA LYS J 183 -59.21 -41.91 -19.11
C LYS J 183 -58.71 -43.08 -20.00
N ILE J 184 -57.46 -43.48 -19.89
CA ILE J 184 -56.93 -44.45 -20.81
C ILE J 184 -56.21 -45.57 -20.08
N TRP J 185 -55.15 -45.23 -19.35
CA TRP J 185 -54.29 -46.26 -18.74
C TRP J 185 -54.99 -47.08 -17.65
N ASP J 186 -55.63 -46.41 -16.70
CA ASP J 186 -56.49 -47.11 -15.73
C ASP J 186 -57.56 -47.92 -16.44
N LYS J 187 -58.25 -47.36 -17.44
CA LYS J 187 -59.26 -48.18 -18.13
C LYS J 187 -58.74 -49.44 -18.87
N LEU J 188 -57.44 -49.45 -19.23
CA LEU J 188 -56.85 -50.58 -19.98
C LEU J 188 -56.00 -51.49 -19.09
N ASN J 189 -56.27 -51.40 -17.80
CA ASN J 189 -55.57 -52.18 -16.79
C ASN J 189 -54.06 -52.15 -16.90
N PHE J 190 -53.52 -50.95 -17.10
CA PHE J 190 -52.13 -50.71 -16.78
C PHE J 190 -52.10 -50.52 -15.26
N GLN J 191 -51.31 -51.31 -14.56
CA GLN J 191 -51.13 -51.16 -13.13
C GLN J 191 -50.32 -49.91 -12.85
N ARG J 192 -50.72 -49.15 -11.86
CA ARG J 192 -49.89 -48.07 -11.36
C ARG J 192 -48.79 -48.69 -10.52
N ILE J 193 -47.61 -48.96 -11.06
CA ILE J 193 -46.61 -49.71 -10.32
C ILE J 193 -45.66 -48.88 -9.51
N GLY J 194 -45.83 -47.57 -9.52
CA GLY J 194 -44.97 -46.68 -8.76
C GLY J 194 -45.49 -45.26 -8.78
N LEU J 195 -44.90 -44.41 -7.94
CA LEU J 195 -45.27 -43.00 -7.87
C LEU J 195 -44.03 -42.22 -7.49
N VAL J 196 -43.75 -41.20 -8.28
CA VAL J 196 -42.66 -40.33 -8.00
C VAL J 196 -43.20 -39.02 -7.48
N PRO J 197 -42.98 -38.74 -6.21
CA PRO J 197 -43.51 -37.50 -5.66
C PRO J 197 -42.81 -36.24 -6.22
N HIS J 198 -43.60 -35.22 -6.56
CA HIS J 198 -43.04 -33.92 -6.92
C HIS J 198 -42.16 -34.02 -8.18
N ALA J 199 -42.47 -35.02 -9.00
CA ALA J 199 -41.56 -35.42 -10.09
C ALA J 199 -41.28 -34.30 -11.04
N GLY J 200 -42.31 -33.50 -11.34
CA GLY J 200 -42.24 -32.58 -12.45
C GLY J 200 -42.61 -31.12 -12.23
N ILE J 201 -41.72 -30.22 -12.68
CA ILE J 201 -42.02 -28.82 -12.71
C ILE J 201 -42.66 -28.49 -14.04
N LEU J 202 -43.98 -28.31 -14.02
CA LEU J 202 -44.75 -28.16 -15.25
C LEU J 202 -45.25 -26.76 -15.42
N ASN J 203 -45.48 -26.41 -16.69
CA ASN J 203 -45.97 -25.09 -17.08
C ASN J 203 -47.35 -24.78 -16.46
N GLY J 204 -47.50 -23.59 -15.89
CA GLY J 204 -48.81 -23.14 -15.39
C GLY J 204 -49.22 -23.75 -14.05
N PHE J 205 -48.33 -24.53 -13.44
CA PHE J 205 -48.62 -25.11 -12.14
C PHE J 205 -47.56 -24.68 -11.15
N SER J 206 -48.01 -24.24 -9.99
CA SER J 206 -47.17 -23.57 -8.99
C SER J 206 -46.36 -24.51 -8.08
N GLU J 207 -46.76 -25.77 -8.03
CA GLU J 207 -46.10 -26.81 -7.24
C GLU J 207 -45.63 -27.87 -8.22
N PRO J 208 -44.59 -28.63 -7.85
CA PRO J 208 -44.15 -29.80 -8.61
C PRO J 208 -45.25 -30.82 -8.59
N VAL J 209 -45.33 -31.62 -9.66
CA VAL J 209 -46.44 -32.54 -9.86
C VAL J 209 -45.96 -33.98 -9.84
N ASP J 210 -46.75 -34.83 -9.22
CA ASP J 210 -46.41 -36.23 -9.03
C ASP J 210 -46.54 -36.94 -10.37
N ALA J 211 -45.71 -37.95 -10.58
CA ALA J 211 -45.75 -38.75 -11.81
C ALA J 211 -46.04 -40.20 -11.45
N ILE J 212 -46.96 -40.79 -12.19
CA ILE J 212 -47.29 -42.17 -12.00
C ILE J 212 -46.39 -43.03 -12.88
N ILE J 213 -45.81 -44.08 -12.33
CA ILE J 213 -45.21 -45.11 -13.18
C ILE J 213 -46.22 -46.24 -13.53
N TYR J 214 -46.56 -46.39 -14.81
CA TYR J 214 -47.44 -47.47 -15.24
C TYR J 214 -46.70 -48.71 -15.81
N GLY J 215 -47.18 -49.90 -15.42
CA GLY J 215 -46.66 -51.15 -15.90
C GLY J 215 -47.79 -51.93 -16.53
N LYS J 216 -47.45 -52.88 -17.40
CA LYS J 216 -48.43 -53.85 -17.90
C LYS J 216 -47.80 -55.00 -18.65
N ASP J 217 -48.25 -56.20 -18.34
CA ASP J 217 -47.73 -57.42 -18.95
C ASP J 217 -48.28 -57.57 -20.37
N LEU J 218 -47.40 -57.58 -21.37
CA LEU J 218 -47.79 -57.63 -22.78
C LEU J 218 -48.08 -59.07 -23.26
N THR J 219 -47.80 -60.06 -22.42
CA THR J 219 -48.06 -61.45 -22.80
C THR J 219 -49.46 -61.90 -22.37
N LYS J 220 -50.02 -61.19 -21.38
CA LYS J 220 -51.38 -61.49 -20.90
C LYS J 220 -52.26 -60.25 -20.94
N ILE J 221 -52.78 -59.97 -22.13
CA ILE J 221 -53.57 -58.80 -22.35
C ILE J 221 -55.00 -59.21 -22.55
N GLU J 222 -55.91 -58.47 -21.92
CA GLU J 222 -57.34 -58.76 -21.99
C GLU J 222 -57.82 -58.64 -23.43
N PRO J 223 -58.43 -59.72 -23.95
CA PRO J 223 -58.83 -59.75 -25.37
C PRO J 223 -59.74 -58.62 -25.71
N GLU J 224 -60.60 -58.20 -24.80
CA GLU J 224 -61.57 -57.16 -25.12
C GLU J 224 -60.84 -55.81 -25.38
N PHE J 225 -59.66 -55.66 -24.79
CA PHE J 225 -58.87 -54.44 -25.01
C PHE J 225 -58.24 -54.49 -26.40
N LEU J 226 -57.64 -55.62 -26.77
CA LEU J 226 -57.05 -55.82 -28.12
C LEU J 226 -58.05 -55.73 -29.27
N SER J 227 -59.33 -55.96 -28.98
CA SER J 227 -60.35 -55.84 -30.01
C SER J 227 -60.65 -54.36 -30.25
N MET J 228 -60.66 -53.98 -31.54
CA MET J 228 -60.92 -52.61 -31.96
C MET J 228 -62.33 -52.51 -32.56
N GLU J 229 -63.14 -53.52 -32.26
CA GLU J 229 -64.51 -53.56 -32.72
C GLU J 229 -65.24 -52.29 -32.25
N SER K 5 5.13 -28.55 2.97
CA SER K 5 6.34 -27.85 3.42
C SER K 5 7.57 -28.75 3.55
N ILE K 6 8.74 -28.19 3.20
CA ILE K 6 9.97 -28.91 3.33
C ILE K 6 10.97 -28.27 4.30
N GLU K 7 10.51 -27.38 5.19
CA GLU K 7 11.43 -26.72 6.12
C GLU K 7 12.15 -27.73 7.01
N TRP K 8 11.45 -28.79 7.40
CA TRP K 8 12.00 -29.81 8.30
C TRP K 8 13.15 -30.58 7.67
N LYS K 9 13.36 -30.46 6.37
CA LYS K 9 14.49 -31.14 5.78
C LYS K 9 15.49 -30.23 5.06
N LEU K 10 15.35 -28.92 5.27
CA LEU K 10 16.31 -27.99 4.63
C LEU K 10 17.63 -27.89 5.40
N THR K 11 18.76 -27.99 4.70
CA THR K 11 20.05 -27.83 5.35
C THR K 11 20.33 -26.38 5.79
N ALA K 12 19.65 -25.41 5.19
CA ALA K 12 19.77 -24.01 5.59
C ALA K 12 19.31 -23.79 7.05
N ASN K 13 18.55 -24.74 7.58
CA ASN K 13 18.13 -24.66 8.97
C ASN K 13 19.02 -25.41 9.92
N LEU K 14 20.22 -25.77 9.46
CA LEU K 14 21.12 -26.54 10.28
C LEU K 14 21.65 -25.69 11.44
N ARG K 15 21.58 -26.18 12.66
CA ARG K 15 22.03 -25.40 13.79
C ARG K 15 23.39 -25.87 14.27
N ASN K 16 24.24 -24.93 14.68
CA ASN K 16 25.50 -25.28 15.31
C ASN K 16 26.27 -26.35 14.55
N GLY K 17 26.26 -26.30 13.23
CA GLY K 17 27.11 -27.17 12.41
C GLY K 17 28.43 -26.48 12.16
N PRO K 18 29.21 -26.97 11.19
CA PRO K 18 30.58 -26.55 10.92
C PRO K 18 30.68 -25.08 10.52
N THR K 19 31.70 -24.40 11.02
CA THR K 19 31.86 -22.98 10.78
C THR K 19 32.40 -22.63 9.38
N PHE K 20 33.33 -23.42 8.85
CA PHE K 20 34.00 -23.03 7.61
C PHE K 20 33.43 -23.64 6.31
N PHE K 21 32.49 -24.58 6.42
CA PHE K 21 32.05 -25.34 5.26
C PHE K 21 30.52 -25.42 5.27
N GLN K 22 29.94 -25.10 4.13
CA GLN K 22 28.50 -25.11 3.94
C GLN K 22 28.03 -26.49 3.58
N PRO K 23 26.74 -26.78 3.77
CA PRO K 23 26.24 -28.08 3.34
C PRO K 23 26.47 -28.32 1.83
N LEU K 24 26.42 -29.57 1.36
CA LEU K 24 26.54 -29.90 -0.10
C LEU K 24 25.22 -30.08 -0.83
N ALA K 25 24.11 -30.10 -0.10
CA ALA K 25 22.81 -30.18 -0.74
C ALA K 25 21.90 -29.23 -0.03
N ASP K 26 20.83 -28.85 -0.73
CA ASP K 26 19.82 -27.92 -0.21
C ASP K 26 18.90 -28.57 0.83
N SER K 27 18.83 -29.89 0.79
CA SER K 27 17.96 -30.66 1.65
C SER K 27 18.52 -32.07 1.82
N ILE K 28 18.00 -32.75 2.83
CA ILE K 28 18.23 -34.13 3.07
C ILE K 28 16.90 -34.84 2.98
N GLU K 29 16.81 -35.70 1.97
CA GLU K 29 15.61 -36.45 1.68
C GLU K 29 15.59 -37.72 2.49
N PRO K 30 14.43 -38.09 3.02
CA PRO K 30 14.35 -39.38 3.69
C PRO K 30 14.90 -40.53 2.81
N LEU K 31 15.57 -41.48 3.47
CA LEU K 31 16.34 -42.53 2.83
C LEU K 31 15.70 -43.89 3.21
N GLN K 32 14.97 -44.47 2.27
CA GLN K 32 14.39 -45.81 2.43
C GLN K 32 15.39 -46.91 2.09
N PHE K 33 15.51 -47.90 2.98
CA PHE K 33 16.31 -49.12 2.72
C PHE K 33 15.64 -50.35 3.34
N LYS K 34 16.21 -51.51 3.04
CA LYS K 34 15.73 -52.75 3.58
C LYS K 34 16.67 -53.19 4.69
N LEU K 35 16.10 -53.72 5.77
CA LEU K 35 16.94 -54.32 6.80
C LEU K 35 17.59 -55.63 6.30
N ILE K 36 18.78 -55.90 6.76
CA ILE K 36 19.47 -57.12 6.42
C ILE K 36 18.76 -58.35 7.05
N GLY K 37 18.55 -59.42 6.27
CA GLY K 37 17.96 -60.66 6.78
C GLY K 37 16.46 -60.76 6.58
N SER K 38 15.73 -59.82 7.20
CA SER K 38 14.27 -59.77 7.12
C SER K 38 13.77 -59.14 5.84
N ASP K 39 14.61 -58.30 5.21
CA ASP K 39 14.20 -57.45 4.09
C ASP K 39 12.99 -56.55 4.46
N THR K 40 12.94 -56.17 5.72
CA THR K 40 11.95 -55.22 6.22
C THR K 40 12.29 -53.80 5.74
N VAL K 41 11.29 -53.06 5.33
CA VAL K 41 11.48 -51.70 4.89
C VAL K 41 11.59 -50.68 6.05
N ALA K 42 12.67 -49.94 6.06
CA ALA K 42 12.88 -48.86 7.03
C ALA K 42 13.21 -47.52 6.32
N THR K 43 13.10 -46.44 7.09
CA THR K 43 13.35 -45.11 6.56
C THR K 43 14.01 -44.24 7.62
N ALA K 44 15.12 -43.65 7.23
CA ALA K 44 15.85 -42.67 8.02
C ALA K 44 15.33 -41.26 7.75
N PHE K 45 15.22 -40.47 8.82
CA PHE K 45 14.72 -39.08 8.78
C PHE K 45 15.67 -38.07 9.42
N PRO K 46 15.94 -36.96 8.72
CA PRO K 46 16.74 -35.88 9.33
C PRO K 46 15.90 -35.14 10.33
N VAL K 47 16.53 -34.81 11.46
CA VAL K 47 15.98 -33.89 12.43
C VAL K 47 16.89 -32.68 12.57
N PHE K 48 16.44 -31.56 12.05
CA PHE K 48 17.16 -30.30 12.17
C PHE K 48 16.66 -29.49 13.36
N ASP K 49 15.42 -29.73 13.78
CA ASP K 49 14.84 -29.10 14.98
C ASP K 49 13.75 -30.01 15.59
N THR K 50 13.73 -30.15 16.92
CA THR K 50 12.76 -31.02 17.60
C THR K 50 11.32 -30.61 17.35
N LYS K 51 11.08 -29.35 17.02
CA LYS K 51 9.71 -28.92 16.76
C LYS K 51 9.10 -29.63 15.56
N TYR K 52 9.91 -30.31 14.75
CA TYR K 52 9.41 -30.99 13.56
C TYR K 52 9.08 -32.48 13.83
N ILE K 53 9.37 -32.97 15.02
CA ILE K 53 8.99 -34.34 15.32
C ILE K 53 7.99 -34.44 16.50
N PRO K 54 7.26 -35.56 16.59
CA PRO K 54 6.22 -35.70 17.63
C PRO K 54 6.81 -35.75 19.03
N ASP K 55 6.13 -35.09 19.97
CA ASP K 55 6.60 -35.10 21.33
C ASP K 55 6.77 -36.50 21.91
N SER K 56 5.87 -37.42 21.58
CA SER K 56 5.90 -38.77 22.18
C SER K 56 7.14 -39.52 21.69
N LEU K 57 7.64 -39.15 20.51
CA LEU K 57 8.90 -39.75 20.03
C LEU K 57 10.05 -39.18 20.82
N ILE K 58 10.04 -37.86 21.01
CA ILE K 58 11.09 -37.25 21.77
C ILE K 58 11.15 -37.89 23.17
N ASN K 59 10.01 -37.96 23.82
CA ASN K 59 9.96 -38.56 25.13
C ASN K 59 10.40 -40.03 25.13
N TYR K 60 10.04 -40.77 24.10
CA TYR K 60 10.51 -42.16 24.02
C TYR K 60 12.04 -42.22 23.90
N LEU K 61 12.61 -41.32 23.08
CA LEU K 61 14.03 -41.28 22.92
C LEU K 61 14.74 -40.90 24.21
N PHE K 62 14.17 -39.94 24.91
CA PHE K 62 14.70 -39.49 26.18
C PHE K 62 14.86 -40.69 27.10
N LYS K 63 13.84 -41.53 27.13
CA LYS K 63 13.85 -42.69 28.05
C LYS K 63 14.83 -43.74 27.57
N LEU K 64 14.90 -43.94 26.25
CA LEU K 64 15.81 -44.95 25.64
C LEU K 64 17.26 -44.64 25.99
N PHE K 65 17.66 -43.38 25.80
CA PHE K 65 19.01 -42.96 26.13
C PHE K 65 19.33 -43.15 27.60
N ASN K 66 18.41 -42.73 28.47
CA ASN K 66 18.62 -42.92 29.89
C ASN K 66 18.75 -44.40 30.22
N LEU K 67 18.03 -45.27 29.53
CA LEU K 67 18.22 -46.71 29.74
C LEU K 67 19.61 -47.14 29.32
N GLU K 68 20.13 -46.53 28.27
CA GLU K 68 21.50 -46.84 27.80
C GLU K 68 22.53 -46.36 28.80
N ILE K 69 22.33 -45.15 29.28
CA ILE K 69 23.19 -44.63 30.33
C ILE K 69 23.22 -45.58 31.53
N GLU K 70 22.04 -45.92 32.07
CA GLU K 70 21.96 -46.84 33.21
C GLU K 70 22.60 -48.21 32.96
N SER K 71 22.58 -48.72 31.73
CA SER K 71 23.39 -49.94 31.37
C SER K 71 24.88 -49.74 31.71
N GLY K 72 25.38 -48.53 31.45
CA GLY K 72 26.69 -48.13 31.94
C GLY K 72 27.88 -48.84 31.30
N LYS K 73 27.71 -49.33 30.06
CA LYS K 73 28.80 -50.01 29.31
C LYS K 73 29.19 -49.30 28.00
N THR K 74 28.35 -48.39 27.52
CA THR K 74 28.59 -47.79 26.20
C THR K 74 28.93 -46.27 26.21
N TYR K 75 28.25 -45.49 27.07
CA TYR K 75 28.47 -44.05 27.17
C TYR K 75 29.18 -43.69 28.47
N PRO K 76 29.87 -42.53 28.50
CA PRO K 76 30.65 -42.04 29.66
C PRO K 76 29.82 -41.42 30.78
N GLN K 77 28.55 -41.13 30.48
CA GLN K 77 27.64 -40.67 31.52
C GLN K 77 27.43 -41.73 32.60
N LEU K 78 27.16 -41.22 33.79
CA LEU K 78 26.85 -41.99 34.96
C LEU K 78 25.37 -41.90 35.30
N HIS K 79 24.88 -40.67 35.46
CA HIS K 79 23.46 -40.50 35.80
C HIS K 79 22.60 -40.17 34.58
N SER K 80 21.36 -40.60 34.67
CA SER K 80 20.34 -40.19 33.72
C SER K 80 20.36 -38.68 33.57
N LEU K 81 19.83 -38.22 32.44
CA LEU K 81 19.70 -36.81 32.14
C LEU K 81 18.30 -36.31 32.42
N THR K 82 18.16 -35.02 32.70
CA THR K 82 16.84 -34.39 32.72
C THR K 82 16.38 -34.27 31.30
N LYS K 83 15.09 -33.99 31.13
CA LYS K 83 14.52 -33.81 29.83
C LYS K 83 15.30 -32.74 29.04
N GLN K 84 15.63 -31.65 29.72
CA GLN K 84 16.22 -30.55 29.04
C GLN K 84 17.68 -30.89 28.71
N GLY K 85 18.35 -31.56 29.64
CA GLY K 85 19.72 -31.99 29.42
C GLY K 85 19.77 -32.91 28.22
N PHE K 86 18.75 -33.75 28.08
CA PHE K 86 18.65 -34.65 26.94
C PHE K 86 18.45 -33.89 25.59
N LEU K 87 17.53 -32.92 25.55
CA LEU K 87 17.28 -32.13 24.35
C LEU K 87 18.53 -31.39 23.95
N ASN K 88 19.23 -30.88 24.97
CA ASN K 88 20.44 -30.10 24.73
C ASN K 88 21.61 -30.93 24.23
N TYR K 89 21.65 -32.17 24.68
CA TYR K 89 22.72 -33.09 24.35
C TYR K 89 22.50 -33.71 22.97
N TRP K 90 21.38 -34.38 22.80
CA TRP K 90 21.06 -35.12 21.60
C TRP K 90 20.76 -34.24 20.41
N PHE K 91 20.09 -33.11 20.63
CA PHE K 91 19.70 -32.25 19.52
C PHE K 91 20.46 -30.91 19.44
N HIS K 92 21.66 -30.88 20.00
CA HIS K 92 22.50 -29.69 19.91
C HIS K 92 22.65 -29.22 18.45
N SER K 93 22.74 -30.15 17.53
CA SER K 93 22.86 -29.78 16.13
C SER K 93 21.93 -30.57 15.25
N PHE K 94 22.38 -31.72 14.80
CA PHE K 94 21.62 -32.53 13.87
C PHE K 94 21.38 -33.89 14.50
N ALA K 95 20.28 -34.50 14.10
CA ALA K 95 20.00 -35.82 14.56
C ALA K 95 19.22 -36.56 13.50
N VAL K 96 19.25 -37.88 13.65
CA VAL K 96 18.55 -38.78 12.75
C VAL K 96 17.72 -39.74 13.57
N VAL K 97 16.50 -40.00 13.09
CA VAL K 97 15.68 -41.11 13.58
C VAL K 97 15.32 -42.08 12.43
N VAL K 98 15.39 -43.38 12.74
CA VAL K 98 15.17 -44.45 11.74
C VAL K 98 13.98 -45.27 12.18
N LEU K 99 12.93 -45.24 11.37
CA LEU K 99 11.69 -45.89 11.75
C LEU K 99 11.36 -47.04 10.79
N GLN K 100 10.60 -48.00 11.30
CA GLN K 100 10.09 -49.06 10.49
C GLN K 100 8.81 -48.56 9.86
N THR K 101 8.95 -47.83 8.76
CA THR K 101 7.81 -47.29 8.00
C THR K 101 8.29 -47.10 6.57
N ASP K 102 7.34 -46.95 5.66
CA ASP K 102 7.69 -46.64 4.27
C ASP K 102 7.11 -45.26 3.89
N GLU K 103 6.57 -44.53 4.87
CA GLU K 103 6.06 -43.18 4.63
C GLU K 103 7.22 -42.20 4.41
N LYS K 104 6.96 -41.12 3.68
CA LYS K 104 8.03 -40.14 3.47
C LYS K 104 8.02 -39.04 4.54
N PHE K 105 7.19 -39.21 5.55
CA PHE K 105 7.16 -38.27 6.65
C PHE K 105 6.90 -39.04 7.94
N ILE K 106 7.13 -38.40 9.08
CA ILE K 106 6.94 -39.02 10.39
C ILE K 106 5.55 -38.79 10.94
N GLN K 107 4.82 -39.87 11.21
CA GLN K 107 3.47 -39.77 11.75
C GLN K 107 3.46 -39.69 13.28
N ASP K 108 2.41 -39.07 13.81
CA ASP K 108 2.26 -38.91 15.27
C ASP K 108 1.83 -40.22 15.98
N ASN K 109 2.04 -40.28 17.31
CA ASN K 109 1.50 -41.36 18.17
C ASN K 109 1.65 -42.74 17.59
N GLN K 110 2.85 -43.06 17.11
CA GLN K 110 3.07 -44.40 16.61
C GLN K 110 3.45 -45.25 17.79
N ASP K 111 3.47 -46.56 17.63
CA ASP K 111 3.97 -47.41 18.70
C ASP K 111 5.53 -47.44 18.66
N TRP K 112 6.14 -46.44 19.26
CA TRP K 112 7.59 -46.25 19.16
C TRP K 112 8.39 -47.46 19.59
N ASN K 113 7.82 -48.23 20.50
CA ASN K 113 8.52 -49.37 21.06
C ASN K 113 8.87 -50.42 20.00
N SER K 114 8.07 -50.49 18.94
CA SER K 114 8.33 -51.39 17.83
C SER K 114 8.83 -50.61 16.63
N VAL K 115 8.18 -49.46 16.34
CA VAL K 115 8.44 -48.69 15.10
C VAL K 115 9.79 -48.01 15.06
N LEU K 116 10.30 -47.58 16.20
CA LEU K 116 11.57 -46.91 16.23
C LEU K 116 12.75 -47.92 16.20
N LEU K 117 13.61 -47.86 15.19
CA LEU K 117 14.75 -48.80 15.11
C LEU K 117 15.97 -48.27 15.81
N GLY K 118 16.23 -46.97 15.65
CA GLY K 118 17.44 -46.38 16.17
C GLY K 118 17.47 -44.91 15.82
N THR K 119 18.40 -44.21 16.46
CA THR K 119 18.61 -42.78 16.31
C THR K 119 20.12 -42.51 16.44
N PHE K 120 20.63 -41.44 15.84
CA PHE K 120 21.99 -40.99 16.16
C PHE K 120 22.05 -39.47 16.08
N TYR K 121 23.06 -38.89 16.72
CA TYR K 121 23.29 -37.45 16.57
C TYR K 121 24.53 -37.22 15.69
N ILE K 122 24.57 -36.04 15.08
CA ILE K 122 25.75 -35.50 14.38
C ILE K 122 25.98 -34.02 14.77
N LYS K 123 27.14 -33.77 15.37
CA LYS K 123 27.51 -32.42 15.75
C LYS K 123 29.00 -32.26 15.53
N PRO K 124 29.49 -31.01 15.53
CA PRO K 124 30.94 -30.75 15.48
C PRO K 124 31.61 -31.28 16.70
N ASN K 125 32.74 -31.98 16.53
CA ASN K 125 33.41 -32.61 17.65
C ASN K 125 34.27 -31.64 18.39
N TYR K 126 34.51 -30.48 17.78
CA TYR K 126 35.38 -29.48 18.38
C TYR K 126 34.85 -28.10 18.11
N ALA K 127 35.52 -27.10 18.70
CA ALA K 127 35.27 -25.68 18.45
C ALA K 127 35.64 -25.35 16.98
N PRO K 128 35.20 -24.17 16.47
CA PRO K 128 35.04 -23.84 15.03
C PRO K 128 36.22 -24.10 14.02
N ARG K 129 37.47 -23.91 14.42
CA ARG K 129 38.61 -24.08 13.52
C ARG K 129 38.79 -25.56 13.20
N CYS K 130 38.23 -26.43 14.06
CA CYS K 130 38.28 -27.85 13.85
C CYS K 130 36.89 -28.42 13.74
N SER K 131 35.91 -27.58 13.40
CA SER K 131 34.52 -28.01 13.38
C SER K 131 34.14 -28.79 12.12
N HIS K 132 35.06 -28.96 11.17
CA HIS K 132 34.75 -29.80 10.01
C HIS K 132 34.84 -31.28 10.42
N ASN K 133 35.28 -31.55 11.63
CA ASN K 133 35.21 -32.89 12.23
C ASN K 133 33.92 -33.15 12.99
N CYS K 134 33.08 -34.08 12.55
CA CYS K 134 31.82 -34.37 13.25
C CYS K 134 31.97 -35.55 14.17
N ASN K 135 31.16 -35.52 15.23
CA ASN K 135 31.10 -36.59 16.20
C ASN K 135 29.70 -37.13 16.06
N ALA K 136 29.50 -38.41 16.36
CA ALA K 136 28.15 -39.00 16.40
C ALA K 136 28.10 -40.06 17.49
N GLY K 137 26.92 -40.22 18.07
CA GLY K 137 26.61 -41.27 19.03
C GLY K 137 25.35 -41.98 18.55
N PHE K 138 25.31 -43.30 18.69
CA PHE K 138 24.21 -44.09 18.16
C PHE K 138 23.40 -44.75 19.28
N LEU K 139 22.13 -45.00 19.00
CA LEU K 139 21.25 -45.76 19.85
C LEU K 139 20.38 -46.69 19.01
N VAL K 140 20.33 -47.94 19.45
CA VAL K 140 19.46 -48.91 18.81
C VAL K 140 18.40 -49.31 19.83
N ASN K 141 17.15 -49.41 19.37
CA ASN K 141 16.05 -49.80 20.23
C ASN K 141 16.35 -51.20 20.80
N GLY K 142 16.05 -51.40 22.09
CA GLY K 142 16.37 -52.65 22.78
C GLY K 142 15.66 -53.86 22.19
N ALA K 143 14.47 -53.60 21.67
CA ALA K 143 13.66 -54.61 21.05
C ALA K 143 14.19 -54.99 19.65
N HIS K 144 15.20 -54.27 19.15
CA HIS K 144 15.74 -54.53 17.79
C HIS K 144 17.24 -54.78 17.76
N ARG K 145 17.77 -55.35 18.84
CA ARG K 145 19.16 -55.80 18.89
C ARG K 145 19.38 -57.09 18.02
N GLY K 146 20.60 -57.26 17.50
CA GLY K 146 20.94 -58.41 16.67
C GLY K 146 20.27 -58.48 15.30
N GLN K 147 19.97 -57.34 14.70
CA GLN K 147 19.34 -57.31 13.38
C GLN K 147 20.13 -56.47 12.38
N LYS K 148 21.36 -56.10 12.76
CA LYS K 148 22.24 -55.29 11.91
C LYS K 148 21.62 -53.92 11.66
N VAL K 149 20.84 -53.44 12.63
CA VAL K 149 20.28 -52.11 12.58
C VAL K 149 21.41 -51.13 12.79
N GLY K 150 22.29 -51.44 13.72
CA GLY K 150 23.45 -50.62 13.97
C GLY K 150 24.23 -50.31 12.71
N TYR K 151 24.49 -51.33 11.90
CA TYR K 151 25.27 -51.19 10.69
C TYR K 151 24.57 -50.26 9.71
N ARG K 152 23.28 -50.43 9.55
CA ARG K 152 22.53 -49.52 8.70
C ARG K 152 22.57 -48.06 9.18
N LEU K 153 22.49 -47.83 10.48
CA LEU K 153 22.59 -46.46 10.99
C LEU K 153 23.94 -45.89 10.51
N ALA K 154 25.00 -46.69 10.68
CA ALA K 154 26.33 -46.23 10.36
C ALA K 154 26.40 -45.83 8.89
N GLN K 155 25.65 -46.52 8.03
CA GLN K 155 25.64 -46.25 6.57
C GLN K 155 24.84 -44.97 6.20
N VAL K 156 23.75 -44.74 6.94
CA VAL K 156 23.01 -43.50 6.82
C VAL K 156 23.94 -42.35 7.20
N TYR K 157 24.67 -42.55 8.29
CA TYR K 157 25.61 -41.57 8.72
C TYR K 157 26.63 -41.26 7.60
N LEU K 158 27.30 -42.29 7.07
CA LEU K 158 28.23 -42.06 5.94
C LEU K 158 27.60 -41.32 4.79
N ASN K 159 26.33 -41.57 4.50
CA ASN K 159 25.69 -40.78 3.44
C ASN K 159 25.38 -39.32 3.83
N TRP K 160 25.03 -39.07 5.09
CA TRP K 160 24.41 -37.78 5.45
C TRP K 160 25.41 -36.77 6.03
N ALA K 161 26.36 -37.23 6.81
CA ALA K 161 27.27 -36.34 7.44
C ALA K 161 28.01 -35.44 6.45
N PRO K 162 28.53 -35.99 5.34
CA PRO K 162 29.23 -35.10 4.38
C PRO K 162 28.30 -34.08 3.77
N LEU K 163 27.02 -34.37 3.73
CA LEU K 163 26.06 -33.40 3.17
C LEU K 163 25.88 -32.16 4.04
N LEU K 164 26.25 -32.27 5.31
CA LEU K 164 26.16 -31.18 6.24
C LEU K 164 27.40 -30.31 6.22
N GLY K 165 28.45 -30.84 5.58
CA GLY K 165 29.64 -30.04 5.35
C GLY K 165 30.85 -30.59 6.04
N TYR K 166 30.66 -31.64 6.85
CA TYR K 166 31.76 -32.27 7.56
C TYR K 166 32.67 -32.97 6.55
N LYS K 167 33.93 -33.11 6.92
CA LYS K 167 34.98 -33.70 6.06
C LYS K 167 35.70 -34.88 6.70
N TYR K 168 35.44 -35.08 7.98
CA TYR K 168 36.09 -36.13 8.75
C TYR K 168 35.24 -36.48 9.98
N SER K 169 35.17 -37.78 10.28
CA SER K 169 34.39 -38.33 11.35
C SER K 169 35.32 -38.72 12.48
N ILE K 170 34.93 -38.39 13.71
CA ILE K 170 35.67 -38.77 14.91
C ILE K 170 34.73 -39.30 16.03
N PHE K 171 35.03 -40.49 16.55
CA PHE K 171 34.36 -41.00 17.71
C PHE K 171 35.41 -41.06 18.78
N ASN K 172 35.14 -40.40 19.89
CA ASN K 172 36.15 -40.16 20.92
C ASN K 172 36.35 -41.33 21.86
N LEU K 173 35.29 -42.14 22.01
CA LEU K 173 35.26 -43.16 23.04
C LEU K 173 34.47 -44.35 22.60
N VAL K 174 35.08 -45.26 21.86
CA VAL K 174 34.39 -46.49 21.57
C VAL K 174 35.06 -47.55 22.39
N PHE K 175 34.35 -48.06 23.38
CA PHE K 175 35.00 -48.93 24.37
C PHE K 175 35.31 -50.29 23.75
N VAL K 176 36.44 -50.90 24.09
CA VAL K 176 36.86 -52.10 23.33
C VAL K 176 35.87 -53.26 23.56
N THR K 177 35.02 -53.12 24.58
CA THR K 177 34.02 -54.12 24.92
C THR K 177 32.77 -53.94 24.07
N ASN K 178 32.72 -52.81 23.35
CA ASN K 178 31.58 -52.53 22.52
C ASN K 178 31.80 -53.20 21.16
N GLN K 179 31.00 -54.22 20.93
CA GLN K 179 31.17 -55.06 19.78
C GLN K 179 30.95 -54.26 18.51
N ALA K 180 30.48 -53.00 18.64
CA ALA K 180 30.26 -52.18 17.47
C ALA K 180 31.59 -51.85 16.80
N SER K 181 32.65 -51.88 17.59
CA SER K 181 34.00 -51.62 17.12
C SER K 181 34.42 -52.56 15.98
N TRP K 182 34.21 -53.87 16.12
CA TRP K 182 34.60 -54.83 15.09
C TRP K 182 33.45 -55.26 14.17
N LYS K 183 32.20 -55.16 14.63
CA LYS K 183 31.08 -55.59 13.82
C LYS K 183 30.63 -54.51 12.88
N ILE K 184 30.94 -53.28 13.25
CA ILE K 184 30.52 -52.13 12.45
C ILE K 184 31.68 -51.26 11.98
N TRP K 185 32.37 -50.60 12.91
CA TRP K 185 33.28 -49.54 12.48
C TRP K 185 34.46 -50.09 11.66
N ASP K 186 35.12 -51.14 12.17
CA ASP K 186 36.20 -51.80 11.44
C ASP K 186 35.69 -52.27 10.06
N LYS K 187 34.52 -52.89 10.02
CA LYS K 187 33.93 -53.34 8.75
C LYS K 187 33.53 -52.23 7.77
N LEU K 188 33.49 -50.97 8.23
CA LEU K 188 33.24 -49.83 7.32
C LEU K 188 34.50 -48.99 7.15
N ASN K 189 35.65 -49.58 7.46
CA ASN K 189 36.92 -48.89 7.30
C ASN K 189 36.95 -47.51 7.98
N PHE K 190 36.57 -47.51 9.25
CA PHE K 190 36.99 -46.47 10.14
C PHE K 190 38.34 -46.87 10.69
N GLN K 191 39.30 -45.96 10.56
CA GLN K 191 40.62 -46.15 11.11
C GLN K 191 40.63 -46.00 12.64
N ARG K 192 41.32 -46.92 13.30
CA ARG K 192 41.60 -46.75 14.70
C ARG K 192 42.72 -45.71 14.82
N ILE K 193 42.37 -44.41 14.92
CA ILE K 193 43.41 -43.38 14.92
C ILE K 193 44.08 -43.15 16.24
N GLY K 194 43.58 -43.85 17.26
CA GLY K 194 44.10 -43.71 18.61
C GLY K 194 43.44 -44.65 19.58
N LEU K 195 44.03 -44.70 20.78
CA LEU K 195 43.60 -45.61 21.81
C LEU K 195 43.86 -44.97 23.19
N VAL K 196 42.81 -44.87 24.01
CA VAL K 196 42.97 -44.35 25.35
C VAL K 196 42.92 -45.53 26.29
N PRO K 197 44.03 -45.79 27.01
CA PRO K 197 44.08 -46.91 27.96
C PRO K 197 43.32 -46.66 29.26
N HIS K 198 42.56 -47.65 29.72
CA HIS K 198 41.92 -47.59 31.04
C HIS K 198 40.91 -46.44 31.11
N ALA K 199 40.28 -46.16 29.98
CA ALA K 199 39.49 -44.95 29.76
C ALA K 199 38.28 -44.86 30.65
N GLY K 200 37.50 -45.93 30.68
CA GLY K 200 36.24 -45.94 31.39
C GLY K 200 36.06 -46.97 32.50
N ILE K 201 35.53 -46.49 33.62
CA ILE K 201 34.99 -47.37 34.63
C ILE K 201 33.58 -47.68 34.19
N LEU K 202 33.38 -48.89 33.70
CA LEU K 202 32.10 -49.35 33.14
C LEU K 202 31.40 -50.36 34.05
N ASN K 203 30.09 -50.43 33.94
CA ASN K 203 29.28 -51.40 34.65
C ASN K 203 29.60 -52.85 34.26
N GLY K 204 29.76 -53.73 35.23
CA GLY K 204 30.02 -55.14 34.93
C GLY K 204 31.48 -55.51 34.66
N PHE K 205 32.35 -54.51 34.63
CA PHE K 205 33.77 -54.76 34.43
C PHE K 205 34.54 -54.25 35.60
N SER K 206 35.40 -55.07 36.17
CA SER K 206 36.07 -54.67 37.41
C SER K 206 37.23 -53.76 37.07
N GLU K 207 37.73 -53.90 35.85
CA GLU K 207 38.90 -53.15 35.41
C GLU K 207 38.52 -52.03 34.44
N PRO K 208 39.18 -50.88 34.57
CA PRO K 208 38.97 -49.83 33.59
C PRO K 208 39.12 -50.36 32.15
N VAL K 209 38.29 -49.85 31.25
CA VAL K 209 38.21 -50.37 29.91
C VAL K 209 38.79 -49.38 28.89
N ASP K 210 39.66 -49.89 28.05
CA ASP K 210 40.29 -49.11 26.98
C ASP K 210 39.24 -48.56 26.00
N ALA K 211 39.50 -47.38 25.45
CA ALA K 211 38.67 -46.81 24.39
C ALA K 211 39.49 -46.61 23.13
N ILE K 212 38.85 -46.97 22.02
CA ILE K 212 39.34 -46.73 20.70
C ILE K 212 38.86 -45.37 20.22
N ILE K 213 39.80 -44.62 19.66
CA ILE K 213 39.43 -43.41 18.90
C ILE K 213 39.38 -43.74 17.43
N TYR K 214 38.19 -43.55 16.84
CA TYR K 214 37.92 -43.80 15.42
C TYR K 214 37.79 -42.54 14.59
N GLY K 215 38.39 -42.57 13.39
CA GLY K 215 38.39 -41.48 12.43
C GLY K 215 38.05 -41.99 11.04
N LYS K 216 37.48 -41.14 10.21
CA LYS K 216 37.23 -41.51 8.84
C LYS K 216 37.05 -40.30 7.98
N ASP K 217 37.76 -40.27 6.85
CA ASP K 217 37.59 -39.23 5.83
C ASP K 217 36.23 -39.36 5.19
N LEU K 218 35.39 -38.34 5.26
CA LEU K 218 34.06 -38.42 4.70
C LEU K 218 33.98 -37.85 3.30
N THR K 219 35.08 -37.33 2.76
CA THR K 219 35.10 -36.85 1.36
C THR K 219 35.32 -37.99 0.34
N LYS K 220 36.08 -39.02 0.72
CA LYS K 220 36.33 -40.16 -0.17
C LYS K 220 35.85 -41.47 0.46
N ILE K 221 34.62 -41.85 0.16
CA ILE K 221 34.03 -43.00 0.81
C ILE K 221 33.69 -44.10 -0.18
N GLU K 222 34.09 -45.32 0.16
CA GLU K 222 33.89 -46.49 -0.67
C GLU K 222 32.40 -46.63 -0.97
N PRO K 223 32.03 -46.57 -2.26
CA PRO K 223 30.62 -46.61 -2.70
C PRO K 223 29.82 -47.84 -2.20
N GLU K 224 30.49 -48.98 -2.06
CA GLU K 224 29.85 -50.20 -1.56
C GLU K 224 29.28 -49.98 -0.13
N PHE K 225 29.92 -49.13 0.66
CA PHE K 225 29.37 -48.81 1.99
C PHE K 225 28.19 -47.82 1.92
N LEU K 226 28.19 -46.93 0.93
CA LEU K 226 27.16 -45.89 0.84
C LEU K 226 25.86 -46.45 0.31
N SER K 227 25.99 -47.52 -0.48
CA SER K 227 24.81 -48.17 -1.05
C SER K 227 24.14 -49.04 0.00
N MET K 228 22.82 -49.02 0.05
CA MET K 228 22.12 -49.68 1.15
C MET K 228 21.52 -50.99 0.65
N SER L 5 44.91 -17.89 56.76
CA SER L 5 43.99 -18.85 56.15
C SER L 5 44.57 -19.62 54.94
N ILE L 6 44.16 -20.89 54.87
CA ILE L 6 44.58 -21.77 53.82
C ILE L 6 43.43 -22.36 52.97
N GLU L 7 42.24 -21.77 53.08
CA GLU L 7 41.07 -22.26 52.35
C GLU L 7 41.41 -22.28 50.84
N TRP L 8 42.06 -21.21 50.37
CA TRP L 8 42.44 -21.04 48.96
C TRP L 8 43.36 -22.14 48.44
N LYS L 9 43.77 -23.08 49.28
CA LYS L 9 44.58 -24.19 48.78
C LYS L 9 44.12 -25.54 49.26
N LEU L 10 42.91 -25.65 49.80
CA LEU L 10 42.38 -26.97 50.15
C LEU L 10 41.71 -27.69 48.97
N THR L 11 42.01 -28.98 48.84
CA THR L 11 41.45 -29.81 47.79
C THR L 11 40.01 -30.18 48.06
N ALA L 12 39.59 -30.06 49.31
CA ALA L 12 38.15 -30.14 49.64
C ALA L 12 37.32 -29.08 48.89
N ASN L 13 37.94 -27.98 48.48
CA ASN L 13 37.22 -26.93 47.73
C ASN L 13 37.35 -27.09 46.23
N LEU L 14 37.65 -28.31 45.80
CA LEU L 14 37.81 -28.59 44.37
C LEU L 14 36.45 -28.67 43.68
N ARG L 15 36.25 -27.82 42.68
CA ARG L 15 34.98 -27.82 41.93
C ARG L 15 35.12 -28.66 40.63
N ASN L 16 34.10 -29.46 40.36
CA ASN L 16 33.95 -30.17 39.10
C ASN L 16 35.16 -31.05 38.81
N GLY L 17 35.61 -31.75 39.83
CA GLY L 17 36.65 -32.73 39.68
C GLY L 17 36.22 -34.12 39.27
N PRO L 18 37.13 -35.09 39.43
CA PRO L 18 36.82 -36.45 39.02
C PRO L 18 35.77 -37.04 39.93
N THR L 19 34.84 -37.79 39.38
CA THR L 19 33.73 -38.33 40.17
C THR L 19 34.14 -39.54 41.03
N PHE L 20 34.96 -40.44 40.48
CA PHE L 20 35.27 -41.70 41.14
C PHE L 20 36.50 -41.66 42.05
N PHE L 21 37.25 -40.56 42.05
CA PHE L 21 38.45 -40.51 42.88
C PHE L 21 38.59 -39.21 43.69
N GLN L 22 39.01 -39.36 44.93
CA GLN L 22 39.28 -38.23 45.78
C GLN L 22 40.69 -37.67 45.58
N PRO L 23 40.89 -36.38 45.90
CA PRO L 23 42.27 -35.93 45.92
C PRO L 23 43.14 -36.87 46.77
N LEU L 24 44.46 -36.79 46.62
CA LEU L 24 45.44 -37.66 47.30
C LEU L 24 46.11 -36.88 48.41
N ALA L 25 45.87 -35.56 48.44
CA ALA L 25 46.37 -34.69 49.50
C ALA L 25 45.29 -33.66 49.95
N ASP L 26 45.37 -33.23 51.22
CA ASP L 26 44.42 -32.28 51.81
C ASP L 26 44.56 -30.88 51.25
N SER L 27 45.76 -30.54 50.79
CA SER L 27 45.97 -29.23 50.24
C SER L 27 47.04 -29.26 49.18
N ILE L 28 47.15 -28.19 48.41
CA ILE L 28 48.22 -28.09 47.44
C ILE L 28 49.06 -26.87 47.75
N GLU L 29 50.28 -27.13 48.19
CA GLU L 29 51.20 -26.08 48.57
C GLU L 29 51.85 -25.48 47.38
N PRO L 30 52.07 -24.18 47.45
CA PRO L 30 52.78 -23.47 46.39
C PRO L 30 54.09 -24.18 46.11
N LEU L 31 54.55 -24.09 44.87
CA LEU L 31 55.74 -24.82 44.46
C LEU L 31 56.76 -23.86 43.89
N GLN L 32 57.86 -23.68 44.59
CA GLN L 32 58.94 -22.81 44.13
C GLN L 32 60.00 -23.60 43.43
N PHE L 33 60.63 -22.95 42.47
CA PHE L 33 61.68 -23.58 41.70
C PHE L 33 62.38 -22.48 40.93
N LYS L 34 63.53 -22.81 40.32
CA LYS L 34 64.26 -21.85 39.52
C LYS L 34 63.81 -22.07 38.07
N LEU L 35 63.84 -21.00 37.28
CA LEU L 35 63.68 -21.12 35.84
C LEU L 35 64.92 -21.84 35.26
N ILE L 36 64.72 -22.60 34.19
CA ILE L 36 65.78 -23.45 33.64
C ILE L 36 66.99 -22.68 33.08
N GLY L 37 68.18 -23.03 33.55
CA GLY L 37 69.39 -22.34 33.14
C GLY L 37 69.47 -20.93 33.71
N SER L 38 68.88 -20.75 34.89
CA SER L 38 68.75 -19.43 35.49
C SER L 38 68.71 -19.50 37.01
N ASP L 39 68.83 -18.34 37.64
CA ASP L 39 68.69 -18.22 39.11
C ASP L 39 67.39 -17.49 39.50
N THR L 40 66.57 -17.19 38.48
CA THR L 40 65.26 -16.56 38.63
C THR L 40 64.20 -17.43 39.32
N VAL L 41 63.72 -16.97 40.45
CA VAL L 41 62.82 -17.84 41.20
C VAL L 41 61.39 -17.64 40.66
N ALA L 42 60.67 -18.75 40.52
CA ALA L 42 59.27 -18.77 40.10
C ALA L 42 58.44 -19.62 41.07
N THR L 43 57.20 -19.19 41.27
CA THR L 43 56.30 -19.93 42.13
C THR L 43 54.97 -20.20 41.45
N ALA L 44 54.53 -21.41 41.64
CA ALA L 44 53.27 -21.85 41.09
C ALA L 44 52.22 -21.85 42.22
N PHE L 45 51.05 -21.30 41.91
CA PHE L 45 49.92 -21.24 42.86
C PHE L 45 48.70 -21.96 42.35
N PRO L 46 48.10 -22.77 43.20
CA PRO L 46 46.86 -23.42 42.85
C PRO L 46 45.73 -22.36 42.86
N VAL L 47 44.71 -22.60 42.07
CA VAL L 47 43.54 -21.73 42.06
C VAL L 47 42.32 -22.62 42.06
N PHE L 48 41.70 -22.75 43.23
CA PHE L 48 40.47 -23.55 43.32
C PHE L 48 39.22 -22.73 43.05
N ASP L 49 39.34 -21.42 43.13
CA ASP L 49 38.21 -20.53 42.91
C ASP L 49 38.80 -19.15 42.66
N THR L 50 38.28 -18.47 41.67
CA THR L 50 38.78 -17.15 41.28
C THR L 50 38.76 -16.07 42.37
N LYS L 51 37.92 -16.20 43.40
CA LYS L 51 37.83 -15.17 44.42
C LYS L 51 39.08 -15.08 45.28
N TYR L 52 39.89 -16.14 45.28
CA TYR L 52 41.16 -16.13 46.01
C TYR L 52 42.33 -15.52 45.23
N ILE L 53 42.09 -15.00 44.02
CA ILE L 53 43.14 -14.29 43.32
C ILE L 53 42.67 -12.90 42.91
N PRO L 54 43.61 -11.97 42.75
CA PRO L 54 43.25 -10.60 42.39
C PRO L 54 42.53 -10.48 41.05
N ASP L 55 41.68 -9.44 40.93
CA ASP L 55 40.93 -9.19 39.70
C ASP L 55 41.80 -8.68 38.55
N SER L 56 42.76 -7.82 38.83
CA SER L 56 43.64 -7.31 37.78
C SER L 56 44.44 -8.46 37.13
N LEU L 57 44.65 -9.57 37.85
CA LEU L 57 45.28 -10.76 37.22
C LEU L 57 44.28 -11.53 36.34
N ILE L 58 43.10 -11.79 36.89
CA ILE L 58 42.09 -12.46 36.11
C ILE L 58 41.90 -11.69 34.81
N ASN L 59 41.87 -10.36 34.89
CA ASN L 59 41.65 -9.58 33.69
C ASN L 59 42.85 -9.62 32.76
N TYR L 60 44.05 -9.73 33.33
CA TYR L 60 45.23 -9.90 32.49
C TYR L 60 45.20 -11.27 31.77
N LEU L 61 44.73 -12.32 32.46
CA LEU L 61 44.65 -13.65 31.86
C LEU L 61 43.58 -13.67 30.77
N PHE L 62 42.43 -13.03 31.04
CA PHE L 62 41.39 -12.85 30.05
C PHE L 62 42.00 -12.37 28.70
N LYS L 63 42.73 -11.26 28.73
CA LYS L 63 43.29 -10.68 27.49
C LYS L 63 44.34 -11.60 26.89
N LEU L 64 45.14 -12.24 27.74
CA LEU L 64 46.21 -13.11 27.33
C LEU L 64 45.65 -14.23 26.49
N PHE L 65 44.64 -14.92 27.00
CA PHE L 65 44.03 -16.02 26.28
C PHE L 65 43.43 -15.52 24.98
N ASN L 66 42.76 -14.37 25.03
CA ASN L 66 42.19 -13.83 23.80
C ASN L 66 43.21 -13.48 22.73
N LEU L 67 44.40 -13.08 23.15
CA LEU L 67 45.49 -12.87 22.21
C LEU L 67 45.94 -14.18 21.56
N GLU L 68 45.98 -15.25 22.37
CA GLU L 68 46.42 -16.56 21.89
C GLU L 68 45.41 -17.12 20.88
N ILE L 69 44.12 -16.87 21.15
CA ILE L 69 43.09 -17.23 20.21
C ILE L 69 43.17 -16.43 18.92
N GLU L 70 43.45 -15.13 19.00
CA GLU L 70 43.49 -14.32 17.79
C GLU L 70 44.63 -14.79 16.89
N SER L 71 45.74 -15.22 17.49
CA SER L 71 46.85 -15.87 16.71
C SER L 71 46.39 -17.01 15.82
N GLY L 72 45.40 -17.74 16.33
CA GLY L 72 44.73 -18.81 15.62
C GLY L 72 45.65 -19.95 15.20
N LYS L 73 46.67 -20.25 15.99
CA LYS L 73 47.62 -21.32 15.66
C LYS L 73 47.68 -22.44 16.69
N THR L 74 47.10 -22.24 17.88
CA THR L 74 47.23 -23.24 18.95
C THR L 74 45.93 -23.81 19.51
N TYR L 75 44.89 -22.97 19.61
CA TYR L 75 43.57 -23.40 20.11
C TYR L 75 42.53 -23.50 19.00
N PRO L 76 41.48 -24.30 19.21
CA PRO L 76 40.45 -24.50 18.18
C PRO L 76 39.40 -23.38 18.11
N GLN L 77 39.42 -22.47 19.09
CA GLN L 77 38.52 -21.31 19.07
C GLN L 77 38.89 -20.36 17.92
N LEU L 78 37.86 -19.75 17.35
CA LEU L 78 38.06 -18.78 16.30
C LEU L 78 37.90 -17.39 16.92
N HIS L 79 36.86 -17.22 17.72
CA HIS L 79 36.54 -15.88 18.25
C HIS L 79 37.01 -15.65 19.67
N SER L 80 37.28 -14.40 19.98
CA SER L 80 37.56 -14.02 21.34
C SER L 80 36.38 -14.40 22.22
N LEU L 81 36.69 -14.74 23.47
CA LEU L 81 35.69 -14.98 24.49
C LEU L 81 35.33 -13.67 25.22
N THR L 82 34.12 -13.66 25.76
CA THR L 82 33.71 -12.61 26.69
C THR L 82 34.32 -12.95 28.03
N LYS L 83 34.26 -12.01 28.95
CA LYS L 83 34.79 -12.19 30.29
C LYS L 83 34.14 -13.41 31.01
N GLN L 84 32.83 -13.55 30.88
CA GLN L 84 32.18 -14.66 31.58
C GLN L 84 32.55 -15.94 30.85
N GLY L 85 32.64 -15.85 29.53
CA GLY L 85 33.05 -17.01 28.75
C GLY L 85 34.42 -17.52 29.20
N PHE L 86 35.37 -16.62 29.40
CA PHE L 86 36.70 -17.04 29.80
C PHE L 86 36.68 -17.68 31.18
N LEU L 87 35.88 -17.11 32.08
CA LEU L 87 35.82 -17.61 33.45
C LEU L 87 35.25 -18.99 33.45
N ASN L 88 34.16 -19.20 32.72
CA ASN L 88 33.57 -20.52 32.69
C ASN L 88 34.54 -21.52 32.07
N TYR L 89 35.40 -21.01 31.17
CA TYR L 89 36.25 -21.89 30.38
C TYR L 89 37.52 -22.23 31.14
N TRP L 90 38.21 -21.23 31.65
CA TRP L 90 39.50 -21.46 32.28
C TRP L 90 39.34 -21.98 33.71
N PHE L 91 38.36 -21.47 34.42
CA PHE L 91 38.20 -21.87 35.82
C PHE L 91 37.02 -22.79 36.06
N HIS L 92 36.65 -23.57 35.04
CA HIS L 92 35.57 -24.53 35.20
C HIS L 92 35.87 -25.47 36.36
N SER L 93 37.15 -25.83 36.52
CA SER L 93 37.54 -26.70 37.63
C SER L 93 38.72 -26.13 38.40
N PHE L 94 39.91 -26.52 37.97
CA PHE L 94 41.15 -26.10 38.62
C PHE L 94 41.96 -25.30 37.62
N ALA L 95 42.81 -24.42 38.13
CA ALA L 95 43.75 -23.70 37.31
C ALA L 95 45.00 -23.42 38.14
N VAL L 96 46.05 -22.97 37.47
CA VAL L 96 47.33 -22.70 38.12
C VAL L 96 47.89 -21.41 37.55
N VAL L 97 48.48 -20.59 38.40
CA VAL L 97 49.17 -19.42 37.88
C VAL L 97 50.61 -19.48 38.32
N VAL L 98 51.51 -19.18 37.40
CA VAL L 98 52.91 -19.26 37.71
C VAL L 98 53.47 -17.87 37.60
N LEU L 99 53.94 -17.37 38.74
CA LEU L 99 54.45 -16.01 38.86
C LEU L 99 55.96 -16.01 39.10
N GLN L 100 56.61 -14.97 38.61
CA GLN L 100 57.99 -14.73 38.92
C GLN L 100 58.09 -14.10 40.33
N THR L 101 58.16 -14.90 41.38
CA THR L 101 58.32 -14.33 42.72
C THR L 101 58.86 -15.39 43.67
N ASP L 102 59.38 -14.94 44.81
CA ASP L 102 59.81 -15.86 45.88
C ASP L 102 58.78 -15.90 46.99
N GLU L 103 57.64 -15.24 46.81
CA GLU L 103 56.62 -15.25 47.86
C GLU L 103 55.72 -16.50 47.79
N LYS L 104 55.19 -16.94 48.94
CA LYS L 104 54.33 -18.12 49.02
C LYS L 104 52.84 -17.75 48.97
N PHE L 105 52.55 -16.51 48.57
CA PHE L 105 51.19 -16.03 48.42
C PHE L 105 51.16 -14.98 47.29
N ILE L 106 49.99 -14.88 46.65
CA ILE L 106 49.81 -13.96 45.53
C ILE L 106 49.45 -12.57 46.01
N GLN L 107 50.31 -11.60 45.73
CA GLN L 107 50.07 -10.21 46.10
C GLN L 107 49.21 -9.50 45.07
N ASP L 108 48.41 -8.55 45.55
CA ASP L 108 47.54 -7.73 44.70
C ASP L 108 48.33 -6.73 43.85
N ASN L 109 47.71 -6.29 42.75
CA ASN L 109 48.20 -5.21 41.86
C ASN L 109 49.67 -5.27 41.43
N GLN L 110 50.16 -6.47 41.13
CA GLN L 110 51.50 -6.59 40.56
C GLN L 110 51.45 -6.25 39.08
N ASP L 111 52.62 -6.00 38.52
CA ASP L 111 52.79 -5.80 37.10
C ASP L 111 52.80 -7.17 36.40
N TRP L 112 51.59 -7.67 36.10
CA TRP L 112 51.38 -9.00 35.54
C TRP L 112 52.12 -9.22 34.24
N ASN L 113 52.25 -8.14 33.48
CA ASN L 113 52.90 -8.24 32.19
C ASN L 113 54.36 -8.71 32.30
N SER L 114 54.96 -8.54 33.49
CA SER L 114 56.32 -9.04 33.70
C SER L 114 56.35 -10.18 34.72
N VAL L 115 55.43 -10.16 35.67
CA VAL L 115 55.41 -11.12 36.77
C VAL L 115 54.69 -12.44 36.41
N LEU L 116 53.73 -12.37 35.48
CA LEU L 116 52.96 -13.57 35.07
C LEU L 116 53.79 -14.34 34.06
N LEU L 117 54.26 -15.52 34.46
CA LEU L 117 55.01 -16.37 33.54
C LEU L 117 54.07 -17.24 32.73
N GLY L 118 53.14 -17.91 33.41
CA GLY L 118 52.23 -18.79 32.70
C GLY L 118 51.08 -19.28 33.55
N THR L 119 50.11 -19.90 32.88
CA THR L 119 48.90 -20.39 33.54
C THR L 119 48.43 -21.56 32.74
N PHE L 120 47.73 -22.46 33.41
CA PHE L 120 47.04 -23.52 32.71
C PHE L 120 45.88 -23.96 33.59
N TYR L 121 44.98 -24.74 32.98
CA TYR L 121 43.87 -25.32 33.69
C TYR L 121 44.00 -26.83 33.69
N ILE L 122 43.21 -27.45 34.57
CA ILE L 122 43.04 -28.88 34.66
C ILE L 122 41.59 -29.19 35.02
N LYS L 123 40.96 -29.97 34.17
CA LYS L 123 39.58 -30.35 34.33
C LYS L 123 39.41 -31.77 33.78
N PRO L 124 38.33 -32.43 34.11
CA PRO L 124 37.98 -33.69 33.45
C PRO L 124 37.80 -33.52 31.96
N ASN L 125 38.36 -34.43 31.17
CA ASN L 125 38.26 -34.35 29.72
C ASN L 125 36.99 -35.00 29.21
N TYR L 126 36.34 -35.78 30.07
CA TYR L 126 35.16 -36.52 29.66
C TYR L 126 34.14 -36.48 30.77
N ALA L 127 32.93 -36.96 30.49
CA ALA L 127 31.90 -37.17 31.50
C ALA L 127 32.34 -38.26 32.53
N PRO L 128 31.69 -38.32 33.71
CA PRO L 128 32.10 -39.00 34.97
C PRO L 128 32.69 -40.42 34.94
N ARG L 129 32.19 -41.35 34.13
CA ARG L 129 32.82 -42.67 34.01
C ARG L 129 34.24 -42.59 33.48
N CYS L 130 34.60 -41.48 32.82
CA CYS L 130 35.92 -41.34 32.25
C CYS L 130 36.60 -40.09 32.79
N SER L 131 36.11 -39.64 33.95
CA SER L 131 36.56 -38.36 34.47
C SER L 131 37.87 -38.49 35.20
N HIS L 132 38.42 -39.69 35.33
CA HIS L 132 39.77 -39.81 35.90
C HIS L 132 40.82 -39.35 34.85
N ASN L 133 40.40 -39.23 33.61
CA ASN L 133 41.22 -38.57 32.59
C ASN L 133 41.07 -37.06 32.59
N CYS L 134 42.15 -36.35 32.85
CA CYS L 134 42.13 -34.90 32.85
C CYS L 134 42.79 -34.32 31.59
N ASN L 135 42.24 -33.17 31.24
CA ASN L 135 42.66 -32.34 30.13
C ASN L 135 43.33 -31.16 30.71
N ALA L 136 44.17 -30.52 29.94
CA ALA L 136 44.86 -29.34 30.40
C ALA L 136 45.23 -28.54 29.20
N GLY L 137 45.10 -27.22 29.31
CA GLY L 137 45.54 -26.30 28.27
C GLY L 137 46.44 -25.28 28.93
N PHE L 138 47.46 -24.84 28.19
CA PHE L 138 48.54 -23.99 28.75
C PHE L 138 48.65 -22.65 28.05
N LEU L 139 49.22 -21.69 28.76
CA LEU L 139 49.54 -20.39 28.20
C LEU L 139 50.84 -19.85 28.79
N VAL L 140 51.62 -19.18 27.94
CA VAL L 140 52.85 -18.55 28.37
C VAL L 140 52.75 -17.12 27.96
N ASN L 141 53.06 -16.21 28.88
CA ASN L 141 53.11 -14.78 28.56
C ASN L 141 54.17 -14.56 27.48
N GLY L 142 53.80 -14.01 26.33
CA GLY L 142 54.73 -13.80 25.23
C GLY L 142 56.02 -13.12 25.63
N ALA L 143 55.92 -12.18 26.59
CA ALA L 143 57.08 -11.47 27.15
C ALA L 143 58.13 -12.39 27.78
N HIS L 144 57.77 -13.65 28.00
CA HIS L 144 58.70 -14.59 28.61
C HIS L 144 58.93 -15.80 27.70
N ARG L 145 58.79 -15.60 26.39
CA ARG L 145 59.10 -16.69 25.48
C ARG L 145 60.60 -16.98 25.51
N GLY L 146 60.96 -18.23 25.30
CA GLY L 146 62.36 -18.60 25.18
C GLY L 146 63.06 -18.77 26.51
N GLN L 147 62.30 -19.02 27.57
CA GLN L 147 62.88 -19.25 28.90
C GLN L 147 62.43 -20.59 29.45
N LYS L 148 61.82 -21.38 28.57
CA LYS L 148 61.34 -22.72 28.90
C LYS L 148 60.30 -22.76 30.00
N VAL L 149 59.46 -21.74 30.04
CA VAL L 149 58.33 -21.69 30.96
C VAL L 149 57.40 -22.85 30.66
N GLY L 150 57.14 -23.11 29.37
CA GLY L 150 56.25 -24.21 29.00
C GLY L 150 56.64 -25.49 29.70
N TYR L 151 57.94 -25.78 29.69
CA TYR L 151 58.45 -27.06 30.18
C TYR L 151 58.18 -27.11 31.67
N ARG L 152 58.44 -26.02 32.38
CA ARG L 152 58.13 -25.97 33.80
C ARG L 152 56.61 -26.08 34.10
N LEU L 153 55.79 -25.41 33.31
CA LEU L 153 54.34 -25.45 33.55
C LEU L 153 53.93 -26.92 33.57
N ALA L 154 54.48 -27.63 32.58
CA ALA L 154 54.21 -29.05 32.39
C ALA L 154 54.67 -29.88 33.58
N GLN L 155 55.81 -29.54 34.14
CA GLN L 155 56.26 -30.24 35.33
C GLN L 155 55.31 -30.00 36.52
N VAL L 156 54.92 -28.75 36.76
CA VAL L 156 53.90 -28.45 37.82
C VAL L 156 52.69 -29.37 37.61
N TYR L 157 52.17 -29.37 36.41
CA TYR L 157 51.06 -30.23 36.02
C TYR L 157 51.24 -31.63 36.45
N LEU L 158 52.44 -32.18 36.19
CA LEU L 158 52.74 -33.58 36.51
C LEU L 158 52.72 -33.82 38.00
N ASN L 159 53.25 -32.88 38.76
CA ASN L 159 53.17 -32.94 40.21
C ASN L 159 51.74 -32.81 40.75
N TRP L 160 50.91 -31.97 40.11
CA TRP L 160 49.62 -31.58 40.75
C TRP L 160 48.38 -32.33 40.24
N ALA L 161 48.32 -32.62 38.96
CA ALA L 161 47.16 -33.33 38.48
C ALA L 161 46.84 -34.60 39.27
N PRO L 162 47.86 -35.46 39.54
CA PRO L 162 47.52 -36.65 40.32
C PRO L 162 46.97 -36.32 41.71
N LEU L 163 47.44 -35.22 42.29
CA LEU L 163 46.95 -34.83 43.61
C LEU L 163 45.42 -34.58 43.70
N LEU L 164 44.83 -34.14 42.60
CA LEU L 164 43.40 -33.88 42.51
C LEU L 164 42.60 -35.13 42.25
N GLY L 165 43.27 -36.24 41.95
CA GLY L 165 42.61 -37.53 41.80
C GLY L 165 42.69 -38.14 40.41
N TYR L 166 43.18 -37.39 39.44
CA TYR L 166 43.27 -37.89 38.08
C TYR L 166 44.36 -38.96 37.96
N LYS L 167 44.10 -39.96 37.11
CA LYS L 167 44.99 -41.10 36.88
C LYS L 167 45.68 -41.04 35.49
N TYR L 168 45.10 -40.30 34.55
CA TYR L 168 45.57 -40.24 33.18
C TYR L 168 45.32 -38.82 32.62
N SER L 169 46.23 -38.39 31.75
CA SER L 169 46.21 -37.09 31.06
C SER L 169 45.99 -37.21 29.54
N ILE L 170 45.08 -36.41 29.02
CA ILE L 170 44.79 -36.33 27.61
C ILE L 170 44.80 -34.89 27.15
N PHE L 171 45.57 -34.67 26.09
CA PHE L 171 45.45 -33.46 25.30
C PHE L 171 44.76 -33.86 23.99
N ASN L 172 43.66 -33.20 23.64
CA ASN L 172 42.88 -33.63 22.48
C ASN L 172 43.42 -33.12 21.16
N LEU L 173 44.17 -32.03 21.22
CA LEU L 173 44.47 -31.30 20.00
C LEU L 173 45.77 -30.54 20.10
N VAL L 174 46.90 -31.25 20.00
CA VAL L 174 48.15 -30.53 19.87
C VAL L 174 48.56 -30.58 18.40
N PHE L 175 48.40 -29.44 17.76
CA PHE L 175 48.73 -29.32 16.36
C PHE L 175 50.24 -29.64 16.08
N VAL L 176 50.50 -30.38 15.01
CA VAL L 176 51.89 -30.78 14.71
C VAL L 176 52.80 -29.56 14.50
N THR L 177 52.19 -28.41 14.19
CA THR L 177 52.90 -27.15 14.04
C THR L 177 53.20 -26.50 15.37
N ASN L 178 52.62 -27.00 16.44
CA ASN L 178 52.92 -26.44 17.74
C ASN L 178 54.16 -27.12 18.35
N GLN L 179 55.25 -26.38 18.43
CA GLN L 179 56.54 -26.96 18.78
C GLN L 179 56.60 -27.52 20.21
N ALA L 180 55.55 -27.26 20.99
CA ALA L 180 55.47 -27.81 22.37
C ALA L 180 55.42 -29.32 22.26
N SER L 181 54.87 -29.80 21.15
CA SER L 181 54.88 -31.23 20.85
C SER L 181 56.28 -31.84 21.09
N TRP L 182 57.29 -31.33 20.39
CA TRP L 182 58.62 -32.00 20.51
C TRP L 182 59.49 -31.31 21.54
N LYS L 183 59.22 -30.03 21.86
CA LYS L 183 60.03 -29.30 22.87
C LYS L 183 59.63 -29.70 24.29
N ILE L 184 58.37 -30.05 24.48
CA ILE L 184 57.88 -30.30 25.84
C ILE L 184 57.33 -31.71 26.02
N TRP L 185 56.21 -31.99 25.36
CA TRP L 185 55.46 -33.24 25.61
C TRP L 185 56.24 -34.52 25.32
N ASP L 186 56.90 -34.58 24.16
CA ASP L 186 57.70 -35.77 23.84
C ASP L 186 58.80 -35.92 24.90
N LYS L 187 59.40 -34.80 25.29
CA LYS L 187 60.48 -34.85 26.28
C LYS L 187 60.09 -35.29 27.68
N LEU L 188 58.79 -35.26 28.01
CA LEU L 188 58.30 -35.66 29.34
C LEU L 188 57.55 -36.98 29.25
N ASN L 189 57.89 -37.72 28.20
CA ASN L 189 57.24 -38.98 27.86
C ASN L 189 55.73 -38.97 28.04
N PHE L 190 55.11 -38.00 27.42
CA PHE L 190 53.69 -38.08 27.10
C PHE L 190 53.66 -38.86 25.80
N GLN L 191 52.85 -39.90 25.73
CA GLN L 191 52.81 -40.68 24.50
C GLN L 191 51.89 -40.03 23.45
N ARG L 192 52.26 -40.20 22.19
CA ARG L 192 51.36 -39.87 21.11
C ARG L 192 50.41 -41.04 20.92
N ILE L 193 49.17 -40.89 21.38
CA ILE L 193 48.27 -42.03 21.44
C ILE L 193 47.28 -41.94 20.33
N GLY L 194 47.34 -40.85 19.59
CA GLY L 194 46.50 -40.73 18.41
C GLY L 194 46.97 -39.58 17.57
N LEU L 195 46.37 -39.52 16.39
CA LEU L 195 46.63 -38.43 15.47
C LEU L 195 45.38 -38.25 14.62
N VAL L 196 44.89 -37.02 14.59
CA VAL L 196 43.72 -36.63 13.82
C VAL L 196 44.24 -35.86 12.61
N PRO L 197 43.99 -36.38 11.41
CA PRO L 197 44.54 -35.77 10.18
C PRO L 197 43.76 -34.56 9.67
N HIS L 198 44.49 -33.51 9.30
CA HIS L 198 43.88 -32.29 8.75
C HIS L 198 42.91 -31.66 9.75
N ALA L 199 43.23 -31.76 11.04
CA ALA L 199 42.31 -31.53 12.15
C ALA L 199 41.80 -30.08 12.17
N GLY L 200 42.74 -29.15 12.03
CA GLY L 200 42.48 -27.75 12.26
C GLY L 200 42.81 -26.81 11.12
N ILE L 201 41.97 -25.81 10.98
CA ILE L 201 42.21 -24.74 10.04
C ILE L 201 42.88 -23.59 10.81
N LEU L 202 44.17 -23.41 10.57
CA LEU L 202 44.96 -22.42 11.30
C LEU L 202 45.29 -21.16 10.47
N ASN L 203 45.37 -20.06 11.18
CA ASN L 203 45.77 -18.79 10.60
C ASN L 203 47.21 -18.85 10.11
N GLY L 204 47.44 -18.54 8.83
CA GLY L 204 48.80 -18.56 8.30
C GLY L 204 49.24 -19.92 7.75
N PHE L 205 48.30 -20.87 7.65
CA PHE L 205 48.59 -22.17 7.03
C PHE L 205 47.51 -22.45 6.02
N SER L 206 47.90 -22.60 4.76
CA SER L 206 46.92 -22.80 3.68
C SER L 206 46.23 -24.17 3.72
N GLU L 207 46.90 -25.16 4.31
CA GLU L 207 46.37 -26.52 4.41
C GLU L 207 46.02 -26.87 5.86
N PRO L 208 44.87 -27.51 6.04
CA PRO L 208 44.50 -28.05 7.37
C PRO L 208 45.71 -28.69 8.05
N VAL L 209 45.75 -28.63 9.37
CA VAL L 209 46.92 -29.13 10.09
C VAL L 209 46.59 -30.33 11.02
N ASP L 210 47.46 -31.34 10.99
CA ASP L 210 47.26 -32.55 11.78
C ASP L 210 47.37 -32.19 13.28
N ALA L 211 46.62 -32.91 14.12
CA ALA L 211 46.71 -32.73 15.55
C ALA L 211 47.01 -34.06 16.21
N ILE L 212 47.93 -33.98 17.16
CA ILE L 212 48.33 -35.13 17.95
C ILE L 212 47.40 -35.19 19.17
N ILE L 213 46.96 -36.38 19.50
CA ILE L 213 46.35 -36.66 20.79
C ILE L 213 47.42 -37.21 21.74
N TYR L 214 47.68 -36.51 22.83
CA TYR L 214 48.67 -36.94 23.80
C TYR L 214 48.11 -37.55 25.05
N GLY L 215 48.77 -38.62 25.51
CA GLY L 215 48.36 -39.27 26.75
C GLY L 215 49.51 -39.48 27.69
N LYS L 216 49.22 -39.53 28.97
CA LYS L 216 50.21 -39.95 29.94
C LYS L 216 49.59 -40.48 31.21
N ASP L 217 50.15 -41.59 31.69
CA ASP L 217 49.74 -42.21 32.96
C ASP L 217 50.27 -41.38 34.12
N LEU L 218 49.35 -40.84 34.92
CA LEU L 218 49.73 -39.95 36.02
C LEU L 218 50.11 -40.69 37.29
N THR L 219 49.82 -41.98 37.37
CA THR L 219 50.14 -42.77 38.56
C THR L 219 51.61 -43.23 38.60
N LYS L 220 52.21 -43.44 37.44
CA LYS L 220 53.59 -43.93 37.32
C LYS L 220 54.45 -42.96 36.55
N ILE L 221 54.84 -41.86 37.18
CA ILE L 221 55.57 -40.81 36.49
C ILE L 221 57.05 -40.80 36.83
N GLU L 222 57.88 -40.67 35.79
CA GLU L 222 59.34 -40.65 35.93
C GLU L 222 59.74 -39.55 36.92
N PRO L 223 60.48 -39.94 37.95
CA PRO L 223 60.83 -39.02 39.05
C PRO L 223 61.70 -37.85 38.63
N GLU L 224 62.47 -37.99 37.57
CA GLU L 224 63.36 -36.91 37.14
C GLU L 224 62.55 -35.76 36.53
N PHE L 225 61.38 -36.08 35.98
CA PHE L 225 60.45 -35.10 35.41
C PHE L 225 59.63 -34.35 36.49
N LEU L 226 59.42 -34.99 37.65
CA LEU L 226 58.72 -34.42 38.80
C LEU L 226 59.60 -33.46 39.61
N SER L 227 60.90 -33.73 39.59
CA SER L 227 61.88 -32.87 40.27
C SER L 227 62.23 -31.64 39.43
N MET L 228 62.45 -30.51 40.09
CA MET L 228 62.57 -29.25 39.38
C MET L 228 63.84 -28.48 39.73
N GLU L 229 64.98 -29.14 39.54
CA GLU L 229 66.31 -28.59 39.79
C GLU L 229 67.37 -29.57 39.30
#